data_7R3B
#
_entry.id   7R3B
#
_cell.length_a   58.426
_cell.length_b   110.927
_cell.length_c   112.661
_cell.angle_alpha   93.82
_cell.angle_beta   104.03
_cell.angle_gamma   99.59
#
_symmetry.space_group_name_H-M   'P 1'
#
loop_
_entity.id
_entity.type
_entity.pdbx_description
1 polymer 'S-adenosylmethionine synthase'
2 non-polymer PHENYLALANINE
3 non-polymer '(DIPHOSPHONO)AMINOPHOSPHONIC ACID'
4 non-polymer 'MAGNESIUM ION'
5 non-polymer 'POTASSIUM ION'
6 non-polymer 'PHOSPHOAMINOPHOSPHONIC ACID-ADENYLATE ESTER'
7 non-polymer S-ADENOSYLMETHIONINE
8 water water
#
_entity_poly.entity_id   1
_entity_poly.type   'polypeptide(L)'
_entity_poly.pdbx_seq_one_letter_code
;MSERHLFTSESVSEGHPDKIADQISDAILDAMLAQDPQARVAVETSVTTGLVLVFGEVSTKAYVDIQKVVRDTIKSIGYV
DGQYGFDGDNCAVLVSLDEQSPDIAQGVDDSLETRSGDADPLDQIGAGDQGMMFGYAINETPELMPLPIALSHRLMRKIA
ALRKDGTIKWLRPDAKAQVTVEYDEDNQPKRIDTVVLSTQHDPDVDLDTIRQTVIDQVIKAVLPADLLDDQTKYLVNPTG
RFVIGGPQGDAGLTGRKVIVDTYGGFAHHGGGAFSGKDATKVDRSASYAARYIAKNVVAAGLADQVEVQLAYAIGVAEPV
SIAVDTAGTGKVSDEALINAIRENFDLRPAGIIKMLDLQRPIYRQTAAYGHFGRTDIDLPWEHTDKVDALKAAFKHHHHH
H
;
_entity_poly.pdbx_strand_id   A,B,C,D,E,F,G,H
#
# COMPACT_ATOMS: atom_id res chain seq x y z
N GLU A 3 -27.47 -32.67 -30.54
CA GLU A 3 -26.65 -31.42 -30.54
C GLU A 3 -26.17 -31.06 -31.96
N ARG A 4 -26.42 -29.80 -32.36
CA ARG A 4 -26.12 -29.18 -33.68
C ARG A 4 -24.66 -28.70 -33.71
N HIS A 5 -23.86 -29.17 -34.67
CA HIS A 5 -22.42 -28.82 -34.81
C HIS A 5 -22.33 -27.49 -35.57
N LEU A 6 -22.32 -26.35 -34.84
CA LEU A 6 -22.27 -24.98 -35.42
C LEU A 6 -20.88 -24.38 -35.24
N PHE A 7 -20.38 -23.65 -36.25
CA PHE A 7 -19.05 -22.99 -36.19
C PHE A 7 -19.10 -21.61 -36.84
N THR A 8 -18.65 -20.59 -36.10
CA THR A 8 -18.68 -19.15 -36.49
C THR A 8 -17.27 -18.61 -36.72
N SER A 9 -17.09 -17.87 -37.81
CA SER A 9 -15.88 -17.07 -38.11
C SER A 9 -16.28 -15.62 -38.36
N GLU A 10 -15.43 -14.64 -38.04
CA GLU A 10 -15.68 -13.20 -38.34
C GLU A 10 -14.62 -12.71 -39.33
N SER A 11 -15.00 -11.75 -40.17
CA SER A 11 -14.08 -10.85 -40.91
C SER A 11 -14.51 -9.40 -40.64
N VAL A 12 -13.61 -8.45 -40.89
CA VAL A 12 -13.89 -7.00 -40.69
C VAL A 12 -13.38 -6.25 -41.93
N SER A 13 -13.99 -5.09 -42.20
CA SER A 13 -13.67 -4.19 -43.33
C SER A 13 -12.32 -3.50 -43.09
N GLU A 14 -11.78 -2.90 -44.14
CA GLU A 14 -10.63 -1.93 -44.10
C GLU A 14 -10.88 -0.88 -43.02
N GLY A 15 -12.16 -0.51 -42.79
CA GLY A 15 -12.60 0.58 -41.91
C GLY A 15 -12.51 0.24 -40.44
N HIS A 16 -12.47 -1.04 -40.07
CA HIS A 16 -12.40 -1.48 -38.66
C HIS A 16 -11.08 -0.97 -38.08
N PRO A 17 -11.07 -0.42 -36.84
CA PRO A 17 -9.88 0.22 -36.29
C PRO A 17 -8.64 -0.69 -36.22
N ASP A 18 -8.83 -1.96 -35.85
CA ASP A 18 -7.74 -2.98 -35.78
C ASP A 18 -7.15 -3.19 -37.18
N LYS A 19 -7.99 -3.16 -38.22
CA LYS A 19 -7.54 -3.34 -39.62
C LYS A 19 -6.90 -2.05 -40.12
N ILE A 20 -7.34 -0.87 -39.66
CA ILE A 20 -6.69 0.44 -39.98
C ILE A 20 -5.22 0.33 -39.54
N ALA A 21 -5.00 -0.08 -38.28
CA ALA A 21 -3.66 -0.28 -37.69
C ALA A 21 -2.83 -1.25 -38.56
N ASP A 22 -3.42 -2.37 -38.97
CA ASP A 22 -2.71 -3.45 -39.72
C ASP A 22 -2.31 -2.88 -41.09
N GLN A 23 -3.22 -2.15 -41.76
CA GLN A 23 -2.99 -1.61 -43.12
C GLN A 23 -1.92 -0.51 -43.09
N ILE A 24 -1.93 0.33 -42.04
CA ILE A 24 -0.91 1.41 -41.89
C ILE A 24 0.46 0.75 -41.72
N SER A 25 0.60 -0.15 -40.74
CA SER A 25 1.87 -0.90 -40.49
C SER A 25 2.39 -1.48 -41.81
N ASP A 26 1.53 -2.11 -42.63
CA ASP A 26 1.94 -2.79 -43.88
C ASP A 26 2.13 -1.79 -45.04
N ALA A 27 1.41 -0.65 -45.01
CA ALA A 27 1.60 0.45 -46.01
C ALA A 27 3.03 1.01 -45.86
N ILE A 28 3.48 1.20 -44.63
CA ILE A 28 4.85 1.70 -44.30
C ILE A 28 5.86 0.67 -44.80
N LEU A 29 5.57 -0.62 -44.63
CA LEU A 29 6.46 -1.73 -45.07
C LEU A 29 6.61 -1.66 -46.58
N ASP A 30 5.49 -1.58 -47.30
CA ASP A 30 5.47 -1.50 -48.78
C ASP A 30 6.31 -0.29 -49.22
N ALA A 31 6.04 0.88 -48.64
CA ALA A 31 6.70 2.16 -48.97
C ALA A 31 8.22 1.96 -48.99
N MET A 32 8.74 1.21 -48.01
CA MET A 32 10.20 0.99 -47.82
C MET A 32 10.72 -0.08 -48.79
N LEU A 33 10.00 -1.20 -48.95
CA LEU A 33 10.37 -2.28 -49.90
C LEU A 33 10.40 -1.72 -51.32
N ALA A 34 9.47 -0.80 -51.62
CA ALA A 34 9.33 -0.10 -52.92
C ALA A 34 10.65 0.56 -53.31
N GLN A 35 11.48 0.99 -52.36
CA GLN A 35 12.80 1.63 -52.62
C GLN A 35 13.95 0.71 -52.21
N ASP A 36 13.76 -0.14 -51.21
CA ASP A 36 14.83 -0.97 -50.58
C ASP A 36 14.29 -2.39 -50.34
N PRO A 37 14.47 -3.33 -51.30
CA PRO A 37 14.02 -4.72 -51.10
C PRO A 37 14.59 -5.37 -49.83
N GLN A 38 15.79 -4.94 -49.41
CA GLN A 38 16.53 -5.47 -48.24
C GLN A 38 16.00 -4.86 -46.94
N ALA A 39 15.05 -3.93 -47.00
CA ALA A 39 14.51 -3.21 -45.82
C ALA A 39 14.10 -4.19 -44.73
N ARG A 40 14.69 -4.07 -43.54
CA ARG A 40 14.22 -4.70 -42.27
C ARG A 40 13.21 -3.76 -41.62
N VAL A 41 12.05 -4.28 -41.20
CA VAL A 41 10.89 -3.48 -40.72
C VAL A 41 10.17 -4.21 -39.58
N ALA A 42 9.82 -3.48 -38.53
CA ALA A 42 9.04 -3.97 -37.36
C ALA A 42 8.21 -2.81 -36.81
N VAL A 43 7.05 -2.56 -37.42
CA VAL A 43 6.28 -1.29 -37.26
C VAL A 43 4.88 -1.61 -36.69
N GLU A 44 4.66 -1.22 -35.44
CA GLU A 44 3.34 -1.30 -34.78
C GLU A 44 2.59 0.01 -35.05
N THR A 45 1.26 -0.05 -35.13
CA THR A 45 0.37 1.13 -35.22
C THR A 45 -0.72 0.97 -34.15
N SER A 46 -1.07 2.07 -33.52
CA SER A 46 -2.20 2.19 -32.55
C SER A 46 -3.08 3.32 -33.04
N VAL A 47 -4.40 3.14 -32.95
CA VAL A 47 -5.38 4.14 -33.44
C VAL A 47 -6.48 4.22 -32.38
N THR A 48 -6.79 5.43 -31.93
CA THR A 48 -7.96 5.71 -31.05
C THR A 48 -8.55 7.05 -31.49
N THR A 49 -9.42 7.66 -30.68
CA THR A 49 -10.17 8.88 -31.05
C THR A 49 -9.19 9.90 -31.63
N GLY A 50 -9.28 10.10 -32.95
CA GLY A 50 -8.60 11.16 -33.72
C GLY A 50 -7.08 11.03 -33.71
N LEU A 51 -6.56 9.84 -33.39
CA LEU A 51 -5.11 9.64 -33.16
C LEU A 51 -4.58 8.41 -33.91
N VAL A 52 -3.39 8.53 -34.49
CA VAL A 52 -2.60 7.40 -35.07
C VAL A 52 -1.17 7.50 -34.54
N LEU A 53 -0.80 6.64 -33.59
CA LEU A 53 0.60 6.52 -33.14
C LEU A 53 1.27 5.40 -33.95
N VAL A 54 2.35 5.72 -34.68
CA VAL A 54 3.22 4.74 -35.38
C VAL A 54 4.52 4.63 -34.59
N PHE A 55 4.94 3.40 -34.25
CA PHE A 55 6.15 3.15 -33.44
C PHE A 55 6.75 1.81 -33.85
N GLY A 56 8.07 1.68 -33.71
CA GLY A 56 8.78 0.45 -34.09
C GLY A 56 10.24 0.71 -34.45
N GLU A 57 10.97 -0.37 -34.74
CA GLU A 57 12.36 -0.35 -35.23
C GLU A 57 12.28 -0.46 -36.75
N VAL A 58 13.25 0.12 -37.47
CA VAL A 58 13.37 -0.02 -38.95
C VAL A 58 14.85 0.12 -39.28
N SER A 59 15.26 -0.43 -40.41
CA SER A 59 16.66 -0.40 -40.91
C SER A 59 16.63 -0.44 -42.44
N THR A 60 16.82 0.68 -43.12
CA THR A 60 16.59 0.76 -44.59
C THR A 60 17.38 1.90 -45.23
N LYS A 61 17.62 1.79 -46.53
CA LYS A 61 18.22 2.85 -47.38
C LYS A 61 17.09 3.79 -47.87
N ALA A 62 15.82 3.39 -47.70
CA ALA A 62 14.64 4.11 -48.24
C ALA A 62 14.43 5.41 -47.46
N TYR A 63 14.00 6.46 -48.16
CA TYR A 63 13.49 7.73 -47.58
C TYR A 63 11.96 7.76 -47.76
N VAL A 64 11.21 7.68 -46.66
CA VAL A 64 9.73 7.59 -46.67
C VAL A 64 9.15 8.69 -45.77
N ASP A 65 8.21 9.48 -46.30
CA ASP A 65 7.39 10.43 -45.51
C ASP A 65 6.29 9.62 -44.82
N ILE A 66 6.56 9.16 -43.59
CA ILE A 66 5.63 8.30 -42.79
C ILE A 66 4.26 8.98 -42.73
N GLN A 67 4.21 10.27 -42.36
CA GLN A 67 2.97 11.09 -42.28
C GLN A 67 2.17 10.92 -43.56
N LYS A 68 2.81 11.05 -44.73
CA LYS A 68 2.10 10.99 -46.03
C LYS A 68 1.56 9.55 -46.21
N VAL A 69 2.37 8.53 -45.89
CA VAL A 69 1.94 7.10 -46.02
C VAL A 69 0.73 6.87 -45.11
N VAL A 70 0.80 7.24 -43.83
CA VAL A 70 -0.31 7.03 -42.84
C VAL A 70 -1.58 7.70 -43.39
N ARG A 71 -1.49 8.97 -43.78
CA ARG A 71 -2.68 9.80 -44.12
C ARG A 71 -3.28 9.30 -45.42
N ASP A 72 -2.43 8.90 -46.38
CA ASP A 72 -2.87 8.32 -47.68
C ASP A 72 -3.58 6.97 -47.45
N THR A 73 -3.03 6.11 -46.57
CA THR A 73 -3.65 4.80 -46.26
C THR A 73 -5.07 5.06 -45.73
N ILE A 74 -5.20 5.97 -44.76
CA ILE A 74 -6.48 6.30 -44.07
C ILE A 74 -7.48 6.83 -45.08
N LYS A 75 -7.01 7.52 -46.12
CA LYS A 75 -7.89 8.11 -47.15
C LYS A 75 -8.43 7.01 -48.07
N SER A 76 -7.59 6.08 -48.54
CA SER A 76 -8.02 4.93 -49.38
C SER A 76 -9.13 4.16 -48.66
N ILE A 77 -8.93 3.88 -47.39
CA ILE A 77 -9.90 3.18 -46.52
C ILE A 77 -11.26 3.89 -46.62
N GLY A 78 -11.27 5.21 -46.77
CA GLY A 78 -12.48 6.00 -47.09
C GLY A 78 -12.75 7.14 -46.13
N TYR A 79 -11.88 7.34 -45.14
CA TYR A 79 -11.96 8.45 -44.15
C TYR A 79 -11.39 9.75 -44.77
N VAL A 80 -12.15 10.51 -45.57
CA VAL A 80 -11.55 11.44 -46.58
C VAL A 80 -12.03 12.89 -46.61
N ASP A 81 -13.04 13.30 -45.86
CA ASP A 81 -13.51 14.71 -46.07
C ASP A 81 -14.19 15.27 -44.84
N GLY A 82 -13.69 14.93 -43.65
CA GLY A 82 -14.12 15.49 -42.35
C GLY A 82 -15.54 15.14 -41.96
N GLN A 83 -16.21 14.25 -42.70
CA GLN A 83 -17.64 13.90 -42.47
C GLN A 83 -17.72 13.02 -41.21
N TYR A 84 -16.80 12.05 -41.16
CA TYR A 84 -16.93 10.75 -40.44
C TYR A 84 -16.49 10.88 -38.99
N GLY A 85 -15.86 11.99 -38.66
CA GLY A 85 -15.25 12.21 -37.33
C GLY A 85 -13.83 11.69 -37.28
N PHE A 86 -13.48 10.77 -38.20
CA PHE A 86 -12.07 10.37 -38.48
C PHE A 86 -11.77 10.70 -39.95
N ASP A 87 -10.62 11.36 -40.15
CA ASP A 87 -10.24 11.95 -41.45
C ASP A 87 -8.73 11.83 -41.62
N GLY A 88 -8.28 11.47 -42.83
CA GLY A 88 -6.86 11.29 -43.14
C GLY A 88 -6.11 12.61 -43.08
N ASP A 89 -6.80 13.71 -43.35
CA ASP A 89 -6.19 15.07 -43.43
C ASP A 89 -6.17 15.75 -42.06
N ASN A 90 -7.07 15.38 -41.14
CA ASN A 90 -7.38 16.17 -39.93
C ASN A 90 -6.99 15.43 -38.65
N CYS A 91 -6.77 14.13 -38.70
CA CYS A 91 -6.43 13.30 -37.51
C CYS A 91 -4.98 13.62 -37.10
N ALA A 92 -4.67 13.47 -35.82
CA ALA A 92 -3.30 13.46 -35.26
C ALA A 92 -2.56 12.23 -35.77
N VAL A 93 -1.30 12.41 -36.15
CA VAL A 93 -0.33 11.32 -36.49
C VAL A 93 0.96 11.59 -35.72
N LEU A 94 1.28 10.73 -34.76
CA LEU A 94 2.55 10.77 -33.99
C LEU A 94 3.42 9.59 -34.43
N VAL A 95 4.72 9.81 -34.56
CA VAL A 95 5.66 8.80 -35.11
C VAL A 95 6.84 8.65 -34.16
N SER A 96 7.09 7.43 -33.69
CA SER A 96 8.28 7.07 -32.87
C SER A 96 9.02 5.90 -33.54
N LEU A 97 9.78 6.17 -34.60
CA LEU A 97 10.56 5.16 -35.38
C LEU A 97 12.05 5.29 -35.05
N ASP A 98 12.67 4.19 -34.59
CA ASP A 98 14.13 4.06 -34.36
C ASP A 98 14.77 3.59 -35.68
N GLU A 99 16.05 3.88 -35.89
CA GLU A 99 16.77 3.72 -37.18
C GLU A 99 18.09 2.98 -36.92
N GLN A 100 18.59 2.24 -37.91
CA GLN A 100 19.68 1.25 -37.70
C GLN A 100 20.55 1.08 -38.96
N SER A 101 20.26 1.78 -40.07
CA SER A 101 20.77 1.52 -41.45
C SER A 101 22.21 0.98 -41.45
N ASP A 129 14.41 -17.30 -33.84
CA ASP A 129 13.20 -17.73 -33.08
C ASP A 129 13.17 -19.27 -33.09
N GLN A 130 13.03 -19.89 -31.92
CA GLN A 130 12.65 -21.33 -31.80
C GLN A 130 11.14 -21.43 -31.96
N GLY A 131 10.63 -21.32 -33.20
CA GLY A 131 9.19 -21.09 -33.48
C GLY A 131 8.44 -22.29 -34.04
N MET A 132 7.12 -22.29 -33.86
CA MET A 132 6.13 -23.13 -34.58
C MET A 132 5.36 -22.24 -35.56
N MET A 133 5.17 -22.68 -36.79
CA MET A 133 4.25 -22.03 -37.75
C MET A 133 3.33 -23.09 -38.34
N PHE A 134 2.08 -22.74 -38.64
CA PHE A 134 1.04 -23.66 -39.13
C PHE A 134 0.47 -23.15 -40.47
N GLY A 135 0.20 -24.10 -41.36
CA GLY A 135 -0.57 -23.86 -42.60
C GLY A 135 -1.80 -24.73 -42.63
N TYR A 136 -2.82 -24.32 -43.39
CA TYR A 136 -4.09 -25.06 -43.50
C TYR A 136 -4.72 -24.82 -44.86
N ALA A 137 -5.43 -25.84 -45.35
CA ALA A 137 -6.23 -25.80 -46.58
C ALA A 137 -7.31 -26.88 -46.47
N ILE A 138 -8.43 -26.68 -47.17
CA ILE A 138 -9.61 -27.58 -47.11
C ILE A 138 -10.47 -27.29 -48.33
N ASN A 139 -10.99 -28.32 -48.97
CA ASN A 139 -11.72 -28.19 -50.26
C ASN A 139 -13.19 -27.80 -49.99
N GLU A 140 -13.46 -27.07 -48.91
CA GLU A 140 -14.81 -26.53 -48.57
C GLU A 140 -15.18 -25.39 -49.54
N THR A 141 -14.19 -24.73 -50.14
CA THR A 141 -14.34 -23.57 -51.05
C THR A 141 -13.29 -23.65 -52.16
N PRO A 142 -13.52 -23.02 -53.33
CA PRO A 142 -12.57 -23.10 -54.44
C PRO A 142 -11.16 -22.58 -54.06
N GLU A 143 -11.11 -21.54 -53.23
CA GLU A 143 -9.85 -20.92 -52.71
C GLU A 143 -9.17 -21.85 -51.70
N LEU A 144 -9.83 -22.96 -51.31
CA LEU A 144 -9.29 -24.01 -50.41
C LEU A 144 -9.16 -23.44 -49.00
N MET A 145 -10.18 -22.70 -48.57
CA MET A 145 -10.31 -22.13 -47.20
C MET A 145 -11.55 -22.70 -46.54
N PRO A 146 -11.60 -22.75 -45.19
CA PRO A 146 -12.83 -23.09 -44.46
C PRO A 146 -13.98 -22.19 -44.91
N LEU A 147 -15.19 -22.71 -44.94
CA LEU A 147 -16.37 -21.99 -45.47
C LEU A 147 -16.69 -20.75 -44.62
N PRO A 148 -16.66 -20.83 -43.28
CA PRO A 148 -17.01 -19.68 -42.44
C PRO A 148 -16.12 -18.45 -42.70
N ILE A 149 -14.79 -18.58 -42.55
CA ILE A 149 -13.85 -17.44 -42.75
C ILE A 149 -13.97 -16.94 -44.20
N ALA A 150 -14.03 -17.85 -45.18
CA ALA A 150 -14.09 -17.47 -46.61
C ALA A 150 -15.31 -16.60 -46.88
N LEU A 151 -16.47 -16.96 -46.33
CA LEU A 151 -17.76 -16.25 -46.63
C LEU A 151 -17.73 -14.88 -45.94
N SER A 152 -17.33 -14.86 -44.67
CA SER A 152 -17.08 -13.63 -43.88
C SER A 152 -16.22 -12.67 -44.71
N HIS A 153 -15.04 -13.09 -45.17
CA HIS A 153 -14.14 -12.27 -46.02
C HIS A 153 -14.91 -11.78 -47.27
N ARG A 154 -15.67 -12.64 -47.94
CA ARG A 154 -16.35 -12.26 -49.20
C ARG A 154 -17.40 -11.17 -48.94
N LEU A 155 -18.03 -11.19 -47.76
CA LEU A 155 -19.07 -10.20 -47.36
C LEU A 155 -18.41 -8.83 -47.12
N MET A 156 -17.30 -8.80 -46.39
CA MET A 156 -16.55 -7.54 -46.09
C MET A 156 -15.97 -6.97 -47.39
N ARG A 157 -15.47 -7.82 -48.29
CA ARG A 157 -14.87 -7.37 -49.59
C ARG A 157 -15.99 -6.80 -50.47
N LYS A 158 -17.21 -7.34 -50.40
CA LYS A 158 -18.35 -6.90 -51.26
C LYS A 158 -18.87 -5.55 -50.76
N ILE A 159 -19.20 -5.46 -49.48
CA ILE A 159 -19.62 -4.21 -48.77
C ILE A 159 -18.63 -3.07 -49.11
N ALA A 160 -17.32 -3.37 -49.12
CA ALA A 160 -16.25 -2.37 -49.35
C ALA A 160 -16.31 -1.93 -50.81
N ALA A 161 -16.28 -2.87 -51.74
CA ALA A 161 -16.38 -2.60 -53.19
C ALA A 161 -17.61 -1.73 -53.47
N LEU A 162 -18.75 -2.00 -52.81
CA LEU A 162 -20.04 -1.31 -53.09
C LEU A 162 -19.97 0.14 -52.60
N ARG A 163 -19.31 0.38 -51.47
CA ARG A 163 -19.00 1.75 -50.96
C ARG A 163 -18.14 2.48 -52.00
N LYS A 164 -16.99 1.91 -52.31
CA LYS A 164 -15.89 2.56 -53.06
C LYS A 164 -16.26 2.84 -54.52
N ASP A 165 -17.04 1.96 -55.18
CA ASP A 165 -17.45 2.21 -56.59
C ASP A 165 -18.68 3.12 -56.60
N GLY A 166 -19.24 3.45 -55.42
CA GLY A 166 -20.30 4.46 -55.26
C GLY A 166 -21.70 3.90 -55.50
N THR A 167 -21.84 2.58 -55.57
CA THR A 167 -23.13 1.85 -55.75
C THR A 167 -24.08 2.17 -54.60
N ILE A 168 -23.56 2.27 -53.38
CA ILE A 168 -24.33 2.60 -52.14
C ILE A 168 -23.57 3.72 -51.42
N LYS A 169 -24.04 4.98 -51.57
CA LYS A 169 -23.30 6.21 -51.20
C LYS A 169 -23.41 6.51 -49.71
N TRP A 170 -24.32 5.83 -49.00
CA TRP A 170 -24.58 6.01 -47.54
C TRP A 170 -23.74 5.04 -46.71
N LEU A 171 -22.92 4.19 -47.33
CA LEU A 171 -22.06 3.23 -46.59
C LEU A 171 -20.86 3.99 -46.05
N ARG A 172 -20.43 3.68 -44.82
CA ARG A 172 -19.17 4.23 -44.24
C ARG A 172 -18.19 3.09 -44.02
N PRO A 173 -16.90 3.38 -43.81
CA PRO A 173 -15.85 2.36 -43.88
C PRO A 173 -16.01 1.16 -42.95
N ASP A 174 -16.31 1.39 -41.66
CA ASP A 174 -16.26 0.35 -40.60
C ASP A 174 -17.43 -0.61 -40.81
N ALA A 175 -17.11 -1.91 -40.85
CA ALA A 175 -18.10 -3.00 -41.03
C ALA A 175 -17.51 -4.31 -40.50
N LYS A 176 -18.41 -5.25 -40.16
CA LYS A 176 -18.07 -6.53 -39.52
C LYS A 176 -19.06 -7.60 -40.00
N ALA A 177 -18.58 -8.81 -40.26
CA ALA A 177 -19.43 -9.98 -40.62
C ALA A 177 -19.06 -11.18 -39.77
N GLN A 178 -20.09 -11.88 -39.28
CA GLN A 178 -19.93 -13.18 -38.59
C GLN A 178 -20.84 -14.19 -39.28
N VAL A 179 -20.25 -15.26 -39.82
CA VAL A 179 -20.99 -16.33 -40.56
C VAL A 179 -20.90 -17.61 -39.74
N THR A 180 -22.05 -18.08 -39.27
CA THR A 180 -22.21 -19.37 -38.56
C THR A 180 -22.61 -20.44 -39.59
N VAL A 181 -21.75 -21.42 -39.83
CA VAL A 181 -22.06 -22.59 -40.71
C VAL A 181 -22.42 -23.79 -39.84
N GLU A 182 -23.48 -24.52 -40.20
CA GLU A 182 -23.88 -25.81 -39.56
C GLU A 182 -23.18 -26.97 -40.29
N TYR A 183 -22.53 -27.85 -39.53
CA TYR A 183 -21.79 -29.05 -40.03
C TYR A 183 -22.54 -30.33 -39.67
N ASP A 184 -22.54 -31.29 -40.61
CA ASP A 184 -22.87 -32.73 -40.60
C ASP A 184 -22.24 -33.51 -39.45
N GLU A 185 -22.69 -34.75 -39.21
CA GLU A 185 -21.95 -35.77 -38.41
C GLU A 185 -20.54 -35.96 -38.96
N ASP A 186 -20.30 -35.95 -40.29
CA ASP A 186 -18.94 -36.16 -40.86
C ASP A 186 -18.16 -34.82 -40.96
N ASN A 187 -18.68 -33.77 -40.35
CA ASN A 187 -18.13 -32.39 -40.37
C ASN A 187 -17.99 -31.91 -41.81
N GLN A 188 -19.02 -32.13 -42.62
CA GLN A 188 -19.19 -31.53 -43.97
C GLN A 188 -20.16 -30.35 -43.83
N PRO A 189 -19.98 -29.24 -44.59
CA PRO A 189 -20.88 -28.10 -44.49
C PRO A 189 -22.31 -28.48 -44.91
N LYS A 190 -23.26 -28.53 -43.97
CA LYS A 190 -24.67 -28.91 -44.22
C LYS A 190 -25.45 -27.67 -44.73
N ARG A 191 -25.35 -26.55 -44.03
CA ARG A 191 -26.13 -25.30 -44.31
C ARG A 191 -25.49 -24.07 -43.64
N ILE A 192 -25.96 -22.87 -43.98
CA ILE A 192 -25.60 -21.59 -43.30
C ILE A 192 -26.71 -21.24 -42.29
N ASP A 193 -26.38 -21.23 -41.00
CA ASP A 193 -27.35 -21.03 -39.90
C ASP A 193 -27.67 -19.55 -39.72
N THR A 194 -26.64 -18.73 -39.49
CA THR A 194 -26.78 -17.27 -39.20
C THR A 194 -25.71 -16.48 -39.95
N VAL A 195 -26.13 -15.38 -40.58
CA VAL A 195 -25.22 -14.30 -41.02
C VAL A 195 -25.53 -13.04 -40.21
N VAL A 196 -24.54 -12.56 -39.47
CA VAL A 196 -24.57 -11.24 -38.80
C VAL A 196 -23.68 -10.31 -39.60
N LEU A 197 -24.22 -9.18 -40.04
CA LEU A 197 -23.43 -8.12 -40.70
C LEU A 197 -23.85 -6.75 -40.15
N SER A 198 -22.87 -6.02 -39.60
CA SER A 198 -23.04 -4.65 -39.05
C SER A 198 -22.18 -3.70 -39.89
N THR A 199 -22.78 -2.63 -40.41
CA THR A 199 -22.07 -1.61 -41.24
C THR A 199 -22.31 -0.21 -40.65
N GLN A 200 -21.27 0.62 -40.70
CA GLN A 200 -21.33 2.09 -40.46
C GLN A 200 -22.08 2.72 -41.66
N HIS A 201 -22.93 3.73 -41.41
CA HIS A 201 -23.75 4.40 -42.46
C HIS A 201 -23.96 5.89 -42.14
N ASP A 202 -24.18 6.71 -43.17
CA ASP A 202 -24.64 8.12 -43.04
C ASP A 202 -25.88 8.08 -42.14
N PRO A 203 -26.14 9.12 -41.31
CA PRO A 203 -27.24 9.07 -40.34
C PRO A 203 -28.63 9.32 -40.95
N ASP A 204 -28.68 9.70 -42.24
CA ASP A 204 -29.91 10.11 -42.97
C ASP A 204 -30.60 8.90 -43.61
N VAL A 205 -30.26 7.68 -43.21
CA VAL A 205 -30.83 6.43 -43.79
C VAL A 205 -31.36 5.57 -42.64
N ASP A 206 -32.60 5.11 -42.77
CA ASP A 206 -33.32 4.33 -41.73
C ASP A 206 -32.86 2.87 -41.79
N LEU A 207 -33.05 2.12 -40.71
CA LEU A 207 -32.58 0.72 -40.54
C LEU A 207 -33.20 -0.19 -41.60
N ASP A 208 -34.48 -0.04 -41.90
CA ASP A 208 -35.20 -0.93 -42.85
C ASP A 208 -34.48 -0.88 -44.20
N THR A 209 -34.06 0.31 -44.63
CA THR A 209 -33.33 0.50 -45.91
C THR A 209 -31.95 -0.17 -45.81
N ILE A 210 -31.22 0.06 -44.72
CA ILE A 210 -29.88 -0.54 -44.46
C ILE A 210 -30.01 -2.07 -44.58
N ARG A 211 -31.02 -2.62 -43.92
CA ARG A 211 -31.22 -4.10 -43.81
C ARG A 211 -31.53 -4.67 -45.20
N GLN A 212 -32.59 -4.20 -45.84
CA GLN A 212 -33.02 -4.66 -47.19
C GLN A 212 -31.86 -4.53 -48.19
N THR A 213 -31.06 -3.46 -48.10
CA THR A 213 -29.95 -3.16 -49.07
C THR A 213 -28.81 -4.17 -48.89
N VAL A 214 -28.42 -4.40 -47.65
CA VAL A 214 -27.32 -5.35 -47.29
C VAL A 214 -27.75 -6.78 -47.67
N ILE A 215 -28.95 -7.20 -47.27
CA ILE A 215 -29.51 -8.54 -47.59
C ILE A 215 -29.46 -8.74 -49.11
N ASP A 216 -29.92 -7.76 -49.87
CA ASP A 216 -30.11 -7.88 -51.34
C ASP A 216 -28.76 -7.76 -52.07
N GLN A 217 -27.96 -6.73 -51.79
CA GLN A 217 -26.80 -6.36 -52.65
C GLN A 217 -25.48 -6.94 -52.12
N VAL A 218 -25.46 -7.38 -50.84
CA VAL A 218 -24.23 -7.90 -50.19
C VAL A 218 -24.39 -9.40 -49.89
N ILE A 219 -25.33 -9.76 -49.00
CA ILE A 219 -25.52 -11.16 -48.52
C ILE A 219 -25.98 -12.04 -49.70
N LYS A 220 -27.10 -11.73 -50.33
CA LYS A 220 -27.67 -12.59 -51.40
C LYS A 220 -26.76 -12.53 -52.64
N ALA A 221 -25.84 -11.58 -52.71
CA ALA A 221 -24.85 -11.46 -53.83
C ALA A 221 -23.68 -12.43 -53.62
N VAL A 222 -23.53 -13.00 -52.44
CA VAL A 222 -22.24 -13.64 -52.03
C VAL A 222 -22.49 -15.04 -51.45
N LEU A 223 -23.55 -15.24 -50.68
CA LEU A 223 -23.85 -16.57 -50.08
C LEU A 223 -24.35 -17.53 -51.15
N PRO A 224 -23.71 -18.71 -51.29
CA PRO A 224 -24.16 -19.73 -52.23
C PRO A 224 -25.59 -20.16 -51.89
N ALA A 225 -26.48 -20.14 -52.88
CA ALA A 225 -27.94 -20.38 -52.72
C ALA A 225 -28.18 -21.80 -52.15
N ASP A 226 -27.35 -22.78 -52.54
CA ASP A 226 -27.53 -24.22 -52.20
C ASP A 226 -27.30 -24.48 -50.70
N LEU A 227 -26.77 -23.50 -49.94
CA LEU A 227 -26.48 -23.63 -48.48
C LEU A 227 -27.48 -22.81 -47.65
N LEU A 228 -28.37 -22.06 -48.30
CA LEU A 228 -29.41 -21.22 -47.66
C LEU A 228 -30.73 -21.99 -47.62
N ASP A 229 -31.50 -21.84 -46.53
CA ASP A 229 -32.91 -22.31 -46.45
C ASP A 229 -33.72 -21.29 -45.64
N ASP A 230 -35.03 -21.55 -45.50
CA ASP A 230 -36.00 -20.66 -44.82
C ASP A 230 -35.68 -20.50 -43.33
N GLN A 231 -34.72 -21.26 -42.79
CA GLN A 231 -34.31 -21.21 -41.36
C GLN A 231 -33.03 -20.37 -41.20
N THR A 232 -32.33 -20.04 -42.30
CA THR A 232 -31.14 -19.16 -42.29
C THR A 232 -31.52 -17.80 -41.67
N LYS A 233 -30.87 -17.43 -40.56
CA LYS A 233 -31.07 -16.15 -39.86
C LYS A 233 -30.14 -15.08 -40.45
N TYR A 234 -30.70 -13.97 -40.92
CA TYR A 234 -29.94 -12.79 -41.44
C TYR A 234 -30.12 -11.62 -40.48
N LEU A 235 -29.09 -11.28 -39.69
CA LEU A 235 -29.14 -10.12 -38.77
C LEU A 235 -28.23 -9.00 -39.29
N VAL A 236 -28.82 -7.91 -39.77
CA VAL A 236 -28.05 -6.73 -40.25
C VAL A 236 -28.21 -5.59 -39.23
N ASN A 237 -27.08 -5.05 -38.75
CA ASN A 237 -27.04 -3.96 -37.73
C ASN A 237 -28.00 -4.30 -36.60
N PRO A 238 -27.83 -5.46 -35.91
CA PRO A 238 -28.72 -5.83 -34.81
C PRO A 238 -28.56 -4.89 -33.60
N THR A 239 -27.35 -4.36 -33.39
CA THR A 239 -26.97 -3.20 -32.55
C THR A 239 -27.95 -2.05 -32.75
N GLY A 240 -28.43 -1.83 -33.98
CA GLY A 240 -29.23 -0.68 -34.37
C GLY A 240 -28.39 0.30 -35.19
N ARG A 241 -28.72 1.58 -35.14
CA ARG A 241 -27.93 2.64 -35.83
C ARG A 241 -26.44 2.45 -35.50
N PHE A 242 -25.58 2.84 -36.43
CA PHE A 242 -24.10 2.74 -36.35
C PHE A 242 -23.53 3.77 -37.32
N VAL A 243 -23.45 5.03 -36.85
CA VAL A 243 -23.06 6.19 -37.73
C VAL A 243 -21.63 6.62 -37.40
N ILE A 244 -21.24 6.72 -36.13
CA ILE A 244 -19.82 6.99 -35.77
C ILE A 244 -19.13 5.64 -35.54
N GLY A 245 -17.99 5.45 -36.18
CA GLY A 245 -17.14 4.27 -36.03
C GLY A 245 -15.71 4.56 -36.46
N GLY A 246 -15.02 3.55 -37.01
CA GLY A 246 -13.55 3.55 -37.11
C GLY A 246 -12.93 3.63 -35.73
N PRO A 247 -11.84 4.39 -35.54
CA PRO A 247 -11.21 4.50 -34.24
C PRO A 247 -11.93 5.42 -33.24
N GLN A 248 -13.05 6.01 -33.63
CA GLN A 248 -13.65 7.16 -32.88
C GLN A 248 -14.05 6.71 -31.46
N GLY A 249 -15.11 5.93 -31.30
CA GLY A 249 -15.47 5.38 -29.99
C GLY A 249 -14.48 4.32 -29.52
N ASP A 250 -13.78 3.66 -30.44
CA ASP A 250 -13.06 2.37 -30.20
C ASP A 250 -11.56 2.62 -30.00
N ALA A 251 -10.79 1.54 -30.09
CA ALA A 251 -9.32 1.50 -30.23
C ALA A 251 -8.97 0.40 -31.24
N GLY A 252 -7.82 0.51 -31.90
CA GLY A 252 -7.31 -0.49 -32.84
C GLY A 252 -5.81 -0.63 -32.69
N LEU A 253 -5.28 -1.86 -32.77
CA LEU A 253 -3.82 -2.12 -32.69
C LEU A 253 -3.41 -3.09 -33.80
N THR A 254 -2.18 -2.95 -34.26
CA THR A 254 -1.54 -3.93 -35.18
C THR A 254 -1.60 -5.31 -34.52
N GLY A 255 -2.05 -6.32 -35.27
CA GLY A 255 -1.99 -7.74 -34.90
C GLY A 255 -3.00 -8.13 -33.81
N ARG A 256 -4.25 -7.64 -33.89
CA ARG A 256 -5.35 -8.08 -32.99
C ARG A 256 -6.49 -8.67 -33.82
N LYS A 257 -6.19 -9.08 -35.05
CA LYS A 257 -7.16 -9.75 -35.95
C LYS A 257 -6.47 -10.94 -36.60
N VAL A 258 -5.70 -11.66 -35.81
CA VAL A 258 -4.84 -12.78 -36.27
C VAL A 258 -5.73 -13.92 -36.83
N ILE A 259 -6.81 -14.25 -36.12
CA ILE A 259 -7.78 -15.31 -36.53
C ILE A 259 -8.43 -14.86 -37.85
N VAL A 260 -8.90 -13.62 -37.93
CA VAL A 260 -9.44 -13.02 -39.18
C VAL A 260 -8.38 -13.12 -40.28
N ASP A 261 -7.12 -12.85 -39.94
CA ASP A 261 -6.00 -12.72 -40.92
C ASP A 261 -5.69 -14.09 -41.51
N THR A 262 -5.97 -15.17 -40.75
CA THR A 262 -5.56 -16.57 -41.09
C THR A 262 -6.79 -17.37 -41.54
N TYR A 263 -7.33 -18.24 -40.68
CA TYR A 263 -8.28 -19.34 -41.05
C TYR A 263 -9.54 -19.34 -40.17
N GLY A 264 -9.84 -18.24 -39.49
CA GLY A 264 -11.10 -18.08 -38.74
C GLY A 264 -11.23 -19.08 -37.61
N GLY A 265 -10.10 -19.65 -37.14
CA GLY A 265 -10.02 -20.52 -35.96
C GLY A 265 -10.08 -22.02 -36.28
N PHE A 266 -9.89 -22.39 -37.54
CA PHE A 266 -9.81 -23.80 -38.01
C PHE A 266 -8.45 -24.40 -37.70
N ALA A 267 -7.43 -23.54 -37.58
CA ALA A 267 -6.01 -23.92 -37.46
C ALA A 267 -5.43 -23.49 -36.10
N HIS A 268 -4.24 -24.03 -35.82
CA HIS A 268 -3.40 -23.74 -34.64
C HIS A 268 -2.48 -22.56 -34.96
N HIS A 269 -1.85 -22.00 -33.92
CA HIS A 269 -1.08 -20.74 -33.97
C HIS A 269 0.16 -20.82 -33.08
N GLY A 270 1.31 -20.40 -33.62
CA GLY A 270 2.57 -20.16 -32.90
C GLY A 270 2.54 -18.81 -32.18
N GLY A 271 1.86 -17.83 -32.76
CA GLY A 271 1.37 -16.65 -32.01
C GLY A 271 2.10 -15.36 -32.37
N GLY A 272 2.82 -15.33 -33.49
CA GLY A 272 3.19 -14.08 -34.17
C GLY A 272 1.94 -13.34 -34.67
N ALA A 273 2.12 -12.16 -35.26
CA ALA A 273 1.15 -11.47 -36.14
C ALA A 273 1.93 -11.01 -37.37
N PHE A 274 1.27 -10.77 -38.50
CA PHE A 274 1.95 -10.58 -39.80
C PHE A 274 2.29 -9.09 -40.03
N SER A 275 1.28 -8.20 -40.05
CA SER A 275 1.41 -6.80 -40.52
C SER A 275 2.49 -6.05 -39.73
N GLY A 276 3.30 -5.25 -40.43
CA GLY A 276 4.38 -4.42 -39.85
C GLY A 276 5.72 -5.12 -39.90
N LYS A 277 5.76 -6.36 -40.39
CA LYS A 277 6.97 -7.23 -40.38
C LYS A 277 7.36 -7.61 -41.80
N ASP A 278 8.62 -7.38 -42.15
CA ASP A 278 9.26 -7.82 -43.42
C ASP A 278 9.45 -9.34 -43.34
N ALA A 279 9.72 -9.98 -44.48
CA ALA A 279 9.75 -11.45 -44.65
C ALA A 279 10.94 -12.07 -43.93
N THR A 280 11.92 -11.27 -43.52
CA THR A 280 13.01 -11.62 -42.57
C THR A 280 12.40 -12.29 -41.32
N LYS A 281 11.17 -11.91 -40.98
CA LYS A 281 10.43 -12.44 -39.79
C LYS A 281 9.80 -13.78 -40.17
N VAL A 282 10.39 -14.89 -39.73
CA VAL A 282 9.97 -16.28 -40.11
C VAL A 282 8.53 -16.49 -39.64
N ASP A 283 8.13 -15.90 -38.51
CA ASP A 283 6.71 -15.78 -38.07
C ASP A 283 5.83 -15.56 -39.30
N ARG A 284 6.19 -14.61 -40.17
CA ARG A 284 5.35 -14.20 -41.33
C ARG A 284 5.63 -15.12 -42.52
N SER A 285 6.91 -15.28 -42.87
CA SER A 285 7.35 -15.93 -44.14
C SER A 285 7.02 -17.44 -44.10
N ALA A 286 7.29 -18.12 -42.98
CA ALA A 286 7.02 -19.57 -42.80
C ALA A 286 5.50 -19.82 -42.76
N SER A 287 4.73 -18.90 -42.20
CA SER A 287 3.25 -19.01 -42.17
C SER A 287 2.69 -18.94 -43.59
N TYR A 288 3.26 -18.07 -44.41
CA TYR A 288 2.93 -17.96 -45.86
C TYR A 288 3.33 -19.25 -46.55
N ALA A 289 4.53 -19.76 -46.24
CA ALA A 289 5.09 -21.00 -46.82
C ALA A 289 4.21 -22.19 -46.42
N ALA A 290 3.84 -22.29 -45.14
CA ALA A 290 2.95 -23.34 -44.60
C ALA A 290 1.62 -23.35 -45.38
N ARG A 291 1.05 -22.18 -45.68
CA ARG A 291 -0.20 -22.10 -46.48
C ARG A 291 0.07 -22.65 -47.89
N TYR A 292 1.16 -22.20 -48.51
CA TYR A 292 1.61 -22.58 -49.88
C TYR A 292 1.62 -24.11 -49.97
N ILE A 293 2.18 -24.77 -48.96
CA ILE A 293 2.27 -26.27 -48.87
C ILE A 293 0.85 -26.82 -48.79
N ALA A 294 0.17 -26.62 -47.66
CA ALA A 294 -1.23 -27.05 -47.42
C ALA A 294 -2.06 -26.92 -48.70
N LYS A 295 -2.01 -25.76 -49.35
CA LYS A 295 -2.90 -25.45 -50.51
C LYS A 295 -2.52 -26.36 -51.68
N ASN A 296 -1.23 -26.53 -51.95
CA ASN A 296 -0.73 -27.35 -53.08
C ASN A 296 -1.05 -28.82 -52.82
N VAL A 297 -0.84 -29.31 -51.58
CA VAL A 297 -1.20 -30.70 -51.16
C VAL A 297 -2.66 -30.97 -51.52
N VAL A 298 -3.56 -30.10 -51.06
CA VAL A 298 -5.02 -30.29 -51.22
C VAL A 298 -5.39 -30.08 -52.70
N ALA A 299 -4.82 -29.08 -53.36
CA ALA A 299 -5.04 -28.80 -54.79
C ALA A 299 -4.62 -30.02 -55.62
N ALA A 300 -3.57 -30.72 -55.21
CA ALA A 300 -3.06 -31.93 -55.90
C ALA A 300 -3.98 -33.13 -55.62
N GLY A 301 -4.90 -33.02 -54.66
CA GLY A 301 -5.85 -34.08 -54.29
C GLY A 301 -5.22 -35.12 -53.37
N LEU A 302 -4.07 -34.80 -52.76
CA LEU A 302 -3.36 -35.70 -51.82
C LEU A 302 -4.08 -35.74 -50.46
N ALA A 303 -5.00 -34.81 -50.23
CA ALA A 303 -5.92 -34.81 -49.06
C ALA A 303 -7.10 -33.87 -49.35
N ASP A 304 -8.20 -34.01 -48.61
CA ASP A 304 -9.38 -33.09 -48.69
C ASP A 304 -9.08 -31.86 -47.82
N GLN A 305 -8.36 -32.07 -46.73
CA GLN A 305 -7.85 -31.02 -45.82
C GLN A 305 -6.50 -31.43 -45.27
N VAL A 306 -5.63 -30.49 -44.93
CA VAL A 306 -4.37 -30.75 -44.19
C VAL A 306 -4.01 -29.49 -43.37
N GLU A 307 -3.59 -29.70 -42.12
CA GLU A 307 -2.83 -28.71 -41.32
C GLU A 307 -1.35 -29.09 -41.43
N VAL A 308 -0.52 -28.18 -41.91
CA VAL A 308 0.96 -28.35 -41.95
C VAL A 308 1.55 -27.65 -40.71
N GLN A 309 2.45 -28.34 -40.02
CA GLN A 309 3.13 -27.84 -38.79
C GLN A 309 4.64 -27.82 -39.03
N LEU A 310 5.25 -26.62 -39.02
CA LEU A 310 6.71 -26.41 -39.15
C LEU A 310 7.30 -26.00 -37.81
N ALA A 311 8.36 -26.67 -37.37
CA ALA A 311 9.16 -26.37 -36.17
C ALA A 311 10.55 -25.93 -36.61
N TYR A 312 10.97 -24.73 -36.24
CA TYR A 312 12.33 -24.20 -36.50
C TYR A 312 13.10 -24.18 -35.18
N ALA A 313 14.37 -24.56 -35.21
CA ALA A 313 15.31 -24.47 -34.07
C ALA A 313 16.30 -23.32 -34.34
N ILE A 314 16.77 -22.70 -33.25
CA ILE A 314 17.77 -21.60 -33.26
C ILE A 314 19.01 -22.11 -34.01
N GLY A 315 19.42 -21.35 -35.02
CA GLY A 315 20.60 -21.65 -35.85
C GLY A 315 20.45 -22.94 -36.63
N VAL A 316 19.25 -23.24 -37.15
CA VAL A 316 19.05 -24.26 -38.22
C VAL A 316 18.09 -23.68 -39.25
N ALA A 317 18.59 -23.42 -40.46
CA ALA A 317 17.85 -22.84 -41.62
C ALA A 317 16.66 -23.75 -41.92
N GLU A 318 16.94 -25.04 -42.15
CA GLU A 318 15.92 -26.08 -42.43
C GLU A 318 15.01 -26.19 -41.22
N PRO A 319 13.69 -26.40 -41.41
CA PRO A 319 12.80 -26.77 -40.32
C PRO A 319 13.33 -28.06 -39.68
N VAL A 320 13.43 -28.09 -38.35
CA VAL A 320 13.97 -29.23 -37.58
C VAL A 320 12.94 -30.36 -37.57
N SER A 321 11.66 -30.08 -37.82
CA SER A 321 10.55 -31.07 -37.74
C SER A 321 9.35 -30.60 -38.56
N ILE A 322 8.72 -31.51 -39.30
CA ILE A 322 7.45 -31.26 -40.03
C ILE A 322 6.42 -32.33 -39.64
N ALA A 323 5.31 -31.90 -39.05
CA ALA A 323 4.12 -32.73 -38.80
C ALA A 323 3.05 -32.34 -39.83
N VAL A 324 1.99 -33.14 -39.92
CA VAL A 324 0.95 -33.02 -40.96
C VAL A 324 -0.27 -33.74 -40.42
N ASP A 325 -1.44 -33.09 -40.43
CA ASP A 325 -2.72 -33.71 -40.02
C ASP A 325 -3.71 -33.58 -41.17
N THR A 326 -4.07 -34.71 -41.80
CA THR A 326 -5.02 -34.79 -42.93
C THR A 326 -6.43 -35.04 -42.41
N ALA A 327 -6.60 -35.27 -41.11
CA ALA A 327 -7.87 -35.73 -40.49
C ALA A 327 -8.35 -37.03 -41.18
N GLY A 328 -7.42 -37.92 -41.53
CA GLY A 328 -7.71 -39.20 -42.21
C GLY A 328 -8.36 -39.02 -43.56
N THR A 329 -8.20 -37.85 -44.20
CA THR A 329 -8.62 -37.58 -45.60
C THR A 329 -7.42 -37.79 -46.53
N GLY A 330 -6.25 -38.08 -45.96
CA GLY A 330 -5.02 -38.40 -46.71
C GLY A 330 -5.25 -39.52 -47.70
N LYS A 331 -4.95 -39.28 -48.98
CA LYS A 331 -4.90 -40.30 -50.07
C LYS A 331 -3.52 -40.96 -50.07
N VAL A 332 -2.63 -40.53 -49.17
CA VAL A 332 -1.22 -41.02 -49.07
C VAL A 332 -0.85 -41.09 -47.58
N SER A 333 0.19 -41.85 -47.24
CA SER A 333 0.81 -41.93 -45.88
C SER A 333 1.17 -40.52 -45.39
N ASP A 334 1.14 -40.30 -44.06
CA ASP A 334 1.60 -39.03 -43.43
C ASP A 334 3.12 -38.89 -43.66
N GLU A 335 3.89 -39.94 -43.39
CA GLU A 335 5.38 -39.96 -43.53
C GLU A 335 5.77 -39.69 -44.99
N ALA A 336 5.00 -40.21 -45.96
CA ALA A 336 5.24 -40.09 -47.42
C ALA A 336 4.92 -38.67 -47.89
N LEU A 337 3.87 -38.05 -47.32
CA LEU A 337 3.45 -36.66 -47.62
C LEU A 337 4.51 -35.68 -47.10
N ILE A 338 4.94 -35.83 -45.83
CA ILE A 338 6.04 -35.02 -45.21
C ILE A 338 7.26 -35.11 -46.12
N ASN A 339 7.51 -36.29 -46.69
CA ASN A 339 8.70 -36.56 -47.56
C ASN A 339 8.59 -35.73 -48.83
N ALA A 340 7.40 -35.69 -49.45
CA ALA A 340 7.14 -34.94 -50.69
C ALA A 340 7.36 -33.45 -50.43
N ILE A 341 7.00 -32.99 -49.23
CA ILE A 341 7.09 -31.55 -48.84
C ILE A 341 8.57 -31.19 -48.70
N ARG A 342 9.35 -32.01 -48.00
CA ARG A 342 10.80 -31.75 -47.82
C ARG A 342 11.50 -31.71 -49.19
N GLU A 343 11.00 -32.46 -50.17
CA GLU A 343 11.68 -32.61 -51.49
C GLU A 343 11.28 -31.46 -52.44
N ASN A 344 10.13 -30.80 -52.25
CA ASN A 344 9.58 -29.88 -53.28
C ASN A 344 9.44 -28.43 -52.79
N PHE A 345 9.76 -28.16 -51.53
CA PHE A 345 9.71 -26.80 -50.95
C PHE A 345 11.04 -26.49 -50.27
N ASP A 346 11.62 -25.33 -50.60
CA ASP A 346 12.70 -24.68 -49.83
C ASP A 346 12.04 -23.97 -48.65
N LEU A 347 12.34 -24.42 -47.43
CA LEU A 347 11.65 -23.96 -46.19
C LEU A 347 12.65 -23.27 -45.26
N ARG A 348 13.83 -22.92 -45.76
CA ARG A 348 14.79 -22.04 -45.06
C ARG A 348 14.28 -20.60 -45.19
N PRO A 349 14.46 -19.76 -44.14
CA PRO A 349 13.95 -18.39 -44.17
C PRO A 349 14.31 -17.67 -45.47
N ALA A 350 15.61 -17.71 -45.81
CA ALA A 350 16.19 -17.16 -47.05
C ALA A 350 15.55 -17.85 -48.26
N GLY A 351 15.43 -19.18 -48.21
CA GLY A 351 14.82 -20.01 -49.26
C GLY A 351 13.41 -19.57 -49.58
N ILE A 352 12.58 -19.38 -48.54
CA ILE A 352 11.14 -18.99 -48.67
C ILE A 352 11.05 -17.64 -49.37
N ILE A 353 11.92 -16.71 -49.00
CA ILE A 353 11.96 -15.31 -49.55
C ILE A 353 12.21 -15.39 -51.07
N LYS A 354 13.25 -16.13 -51.50
CA LYS A 354 13.55 -16.37 -52.93
C LYS A 354 12.38 -17.10 -53.58
N MET A 355 11.91 -18.19 -52.96
CA MET A 355 10.87 -19.10 -53.51
C MET A 355 9.60 -18.29 -53.82
N LEU A 356 9.12 -17.46 -52.89
CA LEU A 356 7.84 -16.73 -53.04
C LEU A 356 8.07 -15.28 -53.50
N ASP A 357 9.34 -14.87 -53.67
CA ASP A 357 9.71 -13.50 -54.12
C ASP A 357 9.05 -12.48 -53.18
N LEU A 358 9.51 -12.41 -51.93
CA LEU A 358 8.80 -11.71 -50.84
C LEU A 358 9.41 -10.32 -50.57
N GLN A 359 10.54 -9.98 -51.19
CA GLN A 359 11.19 -8.67 -51.03
C GLN A 359 10.66 -7.73 -52.11
N ARG A 360 9.33 -7.63 -52.20
CA ARG A 360 8.58 -6.71 -53.08
C ARG A 360 7.45 -6.09 -52.25
N PRO A 361 6.92 -4.91 -52.62
CA PRO A 361 5.86 -4.28 -51.82
C PRO A 361 4.48 -4.91 -52.07
N ILE A 362 4.18 -6.06 -51.45
CA ILE A 362 2.98 -6.89 -51.77
C ILE A 362 2.07 -7.03 -50.54
N TYR A 363 2.32 -6.28 -49.46
CA TYR A 363 1.80 -6.59 -48.10
C TYR A 363 0.63 -5.69 -47.66
N ARG A 364 0.56 -4.44 -48.11
CA ARG A 364 -0.57 -3.56 -47.72
C ARG A 364 -1.87 -4.31 -48.05
N GLN A 365 -1.93 -4.93 -49.25
CA GLN A 365 -3.16 -5.61 -49.75
C GLN A 365 -3.59 -6.78 -48.86
N THR A 366 -2.70 -7.36 -48.03
CA THR A 366 -3.01 -8.54 -47.17
C THR A 366 -3.62 -8.10 -45.83
N ALA A 367 -3.50 -6.83 -45.49
CA ALA A 367 -3.75 -6.33 -44.13
C ALA A 367 -5.25 -6.14 -43.90
N ALA A 368 -6.10 -6.42 -44.90
CA ALA A 368 -7.56 -6.56 -44.71
C ALA A 368 -8.11 -7.64 -45.63
N TYR A 369 -9.18 -8.34 -45.19
CA TYR A 369 -9.91 -9.37 -45.98
C TYR A 369 -9.10 -10.68 -46.10
N GLY A 370 -8.12 -10.90 -45.22
CA GLY A 370 -7.40 -12.18 -45.05
C GLY A 370 -6.10 -12.25 -45.83
N HIS A 371 -5.07 -12.88 -45.25
CA HIS A 371 -3.78 -13.19 -45.91
C HIS A 371 -3.95 -14.42 -46.81
N PHE A 372 -4.94 -15.26 -46.51
CA PHE A 372 -5.14 -16.58 -47.16
C PHE A 372 -6.50 -16.65 -47.84
N GLY A 373 -6.52 -17.31 -49.00
CA GLY A 373 -7.74 -17.64 -49.75
C GLY A 373 -8.16 -16.51 -50.65
N ARG A 374 -7.20 -15.70 -51.08
CA ARG A 374 -7.53 -14.43 -51.79
C ARG A 374 -7.67 -14.71 -53.29
N THR A 375 -8.87 -14.45 -53.80
CA THR A 375 -9.27 -14.61 -55.22
C THR A 375 -9.18 -13.27 -55.96
N ASP A 376 -9.28 -12.15 -55.22
CA ASP A 376 -9.40 -10.78 -55.77
C ASP A 376 -8.00 -10.18 -56.04
N ILE A 377 -6.95 -10.72 -55.44
CA ILE A 377 -5.54 -10.27 -55.66
C ILE A 377 -4.65 -11.52 -55.85
N ASP A 378 -3.43 -11.33 -56.31
CA ASP A 378 -2.47 -12.40 -56.66
C ASP A 378 -1.36 -12.40 -55.62
N LEU A 379 -1.37 -13.35 -54.68
CA LEU A 379 -0.33 -13.56 -53.63
C LEU A 379 0.48 -14.81 -53.98
N PRO A 380 1.83 -14.77 -53.88
CA PRO A 380 2.65 -15.91 -54.30
C PRO A 380 2.28 -17.23 -53.60
N TRP A 381 2.00 -17.17 -52.29
CA TRP A 381 1.72 -18.36 -51.43
C TRP A 381 0.32 -18.94 -51.73
N GLU A 382 -0.46 -18.33 -52.65
CA GLU A 382 -1.79 -18.83 -53.10
C GLU A 382 -1.67 -19.50 -54.48
N HIS A 383 -0.55 -19.31 -55.20
CA HIS A 383 -0.25 -20.05 -56.45
C HIS A 383 -0.27 -21.55 -56.16
N THR A 384 -0.87 -22.34 -57.06
CA THR A 384 -0.93 -23.83 -56.98
C THR A 384 0.03 -24.41 -58.03
N ASP A 385 1.25 -23.87 -58.10
CA ASP A 385 2.26 -24.20 -59.15
C ASP A 385 3.18 -25.34 -58.70
N LYS A 386 2.93 -25.96 -57.54
CA LYS A 386 3.73 -27.12 -57.06
C LYS A 386 2.87 -28.41 -57.12
N VAL A 387 1.70 -28.35 -57.77
CA VAL A 387 0.75 -29.50 -57.90
C VAL A 387 1.45 -30.63 -58.65
N ASP A 388 1.95 -30.36 -59.85
CA ASP A 388 2.61 -31.38 -60.72
C ASP A 388 3.80 -31.99 -59.96
N ALA A 389 4.59 -31.17 -59.27
CA ALA A 389 5.74 -31.61 -58.47
C ALA A 389 5.29 -32.65 -57.44
N LEU A 390 4.16 -32.39 -56.75
CA LEU A 390 3.62 -33.26 -55.68
C LEU A 390 2.92 -34.50 -56.28
N LYS A 391 2.04 -34.32 -57.25
CA LYS A 391 1.44 -35.44 -58.04
C LYS A 391 2.58 -36.40 -58.44
N ALA A 392 3.61 -35.87 -59.09
CA ALA A 392 4.76 -36.65 -59.63
C ALA A 392 5.50 -37.42 -58.52
N ALA A 393 5.53 -36.90 -57.29
CA ALA A 393 6.28 -37.52 -56.16
C ALA A 393 5.65 -38.86 -55.77
N GLU B 3 11.30 -39.02 -39.26
CA GLU B 3 10.92 -37.60 -38.87
C GLU B 3 10.51 -37.52 -37.40
N ARG B 4 11.14 -36.59 -36.66
CA ARG B 4 11.03 -36.39 -35.19
C ARG B 4 9.81 -35.50 -34.88
N HIS B 5 8.90 -35.98 -34.03
CA HIS B 5 7.66 -35.24 -33.64
C HIS B 5 8.01 -34.26 -32.50
N LEU B 6 8.46 -33.05 -32.84
CA LEU B 6 8.91 -31.99 -31.89
C LEU B 6 7.86 -30.89 -31.84
N PHE B 7 7.62 -30.32 -30.65
CA PHE B 7 6.67 -29.20 -30.47
C PHE B 7 7.21 -28.19 -29.45
N THR B 8 7.26 -26.91 -29.85
CA THR B 8 7.81 -25.79 -29.04
C THR B 8 6.71 -24.82 -28.61
N SER B 9 6.74 -24.40 -27.36
CA SER B 9 5.91 -23.31 -26.79
C SER B 9 6.82 -22.27 -26.13
N GLU B 10 6.44 -20.99 -26.12
CA GLU B 10 7.20 -19.92 -25.42
C GLU B 10 6.33 -19.36 -24.28
N SER B 11 6.99 -18.91 -23.21
CA SER B 11 6.42 -17.99 -22.19
C SER B 11 7.42 -16.83 -22.01
N VAL B 12 6.94 -15.72 -21.46
CA VAL B 12 7.75 -14.49 -21.24
C VAL B 12 7.47 -13.99 -19.82
N SER B 13 8.47 -13.28 -19.25
CA SER B 13 8.42 -12.69 -17.88
C SER B 13 7.48 -11.49 -17.86
N GLU B 14 7.13 -11.04 -16.65
CA GLU B 14 6.48 -9.73 -16.36
C GLU B 14 7.21 -8.60 -17.12
N GLY B 15 8.54 -8.74 -17.28
CA GLY B 15 9.42 -7.71 -17.85
C GLY B 15 9.32 -7.57 -19.36
N HIS B 16 8.82 -8.57 -20.07
CA HIS B 16 8.69 -8.53 -21.55
C HIS B 16 7.72 -7.40 -21.92
N PRO B 17 8.02 -6.58 -22.94
CA PRO B 17 7.22 -5.39 -23.25
C PRO B 17 5.73 -5.67 -23.50
N ASP B 18 5.43 -6.76 -24.22
CA ASP B 18 4.03 -7.18 -24.53
C ASP B 18 3.32 -7.52 -23.22
N LYS B 19 4.03 -8.12 -22.26
CA LYS B 19 3.45 -8.49 -20.95
C LYS B 19 3.32 -7.24 -20.06
N ILE B 20 4.24 -6.26 -20.20
CA ILE B 20 4.14 -4.95 -19.49
C ILE B 20 2.78 -4.33 -19.89
N ALA B 21 2.50 -4.27 -21.20
CA ALA B 21 1.24 -3.75 -21.76
C ALA B 21 0.04 -4.49 -21.15
N ASP B 22 0.10 -5.82 -21.10
CA ASP B 22 -1.02 -6.68 -20.64
C ASP B 22 -1.26 -6.41 -19.14
N GLN B 23 -0.18 -6.33 -18.36
CA GLN B 23 -0.27 -6.13 -16.88
C GLN B 23 -0.80 -4.74 -16.56
N ILE B 24 -0.40 -3.71 -17.33
CA ILE B 24 -0.89 -2.32 -17.12
C ILE B 24 -2.40 -2.31 -17.39
N SER B 25 -2.82 -2.76 -18.57
CA SER B 25 -4.26 -2.83 -18.95
C SER B 25 -5.05 -3.52 -17.83
N ASP B 26 -4.56 -4.64 -17.27
CA ASP B 26 -5.29 -5.43 -16.24
C ASP B 26 -5.12 -4.81 -14.84
N ALA B 27 -4.03 -4.09 -14.58
CA ALA B 27 -3.82 -3.35 -13.30
C ALA B 27 -4.87 -2.25 -13.19
N ILE B 28 -5.13 -1.54 -14.29
CA ILE B 28 -6.18 -0.47 -14.37
C ILE B 28 -7.55 -1.12 -14.14
N LEU B 29 -7.78 -2.31 -14.68
CA LEU B 29 -9.06 -3.06 -14.54
C LEU B 29 -9.26 -3.38 -13.06
N ASP B 30 -8.24 -3.95 -12.41
CA ASP B 30 -8.28 -4.32 -10.97
C ASP B 30 -8.59 -3.08 -10.14
N ALA B 31 -7.85 -1.99 -10.38
CA ALA B 31 -7.97 -0.70 -9.66
C ALA B 31 -9.44 -0.29 -9.60
N MET B 32 -10.16 -0.46 -10.72
CA MET B 32 -11.58 -0.02 -10.87
C MET B 32 -12.54 -1.02 -10.23
N LEU B 33 -12.32 -2.32 -10.45
CA LEU B 33 -13.15 -3.40 -9.84
C LEU B 33 -13.04 -3.32 -8.31
N ALA B 34 -11.85 -2.97 -7.82
CA ALA B 34 -11.52 -2.80 -6.39
C ALA B 34 -12.51 -1.84 -5.72
N GLN B 35 -13.03 -0.84 -6.46
CA GLN B 35 -13.99 0.15 -5.93
C GLN B 35 -15.39 -0.07 -6.53
N ASP B 36 -15.49 -0.60 -7.75
CA ASP B 36 -16.76 -0.72 -8.52
C ASP B 36 -16.81 -2.10 -9.20
N PRO B 37 -17.40 -3.12 -8.55
CA PRO B 37 -17.51 -4.46 -9.16
C PRO B 37 -18.23 -4.43 -10.53
N GLN B 38 -19.14 -3.46 -10.73
CA GLN B 38 -19.93 -3.29 -11.97
C GLN B 38 -19.12 -2.57 -13.07
N ALA B 39 -17.89 -2.16 -12.79
CA ALA B 39 -17.05 -1.38 -13.74
C ALA B 39 -16.99 -2.07 -15.11
N ARG B 40 -17.41 -1.38 -16.17
CA ARG B 40 -17.16 -1.74 -17.59
C ARG B 40 -15.82 -1.14 -18.02
N VAL B 41 -14.95 -1.92 -18.65
CA VAL B 41 -13.53 -1.55 -18.95
C VAL B 41 -13.10 -2.14 -20.29
N ALA B 42 -12.42 -1.34 -21.10
CA ALA B 42 -11.84 -1.71 -22.40
C ALA B 42 -10.57 -0.89 -22.63
N VAL B 43 -9.45 -1.33 -22.04
CA VAL B 43 -8.22 -0.49 -21.88
C VAL B 43 -7.04 -1.16 -22.59
N GLU B 44 -6.61 -0.56 -23.70
CA GLU B 44 -5.40 -0.99 -24.44
C GLU B 44 -4.20 -0.23 -23.87
N THR B 45 -3.01 -0.85 -23.90
CA THR B 45 -1.72 -0.21 -23.52
C THR B 45 -0.73 -0.49 -24.64
N SER B 46 0.10 0.50 -24.97
CA SER B 46 1.22 0.40 -25.94
C SER B 46 2.46 0.91 -25.22
N VAL B 47 3.60 0.26 -25.44
CA VAL B 47 4.88 0.59 -24.77
C VAL B 47 5.97 0.52 -25.82
N THR B 48 6.79 1.57 -25.94
CA THR B 48 8.03 1.56 -26.75
C THR B 48 9.09 2.37 -25.98
N THR B 49 10.18 2.75 -26.65
CA THR B 49 11.33 3.39 -25.98
C THR B 49 10.82 4.53 -25.07
N GLY B 50 10.88 4.30 -23.76
CA GLY B 50 10.65 5.29 -22.70
C GLY B 50 9.22 5.80 -22.66
N LEU B 51 8.28 5.07 -23.28
CA LEU B 51 6.88 5.56 -23.49
C LEU B 51 5.85 4.51 -23.08
N VAL B 52 4.77 4.95 -22.44
CA VAL B 52 3.56 4.13 -22.13
C VAL B 52 2.32 4.93 -22.54
N LEU B 53 1.69 4.57 -23.65
CA LEU B 53 0.38 5.15 -24.03
C LEU B 53 -0.73 4.24 -23.50
N VAL B 54 -1.63 4.76 -22.65
CA VAL B 54 -2.87 4.07 -22.22
C VAL B 54 -4.05 4.71 -22.93
N PHE B 55 -4.91 3.91 -23.56
CA PHE B 55 -6.09 4.41 -24.32
C PHE B 55 -7.20 3.37 -24.26
N GLY B 56 -8.45 3.83 -24.33
CA GLY B 56 -9.62 2.95 -24.26
C GLY B 56 -10.85 3.66 -23.71
N GLU B 57 -11.97 2.94 -23.69
CA GLU B 57 -13.25 3.37 -23.09
C GLU B 57 -13.28 2.81 -21.67
N VAL B 58 -13.97 3.50 -20.76
CA VAL B 58 -14.25 3.01 -19.40
C VAL B 58 -15.58 3.62 -18.96
N SER B 59 -16.26 2.95 -18.03
CA SER B 59 -17.55 3.39 -17.44
C SER B 59 -17.61 2.87 -16.00
N THR B 60 -17.38 3.72 -15.01
CA THR B 60 -17.24 3.25 -13.60
C THR B 60 -17.55 4.37 -12.61
N LYS B 61 -17.94 3.99 -11.39
CA LYS B 61 -18.12 4.90 -10.24
C LYS B 61 -16.77 5.09 -9.52
N ALA B 62 -15.75 4.31 -9.88
CA ALA B 62 -14.40 4.34 -9.25
C ALA B 62 -13.67 5.64 -9.59
N TYR B 63 -12.89 6.17 -8.64
CA TYR B 63 -11.86 7.23 -8.86
C TYR B 63 -10.47 6.57 -8.82
N VAL B 64 -9.78 6.56 -9.95
CA VAL B 64 -8.44 5.92 -10.09
C VAL B 64 -7.47 6.92 -10.71
N ASP B 65 -6.31 7.12 -10.07
CA ASP B 65 -5.17 7.88 -10.66
C ASP B 65 -4.42 6.93 -11.62
N ILE B 66 -4.80 6.97 -12.90
CA ILE B 66 -4.22 6.09 -13.97
C ILE B 66 -2.70 6.15 -13.94
N GLN B 67 -2.13 7.37 -13.95
CA GLN B 67 -0.66 7.61 -13.89
C GLN B 67 -0.06 6.78 -12.75
N LYS B 68 -0.66 6.85 -11.55
CA LYS B 68 -0.12 6.14 -10.36
C LYS B 68 -0.20 4.63 -10.61
N VAL B 69 -1.33 4.14 -11.15
CA VAL B 69 -1.51 2.69 -11.44
C VAL B 69 -0.44 2.24 -12.44
N VAL B 70 -0.29 2.95 -13.56
CA VAL B 70 0.71 2.59 -14.62
C VAL B 70 2.12 2.52 -13.99
N ARG B 71 2.51 3.56 -13.26
CA ARG B 71 3.90 3.72 -12.77
C ARG B 71 4.18 2.68 -11.68
N ASP B 72 3.19 2.42 -10.83
CA ASP B 72 3.27 1.39 -9.76
C ASP B 72 3.38 -0.01 -10.39
N THR B 73 2.59 -0.31 -11.43
CA THR B 73 2.66 -1.62 -12.12
C THR B 73 4.10 -1.83 -12.61
N ILE B 74 4.64 -0.82 -13.31
CA ILE B 74 5.99 -0.87 -13.94
C ILE B 74 7.05 -1.07 -12.87
N LYS B 75 6.82 -0.55 -11.66
CA LYS B 75 7.79 -0.67 -10.55
C LYS B 75 7.78 -2.09 -9.98
N SER B 76 6.60 -2.69 -9.75
CA SER B 76 6.46 -4.09 -9.27
C SER B 76 7.21 -5.03 -10.20
N ILE B 77 6.99 -4.84 -11.51
CA ILE B 77 7.66 -5.62 -12.59
C ILE B 77 9.18 -5.59 -12.35
N GLY B 78 9.71 -4.47 -11.84
CA GLY B 78 11.10 -4.36 -11.36
C GLY B 78 11.86 -3.21 -11.99
N TYR B 79 11.23 -2.42 -12.87
CA TYR B 79 11.84 -1.22 -13.53
C TYR B 79 11.81 -0.02 -12.56
N VAL B 80 12.83 0.08 -11.71
CA VAL B 80 12.86 0.93 -10.47
C VAL B 80 14.16 1.74 -10.35
N ASP B 81 15.02 1.79 -11.38
CA ASP B 81 16.20 2.70 -11.42
C ASP B 81 16.63 2.87 -12.88
N GLY B 82 17.11 4.05 -13.28
CA GLY B 82 17.32 4.43 -14.68
C GLY B 82 18.42 3.65 -15.40
N GLN B 83 19.19 2.82 -14.68
CA GLN B 83 20.25 1.99 -15.29
C GLN B 83 19.63 0.89 -16.17
N TYR B 84 18.32 0.63 -16.08
CA TYR B 84 17.61 -0.39 -16.91
C TYR B 84 17.20 0.19 -18.27
N GLY B 85 17.25 1.52 -18.37
CA GLY B 85 16.80 2.30 -19.54
C GLY B 85 15.34 2.66 -19.37
N PHE B 86 14.59 1.81 -18.68
CA PHE B 86 13.14 1.97 -18.46
C PHE B 86 12.89 1.98 -16.95
N ASP B 87 12.08 2.95 -16.51
CA ASP B 87 11.89 3.27 -15.08
C ASP B 87 10.45 3.73 -14.87
N GLY B 88 9.80 3.27 -13.80
CA GLY B 88 8.41 3.60 -13.48
C GLY B 88 8.26 5.07 -13.13
N ASP B 89 9.31 5.70 -12.60
CA ASP B 89 9.29 7.12 -12.14
C ASP B 89 9.63 8.08 -13.28
N ASN B 90 10.38 7.64 -14.29
CA ASN B 90 11.08 8.53 -15.25
C ASN B 90 10.55 8.37 -16.67
N CYS B 91 9.82 7.31 -16.98
CA CYS B 91 9.27 7.06 -18.34
C CYS B 91 8.10 8.01 -18.57
N ALA B 92 7.86 8.34 -19.85
CA ALA B 92 6.65 9.05 -20.32
C ALA B 92 5.44 8.14 -20.14
N VAL B 93 4.33 8.70 -19.66
CA VAL B 93 2.99 8.07 -19.58
C VAL B 93 1.97 9.03 -20.17
N LEU B 94 1.38 8.67 -21.31
CA LEU B 94 0.28 9.44 -21.95
C LEU B 94 -1.01 8.63 -21.80
N VAL B 95 -2.12 9.32 -21.53
CA VAL B 95 -3.41 8.66 -21.20
C VAL B 95 -4.50 9.28 -22.09
N SER B 96 -5.23 8.43 -22.82
CA SER B 96 -6.41 8.84 -23.63
C SER B 96 -7.61 7.96 -23.27
N LEU B 97 -8.26 8.23 -22.12
CA LEU B 97 -9.42 7.43 -21.60
C LEU B 97 -10.74 8.19 -21.77
N ASP B 98 -11.70 7.59 -22.48
CA ASP B 98 -13.06 8.15 -22.71
C ASP B 98 -13.99 7.62 -21.61
N GLU B 99 -15.23 8.12 -21.56
CA GLU B 99 -16.35 7.54 -20.75
C GLU B 99 -17.56 7.24 -21.65
N ASP B 129 -21.68 -10.41 -28.81
CA ASP B 129 -20.79 -10.99 -29.84
C ASP B 129 -21.40 -12.33 -30.29
N GLN B 130 -21.56 -12.52 -31.61
CA GLN B 130 -21.74 -13.86 -32.24
C GLN B 130 -20.37 -14.55 -32.31
N GLY B 131 -19.91 -15.10 -31.17
CA GLY B 131 -18.50 -15.52 -30.99
C GLY B 131 -18.32 -17.03 -30.88
N MET B 132 -17.08 -17.47 -31.13
CA MET B 132 -16.55 -18.80 -30.76
C MET B 132 -15.55 -18.60 -29.63
N MET B 133 -15.60 -19.43 -28.59
CA MET B 133 -14.55 -19.49 -27.55
C MET B 133 -14.15 -20.96 -27.39
N PHE B 134 -12.88 -21.22 -27.06
CA PHE B 134 -12.31 -22.58 -26.92
C PHE B 134 -11.69 -22.76 -25.53
N GLY B 135 -11.87 -23.96 -24.98
CA GLY B 135 -11.17 -24.42 -23.77
C GLY B 135 -10.39 -25.68 -24.09
N TYR B 136 -9.34 -25.97 -23.31
CA TYR B 136 -8.47 -27.15 -23.52
C TYR B 136 -7.90 -27.61 -22.18
N ALA B 137 -7.70 -28.92 -22.07
CA ALA B 137 -7.03 -29.58 -20.93
C ALA B 137 -6.46 -30.90 -21.43
N ILE B 138 -5.41 -31.38 -20.79
CA ILE B 138 -4.68 -32.61 -21.20
C ILE B 138 -3.86 -33.07 -19.98
N ASN B 139 -3.83 -34.37 -19.73
CA ASN B 139 -3.21 -34.93 -18.50
C ASN B 139 -1.70 -35.08 -18.71
N GLU B 140 -1.07 -34.21 -19.51
CA GLU B 140 0.40 -34.18 -19.71
C GLU B 140 1.11 -33.63 -18.46
N THR B 141 0.39 -32.86 -17.63
CA THR B 141 0.91 -32.19 -16.41
C THR B 141 -0.18 -32.19 -15.34
N PRO B 142 0.17 -32.11 -14.04
CA PRO B 142 -0.84 -32.14 -12.98
C PRO B 142 -1.86 -30.99 -13.10
N GLU B 143 -1.42 -29.82 -13.55
CA GLU B 143 -2.29 -28.62 -13.81
C GLU B 143 -3.20 -28.85 -15.02
N LEU B 144 -2.99 -29.95 -15.76
CA LEU B 144 -3.81 -30.38 -16.92
C LEU B 144 -3.62 -29.41 -18.08
N MET B 145 -2.36 -29.03 -18.31
CA MET B 145 -1.91 -28.17 -19.44
C MET B 145 -0.94 -28.97 -20.30
N PRO B 146 -0.81 -28.61 -21.59
CA PRO B 146 0.25 -29.17 -22.43
C PRO B 146 1.62 -28.96 -21.77
N LEU B 147 2.53 -29.91 -21.96
CA LEU B 147 3.84 -29.91 -21.27
C LEU B 147 4.68 -28.71 -21.71
N PRO B 148 4.74 -28.36 -23.03
CA PRO B 148 5.59 -27.27 -23.49
C PRO B 148 5.23 -25.92 -22.85
N ILE B 149 3.97 -25.47 -22.97
CA ILE B 149 3.53 -24.17 -22.40
C ILE B 149 3.71 -24.20 -20.88
N ALA B 150 3.33 -25.28 -20.22
CA ALA B 150 3.41 -25.42 -18.73
C ALA B 150 4.86 -25.21 -18.27
N LEU B 151 5.83 -25.82 -18.93
CA LEU B 151 7.25 -25.79 -18.50
C LEU B 151 7.82 -24.39 -18.74
N SER B 152 7.57 -23.85 -19.93
CA SER B 152 7.88 -22.44 -20.29
C SER B 152 7.39 -21.51 -19.18
N HIS B 153 6.11 -21.55 -18.84
CA HIS B 153 5.52 -20.73 -17.74
C HIS B 153 6.30 -20.96 -16.44
N ARG B 154 6.61 -22.20 -16.08
CA ARG B 154 7.27 -22.52 -14.77
C ARG B 154 8.68 -21.90 -14.74
N LEU B 155 9.35 -21.82 -15.89
CA LEU B 155 10.72 -21.24 -16.02
C LEU B 155 10.67 -19.73 -15.80
N MET B 156 9.72 -19.04 -16.45
CA MET B 156 9.55 -17.57 -16.33
C MET B 156 9.13 -17.23 -14.90
N ARG B 157 8.25 -18.03 -14.28
CA ARG B 157 7.77 -17.80 -12.90
C ARG B 157 8.94 -17.99 -11.90
N LYS B 158 9.87 -18.91 -12.18
CA LYS B 158 11.00 -19.22 -11.27
C LYS B 158 12.04 -18.10 -11.35
N ILE B 159 12.50 -17.77 -12.57
CA ILE B 159 13.42 -16.62 -12.89
C ILE B 159 12.91 -15.36 -12.17
N ALA B 160 11.60 -15.10 -12.21
CA ALA B 160 10.97 -13.89 -11.64
C ALA B 160 11.07 -13.95 -10.12
N ALA B 161 10.59 -15.04 -9.52
CA ALA B 161 10.67 -15.27 -8.06
C ALA B 161 12.11 -15.07 -7.56
N LEU B 162 13.11 -15.55 -8.32
CA LEU B 162 14.54 -15.53 -7.89
C LEU B 162 15.07 -14.09 -7.91
N ARG B 163 14.64 -13.29 -8.89
CA ARG B 163 14.93 -11.83 -8.95
C ARG B 163 14.33 -11.17 -7.71
N LYS B 164 13.01 -11.31 -7.55
CA LYS B 164 12.18 -10.52 -6.59
C LYS B 164 12.51 -10.86 -5.14
N ASP B 165 12.82 -12.11 -4.80
CA ASP B 165 13.17 -12.46 -3.38
C ASP B 165 14.65 -12.15 -3.15
N GLY B 166 15.39 -11.75 -4.19
CA GLY B 166 16.77 -11.25 -4.08
C GLY B 166 17.82 -12.35 -4.06
N THR B 167 17.43 -13.59 -4.40
CA THR B 167 18.32 -14.79 -4.49
C THR B 167 19.42 -14.57 -5.52
N ILE B 168 19.08 -13.92 -6.64
CA ILE B 168 20.04 -13.55 -7.73
C ILE B 168 19.84 -12.06 -8.03
N LYS B 169 20.76 -11.21 -7.54
CA LYS B 169 20.63 -9.73 -7.48
C LYS B 169 20.91 -9.07 -8.85
N TRP B 170 21.54 -9.81 -9.77
CA TRP B 170 21.97 -9.31 -11.10
C TRP B 170 20.91 -9.59 -12.17
N LEU B 171 19.78 -10.19 -11.81
CA LEU B 171 18.69 -10.48 -12.79
C LEU B 171 17.93 -9.18 -13.05
N ARG B 172 17.53 -8.94 -14.30
CA ARG B 172 16.63 -7.82 -14.65
C ARG B 172 15.31 -8.39 -15.18
N PRO B 173 14.25 -7.55 -15.25
CA PRO B 173 12.90 -8.04 -15.49
C PRO B 173 12.67 -8.89 -16.75
N ASP B 174 13.15 -8.43 -17.91
CA ASP B 174 12.79 -9.00 -19.25
C ASP B 174 13.48 -10.36 -19.39
N ALA B 175 12.68 -11.38 -19.70
CA ALA B 175 13.14 -12.77 -19.89
C ALA B 175 12.14 -13.53 -20.76
N LYS B 176 12.62 -14.60 -21.39
CA LYS B 176 11.88 -15.41 -22.38
C LYS B 176 12.35 -16.86 -22.24
N ALA B 177 11.42 -17.82 -22.32
CA ALA B 177 11.72 -19.26 -22.40
C ALA B 177 10.98 -19.89 -23.58
N GLN B 178 11.69 -20.75 -24.31
CA GLN B 178 11.09 -21.63 -25.33
C GLN B 178 11.48 -23.06 -25.02
N VAL B 179 10.50 -23.93 -24.78
CA VAL B 179 10.71 -25.36 -24.42
C VAL B 179 10.18 -26.22 -25.57
N THR B 180 11.11 -26.95 -26.20
CA THR B 180 10.80 -27.94 -27.26
C THR B 180 10.67 -29.32 -26.61
N VAL B 181 9.47 -29.91 -26.65
CA VAL B 181 9.24 -31.29 -26.16
C VAL B 181 9.20 -32.25 -27.35
N GLU B 182 9.87 -33.41 -27.25
CA GLU B 182 9.78 -34.52 -28.25
C GLU B 182 8.65 -35.47 -27.86
N TYR B 183 7.77 -35.79 -28.81
CA TYR B 183 6.59 -36.69 -28.64
C TYR B 183 6.81 -38.03 -29.35
N ASP B 184 6.37 -39.12 -28.71
CA ASP B 184 6.49 -40.50 -29.27
C ASP B 184 5.38 -40.75 -30.30
N GLU B 185 5.34 -41.97 -30.86
CA GLU B 185 4.14 -42.55 -31.52
C GLU B 185 3.14 -42.66 -30.37
N ASP B 186 1.86 -42.39 -30.59
CA ASP B 186 0.83 -42.21 -29.52
C ASP B 186 0.87 -40.76 -29.01
N ASN B 187 1.84 -39.91 -29.41
CA ASN B 187 1.86 -38.46 -29.06
C ASN B 187 1.86 -38.28 -27.54
N GLN B 188 2.67 -39.06 -26.84
CA GLN B 188 2.97 -38.88 -25.39
C GLN B 188 4.30 -38.15 -25.28
N PRO B 189 4.50 -37.28 -24.26
CA PRO B 189 5.78 -36.61 -24.07
C PRO B 189 6.91 -37.62 -23.77
N LYS B 190 7.83 -37.81 -24.72
CA LYS B 190 8.95 -38.81 -24.64
C LYS B 190 10.10 -38.18 -23.86
N ARG B 191 10.52 -36.95 -24.22
CA ARG B 191 11.70 -36.26 -23.63
C ARG B 191 11.62 -34.74 -23.88
N ILE B 192 12.49 -33.99 -23.24
CA ILE B 192 12.71 -32.54 -23.49
C ILE B 192 13.93 -32.37 -24.40
N ASP B 193 13.72 -31.86 -25.62
CA ASP B 193 14.76 -31.78 -26.67
C ASP B 193 15.65 -30.56 -26.44
N THR B 194 15.05 -29.37 -26.35
CA THR B 194 15.75 -28.07 -26.21
C THR B 194 15.03 -27.17 -25.21
N VAL B 195 15.79 -26.54 -24.31
CA VAL B 195 15.32 -25.35 -23.54
C VAL B 195 16.17 -24.15 -23.96
N VAL B 196 15.51 -23.14 -24.51
CA VAL B 196 16.11 -21.80 -24.76
C VAL B 196 15.57 -20.86 -23.71
N LEU B 197 16.46 -20.22 -22.94
CA LEU B 197 16.07 -19.20 -21.94
C LEU B 197 17.05 -18.00 -22.06
N SER B 198 16.48 -16.82 -22.29
CA SER B 198 17.20 -15.54 -22.44
C SER B 198 16.71 -14.59 -21.33
N THR B 199 17.63 -14.03 -20.55
CA THR B 199 17.31 -13.12 -19.41
C THR B 199 18.13 -11.83 -19.54
N GLN B 200 17.49 -10.70 -19.19
CA GLN B 200 18.13 -9.39 -18.96
C GLN B 200 18.96 -9.49 -17.67
N HIS B 201 20.14 -8.86 -17.61
CA HIS B 201 21.07 -8.90 -16.44
C HIS B 201 21.85 -7.58 -16.30
N ASP B 202 22.27 -7.25 -15.07
CA ASP B 202 23.26 -6.18 -14.78
C ASP B 202 24.46 -6.40 -15.70
N PRO B 203 25.16 -5.35 -16.19
CA PRO B 203 26.26 -5.55 -17.14
C PRO B 203 27.57 -6.02 -16.48
N ASP B 204 27.62 -6.06 -15.14
CA ASP B 204 28.84 -6.40 -14.34
C ASP B 204 28.91 -7.91 -14.06
N VAL B 205 28.17 -8.73 -14.81
CA VAL B 205 28.17 -10.21 -14.65
C VAL B 205 28.47 -10.85 -16.02
N ASP B 206 29.42 -11.78 -16.04
CA ASP B 206 29.97 -12.50 -17.20
C ASP B 206 28.97 -13.54 -17.69
N LEU B 207 29.01 -13.91 -18.98
CA LEU B 207 28.00 -14.81 -19.60
C LEU B 207 28.04 -16.21 -18.98
N ASP B 208 29.24 -16.71 -18.73
CA ASP B 208 29.47 -18.08 -18.19
C ASP B 208 28.76 -18.18 -16.84
N THR B 209 28.82 -17.14 -16.02
CA THR B 209 28.13 -17.09 -14.70
C THR B 209 26.61 -17.09 -14.92
N ILE B 210 26.12 -16.24 -15.82
CA ILE B 210 24.66 -16.16 -16.17
C ILE B 210 24.18 -17.55 -16.56
N ARG B 211 24.93 -18.22 -17.45
CA ARG B 211 24.53 -19.53 -18.03
C ARG B 211 24.48 -20.59 -16.93
N GLN B 212 25.60 -20.81 -16.23
CA GLN B 212 25.69 -21.81 -15.14
C GLN B 212 24.61 -21.55 -14.08
N THR B 213 24.33 -20.29 -13.75
CA THR B 213 23.36 -19.90 -12.68
C THR B 213 21.93 -20.25 -13.11
N VAL B 214 21.56 -19.90 -14.35
CA VAL B 214 20.20 -20.17 -14.91
C VAL B 214 20.00 -21.69 -15.03
N ILE B 215 20.97 -22.41 -15.61
CA ILE B 215 20.93 -23.89 -15.77
C ILE B 215 20.68 -24.52 -14.39
N ASP B 216 21.44 -24.09 -13.38
CA ASP B 216 21.46 -24.73 -12.04
C ASP B 216 20.21 -24.31 -11.23
N GLN B 217 19.91 -23.02 -11.13
CA GLN B 217 18.93 -22.49 -10.13
C GLN B 217 17.54 -22.29 -10.75
N VAL B 218 17.44 -22.29 -12.08
CA VAL B 218 16.15 -22.06 -12.81
C VAL B 218 15.75 -23.34 -13.55
N ILE B 219 16.53 -23.75 -14.55
CA ILE B 219 16.19 -24.87 -15.47
C ILE B 219 16.15 -26.19 -14.67
N LYS B 220 17.28 -26.59 -14.06
CA LYS B 220 17.38 -27.89 -13.36
C LYS B 220 16.46 -27.88 -12.13
N ALA B 221 16.01 -26.70 -11.67
CA ALA B 221 15.12 -26.56 -10.50
C ALA B 221 13.66 -26.83 -10.89
N VAL B 222 13.35 -26.90 -12.19
CA VAL B 222 11.95 -26.83 -12.68
C VAL B 222 11.67 -27.97 -13.66
N LEU B 223 12.61 -28.33 -14.54
CA LEU B 223 12.41 -29.44 -15.49
C LEU B 223 12.46 -30.78 -14.75
N PRO B 224 11.40 -31.63 -14.91
CA PRO B 224 11.39 -32.96 -14.31
C PRO B 224 12.56 -33.78 -14.85
N ALA B 225 13.34 -34.38 -13.94
CA ALA B 225 14.59 -35.12 -14.24
C ALA B 225 14.33 -36.28 -15.20
N ASP B 226 13.17 -36.94 -15.08
CA ASP B 226 12.82 -38.18 -15.85
C ASP B 226 12.60 -37.88 -17.35
N LEU B 227 12.56 -36.60 -17.76
CA LEU B 227 12.37 -36.18 -19.18
C LEU B 227 13.66 -35.62 -19.78
N LEU B 228 14.71 -35.48 -18.97
CA LEU B 228 16.03 -34.94 -19.37
C LEU B 228 16.97 -36.12 -19.69
N ASP B 229 17.80 -35.98 -20.72
CA ASP B 229 18.92 -36.92 -21.01
C ASP B 229 20.12 -36.10 -21.54
N ASP B 230 21.22 -36.80 -21.82
CA ASP B 230 22.51 -36.21 -22.27
C ASP B 230 22.38 -35.54 -23.63
N GLN B 231 21.23 -35.69 -24.33
CA GLN B 231 20.97 -35.04 -25.65
C GLN B 231 20.14 -33.76 -25.47
N THR B 232 19.55 -33.53 -24.30
CA THR B 232 18.79 -32.29 -24.00
C THR B 232 19.68 -31.07 -24.19
N LYS B 233 19.31 -30.17 -25.11
CA LYS B 233 20.06 -28.92 -25.43
C LYS B 233 19.57 -27.81 -24.50
N TYR B 234 20.50 -27.19 -23.75
CA TYR B 234 20.22 -26.00 -22.90
C TYR B 234 20.92 -24.78 -23.50
N LEU B 235 20.17 -23.84 -24.09
CA LEU B 235 20.73 -22.56 -24.61
C LEU B 235 20.27 -21.41 -23.71
N VAL B 236 21.20 -20.82 -22.95
CA VAL B 236 20.91 -19.62 -22.12
C VAL B 236 21.56 -18.40 -22.78
N ASN B 237 20.77 -17.36 -23.04
CA ASN B 237 21.22 -16.09 -23.66
C ASN B 237 22.07 -16.41 -24.89
N PRO B 238 21.52 -17.12 -25.90
CA PRO B 238 22.26 -17.42 -27.12
C PRO B 238 22.57 -16.16 -27.95
N THR B 239 21.70 -15.14 -27.88
CA THR B 239 21.97 -13.75 -28.37
C THR B 239 23.30 -13.23 -27.81
N GLY B 240 23.64 -13.60 -26.59
CA GLY B 240 24.79 -13.06 -25.84
C GLY B 240 24.31 -12.13 -24.74
N ARG B 241 25.13 -11.14 -24.37
CA ARG B 241 24.79 -10.09 -23.38
C ARG B 241 23.39 -9.56 -23.72
N PHE B 242 22.68 -9.11 -22.70
CA PHE B 242 21.28 -8.62 -22.77
C PHE B 242 21.04 -7.78 -21.50
N VAL B 243 21.45 -6.51 -21.57
CA VAL B 243 21.54 -5.56 -20.42
C VAL B 243 20.33 -4.61 -20.47
N ILE B 244 20.12 -3.96 -21.61
CA ILE B 244 18.91 -3.11 -21.81
C ILE B 244 17.84 -4.00 -22.45
N GLY B 245 16.64 -3.95 -21.89
CA GLY B 245 15.45 -4.65 -22.40
C GLY B 245 14.18 -3.94 -21.97
N GLY B 246 13.12 -4.73 -21.79
CA GLY B 246 11.75 -4.20 -21.67
C GLY B 246 11.38 -3.50 -22.98
N PRO B 247 10.67 -2.35 -22.93
CA PRO B 247 10.25 -1.67 -24.15
C PRO B 247 11.36 -0.91 -24.87
N GLN B 248 12.60 -0.96 -24.38
CA GLN B 248 13.67 -0.03 -24.82
C GLN B 248 13.95 -0.20 -26.31
N GLY B 249 14.60 -1.28 -26.72
CA GLY B 249 14.82 -1.57 -28.15
C GLY B 249 13.53 -1.94 -28.86
N ASP B 250 12.54 -2.48 -28.13
CA ASP B 250 11.39 -3.24 -28.69
C ASP B 250 10.14 -2.35 -28.76
N ALA B 251 8.99 -3.00 -28.94
CA ALA B 251 7.62 -2.46 -28.75
C ALA B 251 6.79 -3.54 -28.06
N GLY B 252 5.75 -3.14 -27.33
CA GLY B 252 4.81 -4.05 -26.64
C GLY B 252 3.38 -3.52 -26.78
N LEU B 253 2.40 -4.40 -26.98
CA LEU B 253 0.96 -4.02 -27.08
C LEU B 253 0.14 -5.00 -26.26
N THR B 254 -0.98 -4.52 -25.71
CA THR B 254 -2.02 -5.35 -25.09
C THR B 254 -2.45 -6.41 -26.11
N GLY B 255 -2.50 -7.67 -25.69
CA GLY B 255 -3.08 -8.80 -26.43
C GLY B 255 -2.24 -9.25 -27.62
N ARG B 256 -0.92 -9.35 -27.46
CA ARG B 256 -0.03 -9.87 -28.54
C ARG B 256 0.77 -11.05 -28.00
N LYS B 257 0.26 -11.68 -26.94
CA LYS B 257 0.83 -12.89 -26.32
C LYS B 257 -0.31 -13.85 -26.01
N VAL B 258 -1.26 -13.93 -26.94
CA VAL B 258 -2.52 -14.73 -26.80
C VAL B 258 -2.15 -16.21 -26.64
N ILE B 259 -1.23 -16.72 -27.46
CA ILE B 259 -0.76 -18.14 -27.42
C ILE B 259 -0.09 -18.39 -26.07
N VAL B 260 0.81 -17.50 -25.66
CA VAL B 260 1.46 -17.56 -24.33
C VAL B 260 0.37 -17.54 -23.23
N ASP B 261 -0.67 -16.72 -23.41
CA ASP B 261 -1.71 -16.45 -22.39
C ASP B 261 -2.57 -17.71 -22.21
N THR B 262 -2.68 -18.53 -23.26
CA THR B 262 -3.61 -19.69 -23.34
C THR B 262 -2.82 -21.00 -23.21
N TYR B 263 -2.60 -21.72 -24.31
CA TYR B 263 -2.19 -23.15 -24.34
C TYR B 263 -0.98 -23.40 -25.25
N GLY B 264 -0.21 -22.37 -25.58
CA GLY B 264 1.08 -22.50 -26.31
C GLY B 264 0.90 -23.10 -27.68
N GLY B 265 -0.32 -23.01 -28.25
CA GLY B 265 -0.63 -23.38 -29.65
C GLY B 265 -1.18 -24.80 -29.80
N PHE B 266 -1.63 -25.42 -28.69
CA PHE B 266 -2.29 -26.74 -28.67
C PHE B 266 -3.75 -26.60 -29.11
N ALA B 267 -4.33 -25.41 -28.93
CA ALA B 267 -5.79 -25.16 -29.06
C ALA B 267 -6.09 -24.17 -30.18
N HIS B 268 -7.37 -24.08 -30.52
CA HIS B 268 -7.97 -23.14 -31.52
C HIS B 268 -8.39 -21.87 -30.78
N HIS B 269 -8.70 -20.82 -31.55
CA HIS B 269 -8.90 -19.43 -31.06
C HIS B 269 -10.02 -18.73 -31.85
N GLY B 270 -10.94 -18.09 -31.11
CA GLY B 270 -11.97 -17.19 -31.65
C GLY B 270 -11.41 -15.80 -31.93
N GLY B 271 -10.44 -15.37 -31.13
CA GLY B 271 -9.46 -14.34 -31.56
C GLY B 271 -9.61 -13.02 -30.83
N GLY B 272 -10.39 -12.97 -29.75
CA GLY B 272 -10.24 -11.93 -28.72
C GLY B 272 -8.88 -12.04 -28.05
N ALA B 273 -8.57 -11.10 -27.14
CA ALA B 273 -7.49 -11.18 -26.15
C ALA B 273 -8.08 -10.77 -24.81
N PHE B 274 -7.47 -11.15 -23.69
CA PHE B 274 -8.10 -11.07 -22.35
C PHE B 274 -7.84 -9.71 -21.69
N SER B 275 -6.57 -9.33 -21.48
CA SER B 275 -6.17 -8.18 -20.63
C SER B 275 -6.81 -6.87 -21.12
N GLY B 276 -7.29 -6.06 -20.16
CA GLY B 276 -7.90 -4.74 -20.42
C GLY B 276 -9.41 -4.83 -20.51
N LYS B 277 -9.97 -6.04 -20.39
CA LYS B 277 -11.42 -6.30 -20.59
C LYS B 277 -12.01 -6.88 -19.31
N ASP B 278 -13.10 -6.27 -18.84
CA ASP B 278 -13.94 -6.77 -17.72
C ASP B 278 -14.72 -8.00 -18.21
N ALA B 279 -15.30 -8.77 -17.28
CA ALA B 279 -15.90 -10.10 -17.55
C ALA B 279 -17.21 -9.97 -18.34
N THR B 280 -17.77 -8.75 -18.46
CA THR B 280 -18.83 -8.36 -19.42
C THR B 280 -18.45 -8.86 -20.83
N LYS B 281 -17.15 -8.92 -21.12
CA LYS B 281 -16.62 -9.34 -22.44
C LYS B 281 -16.58 -10.87 -22.48
N VAL B 282 -17.54 -11.49 -23.18
CA VAL B 282 -17.70 -12.98 -23.24
C VAL B 282 -16.43 -13.58 -23.86
N ASP B 283 -15.77 -12.87 -24.79
CA ASP B 283 -14.38 -13.20 -25.25
C ASP B 283 -13.57 -13.71 -24.06
N ARG B 284 -13.59 -13.01 -22.92
CA ARG B 284 -12.73 -13.34 -21.75
C ARG B 284 -13.43 -14.38 -20.87
N SER B 285 -14.69 -14.11 -20.50
CA SER B 285 -15.44 -14.88 -19.47
C SER B 285 -15.73 -16.31 -19.98
N ALA B 286 -16.17 -16.47 -21.23
CA ALA B 286 -16.49 -17.79 -21.83
C ALA B 286 -15.19 -18.58 -22.05
N SER B 287 -14.07 -17.92 -22.35
CA SER B 287 -12.75 -18.58 -22.50
C SER B 287 -12.32 -19.17 -21.17
N TYR B 288 -12.56 -18.43 -20.08
CA TYR B 288 -12.30 -18.90 -18.70
C TYR B 288 -13.22 -20.08 -18.40
N ALA B 289 -14.50 -19.96 -18.78
CA ALA B 289 -15.53 -20.98 -18.57
C ALA B 289 -15.16 -22.26 -19.35
N ALA B 290 -14.78 -22.09 -20.63
CA ALA B 290 -14.33 -23.20 -21.52
C ALA B 290 -13.17 -23.95 -20.86
N ARG B 291 -12.22 -23.27 -20.24
CA ARG B 291 -11.09 -23.93 -19.55
C ARG B 291 -11.64 -24.72 -18.35
N TYR B 292 -12.51 -24.09 -17.56
CA TYR B 292 -13.16 -24.66 -16.34
C TYR B 292 -13.78 -26.01 -16.72
N ILE B 293 -14.50 -26.06 -17.86
CA ILE B 293 -15.16 -27.30 -18.37
C ILE B 293 -14.06 -28.31 -18.69
N ALA B 294 -13.28 -28.07 -19.75
CA ALA B 294 -12.15 -28.92 -20.20
C ALA B 294 -11.42 -29.51 -19.00
N LYS B 295 -11.06 -28.69 -18.02
CA LYS B 295 -10.21 -29.12 -16.89
C LYS B 295 -10.98 -30.12 -16.03
N ASN B 296 -12.25 -29.84 -15.75
CA ASN B 296 -13.11 -30.69 -14.88
C ASN B 296 -13.37 -32.03 -15.60
N VAL B 297 -13.69 -32.00 -16.91
CA VAL B 297 -13.88 -33.22 -17.76
C VAL B 297 -12.66 -34.13 -17.57
N VAL B 298 -11.46 -33.59 -17.82
CA VAL B 298 -10.20 -34.39 -17.82
C VAL B 298 -9.86 -34.79 -16.39
N ALA B 299 -10.04 -33.89 -15.41
CA ALA B 299 -9.81 -34.17 -13.97
C ALA B 299 -10.71 -35.32 -13.52
N ALA B 300 -11.93 -35.40 -14.06
CA ALA B 300 -12.92 -36.46 -13.74
C ALA B 300 -12.52 -37.77 -14.42
N GLY B 301 -11.57 -37.75 -15.36
CA GLY B 301 -11.08 -38.93 -16.11
C GLY B 301 -12.02 -39.31 -17.24
N LEU B 302 -12.91 -38.40 -17.66
CA LEU B 302 -13.87 -38.62 -18.77
C LEU B 302 -13.15 -38.56 -20.12
N ALA B 303 -11.91 -38.04 -20.15
CA ALA B 303 -11.01 -38.06 -21.32
C ALA B 303 -9.58 -37.79 -20.85
N ASP B 304 -8.58 -38.10 -21.67
CA ASP B 304 -7.14 -37.80 -21.41
C ASP B 304 -6.88 -36.34 -21.82
N GLN B 305 -7.56 -35.90 -22.88
CA GLN B 305 -7.54 -34.51 -23.38
C GLN B 305 -8.92 -34.18 -23.94
N VAL B 306 -9.31 -32.92 -23.90
CA VAL B 306 -10.54 -32.41 -24.59
C VAL B 306 -10.30 -30.94 -24.97
N GLU B 307 -10.69 -30.58 -26.19
CA GLU B 307 -10.94 -29.18 -26.60
C GLU B 307 -12.45 -28.94 -26.51
N VAL B 308 -12.87 -27.95 -25.72
CA VAL B 308 -14.28 -27.52 -25.63
C VAL B 308 -14.48 -26.33 -26.55
N GLN B 309 -15.55 -26.35 -27.35
CA GLN B 309 -15.89 -25.30 -28.33
C GLN B 309 -17.28 -24.74 -27.99
N LEU B 310 -17.35 -23.46 -27.62
CA LEU B 310 -18.61 -22.76 -27.29
C LEU B 310 -18.94 -21.76 -28.39
N ALA B 311 -20.17 -21.82 -28.91
CA ALA B 311 -20.71 -20.91 -29.93
C ALA B 311 -21.86 -20.12 -29.30
N TYR B 312 -21.73 -18.80 -29.28
CA TYR B 312 -22.79 -17.88 -28.80
C TYR B 312 -23.42 -17.19 -30.00
N ALA B 313 -24.74 -16.99 -29.97
CA ALA B 313 -25.48 -16.14 -30.92
C ALA B 313 -25.84 -14.81 -30.24
N ILE B 314 -25.85 -13.73 -31.02
CA ILE B 314 -26.14 -12.35 -30.50
C ILE B 314 -27.53 -12.37 -29.88
N GLY B 315 -27.63 -11.93 -28.62
CA GLY B 315 -28.87 -11.87 -27.84
C GLY B 315 -29.47 -13.25 -27.60
N VAL B 316 -28.64 -14.26 -27.35
CA VAL B 316 -29.07 -15.56 -26.74
C VAL B 316 -28.06 -15.92 -25.65
N ALA B 317 -28.52 -15.89 -24.39
CA ALA B 317 -27.69 -16.03 -23.17
C ALA B 317 -26.98 -17.39 -23.22
N GLU B 318 -27.76 -18.45 -23.38
CA GLU B 318 -27.26 -19.84 -23.48
C GLU B 318 -26.40 -19.95 -24.74
N PRO B 319 -25.27 -20.69 -24.69
CA PRO B 319 -24.54 -21.04 -25.90
C PRO B 319 -25.48 -21.79 -26.85
N VAL B 320 -25.49 -21.39 -28.12
CA VAL B 320 -26.37 -22.00 -29.16
C VAL B 320 -25.84 -23.40 -29.53
N SER B 321 -24.57 -23.68 -29.26
CA SER B 321 -23.91 -24.94 -29.68
C SER B 321 -22.68 -25.22 -28.82
N ILE B 322 -22.50 -26.47 -28.40
CA ILE B 322 -21.26 -26.96 -27.73
C ILE B 322 -20.73 -28.18 -28.50
N ALA B 323 -19.53 -28.05 -29.04
CA ALA B 323 -18.76 -29.16 -29.64
C ALA B 323 -17.66 -29.55 -28.66
N VAL B 324 -17.06 -30.69 -28.90
CA VAL B 324 -16.11 -31.32 -27.94
C VAL B 324 -15.24 -32.25 -28.78
N ASP B 325 -13.92 -32.15 -28.65
CA ASP B 325 -12.97 -33.05 -29.35
C ASP B 325 -12.08 -33.70 -28.29
N THR B 326 -12.24 -35.01 -28.09
CA THR B 326 -11.48 -35.80 -27.10
C THR B 326 -10.25 -36.42 -27.77
N ALA B 327 -10.12 -36.28 -29.09
CA ALA B 327 -9.09 -36.98 -29.91
C ALA B 327 -9.20 -38.50 -29.68
N GLY B 328 -10.43 -39.02 -29.55
CA GLY B 328 -10.72 -40.45 -29.31
C GLY B 328 -10.12 -40.96 -28.01
N THR B 329 -9.84 -40.08 -27.04
CA THR B 329 -9.42 -40.44 -25.66
C THR B 329 -10.65 -40.44 -24.75
N GLY B 330 -11.82 -40.06 -25.29
CA GLY B 330 -13.10 -40.08 -24.58
C GLY B 330 -13.37 -41.46 -23.99
N LYS B 331 -13.62 -41.52 -22.66
CA LYS B 331 -14.12 -42.72 -21.93
C LYS B 331 -15.66 -42.76 -22.05
N VAL B 332 -16.25 -41.76 -22.70
CA VAL B 332 -17.72 -41.56 -22.83
C VAL B 332 -18.02 -41.03 -24.24
N SER B 333 -19.26 -41.18 -24.72
CA SER B 333 -19.77 -40.60 -25.99
C SER B 333 -19.52 -39.08 -26.02
N ASP B 334 -19.32 -38.50 -27.21
CA ASP B 334 -19.22 -37.02 -27.40
C ASP B 334 -20.57 -36.39 -27.04
N GLU B 335 -21.69 -36.93 -27.56
CA GLU B 335 -23.06 -36.41 -27.33
C GLU B 335 -23.40 -36.47 -25.83
N ALA B 336 -22.95 -37.51 -25.12
CA ALA B 336 -23.20 -37.75 -23.67
C ALA B 336 -22.38 -36.78 -22.82
N LEU B 337 -21.15 -36.49 -23.25
CA LEU B 337 -20.24 -35.53 -22.58
C LEU B 337 -20.80 -34.10 -22.71
N ILE B 338 -21.17 -33.69 -23.93
CA ILE B 338 -21.82 -32.36 -24.21
C ILE B 338 -23.04 -32.25 -23.29
N ASN B 339 -23.77 -33.34 -23.09
CA ASN B 339 -25.00 -33.38 -22.27
C ASN B 339 -24.65 -33.06 -20.81
N ALA B 340 -23.59 -33.68 -20.29
CA ALA B 340 -23.12 -33.50 -18.90
C ALA B 340 -22.73 -32.03 -18.70
N ILE B 341 -22.15 -31.42 -19.72
CA ILE B 341 -21.66 -30.01 -19.67
C ILE B 341 -22.86 -29.07 -19.61
N ARG B 342 -23.86 -29.28 -20.47
CA ARG B 342 -25.09 -28.44 -20.49
C ARG B 342 -25.79 -28.54 -19.12
N GLU B 343 -25.68 -29.69 -18.43
CA GLU B 343 -26.44 -29.93 -17.18
C GLU B 343 -25.69 -29.37 -15.95
N ASN B 344 -24.36 -29.19 -16.01
CA ASN B 344 -23.55 -28.90 -14.79
C ASN B 344 -22.83 -27.56 -14.84
N PHE B 345 -22.93 -26.82 -15.95
CA PHE B 345 -22.31 -25.48 -16.09
C PHE B 345 -23.38 -24.48 -16.55
N ASP B 346 -23.47 -23.37 -15.83
CA ASP B 346 -24.16 -22.14 -16.26
C ASP B 346 -23.22 -21.41 -17.20
N LEU B 347 -23.60 -21.30 -18.48
CA LEU B 347 -22.71 -20.81 -19.57
C LEU B 347 -23.29 -19.53 -20.18
N ARG B 348 -24.26 -18.91 -19.52
CA ARG B 348 -24.76 -17.56 -19.87
C ARG B 348 -23.73 -16.54 -19.37
N PRO B 349 -23.50 -15.44 -20.12
CA PRO B 349 -22.47 -14.46 -19.75
C PRO B 349 -22.61 -14.06 -18.27
N ALA B 350 -23.83 -13.68 -17.87
CA ALA B 350 -24.22 -13.34 -16.48
C ALA B 350 -23.97 -14.53 -15.56
N GLY B 351 -24.37 -15.72 -16.00
CA GLY B 351 -24.20 -17.00 -15.27
C GLY B 351 -22.75 -17.26 -14.94
N ILE B 352 -21.87 -17.11 -15.92
CA ILE B 352 -20.41 -17.39 -15.79
C ILE B 352 -19.81 -16.43 -14.75
N ILE B 353 -20.23 -15.16 -14.79
CA ILE B 353 -19.74 -14.09 -13.87
C ILE B 353 -20.08 -14.49 -12.42
N LYS B 354 -21.35 -14.85 -12.15
CA LYS B 354 -21.79 -15.33 -10.81
C LYS B 354 -21.05 -16.63 -10.47
N MET B 355 -21.02 -17.59 -11.40
CA MET B 355 -20.45 -18.96 -11.21
C MET B 355 -18.99 -18.84 -10.77
N LEU B 356 -18.18 -18.04 -11.47
CA LEU B 356 -16.72 -17.97 -11.21
C LEU B 356 -16.37 -16.73 -10.36
N ASP B 357 -17.37 -15.93 -9.98
CA ASP B 357 -17.19 -14.71 -9.13
C ASP B 357 -16.13 -13.81 -9.78
N LEU B 358 -16.47 -13.20 -10.91
CA LEU B 358 -15.51 -12.53 -11.81
C LEU B 358 -15.51 -11.01 -11.62
N GLN B 359 -16.44 -10.47 -10.84
CA GLN B 359 -16.49 -9.01 -10.55
C GLN B 359 -15.69 -8.74 -9.27
N ARG B 360 -14.44 -9.21 -9.28
CA ARG B 360 -13.42 -8.97 -8.23
C ARG B 360 -12.12 -8.57 -8.92
N PRO B 361 -11.21 -7.84 -8.24
CA PRO B 361 -9.93 -7.48 -8.86
C PRO B 361 -8.92 -8.65 -8.88
N ILE B 362 -9.07 -9.61 -9.81
CA ILE B 362 -8.30 -10.88 -9.80
C ILE B 362 -7.50 -11.03 -11.09
N TYR B 363 -7.35 -9.96 -11.89
CA TYR B 363 -6.92 -10.03 -13.32
C TYR B 363 -5.47 -9.61 -13.53
N ARG B 364 -4.94 -8.66 -12.75
CA ARG B 364 -3.52 -8.25 -12.93
C ARG B 364 -2.66 -9.51 -12.87
N GLN B 365 -2.94 -10.40 -11.91
CA GLN B 365 -2.27 -11.72 -11.67
C GLN B 365 -2.15 -12.59 -12.93
N THR B 366 -3.13 -12.50 -13.85
CA THR B 366 -3.27 -13.39 -15.03
C THR B 366 -2.42 -12.88 -16.21
N ALA B 367 -2.02 -11.61 -16.15
CA ALA B 367 -1.50 -10.87 -17.33
C ALA B 367 -0.03 -11.25 -17.57
N ALA B 368 0.56 -12.10 -16.74
CA ALA B 368 1.86 -12.76 -17.02
C ALA B 368 1.86 -14.20 -16.48
N TYR B 369 2.60 -15.09 -17.15
CA TYR B 369 2.82 -16.52 -16.75
C TYR B 369 1.56 -17.37 -16.99
N GLY B 370 0.64 -16.91 -17.84
CA GLY B 370 -0.50 -17.69 -18.36
C GLY B 370 -1.78 -17.49 -17.54
N HIS B 371 -2.93 -17.47 -18.24
CA HIS B 371 -4.28 -17.43 -17.64
C HIS B 371 -4.66 -18.83 -17.15
N PHE B 372 -4.06 -19.87 -17.74
CA PHE B 372 -4.45 -21.28 -17.52
C PHE B 372 -3.28 -22.08 -16.96
N GLY B 373 -3.61 -23.01 -16.06
CA GLY B 373 -2.68 -24.00 -15.49
C GLY B 373 -1.93 -23.45 -14.31
N ARG B 374 -2.52 -22.46 -13.62
CA ARG B 374 -1.79 -21.70 -12.58
C ARG B 374 -1.95 -22.41 -11.24
N THR B 375 -0.82 -22.85 -10.69
CA THR B 375 -0.67 -23.53 -9.38
C THR B 375 -0.24 -22.53 -8.30
N ASP B 376 0.38 -21.42 -8.72
CA ASP B 376 1.02 -20.41 -7.83
C ASP B 376 0.00 -19.38 -7.32
N ILE B 377 -1.14 -19.23 -7.98
CA ILE B 377 -2.26 -18.34 -7.56
C ILE B 377 -3.57 -19.10 -7.69
N ASP B 378 -4.65 -18.54 -7.13
CA ASP B 378 -5.98 -19.20 -7.07
C ASP B 378 -6.93 -18.49 -8.05
N LEU B 379 -7.17 -19.10 -9.21
CA LEU B 379 -8.13 -18.62 -10.24
C LEU B 379 -9.35 -19.53 -10.22
N PRO B 380 -10.58 -18.96 -10.20
CA PRO B 380 -11.80 -19.76 -10.07
C PRO B 380 -11.93 -20.84 -11.15
N TRP B 381 -11.59 -20.50 -12.41
CA TRP B 381 -11.73 -21.38 -13.59
C TRP B 381 -10.70 -22.54 -13.57
N GLU B 382 -9.81 -22.60 -12.57
CA GLU B 382 -8.82 -23.69 -12.36
C GLU B 382 -9.29 -24.64 -11.25
N HIS B 383 -10.28 -24.25 -10.45
CA HIS B 383 -10.94 -25.15 -9.45
C HIS B 383 -11.49 -26.38 -10.17
N THR B 384 -11.32 -27.56 -9.58
CA THR B 384 -11.83 -28.86 -10.11
C THR B 384 -13.00 -29.31 -9.23
N ASP B 385 -13.91 -28.38 -8.91
CA ASP B 385 -15.03 -28.59 -7.95
C ASP B 385 -16.29 -29.08 -8.67
N LYS B 386 -16.23 -29.36 -9.98
CA LYS B 386 -17.38 -29.91 -10.75
C LYS B 386 -17.12 -31.38 -11.12
N VAL B 387 -16.06 -31.98 -10.58
CA VAL B 387 -15.62 -33.38 -10.91
C VAL B 387 -16.75 -34.35 -10.52
N ASP B 388 -17.15 -34.33 -9.26
CA ASP B 388 -18.19 -35.25 -8.72
C ASP B 388 -19.49 -35.04 -9.49
N ALA B 389 -19.86 -33.80 -9.80
CA ALA B 389 -21.07 -33.48 -10.60
C ALA B 389 -21.00 -34.22 -11.94
N LEU B 390 -19.84 -34.19 -12.63
CA LEU B 390 -19.76 -34.83 -13.98
C LEU B 390 -19.55 -36.35 -13.84
N LYS B 391 -18.69 -36.85 -12.93
CA LYS B 391 -18.61 -38.30 -12.59
C LYS B 391 -20.04 -38.83 -12.40
N ALA B 392 -20.82 -38.20 -11.52
CA ALA B 392 -22.18 -38.60 -11.12
C ALA B 392 -23.13 -38.64 -12.33
N ALA B 393 -22.92 -37.78 -13.34
CA ALA B 393 -23.82 -37.69 -14.53
C ALA B 393 -23.73 -38.98 -15.37
N ARG C 4 8.39 58.97 -39.74
CA ARG C 4 6.94 58.60 -39.46
C ARG C 4 6.88 57.65 -38.27
N HIS C 5 6.36 58.08 -37.11
CA HIS C 5 6.39 57.27 -35.86
C HIS C 5 5.20 56.31 -35.86
N LEU C 6 5.38 55.10 -36.37
CA LEU C 6 4.33 54.03 -36.48
C LEU C 6 4.57 52.95 -35.43
N PHE C 7 3.51 52.44 -34.81
CA PHE C 7 3.59 51.34 -33.81
C PHE C 7 2.43 50.35 -33.99
N THR C 8 2.77 49.05 -34.12
CA THR C 8 1.83 47.95 -34.39
C THR C 8 1.73 47.00 -33.19
N SER C 9 0.50 46.61 -32.83
CA SER C 9 0.19 45.55 -31.84
C SER C 9 -0.73 44.50 -32.51
N GLU C 10 -0.65 43.22 -32.12
CA GLU C 10 -1.57 42.17 -32.63
C GLU C 10 -2.40 41.62 -31.47
N SER C 11 -3.64 41.19 -31.77
CA SER C 11 -4.45 40.28 -30.93
C SER C 11 -4.92 39.11 -31.81
N VAL C 12 -5.34 38.02 -31.17
CA VAL C 12 -5.82 36.79 -31.87
C VAL C 12 -7.11 36.32 -31.17
N SER C 13 -7.97 35.63 -31.93
CA SER C 13 -9.28 35.09 -31.47
C SER C 13 -9.05 33.90 -30.54
N GLU C 14 -10.11 33.48 -29.83
CA GLU C 14 -10.20 32.18 -29.09
C GLU C 14 -9.74 31.03 -29.99
N GLY C 15 -10.00 31.15 -31.30
CA GLY C 15 -9.77 30.10 -32.31
C GLY C 15 -8.31 29.92 -32.68
N HIS C 16 -7.46 30.90 -32.43
CA HIS C 16 -6.01 30.82 -32.78
C HIS C 16 -5.39 29.69 -31.96
N PRO C 17 -4.54 28.83 -32.56
CA PRO C 17 -4.02 27.64 -31.87
C PRO C 17 -3.30 27.93 -30.55
N ASP C 18 -2.50 29.01 -30.51
CA ASP C 18 -1.75 29.44 -29.29
C ASP C 18 -2.76 29.82 -28.20
N LYS C 19 -3.89 30.43 -28.57
CA LYS C 19 -4.95 30.83 -27.62
C LYS C 19 -5.76 29.60 -27.21
N ILE C 20 -5.94 28.62 -28.10
CA ILE C 20 -6.62 27.32 -27.75
C ILE C 20 -5.81 26.70 -26.59
N ALA C 21 -4.49 26.60 -26.75
CA ALA C 21 -3.56 26.08 -25.71
C ALA C 21 -3.73 26.85 -24.40
N ASP C 22 -3.79 28.18 -24.46
CA ASP C 22 -3.84 29.06 -23.27
C ASP C 22 -5.19 28.83 -22.57
N GLN C 23 -6.28 28.76 -23.32
CA GLN C 23 -7.66 28.59 -22.77
C GLN C 23 -7.81 27.20 -22.13
N ILE C 24 -7.23 26.17 -22.75
CA ILE C 24 -7.29 24.78 -22.21
C ILE C 24 -6.54 24.77 -20.87
N SER C 25 -5.28 25.20 -20.85
CA SER C 25 -4.47 25.28 -19.62
C SER C 25 -5.26 25.98 -18.50
N ASP C 26 -5.93 27.10 -18.81
CA ASP C 26 -6.67 27.92 -17.80
C ASP C 26 -8.05 27.30 -17.50
N ALA C 27 -8.66 26.58 -18.44
CA ALA C 27 -9.95 25.85 -18.23
C ALA C 27 -9.72 24.77 -17.17
N ILE C 28 -8.60 24.05 -17.27
CA ILE C 28 -8.20 22.98 -16.31
C ILE C 28 -7.98 23.63 -14.93
N LEU C 29 -7.37 24.82 -14.91
CA LEU C 29 -7.11 25.58 -13.65
C LEU C 29 -8.46 25.92 -12.99
N ASP C 30 -9.38 26.49 -13.77
CA ASP C 30 -10.74 26.86 -13.28
C ASP C 30 -11.42 25.63 -12.69
N ALA C 31 -11.44 24.54 -13.46
CA ALA C 31 -12.10 23.26 -13.10
C ALA C 31 -11.67 22.85 -11.68
N MET C 32 -10.38 23.02 -11.37
CA MET C 32 -9.79 22.59 -10.08
C MET C 32 -10.08 23.60 -8.98
N LEU C 33 -9.94 24.90 -9.25
CA LEU C 33 -10.25 25.99 -8.28
C LEU C 33 -11.73 25.91 -7.90
N ALA C 34 -12.58 25.55 -8.86
CA ALA C 34 -14.05 25.39 -8.70
C ALA C 34 -14.35 24.42 -7.54
N GLN C 35 -13.48 23.43 -7.28
CA GLN C 35 -13.66 22.45 -6.18
C GLN C 35 -12.65 22.67 -5.07
N ASP C 36 -11.45 23.19 -5.37
CA ASP C 36 -10.31 23.32 -4.42
C ASP C 36 -9.65 24.69 -4.61
N PRO C 37 -10.08 25.73 -3.86
CA PRO C 37 -9.46 27.06 -3.96
C PRO C 37 -7.94 27.04 -3.73
N GLN C 38 -7.46 26.08 -2.94
CA GLN C 38 -6.03 25.93 -2.54
C GLN C 38 -5.25 25.19 -3.64
N ALA C 39 -5.91 24.75 -4.73
CA ALA C 39 -5.28 23.97 -5.82
C ALA C 39 -4.01 24.65 -6.32
N ARG C 40 -2.87 23.95 -6.25
CA ARG C 40 -1.61 24.30 -6.96
C ARG C 40 -1.64 23.69 -8.35
N VAL C 41 -1.32 24.48 -9.38
CA VAL C 41 -1.49 24.09 -10.81
C VAL C 41 -0.36 24.68 -11.65
N ALA C 42 0.18 23.88 -12.55
CA ALA C 42 1.23 24.24 -13.54
C ALA C 42 1.03 23.39 -14.79
N VAL C 43 0.12 23.79 -15.67
CA VAL C 43 -0.44 22.95 -16.75
C VAL C 43 -0.15 23.59 -18.12
N GLU C 44 0.75 22.97 -18.87
CA GLU C 44 1.07 23.37 -20.27
C GLU C 44 0.13 22.60 -21.20
N THR C 45 -0.22 23.19 -22.34
CA THR C 45 -0.99 22.55 -23.43
C THR C 45 -0.25 22.80 -24.74
N SER C 46 -0.22 21.80 -25.61
CA SER C 46 0.32 21.86 -26.98
C SER C 46 -0.78 21.37 -27.92
N VAL C 47 -0.92 22.00 -29.07
CA VAL C 47 -2.00 21.70 -30.04
C VAL C 47 -1.38 21.75 -31.42
N THR C 48 -1.56 20.68 -32.21
CA THR C 48 -1.17 20.64 -33.65
C THR C 48 -2.25 19.82 -34.38
N THR C 49 -1.98 19.41 -35.62
CA THR C 49 -3.01 18.77 -36.49
C THR C 49 -3.70 17.67 -35.68
N GLY C 50 -4.97 17.92 -35.33
CA GLY C 50 -5.90 16.93 -34.75
C GLY C 50 -5.49 16.47 -33.37
N LEU C 51 -4.60 17.19 -32.69
CA LEU C 51 -3.97 16.73 -31.42
C LEU C 51 -4.01 17.82 -30.34
N VAL C 52 -4.29 17.41 -29.10
CA VAL C 52 -4.15 18.24 -27.88
C VAL C 52 -3.37 17.43 -26.84
N LEU C 53 -2.09 17.76 -26.62
CA LEU C 53 -1.31 17.18 -25.50
C LEU C 53 -1.41 18.11 -24.29
N VAL C 54 -1.93 17.62 -23.16
CA VAL C 54 -1.94 18.34 -21.86
C VAL C 54 -0.88 17.68 -20.96
N PHE C 55 0.00 18.49 -20.37
CA PHE C 55 1.11 17.99 -19.50
C PHE C 55 1.42 19.04 -18.44
N GLY C 56 1.85 18.60 -17.27
CA GLY C 56 2.23 19.51 -16.18
C GLY C 56 2.11 18.83 -14.83
N GLU C 57 2.49 19.56 -13.79
CA GLU C 57 2.37 19.15 -12.36
C GLU C 57 1.06 19.74 -11.84
N VAL C 58 0.41 19.06 -10.90
CA VAL C 58 -0.81 19.55 -10.23
C VAL C 58 -0.81 18.95 -8.82
N SER C 59 -1.49 19.62 -7.89
CA SER C 59 -1.64 19.19 -6.48
C SER C 59 -2.97 19.71 -5.97
N THR C 60 -4.00 18.86 -5.89
CA THR C 60 -5.37 19.33 -5.58
C THR C 60 -6.22 18.22 -4.96
N LYS C 61 -7.25 18.61 -4.21
CA LYS C 61 -8.27 17.70 -3.66
C LYS C 61 -9.40 17.51 -4.70
N ALA C 62 -9.37 18.29 -5.79
CA ALA C 62 -10.40 18.26 -6.86
C ALA C 62 -10.32 16.96 -7.65
N TYR C 63 -11.47 16.43 -8.08
CA TYR C 63 -11.62 15.36 -9.10
C TYR C 63 -12.14 16.00 -10.38
N VAL C 64 -11.31 16.06 -11.42
CA VAL C 64 -11.62 16.72 -12.72
C VAL C 64 -11.41 15.73 -13.85
N ASP C 65 -12.41 15.57 -14.73
CA ASP C 65 -12.28 14.80 -15.99
C ASP C 65 -11.58 15.70 -17.01
N ILE C 66 -10.25 15.65 -17.08
CA ILE C 66 -9.40 16.51 -17.95
C ILE C 66 -9.93 16.44 -19.40
N GLN C 67 -10.13 15.22 -19.92
CA GLN C 67 -10.70 14.98 -21.28
C GLN C 67 -11.95 15.82 -21.48
N LYS C 68 -12.88 15.79 -20.53
CA LYS C 68 -14.17 16.53 -20.67
C LYS C 68 -13.87 18.04 -20.67
N VAL C 69 -12.98 18.51 -19.79
CA VAL C 69 -12.60 19.95 -19.72
C VAL C 69 -12.00 20.37 -21.07
N VAL C 70 -11.00 19.64 -21.57
CA VAL C 70 -10.31 19.98 -22.86
C VAL C 70 -11.36 20.05 -23.98
N ARG C 71 -12.20 19.03 -24.11
CA ARG C 71 -13.13 18.87 -25.27
C ARG C 71 -14.22 19.94 -25.19
N ASP C 72 -14.70 20.23 -23.97
CA ASP C 72 -15.72 21.28 -23.71
C ASP C 72 -15.13 22.66 -24.05
N THR C 73 -13.89 22.95 -23.65
CA THR C 73 -13.22 24.24 -23.95
C THR C 73 -13.20 24.42 -25.46
N ILE C 74 -12.74 23.40 -26.19
CA ILE C 74 -12.57 23.41 -27.66
C ILE C 74 -13.92 23.65 -28.34
N LYS C 75 -15.00 23.17 -27.72
CA LYS C 75 -16.36 23.31 -28.29
C LYS C 75 -16.87 24.74 -28.11
N SER C 76 -16.69 25.36 -26.94
CA SER C 76 -17.06 26.78 -26.68
C SER C 76 -16.40 27.67 -27.71
N ILE C 77 -15.10 27.46 -27.93
CA ILE C 77 -14.28 28.20 -28.94
C ILE C 77 -14.99 28.15 -30.30
N GLY C 78 -15.67 27.03 -30.61
CA GLY C 78 -16.56 26.93 -31.78
C GLY C 78 -16.26 25.74 -32.67
N TYR C 79 -15.26 24.92 -32.33
CA TYR C 79 -14.86 23.71 -33.07
C TYR C 79 -15.77 22.53 -32.69
N VAL C 80 -16.94 22.41 -33.33
CA VAL C 80 -18.12 21.58 -32.90
C VAL C 80 -18.65 20.82 -34.14
N ASP C 81 -19.15 19.60 -34.00
CA ASP C 81 -19.85 18.88 -35.11
C ASP C 81 -19.04 18.87 -36.43
N GLY C 82 -17.72 18.74 -36.38
CA GLY C 82 -16.92 18.04 -37.42
C GLY C 82 -16.80 18.77 -38.73
N GLN C 83 -17.21 20.03 -38.83
CA GLN C 83 -17.14 20.80 -40.11
C GLN C 83 -15.67 21.14 -40.42
N TYR C 84 -14.96 21.58 -39.38
CA TYR C 84 -13.84 22.56 -39.44
C TYR C 84 -12.51 21.86 -39.68
N GLY C 85 -12.50 20.54 -39.53
CA GLY C 85 -11.26 19.74 -39.58
C GLY C 85 -10.59 19.65 -38.22
N PHE C 86 -10.94 20.57 -37.30
CA PHE C 86 -10.68 20.43 -35.85
C PHE C 86 -12.03 20.44 -35.13
N ASP C 87 -12.20 19.48 -34.22
CA ASP C 87 -13.48 19.19 -33.55
C ASP C 87 -13.20 18.74 -32.12
N GLY C 88 -13.99 19.23 -31.17
CA GLY C 88 -13.86 18.92 -29.73
C GLY C 88 -14.16 17.47 -29.46
N ASP C 89 -15.02 16.85 -30.28
CA ASP C 89 -15.50 15.45 -30.08
C ASP C 89 -14.55 14.44 -30.76
N ASN C 90 -13.82 14.85 -31.80
CA ASN C 90 -13.15 13.93 -32.76
C ASN C 90 -11.63 14.04 -32.68
N CYS C 91 -11.08 15.10 -32.11
CA CYS C 91 -9.62 15.32 -32.03
C CYS C 91 -9.04 14.37 -30.98
N ALA C 92 -7.77 14.01 -31.14
CA ALA C 92 -6.94 13.31 -30.12
C ALA C 92 -6.72 14.24 -28.93
N VAL C 93 -6.83 13.69 -27.71
CA VAL C 93 -6.45 14.36 -26.44
C VAL C 93 -5.58 13.40 -25.63
N LEU C 94 -4.29 13.72 -25.46
CA LEU C 94 -3.34 12.94 -24.63
C LEU C 94 -3.01 13.76 -23.39
N VAL C 95 -2.92 13.10 -22.23
CA VAL C 95 -2.78 13.78 -20.92
C VAL C 95 -1.62 13.16 -20.15
N SER C 96 -0.65 13.97 -19.74
CA SER C 96 0.50 13.55 -18.91
C SER C 96 0.59 14.47 -17.68
N LEU C 97 -0.23 14.20 -16.65
CA LEU C 97 -0.31 15.00 -15.39
C LEU C 97 0.38 14.25 -14.25
N ASP C 98 1.34 14.89 -13.57
CA ASP C 98 1.96 14.42 -12.30
C ASP C 98 1.10 14.94 -11.13
N GLU C 99 1.21 14.31 -9.96
CA GLU C 99 0.43 14.61 -8.73
C GLU C 99 1.40 14.73 -7.56
N PRO C 121 1.19 36.57 9.47
CA PRO C 121 -0.20 36.62 8.99
C PRO C 121 -0.40 35.94 7.62
N LEU C 122 -0.30 36.75 6.55
CA LEU C 122 -0.09 36.34 5.14
C LEU C 122 1.26 36.93 4.71
N ASP C 123 2.19 36.93 5.68
CA ASP C 123 3.60 37.32 5.52
C ASP C 123 4.39 36.05 5.17
N GLN C 124 4.29 35.05 6.04
CA GLN C 124 5.29 33.95 6.12
C GLN C 124 5.30 33.15 4.80
N ILE C 125 4.25 33.23 3.96
CA ILE C 125 4.30 32.75 2.54
C ILE C 125 5.02 33.85 1.72
N GLY C 126 6.35 33.73 1.60
CA GLY C 126 7.21 34.57 0.76
C GLY C 126 7.29 34.04 -0.66
N ALA C 127 7.94 34.79 -1.57
CA ALA C 127 8.03 34.49 -3.02
C ALA C 127 9.00 33.31 -3.24
N GLY C 128 8.81 32.57 -4.34
CA GLY C 128 9.63 31.41 -4.72
C GLY C 128 10.61 31.72 -5.84
N ASP C 129 10.29 32.73 -6.66
CA ASP C 129 11.10 33.24 -7.79
C ASP C 129 11.74 34.57 -7.34
N GLN C 130 13.05 34.74 -7.57
CA GLN C 130 13.73 36.06 -7.56
C GLN C 130 13.41 36.79 -8.87
N GLY C 131 12.20 37.37 -8.97
CA GLY C 131 11.60 37.82 -10.23
C GLY C 131 11.47 39.34 -10.32
N MET C 132 11.28 39.82 -11.55
CA MET C 132 10.74 41.15 -11.92
C MET C 132 9.33 40.95 -12.48
N MET C 133 8.38 41.79 -12.11
CA MET C 133 7.05 41.88 -12.77
C MET C 133 6.78 43.36 -13.08
N PHE C 134 6.08 43.63 -14.18
CA PHE C 134 5.78 44.98 -14.68
C PHE C 134 4.26 45.17 -14.81
N GLY C 135 3.80 46.37 -14.47
CA GLY C 135 2.43 46.85 -14.75
C GLY C 135 2.48 48.10 -15.60
N TYR C 136 1.41 48.38 -16.35
CA TYR C 136 1.34 49.55 -17.25
C TYR C 136 -0.10 50.00 -17.38
N ALA C 137 -0.27 51.31 -17.56
CA ALA C 137 -1.55 51.97 -17.84
C ALA C 137 -1.24 53.30 -18.55
N ILE C 138 -2.18 53.77 -19.36
CA ILE C 138 -2.02 55.00 -20.18
C ILE C 138 -3.41 55.45 -20.61
N ASN C 139 -3.67 56.76 -20.57
CA ASN C 139 -5.02 57.32 -20.79
C ASN C 139 -5.27 57.47 -22.30
N GLU C 140 -4.67 56.60 -23.13
CA GLU C 140 -4.90 56.56 -24.61
C GLU C 140 -6.31 56.00 -24.90
N THR C 141 -6.89 55.23 -23.96
CA THR C 141 -8.21 54.55 -24.11
C THR C 141 -8.94 54.55 -22.77
N PRO C 142 -10.29 54.44 -22.74
CA PRO C 142 -11.04 54.48 -21.48
C PRO C 142 -10.60 53.38 -20.49
N GLU C 143 -10.28 52.19 -21.03
CA GLU C 143 -9.80 51.01 -20.24
C GLU C 143 -8.37 51.25 -19.74
N LEU C 144 -7.71 52.34 -20.17
CA LEU C 144 -6.36 52.78 -19.72
C LEU C 144 -5.31 51.81 -20.24
N MET C 145 -5.46 51.42 -21.50
CA MET C 145 -4.51 50.55 -22.25
C MET C 145 -3.96 51.34 -23.45
N PRO C 146 -2.76 50.99 -23.96
CA PRO C 146 -2.27 51.53 -25.21
C PRO C 146 -3.29 51.33 -26.34
N LEU C 147 -3.36 52.27 -27.27
CA LEU C 147 -4.40 52.26 -28.32
C LEU C 147 -4.23 51.05 -29.25
N PRO C 148 -3.00 50.69 -29.69
CA PRO C 148 -2.83 49.57 -30.62
C PRO C 148 -3.35 48.23 -30.05
N ILE C 149 -2.86 47.80 -28.89
CA ILE C 149 -3.30 46.49 -28.29
C ILE C 149 -4.80 46.55 -28.00
N ALA C 150 -5.32 47.65 -27.46
CA ALA C 150 -6.74 47.80 -27.10
C ALA C 150 -7.62 47.59 -28.33
N LEU C 151 -7.26 48.19 -29.47
CA LEU C 151 -8.11 48.15 -30.70
C LEU C 151 -8.06 46.75 -31.30
N SER C 152 -6.85 46.18 -31.40
CA SER C 152 -6.61 44.77 -31.78
C SER C 152 -7.55 43.86 -30.98
N HIS C 153 -7.50 43.91 -29.64
CA HIS C 153 -8.40 43.11 -28.76
C HIS C 153 -9.87 43.36 -29.13
N ARG C 154 -10.29 44.61 -29.32
CA ARG C 154 -11.72 44.94 -29.58
C ARG C 154 -12.17 44.30 -30.90
N LEU C 155 -11.27 44.22 -31.89
CA LEU C 155 -11.56 43.63 -33.22
C LEU C 155 -11.78 42.12 -33.11
N MET C 156 -10.90 41.43 -32.38
CA MET C 156 -10.99 39.95 -32.18
C MET C 156 -12.23 39.64 -31.34
N ARG C 157 -12.55 40.45 -30.34
CA ARG C 157 -13.74 40.24 -29.48
C ARG C 157 -15.03 40.47 -30.29
N LYS C 158 -15.01 41.38 -31.28
CA LYS C 158 -16.22 41.70 -32.09
C LYS C 158 -16.46 40.57 -33.10
N ILE C 159 -15.43 40.21 -33.88
CA ILE C 159 -15.43 39.05 -34.82
C ILE C 159 -15.99 37.81 -34.11
N ALA C 160 -15.57 37.56 -32.87
CA ALA C 160 -15.95 36.37 -32.08
C ALA C 160 -17.44 36.47 -31.73
N ALA C 161 -17.85 37.57 -31.12
CA ALA C 161 -19.26 37.84 -30.75
C ALA C 161 -20.16 37.65 -31.98
N LEU C 162 -19.73 38.10 -33.17
CA LEU C 162 -20.55 38.08 -34.42
C LEU C 162 -20.73 36.63 -34.90
N ARG C 163 -19.68 35.81 -34.77
CA ARG C 163 -19.73 34.35 -35.04
C ARG C 163 -20.75 33.72 -34.08
N LYS C 164 -20.51 33.87 -32.78
CA LYS C 164 -21.19 33.12 -31.68
C LYS C 164 -22.67 33.49 -31.57
N ASP C 165 -23.07 34.75 -31.78
CA ASP C 165 -24.51 35.13 -31.69
C ASP C 165 -25.19 34.81 -33.03
N GLY C 166 -24.42 34.37 -34.05
CA GLY C 166 -24.95 33.84 -35.32
C GLY C 166 -25.24 34.92 -36.34
N THR C 167 -24.78 36.17 -36.09
CA THR C 167 -24.95 37.34 -36.98
C THR C 167 -24.30 37.08 -38.35
N ILE C 168 -23.14 36.43 -38.36
CA ILE C 168 -22.39 36.02 -39.60
C ILE C 168 -22.04 34.53 -39.46
N LYS C 169 -22.79 33.65 -40.14
CA LYS C 169 -22.76 32.17 -39.94
C LYS C 169 -21.55 31.54 -40.66
N TRP C 170 -20.90 32.28 -41.58
CA TRP C 170 -19.76 31.78 -42.38
C TRP C 170 -18.41 32.05 -41.70
N LEU C 171 -18.42 32.69 -40.52
CA LEU C 171 -17.17 32.96 -39.76
C LEU C 171 -16.74 31.68 -39.08
N ARG C 172 -15.44 31.41 -39.04
CA ARG C 172 -14.87 30.25 -38.29
C ARG C 172 -13.97 30.79 -37.18
N PRO C 173 -13.62 29.96 -36.18
CA PRO C 173 -13.01 30.46 -34.94
C PRO C 173 -11.71 31.26 -35.12
N ASP C 174 -10.77 30.77 -35.92
CA ASP C 174 -9.38 31.31 -35.98
C ASP C 174 -9.43 32.67 -36.69
N ALA C 175 -8.85 33.69 -36.05
CA ALA C 175 -8.76 35.07 -36.57
C ALA C 175 -7.60 35.81 -35.89
N LYS C 176 -7.11 36.85 -36.54
CA LYS C 176 -5.93 37.64 -36.13
C LYS C 176 -6.15 39.09 -36.56
N ALA C 177 -5.76 40.05 -35.71
CA ALA C 177 -5.77 41.50 -36.05
C ALA C 177 -4.43 42.13 -35.69
N GLN C 178 -3.94 42.98 -36.57
CA GLN C 178 -2.75 43.83 -36.33
C GLN C 178 -3.13 45.27 -36.64
N VAL C 179 -3.07 46.15 -35.63
CA VAL C 179 -3.46 47.58 -35.76
C VAL C 179 -2.19 48.43 -35.62
N THR C 180 -1.84 49.13 -36.70
CA THR C 180 -0.72 50.10 -36.76
C THR C 180 -1.28 51.48 -36.48
N VAL C 181 -0.88 52.09 -35.37
CA VAL C 181 -1.26 53.49 -35.01
C VAL C 181 -0.09 54.41 -35.35
N GLU C 182 -0.39 55.56 -35.99
CA GLU C 182 0.60 56.63 -36.24
C GLU C 182 0.61 57.61 -35.06
N TYR C 183 1.80 57.90 -34.52
CA TYR C 183 2.02 58.81 -33.36
C TYR C 183 2.68 60.11 -33.84
N ASP C 184 2.27 61.25 -33.27
CA ASP C 184 2.82 62.59 -33.60
C ASP C 184 4.19 62.80 -32.92
N GLU C 185 4.77 64.00 -33.09
CA GLU C 185 6.09 64.35 -32.50
C GLU C 185 6.06 64.18 -30.97
N ASP C 186 4.96 64.50 -30.27
CA ASP C 186 4.85 64.37 -28.78
C ASP C 186 4.38 62.95 -28.38
N ASN C 187 4.38 62.02 -29.32
CA ASN C 187 4.00 60.59 -29.16
C ASN C 187 2.57 60.50 -28.63
N GLN C 188 1.66 61.29 -29.19
CA GLN C 188 0.20 61.18 -29.00
C GLN C 188 -0.39 60.47 -30.21
N PRO C 189 -1.44 59.63 -30.04
CA PRO C 189 -2.05 58.93 -31.17
C PRO C 189 -2.66 59.93 -32.18
N LYS C 190 -2.05 60.07 -33.36
CA LYS C 190 -2.46 61.03 -34.43
C LYS C 190 -3.58 60.40 -35.27
N ARG C 191 -3.41 59.16 -35.73
CA ARG C 191 -4.37 58.46 -36.64
C ARG C 191 -4.13 56.94 -36.61
N ILE C 192 -5.04 56.18 -37.21
CA ILE C 192 -4.88 54.72 -37.46
C ILE C 192 -4.41 54.52 -38.90
N ASP C 193 -3.19 54.01 -39.09
CA ASP C 193 -2.51 53.94 -40.40
C ASP C 193 -3.01 52.71 -41.17
N THR C 194 -2.88 51.52 -40.56
CA THR C 194 -3.23 50.22 -41.16
C THR C 194 -3.97 49.33 -40.16
N VAL C 195 -5.06 48.71 -40.60
CA VAL C 195 -5.66 47.53 -39.90
C VAL C 195 -5.50 46.33 -40.83
N VAL C 196 -4.79 45.32 -40.34
CA VAL C 196 -4.72 43.98 -40.96
C VAL C 196 -5.60 43.05 -40.13
N LEU C 197 -6.57 42.41 -40.77
CA LEU C 197 -7.46 41.43 -40.09
C LEU C 197 -7.65 40.21 -41.02
N SER C 198 -7.28 39.03 -40.53
CA SER C 198 -7.39 37.72 -41.21
C SER C 198 -8.35 36.84 -40.43
N THR C 199 -9.39 36.31 -41.06
CA THR C 199 -10.41 35.42 -40.42
C THR C 199 -10.55 34.13 -41.22
N GLN C 200 -10.71 33.01 -40.50
CA GLN C 200 -11.14 31.69 -41.03
C GLN C 200 -12.62 31.81 -41.43
N HIS C 201 -13.02 31.18 -42.54
CA HIS C 201 -14.39 31.25 -43.08
C HIS C 201 -14.78 29.93 -43.77
N ASP C 202 -16.09 29.64 -43.82
CA ASP C 202 -16.67 28.55 -44.65
C ASP C 202 -16.14 28.76 -46.07
N PRO C 203 -15.91 27.69 -46.88
CA PRO C 203 -15.32 27.84 -48.20
C PRO C 203 -16.29 28.35 -49.28
N ASP C 204 -17.58 28.46 -48.96
CA ASP C 204 -18.69 28.80 -49.90
C ASP C 204 -18.89 30.31 -49.97
N VAL C 205 -17.95 31.11 -49.48
CA VAL C 205 -18.05 32.60 -49.46
C VAL C 205 -16.79 33.16 -50.12
N ASP C 206 -16.96 34.08 -51.07
CA ASP C 206 -15.86 34.66 -51.89
C ASP C 206 -15.20 35.77 -51.07
N LEU C 207 -13.96 36.11 -51.42
CA LEU C 207 -13.09 37.06 -50.67
C LEU C 207 -13.72 38.46 -50.60
N ASP C 208 -14.32 38.91 -51.70
CA ASP C 208 -14.90 40.28 -51.79
C ASP C 208 -15.97 40.42 -50.71
N THR C 209 -16.79 39.40 -50.50
CA THR C 209 -17.85 39.40 -49.46
C THR C 209 -17.20 39.41 -48.08
N ILE C 210 -16.20 38.55 -47.85
CA ILE C 210 -15.48 38.47 -46.55
C ILE C 210 -14.92 39.87 -46.23
N ARG C 211 -14.28 40.52 -47.21
CA ARG C 211 -13.58 41.81 -47.02
C ARG C 211 -14.60 42.89 -46.68
N GLN C 212 -15.59 43.12 -47.54
CA GLN C 212 -16.64 44.15 -47.34
C GLN C 212 -17.35 43.92 -45.98
N THR C 213 -17.61 42.67 -45.60
CA THR C 213 -18.37 42.32 -44.36
C THR C 213 -17.52 42.67 -43.12
N VAL C 214 -16.25 42.29 -43.11
CA VAL C 214 -15.31 42.56 -41.99
C VAL C 214 -15.11 44.06 -41.83
N ILE C 215 -14.80 44.76 -42.94
CA ILE C 215 -14.61 46.24 -42.96
C ILE C 215 -15.84 46.89 -42.33
N ASP C 216 -17.04 46.50 -42.77
CA ASP C 216 -18.30 47.18 -42.40
C ASP C 216 -18.75 46.78 -40.99
N GLN C 217 -18.80 45.49 -40.67
CA GLN C 217 -19.50 44.97 -39.45
C GLN C 217 -18.53 44.73 -38.30
N VAL C 218 -17.22 44.70 -38.55
CA VAL C 218 -16.18 44.46 -37.52
C VAL C 218 -15.33 45.73 -37.34
N ILE C 219 -14.58 46.12 -38.38
CA ILE C 219 -13.59 47.23 -38.30
C ILE C 219 -14.32 48.56 -38.05
N LYS C 220 -15.21 48.96 -38.97
CA LYS C 220 -15.88 50.28 -38.88
C LYS C 220 -16.83 50.29 -37.68
N ALA C 221 -17.17 49.13 -37.11
CA ALA C 221 -18.05 49.00 -35.92
C ALA C 221 -17.28 49.26 -34.63
N VAL C 222 -15.94 49.30 -34.68
CA VAL C 222 -15.10 49.22 -33.45
C VAL C 222 -14.05 50.33 -33.44
N LEU C 223 -13.46 50.67 -34.59
CA LEU C 223 -12.47 51.77 -34.65
C LEU C 223 -13.18 53.10 -34.49
N PRO C 224 -12.73 53.95 -33.54
CA PRO C 224 -13.27 55.29 -33.37
C PRO C 224 -13.10 56.10 -34.66
N ALA C 225 -14.19 56.71 -35.13
CA ALA C 225 -14.29 57.41 -36.44
C ALA C 225 -13.26 58.55 -36.51
N ASP C 226 -13.00 59.24 -35.38
CA ASP C 226 -12.15 60.46 -35.29
C ASP C 226 -10.67 60.13 -35.56
N LEU C 227 -10.28 58.85 -35.60
CA LEU C 227 -8.87 58.39 -35.83
C LEU C 227 -8.70 57.78 -37.22
N LEU C 228 -9.80 57.64 -37.97
CA LEU C 228 -9.83 57.11 -39.36
C LEU C 228 -9.80 58.27 -40.35
N ASP C 229 -9.12 58.12 -41.48
CA ASP C 229 -9.22 59.03 -42.65
C ASP C 229 -9.11 58.19 -43.93
N ASP C 230 -9.24 58.85 -45.09
CA ASP C 230 -9.26 58.23 -46.43
C ASP C 230 -7.91 57.57 -46.75
N GLN C 231 -6.87 57.76 -45.92
CA GLN C 231 -5.53 57.15 -46.07
C GLN C 231 -5.37 55.89 -45.20
N THR C 232 -6.29 55.66 -44.26
CA THR C 232 -6.32 54.43 -43.41
C THR C 232 -6.39 53.21 -44.33
N LYS C 233 -5.40 52.33 -44.25
CA LYS C 233 -5.31 51.07 -45.06
C LYS C 233 -6.02 49.96 -44.28
N TYR C 234 -7.02 49.33 -44.92
CA TYR C 234 -7.75 48.15 -44.38
C TYR C 234 -7.39 46.91 -45.21
N LEU C 235 -6.59 45.99 -44.67
CA LEU C 235 -6.23 44.73 -45.37
C LEU C 235 -6.90 43.55 -44.66
N VAL C 236 -7.92 42.96 -45.30
CA VAL C 236 -8.65 41.78 -44.76
C VAL C 236 -8.23 40.54 -45.54
N ASN C 237 -7.77 39.49 -44.84
CA ASN C 237 -7.32 38.20 -45.44
C ASN C 237 -6.39 38.50 -46.62
N PRO C 238 -5.26 39.20 -46.39
CA PRO C 238 -4.32 39.52 -47.46
C PRO C 238 -3.62 38.28 -48.02
N THR C 239 -3.41 37.24 -47.20
CA THR C 239 -3.01 35.87 -47.62
C THR C 239 -3.96 35.35 -48.71
N GLY C 240 -5.24 35.71 -48.65
CA GLY C 240 -6.29 35.14 -49.50
C GLY C 240 -7.19 34.23 -48.70
N ARG C 241 -7.76 33.22 -49.36
CA ARG C 241 -8.67 32.22 -48.72
C ARG C 241 -8.00 31.73 -47.43
N PHE C 242 -8.83 31.37 -46.45
CA PHE C 242 -8.40 30.87 -45.12
C PHE C 242 -9.57 30.06 -44.54
N VAL C 243 -9.66 28.79 -44.97
CA VAL C 243 -10.79 27.86 -44.73
C VAL C 243 -10.42 26.90 -43.59
N ILE C 244 -9.27 26.23 -43.73
CA ILE C 244 -8.74 25.35 -42.66
C ILE C 244 -7.82 26.21 -41.79
N GLY C 245 -8.03 26.16 -40.48
CA GLY C 245 -7.23 26.85 -39.48
C GLY C 245 -7.43 26.19 -38.11
N GLY C 246 -7.29 26.96 -37.05
CA GLY C 246 -7.01 26.45 -35.70
C GLY C 246 -5.68 25.72 -35.72
N PRO C 247 -5.55 24.58 -35.01
CA PRO C 247 -4.28 23.86 -34.98
C PRO C 247 -3.98 23.05 -36.24
N GLN C 248 -4.83 23.10 -37.27
CA GLN C 248 -4.77 22.14 -38.40
C GLN C 248 -3.44 22.30 -39.15
N GLY C 249 -3.26 23.37 -39.92
CA GLY C 249 -1.97 23.63 -40.58
C GLY C 249 -0.87 24.01 -39.60
N ASP C 250 -1.25 24.58 -38.44
CA ASP C 250 -0.32 25.33 -37.55
C ASP C 250 0.12 24.47 -36.36
N ALA C 251 0.67 25.13 -35.34
CA ALA C 251 0.94 24.61 -33.99
C ALA C 251 0.60 25.72 -32.99
N GLY C 252 0.27 25.35 -31.76
CA GLY C 252 -0.05 26.29 -30.67
C GLY C 252 0.49 25.77 -29.36
N LEU C 253 1.04 26.63 -28.51
CA LEU C 253 1.56 26.27 -27.17
C LEU C 253 1.08 27.28 -26.14
N THR C 254 0.90 26.81 -24.91
CA THR C 254 0.67 27.68 -23.73
C THR C 254 1.81 28.68 -23.64
N GLY C 255 1.45 29.97 -23.48
CA GLY C 255 2.39 31.08 -23.18
C GLY C 255 3.25 31.49 -24.37
N ARG C 256 2.68 31.58 -25.56
CA ARG C 256 3.39 32.09 -26.77
C ARG C 256 2.61 33.28 -27.33
N LYS C 257 1.77 33.90 -26.51
CA LYS C 257 1.02 35.14 -26.87
C LYS C 257 1.09 36.10 -25.68
N VAL C 258 2.27 36.17 -25.07
CA VAL C 258 2.52 36.95 -23.83
C VAL C 258 2.29 38.45 -24.12
N ILE C 259 2.82 38.95 -25.24
CA ILE C 259 2.67 40.37 -25.69
C ILE C 259 1.18 40.65 -25.94
N VAL C 260 0.50 39.77 -26.66
CA VAL C 260 -0.98 39.83 -26.86
C VAL C 260 -1.68 39.85 -25.49
N ASP C 261 -1.21 39.03 -24.55
CA ASP C 261 -1.87 38.77 -23.24
C ASP C 261 -1.75 40.04 -22.37
N THR C 262 -0.72 40.85 -22.61
CA THR C 262 -0.34 42.01 -21.75
C THR C 262 -0.69 43.31 -22.48
N TYR C 263 0.31 44.02 -23.03
CA TYR C 263 0.22 45.46 -23.42
C TYR C 263 0.74 45.68 -24.86
N GLY C 264 0.82 44.63 -25.68
CA GLY C 264 1.13 44.76 -27.11
C GLY C 264 2.53 45.34 -27.36
N GLY C 265 3.42 45.26 -26.37
CA GLY C 265 4.84 45.63 -26.48
C GLY C 265 5.14 47.06 -26.01
N PHE C 266 4.23 47.69 -25.28
CA PHE C 266 4.41 49.02 -24.64
C PHE C 266 5.21 48.88 -23.35
N ALA C 267 5.18 47.69 -22.75
CA ALA C 267 5.75 47.42 -21.41
C ALA C 267 6.89 46.40 -21.50
N HIS C 268 7.65 46.34 -20.40
CA HIS C 268 8.80 45.43 -20.18
C HIS C 268 8.30 44.11 -19.57
N HIS C 269 9.17 43.10 -19.51
CA HIS C 269 8.80 41.71 -19.14
C HIS C 269 9.89 41.05 -18.30
N GLY C 270 9.50 40.42 -17.19
CA GLY C 270 10.32 39.50 -16.37
C GLY C 270 10.37 38.12 -16.99
N GLY C 271 9.29 37.69 -17.66
CA GLY C 271 9.35 36.61 -18.65
C GLY C 271 8.68 35.32 -18.20
N GLY C 272 7.78 35.40 -17.23
CA GLY C 272 6.76 34.34 -17.02
C GLY C 272 5.81 34.28 -18.22
N ALA C 273 4.82 33.39 -18.15
CA ALA C 273 3.55 33.43 -18.90
C ALA C 273 2.43 33.13 -17.90
N PHE C 274 1.19 33.52 -18.17
CA PHE C 274 0.09 33.48 -17.16
C PHE C 274 -0.64 32.13 -17.17
N SER C 275 -1.23 31.75 -18.31
CA SER C 275 -2.20 30.61 -18.41
C SER C 275 -1.56 29.30 -17.94
N GLY C 276 -2.31 28.51 -17.18
CA GLY C 276 -1.89 27.19 -16.65
C GLY C 276 -1.35 27.30 -15.24
N LYS C 277 -1.27 28.52 -14.69
CA LYS C 277 -0.63 28.79 -13.39
C LYS C 277 -1.65 29.39 -12.42
N ASP C 278 -1.74 28.78 -11.23
CA ASP C 278 -2.54 29.30 -10.09
C ASP C 278 -1.83 30.54 -9.52
N ALA C 279 -2.52 31.32 -8.70
CA ALA C 279 -2.08 32.66 -8.23
C ALA C 279 -0.93 32.52 -7.21
N THR C 280 -0.66 31.32 -6.71
CA THR C 280 0.58 30.94 -5.98
C THR C 280 1.80 31.41 -6.78
N LYS C 281 1.68 31.44 -8.11
CA LYS C 281 2.78 31.86 -9.03
C LYS C 281 2.81 33.38 -9.10
N VAL C 282 3.79 34.00 -8.42
CA VAL C 282 3.89 35.48 -8.30
C VAL C 282 4.08 36.07 -9.70
N ASP C 283 4.76 35.37 -10.60
CA ASP C 283 4.79 35.66 -12.06
C ASP C 283 3.41 36.18 -12.49
N ARG C 284 2.34 35.48 -12.11
CA ARG C 284 0.95 35.80 -12.59
C ARG C 284 0.33 36.84 -11.66
N SER C 285 0.36 36.59 -10.34
CA SER C 285 -0.40 37.37 -9.33
C SER C 285 0.17 38.80 -9.21
N ALA C 286 1.50 38.96 -9.17
CA ALA C 286 2.18 40.28 -9.09
C ALA C 286 1.98 41.06 -10.38
N SER C 287 1.93 40.39 -11.54
CA SER C 287 1.68 41.05 -12.84
C SER C 287 0.26 41.64 -12.85
N TYR C 288 -0.70 40.90 -12.29
CA TYR C 288 -2.10 41.36 -12.10
C TYR C 288 -2.09 42.55 -11.14
N ALA C 289 -1.35 42.44 -10.05
CA ALA C 289 -1.23 43.47 -8.99
C ALA C 289 -0.59 44.73 -9.60
N ALA C 290 0.51 44.57 -10.35
CA ALA C 290 1.22 45.67 -11.05
C ALA C 290 0.24 46.42 -11.96
N ARG C 291 -0.64 45.73 -12.68
CA ARG C 291 -1.65 46.39 -13.54
C ARG C 291 -2.62 47.18 -12.65
N TYR C 292 -3.12 46.55 -11.58
CA TYR C 292 -4.07 47.14 -10.60
C TYR C 292 -3.52 48.48 -10.13
N ILE C 293 -2.22 48.54 -9.79
CA ILE C 293 -1.51 49.77 -9.35
C ILE C 293 -1.53 50.78 -10.49
N ALA C 294 -0.77 50.52 -11.54
CA ALA C 294 -0.67 51.36 -12.76
C ALA C 294 -2.05 51.97 -13.09
N LYS C 295 -3.09 51.14 -13.14
CA LYS C 295 -4.43 51.57 -13.61
C LYS C 295 -5.02 52.58 -12.62
N ASN C 296 -4.90 52.31 -11.32
CA ASN C 296 -5.46 53.17 -10.25
C ASN C 296 -4.70 54.50 -10.22
N VAL C 297 -3.36 54.48 -10.33
CA VAL C 297 -2.50 55.69 -10.40
C VAL C 297 -3.03 56.59 -11.53
N VAL C 298 -3.17 56.04 -12.73
CA VAL C 298 -3.56 56.82 -13.93
C VAL C 298 -5.02 57.23 -13.82
N ALA C 299 -5.90 56.34 -13.34
CA ALA C 299 -7.34 56.62 -13.12
C ALA C 299 -7.49 57.78 -12.14
N ALA C 300 -6.60 57.85 -11.13
CA ALA C 300 -6.62 58.92 -10.10
C ALA C 300 -6.09 60.23 -10.69
N GLY C 301 -5.48 60.20 -11.89
CA GLY C 301 -4.93 61.37 -12.58
C GLY C 301 -3.56 61.76 -12.06
N LEU C 302 -2.90 60.86 -11.32
CA LEU C 302 -1.54 61.09 -10.75
C LEU C 302 -0.47 60.97 -11.84
N ALA C 303 -0.83 60.46 -13.02
CA ALA C 303 0.02 60.45 -14.24
C ALA C 303 -0.86 60.18 -15.45
N ASP C 304 -0.37 60.50 -16.65
CA ASP C 304 -1.06 60.18 -17.94
C ASP C 304 -0.75 58.73 -18.30
N GLN C 305 0.48 58.29 -17.98
CA GLN C 305 0.94 56.89 -18.13
C GLN C 305 1.90 56.58 -16.99
N VAL C 306 1.99 55.30 -16.59
CA VAL C 306 3.03 54.81 -15.66
C VAL C 306 3.31 53.33 -15.98
N GLU C 307 4.60 52.97 -16.00
CA GLU C 307 5.07 51.57 -15.89
C GLU C 307 5.46 51.34 -14.43
N VAL C 308 4.84 50.35 -13.79
CA VAL C 308 5.18 49.92 -12.40
C VAL C 308 6.13 48.72 -12.51
N GLN C 309 7.22 48.73 -11.74
CA GLN C 309 8.26 47.68 -11.74
C GLN C 309 8.38 47.12 -10.32
N LEU C 310 8.06 45.84 -10.14
CA LEU C 310 8.13 45.12 -8.83
C LEU C 310 9.28 44.11 -8.89
N ALA C 311 10.16 44.13 -7.89
CA ALA C 311 11.29 43.19 -7.71
C ALA C 311 11.03 42.38 -6.44
N TYR C 312 10.93 41.06 -6.56
CA TYR C 312 10.78 40.13 -5.42
C TYR C 312 12.10 39.40 -5.21
N ALA C 313 12.44 39.16 -3.94
CA ALA C 313 13.53 38.25 -3.52
C ALA C 313 12.95 36.91 -3.06
N ILE C 314 13.68 35.83 -3.30
CA ILE C 314 13.26 34.45 -2.92
C ILE C 314 13.08 34.43 -1.39
N GLY C 315 11.90 33.99 -0.94
CA GLY C 315 11.50 33.92 0.47
C GLY C 315 11.46 35.30 1.13
N VAL C 316 11.00 36.33 0.43
CA VAL C 316 10.64 37.65 1.05
C VAL C 316 9.30 38.10 0.46
N ALA C 317 8.28 38.11 1.33
CA ALA C 317 6.86 38.37 0.99
C ALA C 317 6.76 39.72 0.32
N GLU C 318 7.23 40.76 1.01
CA GLU C 318 7.20 42.16 0.50
C GLU C 318 8.10 42.23 -0.72
N PRO C 319 7.72 43.01 -1.76
CA PRO C 319 8.64 43.33 -2.85
C PRO C 319 9.85 44.04 -2.24
N VAL C 320 11.06 43.62 -2.63
CA VAL C 320 12.34 44.18 -2.14
C VAL C 320 12.56 45.58 -2.73
N SER C 321 11.90 45.92 -3.86
CA SER C 321 12.13 47.19 -4.59
C SER C 321 10.94 47.51 -5.49
N ILE C 322 10.52 48.78 -5.53
CA ILE C 322 9.46 49.28 -6.45
C ILE C 322 9.99 50.50 -7.19
N ALA C 323 10.11 50.41 -8.52
CA ALA C 323 10.42 51.52 -9.43
C ALA C 323 9.13 51.92 -10.14
N VAL C 324 9.15 53.06 -10.80
CA VAL C 324 7.94 53.69 -11.41
C VAL C 324 8.46 54.64 -12.49
N ASP C 325 7.94 54.54 -13.72
CA ASP C 325 8.30 55.45 -14.82
C ASP C 325 7.01 56.10 -15.34
N THR C 326 6.87 57.41 -15.12
CA THR C 326 5.69 58.21 -15.55
C THR C 326 5.94 58.83 -16.93
N ALA C 327 7.16 58.70 -17.46
CA ALA C 327 7.61 59.40 -18.69
C ALA C 327 7.43 60.92 -18.53
N GLY C 328 7.68 61.44 -17.32
CA GLY C 328 7.54 62.87 -16.98
C GLY C 328 6.11 63.38 -17.16
N THR C 329 5.12 62.49 -17.10
CA THR C 329 3.66 62.83 -17.07
C THR C 329 3.20 62.84 -15.62
N GLY C 330 4.08 62.47 -14.67
CA GLY C 330 3.78 62.48 -13.22
C GLY C 330 3.29 63.85 -12.78
N LYS C 331 2.11 63.91 -12.15
CA LYS C 331 1.57 65.10 -11.44
C LYS C 331 2.10 65.11 -10.00
N VAL C 332 2.91 64.12 -9.63
CA VAL C 332 3.47 63.94 -8.26
C VAL C 332 4.89 63.40 -8.39
N SER C 333 5.72 63.57 -7.34
CA SER C 333 7.08 63.00 -7.23
C SER C 333 7.05 61.48 -7.46
N ASP C 334 8.13 60.90 -8.01
CA ASP C 334 8.28 59.43 -8.17
C ASP C 334 8.36 58.79 -6.77
N GLU C 335 9.18 59.33 -5.88
CA GLU C 335 9.39 58.81 -4.49
C GLU C 335 8.06 58.86 -3.72
N ALA C 336 7.24 59.90 -3.92
CA ALA C 336 5.95 60.13 -3.25
C ALA C 336 4.88 59.17 -3.77
N LEU C 337 4.92 58.89 -5.08
CA LEU C 337 3.99 57.93 -5.75
C LEU C 337 4.30 56.51 -5.26
N ILE C 338 5.57 56.09 -5.28
CA ILE C 338 6.02 54.75 -4.75
C ILE C 338 5.54 54.63 -3.30
N ASN C 339 5.56 55.72 -2.55
CA ASN C 339 5.14 55.76 -1.12
C ASN C 339 3.65 55.45 -1.01
N ALA C 340 2.84 56.08 -1.86
CA ALA C 340 1.37 55.91 -1.90
C ALA C 340 1.06 54.45 -2.21
N ILE C 341 1.86 53.83 -3.08
CA ILE C 341 1.65 52.42 -3.55
C ILE C 341 1.95 51.47 -2.38
N ARG C 342 3.07 51.68 -1.68
CA ARG C 342 3.45 50.83 -0.51
C ARG C 342 2.35 50.94 0.56
N GLU C 343 1.67 52.08 0.66
CA GLU C 343 0.68 52.34 1.76
C GLU C 343 -0.70 51.79 1.39
N ASN C 344 -1.04 51.61 0.11
CA ASN C 344 -2.46 51.33 -0.30
C ASN C 344 -2.61 49.96 -1.00
N PHE C 345 -1.52 49.23 -1.22
CA PHE C 345 -1.55 47.89 -1.85
C PHE C 345 -0.77 46.90 -0.98
N ASP C 346 -1.40 45.76 -0.68
CA ASP C 346 -0.72 44.56 -0.14
C ASP C 346 -0.09 43.84 -1.34
N LEU C 347 1.24 43.77 -1.37
CA LEU C 347 2.00 43.24 -2.55
C LEU C 347 2.75 41.96 -2.19
N ARG C 348 2.41 41.35 -1.06
CA ARG C 348 2.87 39.99 -0.69
C ARG C 348 2.07 38.97 -1.49
N PRO C 349 2.68 37.86 -1.94
CA PRO C 349 1.98 36.86 -2.75
C PRO C 349 0.61 36.49 -2.15
N ALA C 350 0.62 36.12 -0.88
CA ALA C 350 -0.59 35.81 -0.07
C ALA C 350 -1.51 37.03 -0.02
N GLY C 351 -0.93 38.20 0.21
CA GLY C 351 -1.65 39.49 0.27
C GLY C 351 -2.43 39.75 -1.01
N ILE C 352 -1.77 39.59 -2.15
CA ILE C 352 -2.36 39.86 -3.50
C ILE C 352 -3.56 38.93 -3.72
N ILE C 353 -3.42 37.66 -3.32
CA ILE C 353 -4.46 36.60 -3.46
C ILE C 353 -5.71 37.05 -2.69
N LYS C 354 -5.56 37.42 -1.42
CA LYS C 354 -6.68 37.94 -0.58
C LYS C 354 -7.21 39.23 -1.19
N MET C 355 -6.32 40.17 -1.52
CA MET C 355 -6.66 41.54 -2.03
C MET C 355 -7.55 41.42 -3.28
N LEU C 356 -7.16 40.60 -4.25
CA LEU C 356 -7.87 40.50 -5.56
C LEU C 356 -8.80 39.28 -5.59
N ASP C 357 -8.86 38.49 -4.52
CA ASP C 357 -9.73 37.28 -4.39
C ASP C 357 -9.46 36.36 -5.59
N LEU C 358 -8.28 35.74 -5.63
CA LEU C 358 -7.73 35.06 -6.83
C LEU C 358 -7.92 33.54 -6.73
N GLN C 359 -8.35 33.02 -5.59
CA GLN C 359 -8.60 31.57 -5.41
C GLN C 359 -10.07 31.28 -5.77
N ARG C 360 -10.46 31.74 -6.96
CA ARG C 360 -11.79 31.49 -7.59
C ARG C 360 -11.53 31.13 -9.05
N PRO C 361 -12.44 30.39 -9.73
CA PRO C 361 -12.24 30.02 -11.12
C PRO C 361 -12.52 31.18 -12.10
N ILE C 362 -11.57 32.12 -12.26
CA ILE C 362 -11.80 33.40 -13.00
C ILE C 362 -10.86 33.52 -14.21
N TYR C 363 -10.14 32.45 -14.57
CA TYR C 363 -8.93 32.51 -15.43
C TYR C 363 -9.17 32.06 -16.87
N ARG C 364 -10.08 31.11 -17.12
CA ARG C 364 -10.35 30.67 -18.52
C ARG C 364 -10.63 31.92 -19.35
N GLN C 365 -11.46 32.83 -18.84
CA GLN C 365 -11.92 34.06 -19.55
C GLN C 365 -10.75 35.00 -19.89
N THR C 366 -9.59 34.91 -19.22
CA THR C 366 -8.41 35.82 -19.45
C THR C 366 -7.55 35.30 -20.62
N ALA C 367 -7.71 34.03 -20.97
CA ALA C 367 -6.76 33.31 -21.83
C ALA C 367 -6.99 33.67 -23.30
N ALA C 368 -7.98 34.53 -23.61
CA ALA C 368 -8.10 35.18 -24.93
C ALA C 368 -8.58 36.62 -24.80
N TYR C 369 -8.15 37.50 -25.71
CA TYR C 369 -8.59 38.93 -25.82
C TYR C 369 -7.97 39.79 -24.70
N GLY C 370 -6.88 39.33 -24.08
CA GLY C 370 -6.04 40.11 -23.15
C GLY C 370 -6.42 39.89 -21.69
N HIS C 371 -5.41 39.86 -20.81
CA HIS C 371 -5.57 39.84 -19.34
C HIS C 371 -5.91 41.25 -18.84
N PHE C 372 -5.54 42.28 -19.61
CA PHE C 372 -5.61 43.69 -19.19
C PHE C 372 -6.50 44.49 -20.14
N GLY C 373 -7.25 45.42 -19.57
CA GLY C 373 -8.07 46.41 -20.29
C GLY C 373 -9.44 45.85 -20.64
N ARG C 374 -9.93 44.89 -19.86
CA ARG C 374 -11.14 44.14 -20.24
C ARG C 374 -12.39 44.87 -19.73
N THR C 375 -13.24 45.28 -20.67
CA THR C 375 -14.53 45.97 -20.44
C THR C 375 -15.69 44.97 -20.51
N ASP C 376 -15.50 43.85 -21.20
CA ASP C 376 -16.55 42.83 -21.51
C ASP C 376 -16.72 41.83 -20.35
N ILE C 377 -15.73 41.70 -19.46
CA ILE C 377 -15.78 40.84 -18.25
C ILE C 377 -15.25 41.65 -17.08
N ASP C 378 -15.47 41.16 -15.86
CA ASP C 378 -15.10 41.85 -14.59
C ASP C 378 -13.92 41.09 -13.97
N LEU C 379 -12.71 41.65 -14.09
CA LEU C 379 -11.46 41.12 -13.46
C LEU C 379 -11.09 42.01 -12.28
N PRO C 380 -10.72 41.44 -11.11
CA PRO C 380 -10.45 42.23 -9.91
C PRO C 380 -9.39 43.32 -10.13
N TRP C 381 -8.31 42.97 -10.85
CA TRP C 381 -7.13 43.86 -11.09
C TRP C 381 -7.47 45.00 -12.07
N GLU C 382 -8.70 45.06 -12.60
CA GLU C 382 -9.20 46.14 -13.49
C GLU C 382 -10.10 47.10 -12.71
N HIS C 383 -10.57 46.73 -11.52
CA HIS C 383 -11.32 47.63 -10.59
C HIS C 383 -10.48 48.86 -10.31
N THR C 384 -11.10 50.05 -10.31
CA THR C 384 -10.44 51.35 -10.00
C THR C 384 -10.92 51.82 -8.62
N ASP C 385 -10.95 50.91 -7.65
CA ASP C 385 -11.50 51.14 -6.28
C ASP C 385 -10.41 51.61 -5.32
N LYS C 386 -9.19 51.89 -5.79
CA LYS C 386 -8.10 52.45 -4.96
C LYS C 386 -7.85 53.93 -5.34
N VAL C 387 -8.70 54.51 -6.19
CA VAL C 387 -8.55 55.93 -6.69
C VAL C 387 -8.62 56.87 -5.49
N ASP C 388 -9.71 56.81 -4.71
CA ASP C 388 -9.94 57.72 -3.56
C ASP C 388 -8.82 57.53 -2.55
N ALA C 389 -8.38 56.29 -2.30
CA ALA C 389 -7.24 55.99 -1.38
C ALA C 389 -6.00 56.76 -1.84
N LEU C 390 -5.70 56.76 -3.15
CA LEU C 390 -4.49 57.41 -3.72
C LEU C 390 -4.67 58.95 -3.79
N LYS C 391 -5.80 59.43 -4.33
CA LYS C 391 -6.18 60.87 -4.28
C LYS C 391 -5.93 61.39 -2.86
N ALA C 392 -6.52 60.72 -1.85
CA ALA C 392 -6.50 61.09 -0.42
C ALA C 392 -5.05 61.15 0.10
N ALA C 393 -4.14 60.33 -0.41
CA ALA C 393 -2.74 60.25 0.07
C ALA C 393 -1.98 61.56 -0.23
N PHE C 394 -2.58 62.55 -0.91
CA PHE C 394 -1.94 63.86 -1.25
C PHE C 394 -2.79 65.08 -0.86
N LYS C 395 -3.25 65.14 0.40
CA LYS C 395 -4.01 66.30 0.95
C LYS C 395 -3.74 66.42 2.46
N ARG D 4 15.40 51.90 -3.13
CA ARG D 4 16.61 51.07 -3.49
C ARG D 4 16.41 50.46 -4.88
N HIS D 5 17.17 50.89 -5.90
CA HIS D 5 16.90 50.54 -7.33
C HIS D 5 17.54 49.18 -7.64
N LEU D 6 16.81 48.08 -7.45
CA LEU D 6 17.29 46.68 -7.70
C LEU D 6 16.67 46.13 -8.99
N PHE D 7 17.44 45.38 -9.79
CA PHE D 7 16.97 44.77 -11.05
C PHE D 7 17.56 43.37 -11.24
N THR D 8 16.68 42.38 -11.47
CA THR D 8 17.04 40.94 -11.61
C THR D 8 16.82 40.44 -13.04
N SER D 9 17.79 39.69 -13.56
CA SER D 9 17.69 38.94 -14.83
C SER D 9 18.05 37.47 -14.57
N GLU D 10 17.45 36.52 -15.31
CA GLU D 10 17.80 35.07 -15.18
C GLU D 10 18.38 34.56 -16.50
N SER D 11 19.29 33.58 -16.41
CA SER D 11 19.70 32.69 -17.53
C SER D 11 19.57 31.24 -17.07
N VAL D 12 19.52 30.30 -18.01
CA VAL D 12 19.39 28.85 -17.73
C VAL D 12 20.38 28.09 -18.62
N SER D 13 20.81 26.91 -18.16
CA SER D 13 21.78 26.02 -18.84
C SER D 13 21.11 25.35 -20.05
N GLU D 14 21.93 24.74 -20.91
CA GLU D 14 21.51 23.77 -21.98
C GLU D 14 20.53 22.74 -21.41
N GLY D 15 20.73 22.37 -20.14
CA GLY D 15 20.01 21.28 -19.46
C GLY D 15 18.59 21.66 -19.05
N HIS D 16 18.27 22.94 -18.95
CA HIS D 16 16.92 23.40 -18.54
C HIS D 16 15.90 22.93 -19.57
N PRO D 17 14.73 22.41 -19.17
CA PRO D 17 13.79 21.80 -20.11
C PRO D 17 13.34 22.72 -21.25
N ASP D 18 13.09 24.00 -20.94
CA ASP D 18 12.68 25.03 -21.92
C ASP D 18 13.81 25.23 -22.94
N LYS D 19 15.06 25.17 -22.48
CA LYS D 19 16.24 25.34 -23.37
C LYS D 19 16.48 24.04 -24.16
N ILE D 20 16.15 22.86 -23.59
CA ILE D 20 16.20 21.56 -24.34
C ILE D 20 15.29 21.69 -25.55
N ALA D 21 14.04 22.14 -25.34
CA ALA D 21 13.04 22.38 -26.40
C ALA D 21 13.61 23.33 -27.47
N ASP D 22 14.23 24.44 -27.04
CA ASP D 22 14.73 25.51 -27.95
C ASP D 22 15.87 24.91 -28.78
N GLN D 23 16.79 24.17 -28.15
CA GLN D 23 17.98 23.59 -28.83
C GLN D 23 17.57 22.50 -29.83
N ILE D 24 16.56 21.69 -29.49
CA ILE D 24 16.03 20.64 -30.40
C ILE D 24 15.44 21.32 -31.64
N SER D 25 14.50 22.24 -31.44
CA SER D 25 13.88 23.01 -32.54
C SER D 25 14.97 23.58 -33.47
N ASP D 26 16.04 24.16 -32.91
CA ASP D 26 17.11 24.83 -33.70
C ASP D 26 18.11 23.80 -34.25
N ALA D 27 18.29 22.64 -33.60
CA ALA D 27 19.14 21.53 -34.10
C ALA D 27 18.53 20.99 -35.40
N ILE D 28 17.21 20.83 -35.43
CA ILE D 28 16.45 20.37 -36.62
C ILE D 28 16.63 21.40 -37.74
N LEU D 29 16.60 22.70 -37.39
CA LEU D 29 16.77 23.81 -38.36
C LEU D 29 18.15 23.71 -39.00
N ASP D 30 19.19 23.58 -38.16
CA ASP D 30 20.60 23.48 -38.60
C ASP D 30 20.72 22.29 -39.56
N ALA D 31 20.22 21.12 -39.13
CA ALA D 31 20.29 19.85 -39.88
C ALA D 31 19.84 20.09 -41.33
N MET D 32 18.78 20.86 -41.50
CA MET D 32 18.14 21.11 -42.82
C MET D 32 18.90 22.18 -43.62
N LEU D 33 19.31 23.27 -42.96
CA LEU D 33 20.11 24.35 -43.61
C LEU D 33 21.43 23.77 -44.11
N ALA D 34 21.99 22.83 -43.33
CA ALA D 34 23.25 22.10 -43.63
C ALA D 34 23.19 21.46 -45.01
N GLN D 35 22.01 21.06 -45.49
CA GLN D 35 21.83 20.44 -46.83
C GLN D 35 21.08 21.39 -47.78
N ASP D 36 20.21 22.26 -47.26
CA ASP D 36 19.30 23.11 -48.08
C ASP D 36 19.27 24.52 -47.47
N PRO D 37 20.15 25.46 -47.94
CA PRO D 37 20.13 26.82 -47.44
C PRO D 37 18.77 27.51 -47.54
N GLN D 38 17.97 27.12 -48.55
CA GLN D 38 16.62 27.69 -48.84
C GLN D 38 15.56 27.08 -47.93
N ALA D 39 15.90 26.12 -47.07
CA ALA D 39 14.95 25.39 -46.20
C ALA D 39 14.06 26.38 -45.43
N ARG D 40 12.74 26.28 -45.60
CA ARG D 40 11.71 26.91 -44.74
C ARG D 40 11.41 25.97 -43.57
N VAL D 41 11.38 26.49 -42.33
CA VAL D 41 11.28 25.69 -41.09
C VAL D 41 10.43 26.44 -40.06
N ALA D 42 9.53 25.71 -39.39
CA ALA D 42 8.66 26.20 -38.30
C ALA D 42 8.39 25.05 -37.32
N VAL D 43 9.34 24.80 -36.41
CA VAL D 43 9.41 23.53 -35.63
C VAL D 43 9.32 23.83 -34.13
N GLU D 44 8.20 23.47 -33.51
CA GLU D 44 8.01 23.55 -32.05
C GLU D 44 8.47 22.23 -31.43
N THR D 45 8.98 22.28 -30.20
CA THR D 45 9.34 21.08 -29.38
C THR D 45 8.70 21.26 -28.01
N SER D 46 8.19 20.16 -27.45
CA SER D 46 7.64 20.08 -26.07
C SER D 46 8.35 18.92 -25.38
N VAL D 47 8.67 19.07 -24.11
CA VAL D 47 9.43 18.06 -23.34
C VAL D 47 8.79 17.98 -21.96
N THR D 48 8.43 16.78 -21.51
CA THR D 48 8.00 16.52 -20.12
C THR D 48 8.58 15.17 -19.70
N THR D 49 8.09 14.59 -18.61
CA THR D 49 8.68 13.35 -18.01
C THR D 49 8.88 12.32 -19.13
N GLY D 50 10.14 12.10 -19.48
CA GLY D 50 10.60 11.01 -20.36
C GLY D 50 10.15 11.17 -21.80
N LEU D 51 9.70 12.36 -22.19
CA LEU D 51 9.02 12.59 -23.49
C LEU D 51 9.61 13.80 -24.23
N VAL D 52 9.77 13.68 -25.54
CA VAL D 52 10.07 14.80 -26.49
C VAL D 52 9.08 14.72 -27.65
N LEU D 53 8.09 15.60 -27.69
CA LEU D 53 7.20 15.74 -28.87
C LEU D 53 7.76 16.83 -29.78
N VAL D 54 8.09 16.51 -31.04
CA VAL D 54 8.47 17.48 -32.10
C VAL D 54 7.31 17.62 -33.07
N PHE D 55 6.89 18.85 -33.38
CA PHE D 55 5.74 19.12 -34.29
C PHE D 55 5.97 20.46 -34.99
N GLY D 56 5.45 20.58 -36.22
CA GLY D 56 5.64 21.81 -37.01
C GLY D 56 5.47 21.55 -38.50
N GLU D 57 5.53 22.63 -39.29
CA GLU D 57 5.62 22.59 -40.76
C GLU D 57 7.10 22.66 -41.13
N VAL D 58 7.46 22.09 -42.27
CA VAL D 58 8.83 22.23 -42.87
C VAL D 58 8.64 22.10 -44.39
N SER D 59 9.59 22.64 -45.14
CA SER D 59 9.58 22.66 -46.62
C SER D 59 11.02 22.71 -47.11
N THR D 60 11.59 21.59 -47.56
CA THR D 60 13.05 21.48 -47.80
C THR D 60 13.38 20.34 -48.77
N LYS D 61 14.53 20.44 -49.42
CA LYS D 61 15.11 19.37 -50.28
C LYS D 61 15.91 18.41 -49.39
N ALA D 62 16.19 18.79 -48.13
CA ALA D 62 17.05 18.03 -47.18
C ALA D 62 16.35 16.73 -46.76
N TYR D 63 17.14 15.67 -46.59
CA TYR D 63 16.75 14.40 -45.93
C TYR D 63 17.40 14.35 -44.53
N VAL D 64 16.60 14.43 -43.47
CA VAL D 64 17.09 14.50 -42.06
C VAL D 64 16.39 13.42 -41.22
N ASP D 65 17.16 12.61 -40.50
CA ASP D 65 16.63 11.67 -39.47
C ASP D 65 16.35 12.47 -38.20
N ILE D 66 15.11 12.97 -38.06
CA ILE D 66 14.67 13.83 -36.92
C ILE D 66 15.02 13.12 -35.60
N GLN D 67 14.65 11.84 -35.45
CA GLN D 67 14.95 11.01 -34.25
C GLN D 67 16.44 11.15 -33.90
N LYS D 68 17.32 10.98 -34.88
CA LYS D 68 18.80 11.03 -34.64
C LYS D 68 19.16 12.45 -34.18
N VAL D 69 18.61 13.49 -34.83
CA VAL D 69 18.90 14.90 -34.47
C VAL D 69 18.46 15.14 -33.02
N VAL D 70 17.21 14.80 -32.67
CA VAL D 70 16.65 15.01 -31.30
C VAL D 70 17.56 14.32 -30.29
N ARG D 71 17.88 13.04 -30.51
CA ARG D 71 18.57 12.19 -29.50
C ARG D 71 20.02 12.64 -29.36
N ASP D 72 20.66 13.03 -30.47
CA ASP D 72 22.04 13.58 -30.50
C ASP D 72 22.09 14.92 -29.75
N THR D 73 21.11 15.80 -29.98
CA THR D 73 21.06 17.12 -29.28
C THR D 73 21.04 16.85 -27.78
N ILE D 74 20.14 15.97 -27.33
CA ILE D 74 19.91 15.65 -25.90
C ILE D 74 21.19 15.08 -25.29
N LYS D 75 21.98 14.37 -26.08
CA LYS D 75 23.23 13.73 -25.60
C LYS D 75 24.32 14.79 -25.41
N SER D 76 24.50 15.73 -26.36
CA SER D 76 25.46 16.85 -26.25
C SER D 76 25.20 17.62 -24.96
N ILE D 77 23.92 17.94 -24.73
CA ILE D 77 23.45 18.66 -23.51
C ILE D 77 23.99 17.94 -22.27
N GLY D 78 24.09 16.61 -22.32
CA GLY D 78 24.78 15.80 -21.29
C GLY D 78 23.93 14.67 -20.72
N TYR D 79 22.69 14.52 -21.20
CA TYR D 79 21.76 13.43 -20.78
C TYR D 79 22.10 12.13 -21.51
N VAL D 80 23.05 11.36 -20.95
CA VAL D 80 23.78 10.25 -21.63
C VAL D 80 23.85 9.00 -20.74
N ASP D 81 23.11 8.94 -19.63
CA ASP D 81 22.97 7.71 -18.81
C ASP D 81 21.70 7.83 -17.96
N GLY D 82 20.99 6.72 -17.74
CA GLY D 82 19.62 6.73 -17.18
C GLY D 82 19.56 7.13 -15.72
N GLN D 83 20.70 7.32 -15.04
CA GLN D 83 20.73 7.76 -13.62
C GLN D 83 20.23 9.20 -13.49
N TYR D 84 20.15 9.96 -14.60
CA TYR D 84 19.67 11.37 -14.63
C TYR D 84 18.14 11.45 -14.70
N GLY D 85 17.52 10.30 -15.00
CA GLY D 85 16.07 10.16 -15.22
C GLY D 85 15.76 10.40 -16.68
N PHE D 86 16.55 11.22 -17.34
CA PHE D 86 16.38 11.65 -18.75
C PHE D 86 17.65 11.28 -19.50
N ASP D 87 17.47 10.65 -20.67
CA ASP D 87 18.54 10.02 -21.46
C ASP D 87 18.19 10.17 -22.95
N GLY D 88 19.17 10.51 -23.77
CA GLY D 88 18.99 10.70 -25.22
C GLY D 88 18.65 9.41 -25.92
N ASP D 89 19.11 8.27 -25.38
CA ASP D 89 18.90 6.93 -25.98
C ASP D 89 17.57 6.31 -25.55
N ASN D 90 17.05 6.66 -24.37
CA ASN D 90 16.02 5.87 -23.64
C ASN D 90 14.71 6.64 -23.52
N CYS D 91 14.70 7.95 -23.71
CA CYS D 91 13.47 8.78 -23.65
C CYS D 91 12.62 8.50 -24.88
N ALA D 92 11.31 8.68 -24.75
CA ALA D 92 10.34 8.72 -25.86
C ALA D 92 10.60 9.95 -26.73
N VAL D 93 10.54 9.77 -28.05
CA VAL D 93 10.56 10.86 -29.06
C VAL D 93 9.40 10.61 -30.04
N LEU D 94 8.40 11.50 -30.02
CA LEU D 94 7.25 11.47 -30.96
C LEU D 94 7.40 12.64 -31.93
N VAL D 95 7.10 12.43 -33.20
CA VAL D 95 7.34 13.44 -34.27
C VAL D 95 6.07 13.60 -35.10
N SER D 96 5.58 14.83 -35.21
CA SER D 96 4.45 15.20 -36.10
C SER D 96 4.88 16.36 -37.02
N LEU D 97 5.62 16.06 -38.09
CA LEU D 97 6.10 17.04 -39.11
C LEU D 97 5.28 16.95 -40.39
N ASP D 98 4.73 18.09 -40.85
CA ASP D 98 4.20 18.23 -42.24
C ASP D 98 5.37 18.57 -43.18
N GLU D 99 5.29 18.18 -44.46
CA GLU D 99 6.34 18.41 -45.50
C GLU D 99 5.65 19.03 -46.72
N GLN D 100 6.30 19.93 -47.47
CA GLN D 100 5.56 20.88 -48.35
C GLN D 100 6.34 21.27 -49.61
N SER D 101 7.54 20.73 -49.84
CA SER D 101 8.53 21.23 -50.84
C SER D 101 7.89 21.57 -52.19
N ILE D 125 10.85 40.89 -52.49
CA ILE D 125 10.41 39.82 -51.55
C ILE D 125 9.25 40.37 -50.68
N GLY D 126 9.56 41.00 -49.54
CA GLY D 126 8.59 41.71 -48.69
C GLY D 126 8.21 40.91 -47.47
N ALA D 127 7.90 41.58 -46.34
CA ALA D 127 7.62 40.95 -45.03
C ALA D 127 6.25 40.25 -45.03
N GLY D 128 6.10 39.20 -44.21
CA GLY D 128 4.88 38.37 -44.09
C GLY D 128 4.09 38.69 -42.83
N ASP D 129 4.74 39.27 -41.81
CA ASP D 129 4.14 39.74 -40.54
C ASP D 129 4.11 41.27 -40.58
N GLN D 130 2.99 41.89 -40.23
CA GLN D 130 2.92 43.34 -39.87
C GLN D 130 3.42 43.51 -38.43
N GLY D 131 4.74 43.47 -38.25
CA GLY D 131 5.37 43.29 -36.92
C GLY D 131 6.15 44.50 -36.44
N MET D 132 6.44 44.49 -35.14
CA MET D 132 7.47 45.31 -34.45
C MET D 132 8.61 44.38 -34.05
N MET D 133 9.86 44.80 -34.25
CA MET D 133 11.05 44.10 -33.69
C MET D 133 11.91 45.15 -33.00
N PHE D 134 12.59 44.76 -31.92
CA PHE D 134 13.42 45.67 -31.08
C PHE D 134 14.86 45.14 -31.01
N GLY D 135 15.81 46.07 -31.02
CA GLY D 135 17.23 45.81 -30.70
C GLY D 135 17.66 46.67 -29.54
N TYR D 136 18.70 46.24 -28.81
CA TYR D 136 19.20 46.96 -27.62
C TYR D 136 20.69 46.69 -27.46
N ALA D 137 21.41 47.68 -26.94
CA ALA D 137 22.82 47.62 -26.55
C ALA D 137 23.07 48.69 -25.47
N ILE D 138 24.08 48.47 -24.64
CA ILE D 138 24.41 49.35 -23.49
C ILE D 138 25.84 49.03 -23.06
N ASN D 139 26.63 50.05 -22.75
CA ASN D 139 28.08 49.89 -22.48
C ASN D 139 28.28 49.48 -21.01
N GLU D 140 27.33 48.77 -20.41
CA GLU D 140 27.44 48.22 -19.02
C GLU D 140 28.44 47.05 -19.01
N THR D 141 28.69 46.40 -20.14
CA THR D 141 29.57 45.20 -20.28
C THR D 141 30.31 45.27 -21.63
N PRO D 142 31.48 44.61 -21.79
CA PRO D 142 32.22 44.69 -23.05
C PRO D 142 31.41 44.20 -24.25
N GLU D 143 30.58 43.17 -24.06
CA GLU D 143 29.68 42.58 -25.08
C GLU D 143 28.53 43.55 -25.41
N LEU D 144 28.40 44.65 -24.65
CA LEU D 144 27.39 45.72 -24.86
C LEU D 144 25.99 45.19 -24.55
N MET D 145 25.88 44.44 -23.46
CA MET D 145 24.62 43.90 -22.91
C MET D 145 24.41 44.48 -21.51
N PRO D 146 23.14 44.56 -21.03
CA PRO D 146 22.86 44.89 -19.63
C PRO D 146 23.63 43.95 -18.69
N LEU D 147 24.05 44.46 -17.54
CA LEU D 147 24.93 43.72 -16.61
C LEU D 147 24.20 42.49 -16.05
N PRO D 148 22.92 42.58 -15.63
CA PRO D 148 22.23 41.42 -15.06
C PRO D 148 22.16 40.21 -16.01
N ILE D 149 21.59 40.38 -17.21
CA ILE D 149 21.46 39.27 -18.20
C ILE D 149 22.86 38.75 -18.55
N ALA D 150 23.82 39.63 -18.80
CA ALA D 150 25.19 39.25 -19.22
C ALA D 150 25.82 38.35 -18.15
N LEU D 151 25.70 38.69 -16.87
CA LEU D 151 26.36 37.95 -15.76
C LEU D 151 25.68 36.60 -15.58
N SER D 152 24.35 36.59 -15.56
CA SER D 152 23.51 35.38 -15.56
C SER D 152 24.01 34.42 -16.67
N HIS D 153 24.06 34.88 -17.93
CA HIS D 153 24.58 34.06 -19.07
C HIS D 153 25.99 33.55 -18.74
N ARG D 154 26.88 34.38 -18.23
CA ARG D 154 28.30 33.99 -17.98
C ARG D 154 28.36 32.87 -16.92
N LEU D 155 27.44 32.89 -15.95
CA LEU D 155 27.36 31.89 -14.86
C LEU D 155 26.93 30.53 -15.42
N MET D 156 25.89 30.51 -16.26
CA MET D 156 25.35 29.28 -16.88
C MET D 156 26.39 28.71 -17.85
N ARG D 157 27.09 29.57 -18.59
CA ARG D 157 28.13 29.13 -19.56
C ARG D 157 29.33 28.56 -18.80
N LYS D 158 29.65 29.05 -17.60
CA LYS D 158 30.83 28.59 -16.80
C LYS D 158 30.50 27.23 -16.19
N ILE D 159 29.37 27.13 -15.47
CA ILE D 159 28.82 25.85 -14.90
C ILE D 159 28.85 24.75 -15.98
N ALA D 160 28.45 25.08 -17.22
CA ALA D 160 28.33 24.12 -18.33
C ALA D 160 29.74 23.70 -18.75
N ALA D 161 30.63 24.65 -19.04
CA ALA D 161 32.04 24.39 -19.39
C ALA D 161 32.69 23.50 -18.33
N LEU D 162 32.41 23.72 -17.04
CA LEU D 162 33.07 23.00 -15.91
C LEU D 162 32.59 21.54 -15.89
N ARG D 163 31.30 21.31 -16.19
CA ARG D 163 30.72 19.96 -16.36
C ARG D 163 31.45 19.26 -17.53
N LYS D 164 31.39 19.88 -18.71
CA LYS D 164 31.76 19.27 -20.01
C LYS D 164 33.26 19.01 -20.11
N ASP D 165 34.13 19.86 -19.56
CA ASP D 165 35.60 19.60 -19.62
C ASP D 165 35.99 18.66 -18.47
N GLY D 166 35.05 18.31 -17.59
CA GLY D 166 35.24 17.27 -16.55
C GLY D 166 35.89 17.80 -15.28
N THR D 167 36.00 19.13 -15.14
CA THR D 167 36.60 19.82 -13.96
C THR D 167 35.81 19.49 -12.69
N ILE D 168 34.49 19.41 -12.80
CA ILE D 168 33.55 19.04 -11.69
C ILE D 168 32.63 17.93 -12.22
N LYS D 169 32.93 16.68 -11.84
CA LYS D 169 32.37 15.43 -12.41
C LYS D 169 30.96 15.16 -11.87
N TRP D 170 30.55 15.82 -10.78
CA TRP D 170 29.25 15.61 -10.10
C TRP D 170 28.19 16.59 -10.62
N LEU D 171 28.53 17.46 -11.56
CA LEU D 171 27.55 18.44 -12.13
C LEU D 171 26.66 17.69 -13.11
N ARG D 172 25.36 18.01 -13.13
CA ARG D 172 24.41 17.50 -14.14
C ARG D 172 23.89 18.68 -14.97
N PRO D 173 23.26 18.42 -16.13
CA PRO D 173 22.97 19.45 -17.11
C PRO D 173 22.15 20.66 -16.62
N ASP D 174 21.03 20.41 -15.92
CA ASP D 174 20.01 21.44 -15.59
C ASP D 174 20.58 22.39 -14.55
N ALA D 175 20.53 23.69 -14.83
CA ALA D 175 21.01 24.77 -13.95
C ALA D 175 20.31 26.08 -14.31
N LYS D 176 20.27 26.99 -13.35
CA LYS D 176 19.56 28.29 -13.43
C LYS D 176 20.34 29.31 -12.61
N ALA D 177 20.46 30.55 -13.12
CA ALA D 177 21.06 31.69 -12.38
C ALA D 177 20.12 32.89 -12.45
N GLN D 178 19.98 33.58 -11.33
CA GLN D 178 19.32 34.90 -11.24
C GLN D 178 20.29 35.86 -10.57
N VAL D 179 20.65 36.94 -11.25
CA VAL D 179 21.58 37.99 -10.74
C VAL D 179 20.78 39.27 -10.53
N THR D 180 20.69 39.71 -9.28
CA THR D 180 20.07 40.99 -8.87
C THR D 180 21.20 42.03 -8.75
N VAL D 181 21.19 43.04 -9.62
CA VAL D 181 22.17 44.17 -9.58
C VAL D 181 21.49 45.37 -8.92
N GLU D 182 22.20 46.05 -8.01
CA GLU D 182 21.74 47.33 -7.40
C GLU D 182 22.28 48.50 -8.24
N TYR D 183 21.38 49.43 -8.62
CA TYR D 183 21.69 50.61 -9.46
C TYR D 183 21.62 51.89 -8.60
N ASP D 184 22.60 52.77 -8.86
CA ASP D 184 22.89 54.15 -8.42
C ASP D 184 21.72 55.11 -8.58
N GLU D 185 21.88 56.32 -8.02
CA GLU D 185 21.08 57.52 -8.38
C GLU D 185 21.09 57.75 -9.91
N ASP D 186 22.20 57.56 -10.62
CA ASP D 186 22.33 57.79 -12.08
C ASP D 186 21.86 56.57 -12.89
N ASN D 187 21.33 55.54 -12.23
CA ASN D 187 21.06 54.19 -12.81
C ASN D 187 22.33 53.63 -13.47
N GLN D 188 23.46 53.74 -12.77
CA GLN D 188 24.73 53.04 -13.09
C GLN D 188 24.82 51.83 -12.16
N PRO D 189 25.39 50.70 -12.63
CA PRO D 189 25.52 49.51 -11.77
C PRO D 189 26.44 49.80 -10.56
N LYS D 190 25.87 49.87 -9.36
CA LYS D 190 26.61 50.22 -8.10
C LYS D 190 27.27 48.96 -7.53
N ARG D 191 26.51 47.88 -7.39
CA ARG D 191 26.97 46.61 -6.74
C ARG D 191 26.08 45.44 -7.16
N ILE D 192 26.52 44.21 -6.85
CA ILE D 192 25.72 42.97 -7.03
C ILE D 192 25.10 42.59 -5.69
N ASP D 193 23.77 42.61 -5.61
CA ASP D 193 23.01 42.45 -4.34
C ASP D 193 22.89 40.95 -4.01
N THR D 194 22.33 40.18 -4.94
CA THR D 194 22.04 38.73 -4.77
C THR D 194 22.40 37.96 -6.04
N VAL D 195 23.08 36.83 -5.86
CA VAL D 195 23.20 35.77 -6.89
C VAL D 195 22.48 34.54 -6.38
N VAL D 196 21.44 34.11 -7.10
CA VAL D 196 20.77 32.81 -6.91
C VAL D 196 21.24 31.88 -8.03
N LEU D 197 21.79 30.74 -7.67
CA LEU D 197 22.25 29.72 -8.66
C LEU D 197 21.86 28.33 -8.15
N SER D 198 21.08 27.60 -8.95
CA SER D 198 20.60 26.22 -8.68
C SER D 198 21.19 25.30 -9.76
N THR D 199 21.86 24.22 -9.36
CA THR D 199 22.45 23.22 -10.29
C THR D 199 21.98 21.81 -9.91
N GLN D 200 21.69 21.00 -10.93
CA GLN D 200 21.50 19.53 -10.85
C GLN D 200 22.87 18.89 -10.54
N HIS D 201 22.89 17.85 -9.70
CA HIS D 201 24.14 17.17 -9.26
C HIS D 201 23.90 15.67 -9.02
N ASP D 202 24.96 14.85 -9.15
CA ASP D 202 24.99 13.43 -8.69
C ASP D 202 24.50 13.41 -7.24
N PRO D 203 23.80 12.36 -6.78
CA PRO D 203 23.24 12.33 -5.44
C PRO D 203 24.25 12.06 -4.32
N ASP D 204 25.50 11.72 -4.68
CA ASP D 204 26.59 11.32 -3.75
C ASP D 204 27.40 12.55 -3.30
N VAL D 205 26.86 13.76 -3.46
CA VAL D 205 27.52 15.03 -3.08
C VAL D 205 26.57 15.82 -2.17
N ASP D 206 27.05 16.24 -1.00
CA ASP D 206 26.24 16.93 0.04
C ASP D 206 26.13 18.40 -0.36
N LEU D 207 25.13 19.10 0.18
CA LEU D 207 24.78 20.50 -0.22
C LEU D 207 25.93 21.46 0.09
N ASP D 208 26.60 21.28 1.23
CA ASP D 208 27.69 22.18 1.68
C ASP D 208 28.79 22.18 0.62
N THR D 209 29.13 21.03 0.06
CA THR D 209 30.15 20.90 -1.00
C THR D 209 29.66 21.58 -2.27
N ILE D 210 28.41 21.33 -2.68
CA ILE D 210 27.81 21.94 -3.91
C ILE D 210 27.90 23.47 -3.75
N ARG D 211 27.52 23.99 -2.58
CA ARG D 211 27.43 25.46 -2.32
C ARG D 211 28.83 26.06 -2.40
N GLN D 212 29.76 25.59 -1.56
CA GLN D 212 31.17 26.09 -1.52
C GLN D 212 31.78 26.01 -2.92
N THR D 213 31.53 24.95 -3.69
CA THR D 213 32.16 24.70 -5.01
C THR D 213 31.62 25.71 -6.04
N VAL D 214 30.31 25.90 -6.08
CA VAL D 214 29.64 26.85 -7.02
C VAL D 214 30.10 28.29 -6.71
N ILE D 215 30.03 28.69 -5.43
CA ILE D 215 30.45 30.05 -4.99
C ILE D 215 31.90 30.27 -5.44
N ASP D 216 32.78 29.31 -5.20
CA ASP D 216 34.25 29.46 -5.43
C ASP D 216 34.58 29.34 -6.92
N GLN D 217 34.11 28.30 -7.62
CA GLN D 217 34.63 27.93 -8.97
C GLN D 217 33.73 28.45 -10.09
N VAL D 218 32.53 28.91 -9.77
CA VAL D 218 31.54 29.44 -10.78
C VAL D 218 31.31 30.93 -10.52
N ILE D 219 30.73 31.28 -9.37
CA ILE D 219 30.30 32.67 -9.05
C ILE D 219 31.54 33.57 -8.94
N LYS D 220 32.44 33.28 -8.00
CA LYS D 220 33.62 34.15 -7.74
C LYS D 220 34.57 34.10 -8.95
N ALA D 221 34.42 33.14 -9.85
CA ALA D 221 35.25 32.99 -11.08
C ALA D 221 34.75 33.92 -12.19
N VAL D 222 33.56 34.51 -12.05
CA VAL D 222 32.85 35.15 -13.19
C VAL D 222 32.38 36.56 -12.79
N LEU D 223 31.90 36.75 -11.57
CA LEU D 223 31.47 38.10 -11.10
C LEU D 223 32.71 38.96 -10.89
N PRO D 224 32.76 40.16 -11.50
CA PRO D 224 33.85 41.10 -11.28
C PRO D 224 33.94 41.46 -9.79
N ALA D 225 35.14 41.36 -9.22
CA ALA D 225 35.39 41.52 -7.77
C ALA D 225 34.99 42.93 -7.30
N ASP D 226 35.15 43.95 -8.15
CA ASP D 226 34.89 45.38 -7.84
C ASP D 226 33.40 45.67 -7.62
N LEU D 227 32.49 44.73 -7.91
CA LEU D 227 31.02 44.89 -7.75
C LEU D 227 30.50 44.04 -6.59
N LEU D 228 31.37 43.24 -5.96
CA LEU D 228 31.05 42.36 -4.81
C LEU D 228 31.44 43.08 -3.51
N ASP D 229 30.65 42.91 -2.45
CA ASP D 229 31.04 43.31 -1.07
C ASP D 229 30.48 42.27 -0.09
N ASP D 230 30.78 42.45 1.20
CA ASP D 230 30.43 41.50 2.30
C ASP D 230 28.90 41.41 2.47
N GLN D 231 28.12 42.27 1.79
CA GLN D 231 26.63 42.26 1.83
C GLN D 231 26.04 41.49 0.65
N THR D 232 26.84 41.19 -0.37
CA THR D 232 26.42 40.37 -1.54
C THR D 232 25.91 39.01 -1.05
N LYS D 233 24.63 38.70 -1.32
CA LYS D 233 23.97 37.43 -0.94
C LYS D 233 24.21 36.39 -2.05
N TYR D 234 24.78 35.25 -1.68
CA TYR D 234 24.98 34.08 -2.58
C TYR D 234 24.05 32.94 -2.13
N LEU D 235 23.00 32.66 -2.89
CA LEU D 235 22.07 31.52 -2.60
C LEU D 235 22.27 30.43 -3.64
N VAL D 236 22.88 29.30 -3.25
CA VAL D 236 23.10 28.16 -4.17
C VAL D 236 22.13 27.02 -3.78
N ASN D 237 21.37 26.52 -4.74
CA ASN D 237 20.39 25.41 -4.55
C ASN D 237 19.54 25.69 -3.32
N PRO D 238 18.78 26.81 -3.32
CA PRO D 238 17.82 27.12 -2.26
C PRO D 238 16.67 26.10 -2.17
N THR D 239 16.29 25.47 -3.29
CA THR D 239 15.43 24.25 -3.34
C THR D 239 15.92 23.18 -2.36
N GLY D 240 17.25 23.06 -2.19
CA GLY D 240 17.91 21.95 -1.50
C GLY D 240 18.52 21.00 -2.53
N ARG D 241 18.58 19.69 -2.24
CA ARG D 241 19.03 18.67 -3.22
C ARG D 241 18.27 18.88 -4.53
N PHE D 242 18.91 18.52 -5.63
CA PHE D 242 18.42 18.70 -7.02
C PHE D 242 19.18 17.71 -7.89
N VAL D 243 18.73 16.44 -7.87
CA VAL D 243 19.39 15.25 -8.46
C VAL D 243 18.72 14.92 -9.80
N ILE D 244 17.40 14.77 -9.77
CA ILE D 244 16.58 14.57 -10.99
C ILE D 244 16.13 15.94 -11.47
N GLY D 245 16.35 16.22 -12.74
CA GLY D 245 15.97 17.48 -13.40
C GLY D 245 15.87 17.27 -14.89
N GLY D 246 16.13 18.32 -15.65
CA GLY D 246 15.70 18.41 -17.06
C GLY D 246 14.18 18.38 -17.11
N PRO D 247 13.58 17.67 -18.08
CA PRO D 247 12.13 17.61 -18.20
C PRO D 247 11.43 16.73 -17.17
N GLN D 248 12.16 16.11 -16.24
CA GLN D 248 11.65 14.99 -15.42
C GLN D 248 10.48 15.49 -14.55
N GLY D 249 10.72 16.27 -13.51
CA GLY D 249 9.61 16.83 -12.70
C GLY D 249 8.82 17.89 -13.46
N ASP D 250 9.46 18.54 -14.44
CA ASP D 250 9.03 19.84 -15.03
C ASP D 250 8.31 19.62 -16.36
N ALA D 251 8.17 20.72 -17.12
CA ALA D 251 7.81 20.76 -18.56
C ALA D 251 8.69 21.81 -19.23
N GLY D 252 8.92 21.69 -20.53
CA GLY D 252 9.69 22.65 -21.35
C GLY D 252 9.02 22.82 -22.70
N LEU D 253 8.99 24.05 -23.25
CA LEU D 253 8.42 24.33 -24.59
C LEU D 253 9.36 25.27 -25.33
N THR D 254 9.39 25.16 -26.65
CA THR D 254 10.05 26.12 -27.56
C THR D 254 9.46 27.51 -27.27
N GLY D 255 10.34 28.51 -27.08
CA GLY D 255 9.99 29.94 -26.99
C GLY D 255 9.31 30.32 -25.68
N ARG D 256 9.79 29.81 -24.54
CA ARG D 256 9.28 30.22 -23.20
C ARG D 256 10.45 30.76 -22.36
N LYS D 257 11.53 31.18 -23.03
CA LYS D 257 12.70 31.81 -22.40
C LYS D 257 13.13 32.99 -23.27
N VAL D 258 12.14 33.74 -23.73
CA VAL D 258 12.33 34.87 -24.68
C VAL D 258 13.17 35.97 -24.01
N ILE D 259 12.87 36.29 -22.74
CA ILE D 259 13.61 37.32 -21.94
C ILE D 259 15.04 36.84 -21.76
N VAL D 260 15.24 35.58 -21.37
CA VAL D 260 16.59 34.95 -21.29
C VAL D 260 17.29 35.05 -22.64
N ASP D 261 16.55 34.81 -23.74
CA ASP D 261 17.10 34.68 -25.11
C ASP D 261 17.60 36.06 -25.57
N THR D 262 17.00 37.14 -25.04
CA THR D 262 17.21 38.54 -25.52
C THR D 262 18.05 39.30 -24.49
N TYR D 263 17.43 40.17 -23.68
CA TYR D 263 18.10 41.26 -22.91
C TYR D 263 17.66 41.27 -21.43
N GLY D 264 17.10 40.18 -20.93
CA GLY D 264 16.79 40.02 -19.50
C GLY D 264 15.78 41.04 -19.00
N GLY D 265 14.99 41.63 -19.91
CA GLY D 265 13.85 42.53 -19.60
C GLY D 265 14.22 44.01 -19.62
N PHE D 266 15.36 44.37 -20.21
CA PHE D 266 15.81 45.78 -20.41
C PHE D 266 15.08 46.39 -21.59
N ALA D 267 14.63 45.55 -22.52
CA ALA D 267 14.09 45.95 -23.84
C ALA D 267 12.61 45.56 -23.97
N HIS D 268 11.99 46.10 -25.00
CA HIS D 268 10.58 45.85 -25.43
C HIS D 268 10.57 44.66 -26.41
N HIS D 269 9.37 44.14 -26.67
CA HIS D 269 9.15 42.87 -27.41
C HIS D 269 7.92 42.97 -28.31
N GLY D 270 8.07 42.56 -29.58
CA GLY D 270 6.99 42.37 -30.55
C GLY D 270 6.26 41.06 -30.34
N GLY D 271 6.98 40.02 -29.87
CA GLY D 271 6.38 38.87 -29.19
C GLY D 271 6.46 37.59 -29.99
N GLY D 272 7.25 37.55 -31.07
CA GLY D 272 7.75 36.28 -31.64
C GLY D 272 8.64 35.56 -30.64
N ALA D 273 9.10 34.36 -31.00
CA ALA D 273 10.25 33.66 -30.37
C ALA D 273 11.16 33.18 -31.50
N PHE D 274 12.44 32.91 -31.25
CA PHE D 274 13.45 32.69 -32.30
C PHE D 274 13.52 31.21 -32.71
N SER D 275 13.83 30.30 -31.77
CA SER D 275 14.21 28.90 -32.06
C SER D 275 13.08 28.18 -32.83
N GLY D 276 13.47 27.38 -33.83
CA GLY D 276 12.55 26.59 -34.67
C GLY D 276 12.17 27.32 -35.95
N LYS D 277 12.68 28.54 -36.14
CA LYS D 277 12.30 29.42 -37.28
C LYS D 277 13.54 29.76 -38.11
N ASP D 278 13.45 29.53 -39.42
CA ASP D 278 14.46 29.97 -40.42
C ASP D 278 14.38 31.49 -40.57
N ALA D 279 15.39 32.09 -41.20
CA ALA D 279 15.59 33.55 -41.28
C ALA D 279 14.55 34.22 -42.18
N THR D 280 13.82 33.43 -42.99
CA THR D 280 12.58 33.84 -43.70
C THR D 280 11.63 34.53 -42.71
N LYS D 281 11.68 34.16 -41.44
CA LYS D 281 10.81 34.72 -40.36
C LYS D 281 11.42 36.03 -39.87
N VAL D 282 10.84 37.16 -40.28
CA VAL D 282 11.38 38.52 -39.97
C VAL D 282 11.39 38.70 -38.45
N ASP D 283 10.41 38.13 -37.73
CA ASP D 283 10.46 37.98 -36.24
C ASP D 283 11.90 37.73 -35.80
N ARG D 284 12.59 36.77 -36.43
CA ARG D 284 13.94 36.33 -36.00
C ARG D 284 15.01 37.23 -36.65
N SER D 285 14.94 37.39 -37.97
CA SER D 285 16.00 38.03 -38.78
C SER D 285 16.12 39.53 -38.44
N ALA D 286 15.00 40.25 -38.33
CA ALA D 286 14.95 41.70 -38.00
C ALA D 286 15.39 41.91 -36.55
N SER D 287 15.09 40.99 -35.64
CA SER D 287 15.52 41.07 -34.22
C SER D 287 17.05 40.97 -34.15
N TYR D 288 17.63 40.09 -34.97
CA TYR D 288 19.09 39.93 -35.11
C TYR D 288 19.67 41.22 -35.70
N ALA D 289 19.00 41.75 -36.73
CA ALA D 289 19.40 43.00 -37.44
C ALA D 289 19.34 44.18 -36.46
N ALA D 290 18.24 44.30 -35.70
CA ALA D 290 18.03 45.34 -34.68
C ALA D 290 19.18 45.30 -33.66
N ARG D 291 19.63 44.14 -33.24
CA ARG D 291 20.77 44.02 -32.28
C ARG D 291 22.03 44.53 -32.98
N TYR D 292 22.27 44.10 -34.21
CA TYR D 292 23.43 44.47 -35.06
C TYR D 292 23.56 45.99 -35.09
N ILE D 293 22.43 46.68 -35.30
CA ILE D 293 22.36 48.17 -35.36
C ILE D 293 22.74 48.69 -33.96
N ALA D 294 21.87 48.51 -32.97
CA ALA D 294 22.09 48.92 -31.57
C ALA D 294 23.56 48.76 -31.18
N LYS D 295 24.14 47.59 -31.43
CA LYS D 295 25.50 47.25 -30.94
C LYS D 295 26.52 48.14 -31.66
N ASN D 296 26.38 48.33 -32.97
CA ASN D 296 27.33 49.13 -33.78
C ASN D 296 27.20 50.61 -33.38
N VAL D 297 25.99 51.13 -33.20
CA VAL D 297 25.73 52.52 -32.71
C VAL D 297 26.52 52.74 -31.42
N VAL D 298 26.34 51.86 -30.43
CA VAL D 298 26.95 52.02 -29.08
C VAL D 298 28.45 51.78 -29.18
N ALA D 299 28.89 50.77 -29.95
CA ALA D 299 30.32 50.46 -30.18
C ALA D 299 31.01 51.68 -30.81
N ALA D 300 30.32 52.40 -31.68
CA ALA D 300 30.85 53.61 -32.36
C ALA D 300 30.89 54.79 -31.39
N GLY D 301 30.25 54.68 -30.21
CA GLY D 301 30.20 55.73 -29.18
C GLY D 301 29.15 56.80 -29.48
N LEU D 302 28.22 56.53 -30.40
CA LEU D 302 27.13 57.45 -30.78
C LEU D 302 26.05 57.50 -29.69
N ALA D 303 26.08 56.56 -28.74
CA ALA D 303 25.24 56.58 -27.51
C ALA D 303 25.85 55.63 -26.48
N ASP D 304 25.47 55.77 -25.21
CA ASP D 304 25.88 54.85 -24.11
C ASP D 304 24.96 53.63 -24.15
N GLN D 305 23.69 53.87 -24.50
CA GLN D 305 22.67 52.82 -24.71
C GLN D 305 21.74 53.27 -25.83
N VAL D 306 21.14 52.34 -26.56
CA VAL D 306 20.05 52.63 -27.54
C VAL D 306 19.14 51.40 -27.63
N GLU D 307 17.83 51.63 -27.64
CA GLU D 307 16.82 50.66 -28.12
C GLU D 307 16.45 51.04 -29.55
N VAL D 308 16.64 50.13 -30.50
CA VAL D 308 16.21 50.31 -31.92
C VAL D 308 14.84 49.65 -32.09
N GLN D 309 13.91 50.35 -32.74
CA GLN D 309 12.52 49.88 -32.97
C GLN D 309 12.24 49.86 -34.48
N LEU D 310 12.00 48.67 -35.03
CA LEU D 310 11.69 48.46 -36.48
C LEU D 310 10.23 48.07 -36.62
N ALA D 311 9.50 48.76 -37.52
CA ALA D 311 8.09 48.50 -37.88
C ALA D 311 8.04 48.05 -39.33
N TYR D 312 7.55 46.83 -39.59
CA TYR D 312 7.37 46.29 -40.97
C TYR D 312 5.87 46.26 -41.27
N ALA D 313 5.52 46.51 -42.54
CA ALA D 313 4.16 46.32 -43.09
C ALA D 313 4.15 45.04 -43.94
N ILE D 314 3.01 44.33 -43.95
CA ILE D 314 2.85 43.07 -44.74
C ILE D 314 3.10 43.41 -46.21
N GLY D 315 4.00 42.67 -46.85
CA GLY D 315 4.41 42.82 -48.25
C GLY D 315 5.03 44.18 -48.54
N VAL D 316 5.83 44.72 -47.62
CA VAL D 316 6.73 45.88 -47.89
C VAL D 316 8.11 45.57 -47.30
N ALA D 317 9.09 45.40 -48.19
CA ALA D 317 10.46 44.91 -47.90
C ALA D 317 11.11 45.84 -46.88
N GLU D 318 11.18 47.13 -47.22
CA GLU D 318 11.78 48.17 -46.35
C GLU D 318 10.92 48.29 -45.09
N PRO D 319 11.53 48.49 -43.90
CA PRO D 319 10.77 48.84 -42.72
C PRO D 319 10.02 50.16 -43.01
N VAL D 320 8.74 50.21 -42.65
CA VAL D 320 7.87 51.41 -42.85
C VAL D 320 8.29 52.52 -41.87
N SER D 321 8.96 52.19 -40.76
CA SER D 321 9.28 53.16 -39.69
C SER D 321 10.45 52.66 -38.83
N ILE D 322 11.38 53.55 -38.48
CA ILE D 322 12.48 53.26 -37.51
C ILE D 322 12.48 54.35 -36.43
N ALA D 323 12.24 53.94 -35.18
CA ALA D 323 12.37 54.78 -33.97
C ALA D 323 13.64 54.37 -33.25
N VAL D 324 14.06 55.18 -32.28
CA VAL D 324 15.37 55.01 -31.60
C VAL D 324 15.23 55.72 -30.26
N ASP D 325 15.59 55.06 -29.17
CA ASP D 325 15.59 55.68 -27.81
C ASP D 325 17.01 55.53 -27.23
N THR D 326 17.72 56.65 -27.08
CA THR D 326 19.10 56.70 -26.52
C THR D 326 19.04 56.95 -25.01
N ALA D 327 17.86 57.21 -24.46
CA ALA D 327 17.67 57.65 -23.05
C ALA D 327 18.49 58.93 -22.79
N GLY D 328 18.56 59.82 -23.79
CA GLY D 328 19.32 61.09 -23.71
C GLY D 328 20.81 60.87 -23.49
N THR D 329 21.34 59.68 -23.85
CA THR D 329 22.79 59.37 -23.87
C THR D 329 23.32 59.58 -25.30
N GLY D 330 22.42 59.89 -26.25
CA GLY D 330 22.76 60.20 -27.65
C GLY D 330 23.79 61.31 -27.73
N LYS D 331 24.92 61.03 -28.40
CA LYS D 331 25.96 62.03 -28.76
C LYS D 331 25.58 62.65 -30.11
N VAL D 332 24.43 62.27 -30.69
CA VAL D 332 23.93 62.75 -32.00
C VAL D 332 22.40 62.83 -31.91
N SER D 333 21.77 63.64 -32.78
CA SER D 333 20.31 63.76 -32.97
C SER D 333 19.68 62.38 -33.20
N ASP D 334 18.42 62.20 -32.78
CA ASP D 334 17.63 60.96 -33.04
C ASP D 334 17.40 60.85 -34.56
N GLU D 335 16.95 61.93 -35.21
CA GLU D 335 16.65 61.97 -36.68
C GLU D 335 17.93 61.67 -37.48
N ALA D 336 19.09 62.14 -37.02
CA ALA D 336 20.42 61.98 -37.67
C ALA D 336 20.91 60.54 -37.53
N LEU D 337 20.65 59.92 -36.36
CA LEU D 337 21.00 58.50 -36.06
C LEU D 337 20.15 57.59 -36.95
N ILE D 338 18.82 57.77 -36.98
CA ILE D 338 17.88 57.01 -37.86
C ILE D 338 18.40 57.10 -39.30
N ASN D 339 18.91 58.27 -39.69
CA ASN D 339 19.41 58.54 -41.06
C ASN D 339 20.64 57.66 -41.34
N ALA D 340 21.57 57.58 -40.39
CA ALA D 340 22.82 56.79 -40.51
C ALA D 340 22.44 55.32 -40.69
N ILE D 341 21.39 54.88 -39.98
CA ILE D 341 20.97 53.45 -39.99
C ILE D 341 20.33 53.13 -41.34
N ARG D 342 19.46 53.99 -41.87
CA ARG D 342 18.84 53.77 -43.20
C ARG D 342 19.93 53.71 -44.27
N GLU D 343 21.05 54.41 -44.09
CA GLU D 343 22.10 54.53 -45.13
C GLU D 343 23.09 53.34 -45.04
N ASN D 344 23.25 52.68 -43.90
CA ASN D 344 24.35 51.70 -43.70
C ASN D 344 23.86 50.27 -43.42
N PHE D 345 22.55 50.05 -43.32
CA PHE D 345 21.96 48.71 -43.11
C PHE D 345 20.89 48.47 -44.17
N ASP D 346 20.98 47.32 -44.85
CA ASP D 346 19.88 46.71 -45.62
C ASP D 346 18.95 46.02 -44.63
N LEU D 347 17.72 46.50 -44.51
CA LEU D 347 16.74 46.06 -43.49
C LEU D 347 15.53 45.38 -44.13
N ARG D 348 15.64 45.04 -45.42
CA ARG D 348 14.67 44.15 -46.10
C ARG D 348 14.94 42.72 -45.67
N PRO D 349 13.90 41.88 -45.49
CA PRO D 349 14.07 40.51 -45.01
C PRO D 349 15.18 39.79 -45.79
N ALA D 350 15.09 39.83 -47.12
CA ALA D 350 16.08 39.27 -48.08
C ALA D 350 17.44 39.94 -47.84
N GLY D 351 17.44 41.27 -47.70
CA GLY D 351 18.65 42.07 -47.45
C GLY D 351 19.39 41.61 -46.21
N ILE D 352 18.65 41.43 -45.11
CA ILE D 352 19.22 41.03 -43.78
C ILE D 352 19.87 39.66 -43.91
N ILE D 353 19.22 38.75 -44.64
CA ILE D 353 19.70 37.35 -44.86
C ILE D 353 21.06 37.40 -45.56
N LYS D 354 21.17 38.14 -46.67
CA LYS D 354 22.45 38.34 -47.41
C LYS D 354 23.45 39.05 -46.49
N MET D 355 23.04 40.15 -45.84
CA MET D 355 23.90 41.02 -45.00
C MET D 355 24.57 40.19 -43.90
N LEU D 356 23.80 39.37 -43.17
CA LEU D 356 24.31 38.62 -42.00
C LEU D 356 24.63 37.16 -42.37
N ASP D 357 24.40 36.77 -43.63
CA ASP D 357 24.68 35.40 -44.15
C ASP D 357 23.95 34.38 -43.24
N LEU D 358 22.63 34.35 -43.30
CA LEU D 358 21.77 33.66 -42.31
C LEU D 358 21.27 32.30 -42.83
N GLN D 359 21.52 31.99 -44.11
CA GLN D 359 21.13 30.69 -44.68
C GLN D 359 22.28 29.70 -44.51
N ARG D 360 22.77 29.59 -43.28
CA ARG D 360 23.83 28.65 -42.84
C ARG D 360 23.39 28.03 -41.51
N PRO D 361 23.86 26.82 -41.15
CA PRO D 361 23.42 26.19 -39.90
C PRO D 361 24.12 26.78 -38.66
N ILE D 362 23.66 27.95 -38.17
CA ILE D 362 24.37 28.74 -37.12
C ILE D 362 23.50 28.89 -35.86
N TYR D 363 22.38 28.17 -35.76
CA TYR D 363 21.26 28.51 -34.83
C TYR D 363 21.21 27.60 -33.60
N ARG D 364 21.61 26.33 -33.69
CA ARG D 364 21.57 25.44 -32.51
C ARG D 364 22.31 26.14 -31.37
N GLN D 365 23.48 26.73 -31.67
CA GLN D 365 24.36 27.37 -30.65
C GLN D 365 23.70 28.59 -29.98
N THR D 366 22.66 29.20 -30.57
CA THR D 366 21.97 30.41 -30.01
C THR D 366 20.90 30.01 -28.99
N ALA D 367 20.49 28.73 -29.01
CA ALA D 367 19.27 28.27 -28.34
C ALA D 367 19.54 28.06 -26.85
N ALA D 368 20.77 28.31 -26.37
CA ALA D 368 21.06 28.46 -24.92
C ALA D 368 22.13 29.52 -24.67
N TYR D 369 22.09 30.19 -23.51
CA TYR D 369 23.08 31.21 -23.05
C TYR D 369 22.96 32.53 -23.84
N GLY D 370 21.82 32.77 -24.48
CA GLY D 370 21.46 34.06 -25.10
C GLY D 370 21.78 34.11 -26.59
N HIS D 371 20.91 34.77 -27.37
CA HIS D 371 21.13 35.09 -28.81
C HIS D 371 22.07 36.30 -28.91
N PHE D 372 22.14 37.12 -27.87
CA PHE D 372 22.83 38.43 -27.88
C PHE D 372 23.90 38.46 -26.80
N GLY D 373 25.02 39.12 -27.13
CA GLY D 373 26.13 39.40 -26.22
C GLY D 373 27.09 38.26 -26.12
N ARG D 374 27.18 37.44 -27.17
CA ARG D 374 27.93 36.17 -27.12
C ARG D 374 29.40 36.42 -27.47
N THR D 375 30.26 36.14 -26.50
CA THR D 375 31.74 36.25 -26.57
C THR D 375 32.36 34.90 -26.89
N ASP D 376 31.67 33.80 -26.55
CA ASP D 376 32.19 32.42 -26.62
C ASP D 376 32.00 31.82 -28.02
N ILE D 377 31.10 32.38 -28.83
CA ILE D 377 30.84 31.95 -30.24
C ILE D 377 30.77 33.19 -31.12
N ASP D 378 30.84 33.00 -32.43
CA ASP D 378 30.87 34.08 -33.44
C ASP D 378 29.52 34.10 -34.16
N LEU D 379 28.67 35.07 -33.82
CA LEU D 379 27.35 35.33 -34.49
C LEU D 379 27.46 36.58 -35.35
N PRO D 380 26.96 36.57 -36.60
CA PRO D 380 27.12 37.71 -37.51
C PRO D 380 26.62 39.04 -36.92
N TRP D 381 25.46 39.01 -36.25
CA TRP D 381 24.77 40.20 -35.70
C TRP D 381 25.50 40.76 -34.46
N GLU D 382 26.60 40.12 -34.02
CA GLU D 382 27.46 40.59 -32.90
C GLU D 382 28.75 41.24 -33.44
N HIS D 383 29.08 41.06 -34.72
CA HIS D 383 30.19 41.76 -35.41
C HIS D 383 29.96 43.26 -35.27
N THR D 384 31.03 44.02 -34.98
CA THR D 384 31.01 45.51 -34.88
C THR D 384 31.73 46.08 -36.10
N ASP D 385 31.41 45.55 -37.29
CA ASP D 385 32.09 45.87 -38.57
C ASP D 385 31.39 47.02 -39.30
N LYS D 386 30.38 47.66 -38.69
CA LYS D 386 29.68 48.83 -39.28
C LYS D 386 30.06 50.10 -38.49
N VAL D 387 31.04 50.03 -37.59
CA VAL D 387 31.54 51.19 -36.77
C VAL D 387 32.08 52.24 -37.74
N ASP D 388 33.06 51.88 -38.58
CA ASP D 388 33.71 52.84 -39.52
C ASP D 388 32.66 53.43 -40.46
N ALA D 389 31.72 52.62 -40.95
CA ALA D 389 30.60 53.08 -41.81
C ALA D 389 29.83 54.20 -41.10
N LEU D 390 29.52 54.02 -39.81
CA LEU D 390 28.72 54.97 -38.99
C LEU D 390 29.57 56.19 -38.60
N LYS D 391 30.78 55.99 -38.07
CA LYS D 391 31.76 57.08 -37.82
C LYS D 391 31.80 57.98 -39.07
N ALA D 392 32.06 57.38 -40.24
CA ALA D 392 32.21 58.06 -41.55
C ALA D 392 30.95 58.86 -41.91
N ALA D 393 29.76 58.41 -41.51
CA ALA D 393 28.48 59.05 -41.88
C ALA D 393 28.35 60.44 -41.22
N PHE D 394 29.31 60.87 -40.38
CA PHE D 394 29.33 62.20 -39.71
C PHE D 394 30.65 62.94 -40.00
N LYS D 395 30.83 63.24 -41.30
CA LYS D 395 32.09 63.72 -41.94
C LYS D 395 31.77 64.77 -43.01
N GLU E 3 -16.52 -53.63 1.68
CA GLU E 3 -16.42 -53.22 3.13
C GLU E 3 -14.93 -53.32 3.51
N ARG E 4 -14.19 -52.24 3.27
CA ARG E 4 -12.70 -52.11 3.33
C ARG E 4 -12.29 -51.73 4.76
N HIS E 5 -11.47 -52.52 5.46
CA HIS E 5 -11.07 -52.24 6.86
C HIS E 5 -9.87 -51.27 6.85
N LEU E 6 -10.16 -49.96 6.87
CA LEU E 6 -9.14 -48.87 6.77
C LEU E 6 -8.96 -48.20 8.15
N PHE E 7 -7.72 -47.85 8.49
CA PHE E 7 -7.38 -47.15 9.76
C PHE E 7 -6.33 -46.08 9.52
N THR E 8 -6.64 -44.85 9.97
CA THR E 8 -5.79 -43.64 9.78
C THR E 8 -5.23 -43.15 11.11
N SER E 9 -3.94 -42.81 11.11
CA SER E 9 -3.25 -42.10 12.22
C SER E 9 -2.60 -40.84 11.65
N GLU E 10 -2.46 -39.76 12.44
CA GLU E 10 -1.74 -38.53 12.03
C GLU E 10 -0.52 -38.35 12.93
N SER E 11 0.54 -37.75 12.38
CA SER E 11 1.65 -37.12 13.14
C SER E 11 1.84 -35.70 12.60
N VAL E 12 2.50 -34.84 13.38
CA VAL E 12 2.76 -33.42 13.00
C VAL E 12 4.22 -33.10 13.32
N SER E 13 4.79 -32.14 12.59
CA SER E 13 6.19 -31.67 12.73
C SER E 13 6.35 -30.87 14.02
N GLU E 14 7.60 -30.63 14.42
CA GLU E 14 8.01 -29.64 15.45
C GLU E 14 7.30 -28.28 15.20
N GLY E 15 7.07 -27.95 13.92
CA GLY E 15 6.55 -26.65 13.46
C GLY E 15 5.07 -26.47 13.70
N HIS E 16 4.31 -27.56 13.88
CA HIS E 16 2.85 -27.48 14.10
C HIS E 16 2.60 -26.74 15.41
N PRO E 17 1.61 -25.81 15.47
CA PRO E 17 1.41 -24.97 16.64
C PRO E 17 1.19 -25.73 17.96
N ASP E 18 0.42 -26.82 17.92
CA ASP E 18 0.15 -27.68 19.10
C ASP E 18 1.46 -28.31 19.59
N LYS E 19 2.35 -28.66 18.66
CA LYS E 19 3.66 -29.27 19.01
C LYS E 19 4.63 -28.17 19.49
N ILE E 20 4.52 -26.94 18.97
CA ILE E 20 5.31 -25.77 19.47
C ILE E 20 5.00 -25.62 20.98
N ALA E 21 3.71 -25.60 21.33
CA ALA E 21 3.24 -25.51 22.74
C ALA E 21 3.85 -26.65 23.57
N ASP E 22 3.82 -27.89 23.06
CA ASP E 22 4.25 -29.10 23.81
C ASP E 22 5.78 -28.98 24.03
N GLN E 23 6.53 -28.58 22.99
CA GLN E 23 8.00 -28.49 23.05
C GLN E 23 8.44 -27.37 24.00
N ILE E 24 7.72 -26.24 24.01
CA ILE E 24 8.04 -25.10 24.92
C ILE E 24 7.83 -25.58 26.35
N SER E 25 6.64 -26.10 26.68
CA SER E 25 6.33 -26.64 28.02
C SER E 25 7.45 -27.59 28.47
N ASP E 26 7.91 -28.50 27.61
CA ASP E 26 8.93 -29.52 27.96
C ASP E 26 10.36 -28.94 27.93
N ALA E 27 10.61 -27.91 27.13
CA ALA E 27 11.92 -27.19 27.10
C ALA E 27 12.14 -26.52 28.47
N ILE E 28 11.09 -25.91 29.01
CA ILE E 28 11.11 -25.25 30.35
C ILE E 28 11.38 -26.32 31.41
N LEU E 29 10.77 -27.51 31.26
CA LEU E 29 10.95 -28.65 32.19
C LEU E 29 12.42 -29.06 32.18
N ASP E 30 12.98 -29.27 30.99
CA ASP E 30 14.40 -29.68 30.81
C ASP E 30 15.30 -28.64 31.48
N ALA E 31 15.09 -27.36 31.17
CA ALA E 31 15.87 -26.21 31.69
C ALA E 31 16.00 -26.31 33.21
N MET E 32 14.92 -26.68 33.88
CA MET E 32 14.85 -26.74 35.37
C MET E 32 15.49 -28.04 35.89
N LEU E 33 15.20 -29.19 35.27
CA LEU E 33 15.80 -30.50 35.64
C LEU E 33 17.33 -30.41 35.48
N ALA E 34 17.78 -29.69 34.44
CA ALA E 34 19.21 -29.45 34.12
C ALA E 34 19.94 -28.86 35.34
N GLN E 35 19.26 -28.12 36.20
CA GLN E 35 19.86 -27.52 37.43
C GLN E 35 19.33 -28.20 38.69
N ASP E 36 18.10 -28.69 38.68
CA ASP E 36 17.38 -29.24 39.86
C ASP E 36 16.64 -30.51 39.48
N PRO E 37 17.26 -31.71 39.65
CA PRO E 37 16.59 -32.98 39.35
C PRO E 37 15.25 -33.15 40.10
N GLN E 38 15.14 -32.56 41.29
CA GLN E 38 13.96 -32.64 42.19
C GLN E 38 12.87 -31.64 41.74
N ALA E 39 13.11 -30.83 40.71
CA ALA E 39 12.17 -29.80 40.23
C ALA E 39 10.76 -30.38 40.02
N ARG E 40 9.76 -29.84 40.72
CA ARG E 40 8.31 -30.03 40.45
C ARG E 40 7.87 -29.00 39.40
N VAL E 41 7.16 -29.43 38.37
CA VAL E 41 6.84 -28.59 37.17
C VAL E 41 5.45 -28.96 36.65
N ALA E 42 4.64 -27.95 36.32
CA ALA E 42 3.30 -28.06 35.72
C ALA E 42 3.07 -26.84 34.84
N VAL E 43 3.57 -26.88 33.60
CA VAL E 43 3.72 -25.69 32.73
C VAL E 43 2.92 -25.90 31.43
N GLU E 44 1.84 -25.14 31.29
CA GLU E 44 1.01 -25.08 30.06
C GLU E 44 1.58 -23.98 29.16
N THR E 45 1.47 -24.16 27.85
CA THR E 45 1.82 -23.14 26.82
C THR E 45 0.64 -23.02 25.86
N SER E 46 0.34 -21.79 25.44
CA SER E 46 -0.67 -21.46 24.41
C SER E 46 0.02 -20.59 23.37
N VAL E 47 -0.28 -20.81 22.10
CA VAL E 47 0.39 -20.11 20.98
C VAL E 47 -0.70 -19.75 19.96
N THR E 48 -0.77 -18.49 19.57
CA THR E 48 -1.63 -18.01 18.45
C THR E 48 -0.86 -16.93 17.70
N THR E 49 -1.54 -16.14 16.85
CA THR E 49 -0.88 -15.16 15.96
C THR E 49 0.10 -14.33 16.77
N GLY E 50 1.40 -14.58 16.55
CA GLY E 50 2.52 -13.77 17.04
C GLY E 50 2.66 -13.82 18.55
N LEU E 51 2.03 -14.78 19.23
CA LEU E 51 1.92 -14.81 20.71
C LEU E 51 2.30 -16.18 21.29
N VAL E 52 3.03 -16.17 22.40
CA VAL E 52 3.29 -17.36 23.26
C VAL E 52 2.98 -17.00 24.71
N LEU E 53 1.87 -17.49 25.24
CA LEU E 53 1.58 -17.36 26.69
C LEU E 53 2.08 -18.63 27.40
N VAL E 54 3.00 -18.49 28.36
CA VAL E 54 3.44 -19.60 29.27
C VAL E 54 2.83 -19.35 30.64
N PHE E 55 2.20 -20.36 31.22
CA PHE E 55 1.55 -20.25 32.56
C PHE E 55 1.58 -21.63 33.23
N GLY E 56 1.65 -21.62 34.56
CA GLY E 56 1.68 -22.85 35.35
C GLY E 56 2.28 -22.63 36.71
N GLU E 57 2.25 -23.68 37.54
CA GLU E 57 2.89 -23.73 38.87
C GLU E 57 4.26 -24.37 38.67
N VAL E 58 5.25 -23.98 39.48
CA VAL E 58 6.61 -24.57 39.47
C VAL E 58 7.15 -24.47 40.89
N SER E 59 8.08 -25.34 41.23
CA SER E 59 8.72 -25.41 42.56
C SER E 59 10.13 -25.97 42.39
N THR E 60 11.15 -25.12 42.41
CA THR E 60 12.52 -25.54 42.01
C THR E 60 13.57 -24.61 42.63
N LYS E 61 14.79 -25.14 42.77
CA LYS E 61 15.98 -24.36 43.19
C LYS E 61 16.64 -23.76 41.94
N ALA E 62 16.19 -24.13 40.74
CA ALA E 62 16.74 -23.66 39.44
C ALA E 62 16.42 -22.18 39.22
N TYR E 63 17.34 -21.43 38.62
CA TYR E 63 17.06 -20.10 38.01
C TYR E 63 17.05 -20.25 36.49
N VAL E 64 15.88 -20.04 35.87
CA VAL E 64 15.71 -20.18 34.39
C VAL E 64 15.14 -18.88 33.81
N ASP E 65 15.78 -18.34 32.78
CA ASP E 65 15.24 -17.24 31.94
C ASP E 65 14.22 -17.85 30.98
N ILE E 66 12.95 -17.89 31.40
CA ILE E 66 11.83 -18.51 30.63
C ILE E 66 11.81 -17.93 29.21
N GLN E 67 11.86 -16.60 29.07
CA GLN E 67 11.90 -15.87 27.78
C GLN E 67 12.97 -16.51 26.87
N LYS E 68 14.18 -16.70 27.40
CA LYS E 68 15.32 -17.23 26.59
C LYS E 68 14.97 -18.67 26.18
N VAL E 69 14.44 -19.49 27.11
CA VAL E 69 14.07 -20.90 26.82
C VAL E 69 13.00 -20.91 25.73
N VAL E 70 11.92 -20.15 25.87
CA VAL E 70 10.81 -20.11 24.87
C VAL E 70 11.38 -19.73 23.50
N ARG E 71 12.16 -18.66 23.43
CA ARG E 71 12.62 -18.06 22.14
C ARG E 71 13.62 -19.00 21.47
N ASP E 72 14.50 -19.63 22.27
CA ASP E 72 15.49 -20.62 21.80
C ASP E 72 14.76 -21.87 21.27
N THR E 73 13.74 -22.37 21.97
CA THR E 73 12.94 -23.54 21.51
C THR E 73 12.37 -23.23 20.12
N ILE E 74 11.74 -22.07 19.98
CA ILE E 74 11.04 -21.61 18.75
C ILE E 74 12.07 -21.51 17.61
N LYS E 75 13.31 -21.17 17.93
CA LYS E 75 14.38 -21.01 16.91
C LYS E 75 14.85 -22.38 16.42
N SER E 76 15.08 -23.35 17.32
CA SER E 76 15.46 -24.75 16.95
C SER E 76 14.42 -25.30 15.97
N ILE E 77 13.15 -25.13 16.31
CA ILE E 77 11.99 -25.58 15.47
C ILE E 77 12.18 -25.04 14.05
N GLY E 78 12.74 -23.83 13.90
CA GLY E 78 13.17 -23.28 12.60
C GLY E 78 12.61 -21.89 12.31
N TYR E 79 11.82 -21.33 13.23
CA TYR E 79 11.23 -19.97 13.12
C TYR E 79 12.27 -18.91 13.49
N VAL E 80 13.09 -18.49 12.52
CA VAL E 80 14.39 -17.77 12.74
C VAL E 80 14.53 -16.57 11.81
N ASP E 81 13.50 -16.19 11.04
CA ASP E 81 13.50 -14.94 10.25
C ASP E 81 12.04 -14.60 9.90
N GLY E 82 11.71 -13.30 9.88
CA GLY E 82 10.32 -12.80 9.92
C GLY E 82 9.52 -13.09 8.65
N GLN E 83 10.14 -13.67 7.61
CA GLN E 83 9.42 -14.04 6.36
C GLN E 83 8.45 -15.21 6.63
N TYR E 84 8.57 -15.91 7.76
CA TYR E 84 7.69 -17.04 8.17
C TYR E 84 6.40 -16.54 8.82
N GLY E 85 6.41 -15.26 9.23
CA GLY E 85 5.34 -14.61 9.99
C GLY E 85 5.56 -14.80 11.47
N PHE E 86 6.18 -15.92 11.85
CA PHE E 86 6.46 -16.29 13.25
C PHE E 86 7.98 -16.45 13.40
N ASP E 87 8.51 -15.84 14.46
CA ASP E 87 9.96 -15.68 14.67
C ASP E 87 10.24 -15.75 16.17
N GLY E 88 11.31 -16.44 16.55
CA GLY E 88 11.71 -16.61 17.97
C GLY E 88 12.17 -15.31 18.56
N ASP E 89 12.69 -14.39 17.74
CA ASP E 89 13.23 -13.08 18.21
C ASP E 89 12.14 -12.00 18.28
N ASN E 90 11.07 -12.13 17.49
CA ASN E 90 10.12 -11.02 17.19
C ASN E 90 8.73 -11.28 17.75
N CYS E 91 8.39 -12.52 18.09
CA CYS E 91 7.05 -12.86 18.63
C CYS E 91 6.93 -12.35 20.06
N ALA E 92 5.72 -12.06 20.49
CA ALA E 92 5.34 -11.78 21.89
C ALA E 92 5.51 -13.05 22.71
N VAL E 93 6.06 -12.92 23.92
CA VAL E 93 6.15 -13.99 24.95
C VAL E 93 5.66 -13.39 26.28
N LEU E 94 4.52 -13.87 26.78
CA LEU E 94 3.97 -13.50 28.11
C LEU E 94 4.11 -14.69 29.05
N VAL E 95 4.48 -14.44 30.31
CA VAL E 95 4.80 -15.52 31.27
C VAL E 95 4.03 -15.27 32.57
N SER E 96 3.25 -16.25 33.01
CA SER E 96 2.57 -16.25 34.33
C SER E 96 2.93 -17.51 35.10
N LEU E 97 4.11 -17.53 35.76
CA LEU E 97 4.59 -18.67 36.59
C LEU E 97 4.45 -18.38 38.08
N ASP E 98 3.75 -19.26 38.81
CA ASP E 98 3.64 -19.24 40.30
C ASP E 98 4.83 -20.02 40.88
N GLU E 99 5.20 -19.66 42.13
CA GLU E 99 6.32 -20.07 43.04
C GLU E 99 7.67 -20.16 42.33
N GLN E 100 7.97 -19.29 41.35
CA GLN E 100 9.21 -19.36 40.50
C GLN E 100 10.18 -20.43 41.06
N GLN E 124 6.57 -44.82 49.98
CA GLN E 124 5.72 -43.99 50.89
C GLN E 124 5.41 -42.62 50.24
N ILE E 125 6.12 -42.23 49.17
CA ILE E 125 5.63 -41.17 48.21
C ILE E 125 4.63 -41.85 47.26
N GLY E 126 3.34 -41.76 47.63
CA GLY E 126 2.20 -42.37 46.90
C GLY E 126 1.69 -41.46 45.79
N ALA E 127 0.74 -41.97 44.98
CA ALA E 127 0.17 -41.27 43.79
C ALA E 127 -0.77 -40.12 44.24
N GLY E 128 -0.92 -39.09 43.41
CA GLY E 128 -1.74 -37.89 43.68
C GLY E 128 -3.07 -37.90 42.94
N ASP E 129 -3.16 -38.66 41.86
CA ASP E 129 -4.37 -38.88 41.02
C ASP E 129 -4.87 -40.30 41.30
N GLN E 130 -6.18 -40.49 41.53
CA GLN E 130 -6.88 -41.80 41.40
C GLN E 130 -7.09 -42.08 39.91
N GLY E 131 -6.02 -42.50 39.20
CA GLY E 131 -5.94 -42.50 37.73
C GLY E 131 -5.90 -43.89 37.13
N MET E 132 -6.19 -43.94 35.83
CA MET E 132 -5.89 -45.05 34.89
C MET E 132 -4.78 -44.59 33.96
N MET E 133 -3.79 -45.43 33.69
CA MET E 133 -2.79 -45.22 32.62
C MET E 133 -2.74 -46.49 31.78
N PHE E 134 -2.48 -46.36 30.47
CA PHE E 134 -2.42 -47.49 29.52
C PHE E 134 -1.06 -47.51 28.82
N GLY E 135 -0.56 -48.71 28.57
CA GLY E 135 0.58 -48.97 27.67
C GLY E 135 0.18 -49.91 26.56
N TYR E 136 0.90 -49.87 25.44
CA TYR E 136 0.58 -50.69 24.24
C TYR E 136 1.87 -50.98 23.48
N ALA E 137 1.90 -52.14 22.84
CA ALA E 137 2.96 -52.60 21.91
C ALA E 137 2.35 -53.63 20.97
N ILE E 138 2.92 -53.75 19.77
CA ILE E 138 2.41 -54.66 18.72
C ILE E 138 3.54 -54.87 17.71
N ASN E 139 3.72 -56.10 17.23
CA ASN E 139 4.85 -56.48 16.36
C ASN E 139 4.52 -56.11 14.90
N GLU E 140 3.75 -55.05 14.66
CA GLU E 140 3.45 -54.50 13.31
C GLU E 140 4.70 -53.81 12.74
N THR E 141 5.63 -53.36 13.58
CA THR E 141 6.84 -52.57 13.20
C THR E 141 7.99 -52.95 14.13
N PRO E 142 9.27 -52.77 13.73
CA PRO E 142 10.40 -53.15 14.58
C PRO E 142 10.40 -52.45 15.95
N GLU E 143 9.97 -51.19 15.98
CA GLU E 143 9.85 -50.36 17.21
C GLU E 143 8.69 -50.85 18.09
N LEU E 144 7.88 -51.79 17.58
CA LEU E 144 6.75 -52.44 18.30
C LEU E 144 5.63 -51.41 18.52
N MET E 145 5.35 -50.63 17.47
CA MET E 145 4.24 -49.64 17.42
C MET E 145 3.28 -50.03 16.30
N PRO E 146 2.01 -49.62 16.38
CA PRO E 146 1.08 -49.77 15.26
C PRO E 146 1.65 -49.13 13.99
N LEU E 147 1.34 -49.71 12.83
CA LEU E 147 1.94 -49.28 11.55
C LEU E 147 1.51 -47.85 11.19
N PRO E 148 0.23 -47.46 11.34
CA PRO E 148 -0.21 -46.11 10.95
C PRO E 148 0.54 -44.99 11.69
N ILE E 149 0.51 -44.99 13.03
CA ILE E 149 1.19 -43.94 13.83
C ILE E 149 2.70 -43.97 13.53
N ALA E 150 3.31 -45.14 13.47
CA ALA E 150 4.77 -45.30 13.23
C ALA E 150 5.15 -44.63 11.91
N LEU E 151 4.39 -44.86 10.83
CA LEU E 151 4.72 -44.36 9.47
C LEU E 151 4.54 -42.85 9.43
N SER E 152 3.41 -42.37 9.96
CA SER E 152 3.12 -40.92 10.17
C SER E 152 4.32 -40.26 10.84
N HIS E 153 4.76 -40.75 12.01
CA HIS E 153 5.94 -40.23 12.74
C HIS E 153 7.16 -40.23 11.81
N ARG E 154 7.42 -41.31 11.08
CA ARG E 154 8.64 -41.44 10.23
C ARG E 154 8.62 -40.37 9.13
N LEU E 155 7.44 -40.02 8.62
CA LEU E 155 7.27 -39.01 7.54
C LEU E 155 7.59 -37.60 8.08
N MET E 156 7.06 -37.26 9.25
CA MET E 156 7.30 -35.94 9.89
C MET E 156 8.77 -35.83 10.29
N ARG E 157 9.38 -36.90 10.79
CA ARG E 157 10.80 -36.91 11.20
C ARG E 157 11.70 -36.76 9.97
N LYS E 158 11.31 -37.29 8.81
CA LYS E 158 12.12 -37.25 7.56
C LYS E 158 12.05 -35.83 6.97
N ILE E 159 10.84 -35.31 6.77
CA ILE E 159 10.57 -33.91 6.32
C ILE E 159 11.41 -32.93 7.17
N ALA E 160 11.47 -33.14 8.49
CA ALA E 160 12.16 -32.26 9.43
C ALA E 160 13.67 -32.36 9.20
N ALA E 161 14.21 -33.59 9.22
CA ALA E 161 15.63 -33.86 8.95
C ALA E 161 16.06 -33.20 7.63
N LEU E 162 15.21 -33.26 6.59
CA LEU E 162 15.55 -32.77 5.23
C LEU E 162 15.62 -31.23 5.23
N ARG E 163 14.73 -30.58 5.98
CA ARG E 163 14.76 -29.11 6.21
C ARG E 163 16.08 -28.76 6.91
N LYS E 164 16.33 -29.36 8.07
CA LYS E 164 17.39 -28.98 9.04
C LYS E 164 18.79 -29.27 8.49
N ASP E 165 19.01 -30.33 7.72
CA ASP E 165 20.32 -30.61 7.06
C ASP E 165 20.59 -29.63 5.90
N GLY E 166 19.49 -29.03 5.41
CA GLY E 166 19.51 -28.12 4.25
C GLY E 166 19.45 -28.87 2.92
N THR E 167 19.08 -30.16 2.96
CA THR E 167 18.88 -31.03 1.75
C THR E 167 17.81 -30.45 0.83
N ILE E 168 16.74 -29.89 1.41
CA ILE E 168 15.66 -29.15 0.70
C ILE E 168 15.48 -27.79 1.40
N LYS E 169 16.00 -26.71 0.81
CA LYS E 169 16.18 -25.37 1.42
C LYS E 169 14.85 -24.59 1.50
N TRP E 170 13.83 -25.01 0.73
CA TRP E 170 12.52 -24.31 0.59
C TRP E 170 11.49 -24.87 1.58
N LEU E 171 11.86 -25.84 2.41
CA LEU E 171 10.91 -26.42 3.41
C LEU E 171 10.80 -25.47 4.59
N ARG E 172 9.61 -25.28 5.16
CA ARG E 172 9.39 -24.49 6.40
C ARG E 172 8.87 -25.41 7.50
N PRO E 173 8.91 -24.97 8.78
CA PRO E 173 8.71 -25.88 9.91
C PRO E 173 7.41 -26.69 9.94
N ASP E 174 6.25 -26.04 9.72
CA ASP E 174 4.90 -26.63 9.96
C ASP E 174 4.63 -27.67 8.88
N ALA E 175 4.28 -28.88 9.31
CA ALA E 175 3.94 -30.02 8.43
C ALA E 175 3.06 -31.02 9.19
N LYS E 176 2.33 -31.82 8.44
CA LYS E 176 1.33 -32.79 8.95
C LYS E 176 1.31 -33.98 8.01
N ALA E 177 1.20 -35.19 8.56
CA ALA E 177 1.02 -36.44 7.77
C ALA E 177 -0.15 -37.25 8.34
N GLN E 178 -0.98 -37.78 7.45
CA GLN E 178 -2.01 -38.77 7.81
C GLN E 178 -1.83 -40.00 6.91
N VAL E 179 -1.60 -41.15 7.54
CA VAL E 179 -1.36 -42.43 6.81
C VAL E 179 -2.55 -43.36 7.09
N THR E 180 -3.27 -43.69 6.03
CA THR E 180 -4.39 -44.66 6.07
C THR E 180 -3.84 -46.03 5.63
N VAL E 181 -3.82 -46.99 6.55
CA VAL E 181 -3.40 -48.39 6.26
C VAL E 181 -4.66 -49.25 6.09
N GLU E 182 -4.69 -50.11 5.06
CA GLU E 182 -5.76 -51.12 4.85
C GLU E 182 -5.38 -52.43 5.57
N TYR E 183 -6.31 -52.97 6.37
CA TYR E 183 -6.13 -54.22 7.15
C TYR E 183 -6.97 -55.35 6.55
N ASP E 184 -6.43 -56.57 6.54
CA ASP E 184 -7.14 -57.78 6.04
C ASP E 184 -8.13 -58.30 7.10
N GLU E 185 -8.80 -59.41 6.79
CA GLU E 185 -9.79 -60.08 7.66
C GLU E 185 -9.17 -60.42 9.03
N ASP E 186 -7.90 -60.82 9.12
CA ASP E 186 -7.23 -61.20 10.40
C ASP E 186 -6.61 -59.96 11.08
N ASN E 187 -6.93 -58.75 10.59
CA ASN E 187 -6.40 -57.45 11.07
C ASN E 187 -4.88 -57.44 10.98
N GLN E 188 -4.33 -57.92 9.86
CA GLN E 188 -2.90 -57.76 9.50
C GLN E 188 -2.80 -56.63 8.49
N PRO E 189 -1.73 -55.80 8.55
CA PRO E 189 -1.57 -54.71 7.58
C PRO E 189 -1.40 -55.26 6.15
N LYS E 190 -2.41 -55.05 5.28
CA LYS E 190 -2.47 -55.61 3.90
C LYS E 190 -1.72 -54.65 2.95
N ARG E 191 -2.01 -53.35 3.00
CA ARG E 191 -1.43 -52.33 2.07
C ARG E 191 -1.58 -50.91 2.66
N ILE E 192 -0.93 -49.93 2.05
CA ILE E 192 -1.09 -48.48 2.36
C ILE E 192 -2.04 -47.86 1.34
N ASP E 193 -3.21 -47.40 1.81
CA ASP E 193 -4.30 -46.91 0.92
C ASP E 193 -4.04 -45.46 0.50
N THR E 194 -3.85 -44.57 1.49
CA THR E 194 -3.66 -43.11 1.27
C THR E 194 -2.56 -42.57 2.19
N VAL E 195 -1.67 -41.76 1.62
CA VAL E 195 -0.79 -40.84 2.41
C VAL E 195 -1.19 -39.41 2.07
N VAL E 196 -1.62 -38.67 3.08
CA VAL E 196 -1.82 -37.20 3.01
C VAL E 196 -0.66 -36.54 3.74
N LEU E 197 0.07 -35.66 3.06
CA LEU E 197 1.18 -34.89 3.68
C LEU E 197 1.09 -33.42 3.20
N SER E 198 0.98 -32.49 4.16
CA SER E 198 0.94 -31.03 3.93
C SER E 198 2.17 -30.41 4.59
N THR E 199 2.97 -29.65 3.83
CA THR E 199 4.19 -28.96 4.35
C THR E 199 4.12 -27.46 4.03
N GLN E 200 4.58 -26.64 4.97
CA GLN E 200 4.90 -25.21 4.80
C GLN E 200 6.14 -25.09 3.90
N HIS E 201 6.18 -24.11 2.99
CA HIS E 201 7.31 -23.90 2.03
C HIS E 201 7.53 -22.41 1.74
N ASP E 202 8.75 -22.04 1.34
CA ASP E 202 9.09 -20.71 0.76
C ASP E 202 8.11 -20.48 -0.39
N PRO E 203 7.67 -19.22 -0.67
CA PRO E 203 6.66 -18.98 -1.70
C PRO E 203 7.19 -19.05 -3.14
N ASP E 204 8.51 -19.17 -3.31
CA ASP E 204 9.23 -19.11 -4.62
C ASP E 204 9.35 -20.52 -5.24
N VAL E 205 8.58 -21.48 -4.75
CA VAL E 205 8.54 -22.87 -5.29
C VAL E 205 7.09 -23.22 -5.63
N ASP E 206 6.86 -23.73 -6.84
CA ASP E 206 5.51 -24.05 -7.37
C ASP E 206 5.08 -25.41 -6.79
N LEU E 207 3.78 -25.68 -6.79
CA LEU E 207 3.16 -26.88 -6.16
C LEU E 207 3.69 -28.17 -6.80
N ASP E 208 3.84 -28.19 -8.12
CA ASP E 208 4.25 -29.41 -8.87
C ASP E 208 5.60 -29.87 -8.31
N THR E 209 6.52 -28.92 -8.07
CA THR E 209 7.87 -29.23 -7.52
C THR E 209 7.73 -29.73 -6.09
N ILE E 210 6.94 -29.05 -5.26
CA ILE E 210 6.70 -29.45 -3.84
C ILE E 210 6.19 -30.89 -3.83
N ARG E 211 5.20 -31.20 -4.68
CA ARG E 211 4.52 -32.52 -4.68
C ARG E 211 5.52 -33.60 -5.09
N GLN E 212 6.14 -33.48 -6.28
CA GLN E 212 7.12 -34.46 -6.80
C GLN E 212 8.26 -34.65 -5.77
N THR E 213 8.72 -33.59 -5.11
CA THR E 213 9.89 -33.62 -4.18
C THR E 213 9.51 -34.40 -2.91
N VAL E 214 8.34 -34.12 -2.34
CA VAL E 214 7.82 -34.79 -1.11
C VAL E 214 7.58 -36.27 -1.41
N ILE E 215 6.88 -36.58 -2.50
CA ILE E 215 6.58 -37.98 -2.93
C ILE E 215 7.92 -38.73 -3.03
N ASP E 216 8.91 -38.14 -3.69
CA ASP E 216 10.18 -38.83 -4.04
C ASP E 216 11.10 -38.90 -2.80
N GLN E 217 11.34 -37.79 -2.10
CA GLN E 217 12.45 -37.68 -1.11
C GLN E 217 11.95 -37.90 0.32
N VAL E 218 10.63 -37.86 0.55
CA VAL E 218 10.02 -38.05 1.89
C VAL E 218 9.20 -39.35 1.91
N ILE E 219 8.12 -39.41 1.13
CA ILE E 219 7.14 -40.53 1.17
C ILE E 219 7.83 -41.82 0.69
N LYS E 220 8.32 -41.84 -0.55
CA LYS E 220 8.89 -43.07 -1.15
C LYS E 220 10.19 -43.44 -0.41
N ALA E 221 10.77 -42.53 0.36
CA ALA E 221 12.01 -42.75 1.15
C ALA E 221 11.70 -43.49 2.47
N VAL E 222 10.43 -43.59 2.85
CA VAL E 222 10.04 -43.98 4.23
C VAL E 222 8.99 -45.09 4.21
N LEU E 223 8.04 -45.07 3.26
CA LEU E 223 7.03 -46.14 3.15
C LEU E 223 7.68 -47.40 2.59
N PRO E 224 7.53 -48.56 3.29
CA PRO E 224 8.02 -49.84 2.79
C PRO E 224 7.39 -50.17 1.44
N ALA E 225 8.21 -50.50 0.45
CA ALA E 225 7.80 -50.71 -0.96
C ALA E 225 6.77 -51.84 -1.06
N ASP E 226 6.89 -52.89 -0.22
CA ASP E 226 6.05 -54.11 -0.24
C ASP E 226 4.59 -53.82 0.15
N LEU E 227 4.28 -52.63 0.66
CA LEU E 227 2.91 -52.23 1.09
C LEU E 227 2.30 -51.20 0.13
N LEU E 228 3.08 -50.76 -0.87
CA LEU E 228 2.66 -49.77 -1.90
C LEU E 228 2.21 -50.53 -3.15
N ASP E 229 1.18 -50.04 -3.83
CA ASP E 229 0.78 -50.51 -5.18
C ASP E 229 0.26 -49.31 -5.97
N ASP E 230 -0.11 -49.54 -7.23
CA ASP E 230 -0.54 -48.50 -8.20
C ASP E 230 -1.87 -47.87 -7.75
N GLN E 231 -2.51 -48.39 -6.70
CA GLN E 231 -3.79 -47.85 -6.14
C GLN E 231 -3.51 -46.95 -4.93
N THR E 232 -2.30 -46.97 -4.37
CA THR E 232 -1.89 -46.10 -3.23
C THR E 232 -2.06 -44.64 -3.64
N LYS E 233 -2.91 -43.89 -2.92
CA LYS E 233 -3.19 -42.45 -3.15
C LYS E 233 -2.17 -41.62 -2.36
N TYR E 234 -1.43 -40.74 -3.04
CA TYR E 234 -0.50 -39.77 -2.43
C TYR E 234 -1.06 -38.35 -2.62
N LEU E 235 -1.56 -37.72 -1.54
CA LEU E 235 -2.03 -36.31 -1.60
C LEU E 235 -1.05 -35.40 -0.85
N VAL E 236 -0.31 -34.57 -1.57
CA VAL E 236 0.65 -33.59 -0.96
C VAL E 236 0.04 -32.19 -1.09
N ASN E 237 -0.06 -31.47 0.04
CA ASN E 237 -0.59 -30.08 0.09
C ASN E 237 -1.90 -30.01 -0.66
N PRO E 238 -2.93 -30.80 -0.28
CA PRO E 238 -4.25 -30.71 -0.89
C PRO E 238 -4.94 -29.37 -0.64
N THR E 239 -4.65 -28.69 0.48
CA THR E 239 -4.98 -27.26 0.75
C THR E 239 -4.55 -26.38 -0.43
N GLY E 240 -3.43 -26.72 -1.09
CA GLY E 240 -2.75 -25.88 -2.09
C GLY E 240 -1.51 -25.26 -1.46
N ARG E 241 -1.13 -24.05 -1.90
CA ARG E 241 0.01 -23.30 -1.32
C ARG E 241 -0.16 -23.26 0.19
N PHE E 242 0.96 -23.19 0.91
CA PHE E 242 1.03 -23.20 2.38
C PHE E 242 2.37 -22.58 2.77
N VAL E 243 2.40 -21.24 2.79
CA VAL E 243 3.61 -20.38 2.94
C VAL E 243 3.70 -19.88 4.38
N ILE E 244 2.62 -19.28 4.87
CA ILE E 244 2.51 -18.84 6.29
C ILE E 244 1.87 -19.99 7.08
N GLY E 245 2.49 -20.35 8.19
CA GLY E 245 2.00 -21.40 9.10
C GLY E 245 2.54 -21.22 10.50
N GLY E 246 2.70 -22.33 11.21
CA GLY E 246 2.90 -22.33 12.67
C GLY E 246 1.66 -21.76 13.33
N PRO E 247 1.81 -20.93 14.40
CA PRO E 247 0.67 -20.37 15.10
C PRO E 247 -0.02 -19.21 14.37
N GLN E 248 0.41 -18.86 13.16
CA GLN E 248 -0.01 -17.59 12.49
C GLN E 248 -1.53 -17.60 12.26
N GLY E 249 -2.04 -18.39 11.30
CA GLY E 249 -3.49 -18.51 11.11
C GLY E 249 -4.16 -19.29 12.23
N ASP E 250 -3.41 -20.17 12.92
CA ASP E 250 -3.97 -21.25 13.77
C ASP E 250 -3.91 -20.86 15.26
N ALA E 251 -4.10 -21.85 16.12
CA ALA E 251 -3.86 -21.84 17.56
C ALA E 251 -3.22 -23.16 17.94
N GLY E 252 -2.44 -23.18 19.03
CA GLY E 252 -1.79 -24.40 19.56
C GLY E 252 -1.84 -24.38 21.08
N LEU E 253 -2.06 -25.53 21.72
CA LEU E 253 -2.05 -25.66 23.21
C LEU E 253 -1.27 -26.91 23.60
N THR E 254 -0.65 -26.84 24.78
CA THR E 254 -0.04 -28.01 25.44
C THR E 254 -1.11 -29.09 25.58
N GLY E 255 -0.78 -30.33 25.18
CA GLY E 255 -1.59 -31.55 25.42
C GLY E 255 -2.83 -31.64 24.54
N ARG E 256 -2.74 -31.29 23.26
CA ARG E 256 -3.86 -31.42 22.29
C ARG E 256 -3.38 -32.27 21.11
N LYS E 257 -2.34 -33.07 21.33
CA LYS E 257 -1.83 -34.05 20.35
C LYS E 257 -1.53 -35.35 21.09
N VAL E 258 -2.40 -35.70 22.03
CA VAL E 258 -2.25 -36.87 22.93
C VAL E 258 -2.20 -38.16 22.09
N ILE E 259 -3.10 -38.30 21.11
CA ILE E 259 -3.18 -39.49 20.21
C ILE E 259 -1.88 -39.56 19.39
N VAL E 260 -1.46 -38.43 18.81
CA VAL E 260 -0.14 -38.33 18.09
C VAL E 260 0.99 -38.73 19.05
N ASP E 261 0.91 -38.29 20.31
CA ASP E 261 2.00 -38.42 21.33
C ASP E 261 2.15 -39.90 21.70
N THR E 262 1.05 -40.67 21.60
CA THR E 262 0.96 -42.05 22.10
C THR E 262 0.97 -43.03 20.91
N TYR E 263 -0.20 -43.59 20.54
CA TYR E 263 -0.32 -44.81 19.69
C TYR E 263 -1.32 -44.61 18.54
N GLY E 264 -1.64 -43.37 18.19
CA GLY E 264 -2.44 -43.05 16.98
C GLY E 264 -3.84 -43.63 17.05
N GLY E 265 -4.34 -43.93 18.27
CA GLY E 265 -5.73 -44.34 18.54
C GLY E 265 -5.92 -45.86 18.57
N PHE E 266 -4.84 -46.63 18.69
CA PHE E 266 -4.86 -48.11 18.85
C PHE E 266 -5.17 -48.46 20.31
N ALA E 267 -4.89 -47.54 21.23
CA ALA E 267 -4.93 -47.75 22.68
C ALA E 267 -6.00 -46.86 23.35
N HIS E 268 -6.29 -47.19 24.61
CA HIS E 268 -7.21 -46.47 25.51
C HIS E 268 -6.42 -45.40 26.28
N HIS E 269 -7.14 -44.49 26.95
CA HIS E 269 -6.57 -43.26 27.56
C HIS E 269 -7.27 -42.94 28.89
N GLY E 270 -6.49 -42.66 29.94
CA GLY E 270 -6.88 -41.92 31.16
C GLY E 270 -6.83 -40.43 30.87
N GLY E 271 -6.87 -39.59 31.89
CA GLY E 271 -7.16 -38.14 31.74
C GLY E 271 -6.01 -37.36 31.06
N GLY E 272 -4.77 -37.79 31.22
CA GLY E 272 -3.64 -36.85 31.29
C GLY E 272 -3.09 -36.49 29.93
N ALA E 273 -2.12 -35.57 29.91
CA ALA E 273 -1.21 -35.26 28.78
C ALA E 273 0.19 -35.15 29.37
N PHE E 274 1.24 -35.32 28.57
CA PHE E 274 2.62 -35.51 29.09
C PHE E 274 3.36 -34.17 29.27
N SER E 275 3.53 -33.40 28.19
CA SER E 275 4.44 -32.23 28.13
C SER E 275 4.07 -31.20 29.20
N GLY E 276 5.09 -30.63 29.86
CA GLY E 276 4.94 -29.59 30.90
C GLY E 276 4.95 -30.18 32.29
N LYS E 277 5.02 -31.52 32.40
CA LYS E 277 4.87 -32.25 33.69
C LYS E 277 6.14 -33.04 33.97
N ASP E 278 6.69 -32.85 35.17
CA ASP E 278 7.80 -33.64 35.74
C ASP E 278 7.28 -35.04 36.08
N ALA E 279 8.19 -36.00 36.32
CA ALA E 279 7.88 -37.45 36.46
C ALA E 279 7.15 -37.73 37.78
N THR E 280 7.15 -36.77 38.71
CA THR E 280 6.27 -36.73 39.92
C THR E 280 4.82 -36.98 39.49
N LYS E 281 4.46 -36.57 38.27
CA LYS E 281 3.08 -36.69 37.72
C LYS E 281 2.94 -38.12 37.15
N VAL E 282 2.22 -38.98 37.88
CA VAL E 282 2.05 -40.42 37.55
C VAL E 282 1.38 -40.53 36.18
N ASP E 283 0.47 -39.60 35.83
CA ASP E 283 -0.07 -39.41 34.46
C ASP E 283 1.05 -39.68 33.45
N ARG E 284 2.23 -39.08 33.64
CA ARG E 284 3.33 -39.15 32.65
C ARG E 284 4.18 -40.41 32.91
N SER E 285 4.62 -40.59 34.16
CA SER E 285 5.63 -41.60 34.54
C SER E 285 5.06 -43.02 34.37
N ALA E 286 3.81 -43.27 34.82
CA ALA E 286 3.13 -44.58 34.70
C ALA E 286 2.83 -44.89 33.24
N SER E 287 2.52 -43.89 32.43
CA SER E 287 2.26 -44.07 30.97
C SER E 287 3.54 -44.53 30.29
N TYR E 288 4.67 -43.96 30.68
CA TYR E 288 6.02 -44.36 30.21
C TYR E 288 6.30 -45.79 30.68
N ALA E 289 5.98 -46.08 31.94
CA ALA E 289 6.17 -47.40 32.58
C ALA E 289 5.29 -48.44 31.86
N ALA E 290 4.02 -48.12 31.63
CA ALA E 290 3.05 -48.97 30.91
C ALA E 290 3.61 -49.32 29.53
N ARG E 291 4.23 -48.39 28.81
CA ARG E 291 4.83 -48.68 27.48
C ARG E 291 6.00 -49.65 27.68
N TYR E 292 6.87 -49.37 28.65
CA TYR E 292 8.06 -50.17 29.01
C TYR E 292 7.64 -51.63 29.20
N ILE E 293 6.54 -51.86 29.91
CA ILE E 293 5.98 -53.22 30.19
C ILE E 293 5.55 -53.81 28.83
N ALA E 294 4.48 -53.29 28.25
CA ALA E 294 3.92 -53.71 26.94
C ALA E 294 5.06 -54.08 25.98
N LYS E 295 6.07 -53.22 25.84
CA LYS E 295 7.14 -53.38 24.82
C LYS E 295 7.98 -54.61 25.16
N ASN E 296 8.33 -54.77 26.43
CA ASN E 296 9.18 -55.89 26.91
C ASN E 296 8.41 -57.22 26.76
N VAL E 297 7.12 -57.24 27.14
CA VAL E 297 6.24 -58.43 26.98
C VAL E 297 6.28 -58.88 25.52
N VAL E 298 6.03 -57.98 24.59
CA VAL E 298 5.92 -58.30 23.14
C VAL E 298 7.31 -58.63 22.61
N ALA E 299 8.34 -57.89 23.00
CA ALA E 299 9.75 -58.14 22.61
C ALA E 299 10.17 -59.54 23.05
N ALA E 300 9.69 -59.99 24.22
CA ALA E 300 9.99 -61.32 24.79
C ALA E 300 9.21 -62.40 24.03
N GLY E 301 8.23 -62.03 23.20
CA GLY E 301 7.40 -62.96 22.42
C GLY E 301 6.28 -63.58 23.25
N LEU E 302 5.97 -62.98 24.41
CA LEU E 302 4.88 -63.45 25.31
C LEU E 302 3.52 -63.08 24.74
N ALA E 303 3.48 -62.21 23.72
CA ALA E 303 2.26 -61.86 22.95
C ALA E 303 2.69 -61.17 21.66
N ASP E 304 1.79 -61.10 20.66
CA ASP E 304 2.01 -60.35 19.38
C ASP E 304 1.67 -58.88 19.64
N GLN E 305 0.68 -58.64 20.50
CA GLN E 305 0.27 -57.30 20.96
C GLN E 305 -0.20 -57.42 22.42
N VAL E 306 -0.08 -56.36 23.21
CA VAL E 306 -0.68 -56.27 24.57
C VAL E 306 -0.97 -54.79 24.86
N GLU E 307 -2.16 -54.52 25.42
CA GLU E 307 -2.47 -53.26 26.12
C GLU E 307 -2.33 -53.53 27.62
N VAL E 308 -1.48 -52.78 28.30
CA VAL E 308 -1.30 -52.83 29.78
C VAL E 308 -2.15 -51.71 30.40
N GLN E 309 -2.90 -52.04 31.45
CA GLN E 309 -3.82 -51.11 32.16
C GLN E 309 -3.39 -51.02 33.63
N LEU E 310 -2.96 -49.85 34.08
CA LEU E 310 -2.52 -49.57 35.47
C LEU E 310 -3.56 -48.68 36.15
N ALA E 311 -4.01 -49.07 37.34
CA ALA E 311 -4.99 -48.33 38.18
C ALA E 311 -4.27 -47.93 39.48
N TYR E 312 -4.18 -46.64 39.75
CA TYR E 312 -3.58 -46.08 40.99
C TYR E 312 -4.71 -45.53 41.87
N ALA E 313 -4.54 -45.67 43.18
CA ALA E 313 -5.37 -44.99 44.21
C ALA E 313 -4.60 -43.80 44.77
N ILE E 314 -5.30 -42.73 45.11
CA ILE E 314 -4.70 -41.49 45.69
C ILE E 314 -4.02 -41.89 47.00
N GLY E 315 -2.74 -41.53 47.12
CA GLY E 315 -1.86 -41.85 48.26
C GLY E 315 -1.67 -43.34 48.47
N VAL E 316 -1.55 -44.13 47.39
CA VAL E 316 -1.07 -45.55 47.45
C VAL E 316 -0.05 -45.77 46.32
N ALA E 317 1.20 -45.97 46.72
CA ALA E 317 2.39 -46.03 45.84
C ALA E 317 2.18 -47.12 44.81
N GLU E 318 1.93 -48.35 45.28
CA GLU E 318 1.70 -49.53 44.41
C GLU E 318 0.43 -49.29 43.60
N PRO E 319 0.41 -49.71 42.32
CA PRO E 319 -0.85 -49.75 41.58
C PRO E 319 -1.80 -50.70 42.32
N VAL E 320 -3.05 -50.28 42.50
CA VAL E 320 -4.10 -51.08 43.20
C VAL E 320 -4.55 -52.24 42.29
N SER E 321 -4.34 -52.13 40.98
CA SER E 321 -4.85 -53.12 39.99
C SER E 321 -4.06 -53.06 38.68
N ILE E 322 -3.75 -54.21 38.10
CA ILE E 322 -3.13 -54.33 36.74
C ILE E 322 -3.99 -55.29 35.91
N ALA E 323 -4.55 -54.81 34.80
CA ALA E 323 -5.22 -55.61 33.76
C ALA E 323 -4.29 -55.68 32.55
N VAL E 324 -4.63 -56.54 31.59
CA VAL E 324 -3.77 -56.86 30.43
C VAL E 324 -4.70 -57.42 29.35
N ASP E 325 -4.61 -56.92 28.13
CA ASP E 325 -5.39 -57.44 26.97
C ASP E 325 -4.39 -57.79 25.87
N THR E 326 -4.25 -59.09 25.57
CA THR E 326 -3.35 -59.63 24.52
C THR E 326 -4.10 -59.78 23.19
N ALA E 327 -5.42 -59.55 23.19
CA ALA E 327 -6.31 -59.82 22.04
C ALA E 327 -6.20 -61.30 21.64
N GLY E 328 -6.05 -62.20 22.62
CA GLY E 328 -5.88 -63.65 22.41
C GLY E 328 -4.64 -64.01 21.60
N THR E 329 -3.64 -63.13 21.57
CA THR E 329 -2.29 -63.39 20.99
C THR E 329 -1.33 -63.83 22.10
N GLY E 330 -1.81 -63.83 23.35
CA GLY E 330 -1.04 -64.28 24.53
C GLY E 330 -0.52 -65.69 24.35
N LYS E 331 0.79 -65.88 24.48
CA LYS E 331 1.46 -67.21 24.56
C LYS E 331 1.43 -67.69 26.02
N VAL E 332 0.85 -66.90 26.93
CA VAL E 332 0.79 -67.18 28.39
C VAL E 332 -0.57 -66.72 28.93
N SER E 333 -1.00 -67.25 30.07
CA SER E 333 -2.21 -66.83 30.83
C SER E 333 -2.17 -65.32 31.10
N ASP E 334 -3.33 -64.67 31.19
CA ASP E 334 -3.44 -63.23 31.56
C ASP E 334 -3.00 -63.08 33.02
N GLU E 335 -3.50 -63.92 33.93
CA GLU E 335 -3.18 -63.90 35.39
C GLU E 335 -1.67 -64.12 35.60
N ALA E 336 -1.05 -64.98 34.79
CA ALA E 336 0.39 -65.35 34.87
C ALA E 336 1.26 -64.18 34.36
N LEU E 337 0.80 -63.49 33.31
CA LEU E 337 1.47 -62.31 32.72
C LEU E 337 1.43 -61.15 33.72
N ILE E 338 0.27 -60.83 34.30
CA ILE E 338 0.10 -59.78 35.36
C ILE E 338 1.08 -60.10 36.49
N ASN E 339 1.27 -61.38 36.80
CA ASN E 339 2.16 -61.86 37.89
C ASN E 339 3.61 -61.51 37.55
N ALA E 340 4.03 -61.76 36.31
CA ALA E 340 5.39 -61.47 35.81
C ALA E 340 5.66 -59.97 35.92
N ILE E 341 4.63 -59.15 35.66
CA ILE E 341 4.73 -57.66 35.66
C ILE E 341 4.93 -57.20 37.11
N ARG E 342 4.12 -57.70 38.05
CA ARG E 342 4.24 -57.34 39.48
C ARG E 342 5.63 -57.72 39.99
N GLU E 343 6.25 -58.78 39.46
CA GLU E 343 7.53 -59.32 40.00
C GLU E 343 8.73 -58.57 39.39
N ASN E 344 8.61 -57.95 38.21
CA ASN E 344 9.81 -57.47 37.45
C ASN E 344 9.80 -55.96 37.21
N PHE E 345 8.75 -55.26 37.62
CA PHE E 345 8.64 -53.80 37.48
C PHE E 345 8.27 -53.19 38.84
N ASP E 346 9.05 -52.20 39.25
CA ASP E 346 8.68 -51.25 40.33
C ASP E 346 7.75 -50.22 39.70
N LEU E 347 6.50 -50.19 40.15
CA LEU E 347 5.41 -49.38 39.54
C LEU E 347 4.92 -48.30 40.52
N ARG E 348 5.66 -48.07 41.60
CA ARG E 348 5.45 -46.90 42.49
C ARG E 348 6.02 -45.66 41.80
N PRO E 349 5.37 -44.49 41.95
CA PRO E 349 5.82 -43.26 41.30
C PRO E 349 7.34 -43.06 41.48
N ALA E 350 7.80 -43.13 42.72
CA ALA E 350 9.23 -43.04 43.13
C ALA E 350 10.01 -44.16 42.44
N GLY E 351 9.47 -45.38 42.48
CA GLY E 351 10.07 -46.56 41.86
C GLY E 351 10.34 -46.37 40.38
N ILE E 352 9.34 -45.87 39.66
CA ILE E 352 9.40 -45.68 38.18
C ILE E 352 10.49 -44.67 37.86
N ILE E 353 10.58 -43.60 38.65
CA ILE E 353 11.58 -42.50 38.50
C ILE E 353 12.99 -43.09 38.59
N LYS E 354 13.28 -43.87 39.64
CA LYS E 354 14.59 -44.55 39.82
C LYS E 354 14.79 -45.55 38.67
N MET E 355 13.78 -46.39 38.41
CA MET E 355 13.83 -47.48 37.40
C MET E 355 14.22 -46.92 36.02
N LEU E 356 13.56 -45.85 35.57
CA LEU E 356 13.77 -45.31 34.20
C LEU E 356 14.70 -44.09 34.22
N ASP E 357 15.19 -43.68 35.41
CA ASP E 357 16.12 -42.52 35.58
C ASP E 357 15.48 -41.27 34.92
N LEU E 358 14.40 -40.76 35.52
CA LEU E 358 13.50 -39.76 34.88
C LEU E 358 13.78 -38.34 35.36
N GLN E 359 14.63 -38.18 36.38
CA GLN E 359 14.99 -36.84 36.93
C GLN E 359 16.23 -36.33 36.20
N ARG E 360 16.16 -36.36 34.87
CA ARG E 360 17.18 -35.82 33.93
C ARG E 360 16.46 -35.04 32.85
N PRO E 361 17.11 -34.06 32.18
CA PRO E 361 16.43 -33.27 31.15
C PRO E 361 16.29 -34.02 29.81
N ILE E 362 15.31 -34.93 29.71
CA ILE E 362 15.18 -35.89 28.55
C ILE E 362 13.88 -35.67 27.79
N TYR E 363 13.12 -34.60 28.07
CA TYR E 363 11.68 -34.47 27.73
C TYR E 363 11.42 -33.57 26.53
N ARG E 364 12.22 -32.53 26.30
CA ARG E 364 11.99 -31.64 25.13
C ARG E 364 11.90 -32.53 23.88
N GLN E 365 12.82 -33.50 23.75
CA GLN E 365 12.92 -34.38 22.55
C GLN E 365 11.66 -35.24 22.35
N THR E 366 10.82 -35.47 23.38
CA THR E 366 9.61 -36.33 23.29
C THR E 366 8.41 -35.54 22.75
N ALA E 367 8.50 -34.22 22.79
CA ALA E 367 7.32 -33.32 22.63
C ALA E 367 7.00 -33.17 21.14
N ALA E 368 7.74 -33.81 20.24
CA ALA E 368 7.35 -33.98 18.82
C ALA E 368 7.80 -35.35 18.30
N TYR E 369 7.04 -35.93 17.35
CA TYR E 369 7.35 -37.20 16.64
C TYR E 369 7.13 -38.42 17.56
N GLY E 370 6.34 -38.27 18.63
CA GLY E 370 5.88 -39.38 19.48
C GLY E 370 6.76 -39.61 20.71
N HIS E 371 6.14 -39.94 21.85
CA HIS E 371 6.82 -40.38 23.09
C HIS E 371 7.23 -41.84 22.95
N PHE E 372 6.56 -42.60 22.07
CA PHE E 372 6.70 -44.08 21.97
C PHE E 372 7.15 -44.46 20.56
N GLY E 373 8.01 -45.48 20.51
CA GLY E 373 8.46 -46.13 19.26
C GLY E 373 9.64 -45.39 18.65
N ARG E 374 10.42 -44.68 19.47
CA ARG E 374 11.44 -43.74 18.94
C ARG E 374 12.74 -44.50 18.66
N THR E 375 13.15 -44.49 17.39
CA THR E 375 14.39 -45.12 16.88
C THR E 375 15.52 -44.08 16.76
N ASP E 376 15.16 -42.80 16.63
CA ASP E 376 16.10 -41.69 16.34
C ASP E 376 16.73 -41.13 17.62
N ILE E 377 16.13 -41.38 18.78
CA ILE E 377 16.64 -40.95 20.12
C ILE E 377 16.51 -42.14 21.07
N ASP E 378 17.18 -42.09 22.23
CA ASP E 378 17.22 -43.19 23.23
C ASP E 378 16.38 -42.74 24.43
N LEU E 379 15.19 -43.32 24.59
CA LEU E 379 14.29 -43.10 25.76
C LEU E 379 14.32 -44.34 26.65
N PRO E 380 14.42 -44.18 27.99
CA PRO E 380 14.54 -45.32 28.89
C PRO E 380 13.42 -46.36 28.73
N TRP E 381 12.17 -45.90 28.59
CA TRP E 381 10.95 -46.73 28.51
C TRP E 381 10.85 -47.47 27.17
N GLU E 382 11.82 -47.27 26.25
CA GLU E 382 11.92 -48.01 24.96
C GLU E 382 12.99 -49.11 25.03
N HIS E 383 13.86 -49.09 26.05
CA HIS E 383 14.82 -50.19 26.34
C HIS E 383 14.04 -51.50 26.51
N THR E 384 14.55 -52.59 25.92
CA THR E 384 13.97 -53.95 26.01
C THR E 384 14.86 -54.81 26.93
N ASP E 385 15.26 -54.25 28.08
CA ASP E 385 16.24 -54.87 29.01
C ASP E 385 15.54 -55.70 30.08
N LYS E 386 14.23 -55.88 30.02
CA LYS E 386 13.46 -56.71 30.99
C LYS E 386 12.97 -58.01 30.29
N VAL E 387 13.45 -58.29 29.06
CA VAL E 387 13.03 -59.47 28.25
C VAL E 387 13.40 -60.75 29.03
N ASP E 388 14.67 -60.92 29.36
CA ASP E 388 15.21 -62.12 30.02
C ASP E 388 14.52 -62.28 31.38
N ALA E 389 14.29 -61.18 32.11
CA ALA E 389 13.58 -61.19 33.41
C ALA E 389 12.18 -61.81 33.21
N LEU E 390 11.46 -61.44 32.16
CA LEU E 390 10.08 -61.90 31.86
C LEU E 390 10.09 -63.33 31.32
N LYS E 391 10.94 -63.63 30.31
CA LYS E 391 11.18 -65.02 29.84
C LYS E 391 11.36 -65.93 31.06
N ALA E 392 12.31 -65.57 31.94
CA ALA E 392 12.71 -66.34 33.14
C ALA E 392 11.52 -66.56 34.09
N ALA E 393 10.57 -65.63 34.17
CA ALA E 393 9.43 -65.69 35.13
C ALA E 393 8.49 -66.85 34.77
N PHE E 394 8.69 -67.59 33.67
CA PHE E 394 7.79 -68.70 33.26
C PHE E 394 8.55 -70.00 32.92
N LYS E 395 9.56 -70.40 33.70
CA LYS E 395 10.65 -71.27 33.16
C LYS E 395 11.07 -72.42 34.10
N HIS E 396 10.57 -72.49 35.34
CA HIS E 396 10.92 -73.57 36.31
C HIS E 396 12.33 -73.33 36.85
N HIS F 5 -9.97 -57.06 39.40
CA HIS F 5 -10.05 -56.33 38.12
C HIS F 5 -10.81 -55.01 38.36
N LEU F 6 -10.06 -53.93 38.63
CA LEU F 6 -10.59 -52.58 38.95
C LEU F 6 -10.44 -51.63 37.75
N PHE F 7 -11.42 -50.76 37.55
CA PHE F 7 -11.39 -49.71 36.50
C PHE F 7 -11.97 -48.40 37.03
N THR F 8 -11.20 -47.30 36.88
CA THR F 8 -11.52 -45.95 37.39
C THR F 8 -11.78 -44.98 36.22
N SER F 9 -12.83 -44.17 36.35
CA SER F 9 -13.13 -43.02 35.46
C SER F 9 -13.29 -41.77 36.35
N GLU F 10 -12.97 -40.57 35.83
CA GLU F 10 -13.19 -39.29 36.55
C GLU F 10 -14.20 -38.45 35.76
N SER F 11 -14.98 -37.64 36.48
CA SER F 11 -15.70 -36.46 35.94
C SER F 11 -15.36 -35.25 36.82
N VAL F 12 -15.60 -34.05 36.29
CA VAL F 12 -15.30 -32.77 36.99
C VAL F 12 -16.53 -31.86 36.84
N SER F 13 -16.71 -30.96 37.80
CA SER F 13 -17.83 -29.97 37.86
C SER F 13 -17.60 -28.89 36.80
N GLU F 14 -18.64 -28.09 36.53
CA GLU F 14 -18.59 -26.80 35.78
C GLU F 14 -17.42 -25.93 36.31
N GLY F 15 -17.15 -26.02 37.62
CA GLY F 15 -16.19 -25.18 38.36
C GLY F 15 -14.73 -25.54 38.09
N HIS F 16 -14.45 -26.75 37.62
CA HIS F 16 -13.05 -27.20 37.36
C HIS F 16 -12.48 -26.32 36.24
N PRO F 17 -11.21 -25.86 36.36
CA PRO F 17 -10.65 -24.89 35.42
C PRO F 17 -10.68 -25.34 33.95
N ASP F 18 -10.39 -26.62 33.69
CA ASP F 18 -10.40 -27.21 32.33
C ASP F 18 -11.82 -27.16 31.77
N LYS F 19 -12.82 -27.36 32.62
CA LYS F 19 -14.25 -27.33 32.20
C LYS F 19 -14.70 -25.86 32.04
N ILE F 20 -14.16 -24.92 32.83
CA ILE F 20 -14.42 -23.46 32.65
C ILE F 20 -14.00 -23.09 31.22
N ALA F 21 -12.79 -23.47 30.82
CA ALA F 21 -12.24 -23.24 29.46
C ALA F 21 -13.20 -23.83 28.40
N ASP F 22 -13.66 -25.06 28.60
CA ASP F 22 -14.49 -25.80 27.61
C ASP F 22 -15.84 -25.07 27.49
N GLN F 23 -16.43 -24.66 28.62
CA GLN F 23 -17.77 -24.00 28.64
C GLN F 23 -17.68 -22.61 28.01
N ILE F 24 -16.59 -21.88 28.23
CA ILE F 24 -16.39 -20.53 27.63
C ILE F 24 -16.31 -20.70 26.11
N SER F 25 -15.39 -21.54 25.63
CA SER F 25 -15.24 -21.83 24.18
C SER F 25 -16.61 -22.14 23.55
N ASP F 26 -17.43 -22.98 24.21
CA ASP F 26 -18.74 -23.43 23.66
C ASP F 26 -19.83 -22.37 23.88
N ALA F 27 -19.72 -21.53 24.93
CA ALA F 27 -20.64 -20.40 25.17
C ALA F 27 -20.53 -19.39 24.02
N ILE F 28 -19.29 -19.12 23.59
CA ILE F 28 -18.99 -18.20 22.45
C ILE F 28 -19.58 -18.80 21.17
N LEU F 29 -19.47 -20.13 21.01
CA LEU F 29 -20.02 -20.87 19.84
C LEU F 29 -21.54 -20.67 19.81
N ASP F 30 -22.21 -20.93 20.94
CA ASP F 30 -23.69 -20.79 21.08
C ASP F 30 -24.08 -19.36 20.70
N ALA F 31 -23.41 -18.38 21.30
CA ALA F 31 -23.67 -16.93 21.10
C ALA F 31 -23.77 -16.62 19.61
N MET F 32 -22.86 -17.20 18.82
CA MET F 32 -22.73 -16.93 17.37
C MET F 32 -23.78 -17.72 16.57
N LEU F 33 -23.99 -19.00 16.89
CA LEU F 33 -25.02 -19.86 16.23
C LEU F 33 -26.40 -19.24 16.47
N ALA F 34 -26.61 -18.67 17.66
CA ALA F 34 -27.85 -18.00 18.08
C ALA F 34 -28.26 -16.92 17.07
N GLN F 35 -27.29 -16.29 16.39
CA GLN F 35 -27.55 -15.23 15.37
C GLN F 35 -27.23 -15.72 13.96
N ASP F 36 -26.27 -16.64 13.81
CA ASP F 36 -25.73 -17.10 12.49
C ASP F 36 -25.57 -18.62 12.53
N PRO F 37 -26.58 -19.40 12.09
CA PRO F 37 -26.47 -20.87 12.05
C PRO F 37 -25.26 -21.36 11.25
N GLN F 38 -24.86 -20.58 10.22
CA GLN F 38 -23.72 -20.90 9.31
C GLN F 38 -22.38 -20.52 9.93
N ALA F 39 -22.36 -19.96 11.13
CA ALA F 39 -21.13 -19.50 11.81
C ALA F 39 -20.07 -20.60 11.81
N ARG F 40 -18.90 -20.34 11.23
CA ARG F 40 -17.66 -21.15 11.38
C ARG F 40 -16.91 -20.65 12.62
N VAL F 41 -16.48 -21.56 13.50
CA VAL F 41 -15.93 -21.22 14.85
C VAL F 41 -14.83 -22.23 15.21
N ALA F 42 -13.72 -21.73 15.73
CA ALA F 42 -12.55 -22.50 16.23
C ALA F 42 -11.91 -21.71 17.38
N VAL F 43 -12.46 -21.84 18.59
CA VAL F 43 -12.20 -20.91 19.72
C VAL F 43 -11.62 -21.69 20.90
N GLU F 44 -10.34 -21.47 21.17
CA GLU F 44 -9.64 -22.02 22.35
C GLU F 44 -9.79 -21.03 23.51
N THR F 45 -9.82 -21.52 24.75
CA THR F 45 -9.80 -20.71 25.99
C THR F 45 -8.72 -21.27 26.91
N SER F 46 -8.00 -20.39 27.58
CA SER F 46 -6.99 -20.71 28.61
C SER F 46 -7.35 -19.91 29.86
N VAL F 47 -7.22 -20.51 31.03
CA VAL F 47 -7.64 -19.90 32.31
C VAL F 47 -6.55 -20.24 33.33
N THR F 48 -6.00 -19.24 34.02
CA THR F 48 -5.08 -19.42 35.17
C THR F 48 -5.42 -18.34 36.19
N THR F 49 -4.54 -18.12 37.18
CA THR F 49 -4.83 -17.21 38.32
C THR F 49 -5.37 -15.89 37.79
N GLY F 50 -6.67 -15.65 37.99
CA GLY F 50 -7.37 -14.38 37.75
C GLY F 50 -7.42 -14.00 36.28
N LEU F 51 -7.19 -14.95 35.37
CA LEU F 51 -7.01 -14.65 33.92
C LEU F 51 -7.85 -15.59 33.05
N VAL F 52 -8.46 -15.03 31.99
CA VAL F 52 -9.13 -15.80 30.90
C VAL F 52 -8.62 -15.26 29.56
N LEU F 53 -7.77 -16.00 28.86
CA LEU F 53 -7.39 -15.67 27.48
C LEU F 53 -8.30 -16.44 26.52
N VAL F 54 -9.04 -15.74 25.66
CA VAL F 54 -9.82 -16.34 24.53
C VAL F 54 -9.08 -16.05 23.22
N PHE F 55 -8.85 -17.07 22.39
CA PHE F 55 -8.12 -16.93 21.11
C PHE F 55 -8.64 -17.97 20.13
N GLY F 56 -8.56 -17.66 18.83
CA GLY F 56 -9.03 -18.56 17.77
C GLY F 56 -9.40 -17.83 16.51
N GLU F 57 -9.77 -18.58 15.47
CA GLU F 57 -10.35 -18.07 14.21
C GLU F 57 -11.89 -18.11 14.39
N VAL F 58 -12.58 -17.19 13.72
CA VAL F 58 -14.06 -17.19 13.62
C VAL F 58 -14.42 -16.54 12.29
N SER F 59 -15.59 -16.86 11.79
CA SER F 59 -16.11 -16.35 10.50
C SER F 59 -17.64 -16.34 10.58
N THR F 60 -18.26 -15.19 10.80
CA THR F 60 -19.71 -15.13 11.14
C THR F 60 -20.31 -13.77 10.80
N LYS F 61 -21.62 -13.74 10.57
CA LYS F 61 -22.41 -12.49 10.41
C LYS F 61 -22.86 -12.00 11.80
N ALA F 62 -22.65 -12.80 12.86
CA ALA F 62 -23.11 -12.50 14.25
C ALA F 62 -22.25 -11.37 14.83
N TYR F 63 -22.88 -10.51 15.63
CA TYR F 63 -22.23 -9.46 16.48
C TYR F 63 -22.34 -9.94 17.93
N VAL F 64 -21.22 -10.30 18.56
CA VAL F 64 -21.18 -10.91 19.91
C VAL F 64 -20.22 -10.13 20.79
N ASP F 65 -20.67 -9.71 21.98
CA ASP F 65 -19.80 -9.11 23.02
C ASP F 65 -19.10 -10.26 23.75
N ILE F 66 -17.91 -10.66 23.27
CA ILE F 66 -17.12 -11.82 23.80
C ILE F 66 -16.94 -11.64 25.32
N GLN F 67 -16.49 -10.45 25.76
CA GLN F 67 -16.30 -10.10 27.20
C GLN F 67 -17.57 -10.48 27.98
N LYS F 68 -18.74 -10.07 27.49
CA LYS F 68 -20.02 -10.32 28.21
C LYS F 68 -20.27 -11.83 28.25
N VAL F 69 -20.05 -12.54 27.13
CA VAL F 69 -20.25 -14.01 27.06
C VAL F 69 -19.31 -14.69 28.08
N VAL F 70 -18.01 -14.37 28.06
CA VAL F 70 -17.00 -15.00 28.97
C VAL F 70 -17.45 -14.77 30.43
N ARG F 71 -17.77 -13.52 30.79
CA ARG F 71 -18.01 -13.12 32.20
C ARG F 71 -19.33 -13.74 32.68
N ASP F 72 -20.33 -13.78 31.80
CA ASP F 72 -21.65 -14.40 32.08
C ASP F 72 -21.49 -15.92 32.26
N THR F 73 -20.69 -16.59 31.42
CA THR F 73 -20.43 -18.04 31.55
C THR F 73 -19.86 -18.30 32.95
N ILE F 74 -18.84 -17.54 33.32
CA ILE F 74 -18.10 -17.70 34.62
C ILE F 74 -19.06 -17.48 35.79
N LYS F 75 -20.07 -16.63 35.61
CA LYS F 75 -21.05 -16.31 36.67
C LYS F 75 -22.03 -17.47 36.84
N SER F 76 -22.57 -18.04 35.75
CA SER F 76 -23.47 -19.23 35.79
C SER F 76 -22.80 -20.36 36.57
N ILE F 77 -21.53 -20.62 36.24
CA ILE F 77 -20.68 -21.65 36.90
C ILE F 77 -20.74 -21.43 38.41
N GLY F 78 -20.80 -20.17 38.87
CA GLY F 78 -21.05 -19.81 40.27
C GLY F 78 -20.01 -18.86 40.85
N TYR F 79 -19.01 -18.43 40.06
CA TYR F 79 -17.94 -17.49 40.48
C TYR F 79 -18.47 -16.04 40.43
N VAL F 80 -19.09 -15.59 41.54
CA VAL F 80 -20.01 -14.42 41.55
C VAL F 80 -19.73 -13.44 42.70
N ASP F 81 -18.67 -13.61 43.50
CA ASP F 81 -17.99 -12.49 44.20
C ASP F 81 -16.72 -12.99 44.90
N GLY F 82 -15.98 -11.98 45.37
CA GLY F 82 -14.51 -11.93 45.61
C GLY F 82 -13.98 -13.01 46.53
N GLN F 83 -14.82 -13.57 47.40
CA GLN F 83 -14.37 -14.52 48.46
C GLN F 83 -13.91 -15.84 47.81
N TYR F 84 -14.24 -16.11 46.54
CA TYR F 84 -13.86 -17.35 45.82
C TYR F 84 -12.44 -17.23 45.23
N GLY F 85 -11.95 -15.99 45.14
CA GLY F 85 -10.67 -15.65 44.53
C GLY F 85 -10.80 -15.48 43.02
N PHE F 86 -11.80 -16.14 42.42
CA PHE F 86 -12.13 -16.03 40.98
C PHE F 86 -13.57 -15.52 40.88
N ASP F 87 -13.78 -14.53 40.02
CA ASP F 87 -15.04 -13.77 39.92
C ASP F 87 -15.25 -13.36 38.46
N GLY F 88 -16.49 -13.49 37.97
CA GLY F 88 -16.84 -13.17 36.58
C GLY F 88 -16.72 -11.69 36.30
N ASP F 89 -16.89 -10.84 37.33
CA ASP F 89 -16.88 -9.37 37.20
C ASP F 89 -15.46 -8.80 37.34
N ASN F 90 -14.56 -9.49 38.04
CA ASN F 90 -13.29 -8.92 38.57
C ASN F 90 -12.07 -9.56 37.93
N CYS F 91 -12.20 -10.71 37.28
CA CYS F 91 -11.07 -11.41 36.64
C CYS F 91 -10.69 -10.66 35.35
N ALA F 92 -9.43 -10.76 34.96
CA ALA F 92 -8.90 -10.33 33.64
C ALA F 92 -9.50 -11.22 32.55
N VAL F 93 -9.90 -10.61 31.43
CA VAL F 93 -10.33 -11.30 30.18
C VAL F 93 -9.60 -10.65 29.00
N LEU F 94 -8.72 -11.39 28.36
CA LEU F 94 -8.02 -10.96 27.12
C LEU F 94 -8.56 -11.76 25.94
N VAL F 95 -8.76 -11.11 24.80
CA VAL F 95 -9.40 -11.74 23.61
C VAL F 95 -8.52 -11.50 22.39
N SER F 96 -8.13 -12.58 21.71
CA SER F 96 -7.40 -12.53 20.42
C SER F 96 -8.15 -13.36 19.37
N LEU F 97 -9.25 -12.83 18.81
CA LEU F 97 -10.10 -13.47 17.78
C LEU F 97 -9.83 -12.87 16.41
N ASP F 98 -9.43 -13.70 15.44
CA ASP F 98 -9.19 -13.32 14.02
C ASP F 98 -10.53 -13.53 13.28
N GLU F 99 -10.69 -12.90 12.11
CA GLU F 99 -11.96 -12.84 11.32
C GLU F 99 -11.65 -13.22 9.87
N PRO F 121 -26.36 -32.47 -5.55
CA PRO F 121 -26.46 -33.32 -4.35
C PRO F 121 -26.32 -32.57 -3.01
N LEU F 122 -25.72 -33.23 -2.01
CA LEU F 122 -25.14 -32.65 -0.77
C LEU F 122 -24.02 -33.60 -0.31
N ASP F 123 -23.40 -34.25 -1.30
CA ASP F 123 -22.00 -34.76 -1.26
C ASP F 123 -21.02 -33.59 -1.28
N GLN F 124 -21.31 -32.51 -2.01
CA GLN F 124 -20.28 -31.53 -2.44
C GLN F 124 -19.58 -30.89 -1.23
N ILE F 125 -20.16 -30.85 -0.02
CA ILE F 125 -19.36 -30.62 1.22
C ILE F 125 -18.78 -31.98 1.64
N GLY F 126 -17.58 -32.33 1.14
CA GLY F 126 -16.77 -33.48 1.61
C GLY F 126 -15.94 -33.11 2.85
N ALA F 127 -15.30 -34.10 3.49
CA ALA F 127 -14.52 -33.94 4.75
C ALA F 127 -13.20 -33.22 4.45
N GLY F 128 -12.66 -32.49 5.45
CA GLY F 128 -11.41 -31.71 5.34
C GLY F 128 -10.24 -32.39 6.04
N ASP F 129 -10.51 -33.28 6.99
CA ASP F 129 -9.55 -34.11 7.76
C ASP F 129 -9.65 -35.55 7.22
N GLN F 130 -8.51 -36.19 6.94
CA GLN F 130 -8.41 -37.68 6.79
C GLN F 130 -8.42 -38.31 8.18
N GLY F 131 -9.59 -38.39 8.81
CA GLY F 131 -9.76 -38.65 10.25
C GLY F 131 -10.37 -40.00 10.57
N MET F 132 -10.15 -40.44 11.82
CA MET F 132 -10.89 -41.53 12.51
C MET F 132 -11.77 -40.89 13.57
N MET F 133 -13.02 -41.32 13.69
CA MET F 133 -13.90 -40.98 14.84
C MET F 133 -14.49 -42.27 15.39
N PHE F 134 -14.72 -42.33 16.70
CA PHE F 134 -15.24 -43.53 17.40
C PHE F 134 -16.53 -43.19 18.15
N GLY F 135 -17.46 -44.14 18.15
CA GLY F 135 -18.65 -44.13 19.02
C GLY F 135 -18.68 -45.37 19.88
N TYR F 136 -19.38 -45.31 21.02
CA TYR F 136 -19.45 -46.42 21.98
C TYR F 136 -20.78 -46.36 22.73
N ALA F 137 -21.29 -47.53 23.10
CA ALA F 137 -22.48 -47.73 23.94
C ALA F 137 -22.37 -49.12 24.59
N ILE F 138 -22.99 -49.28 25.75
CA ILE F 138 -22.93 -50.52 26.57
C ILE F 138 -24.09 -50.49 27.55
N ASN F 139 -24.77 -51.63 27.75
CA ASN F 139 -26.02 -51.70 28.55
C ASN F 139 -25.67 -51.84 30.03
N GLU F 140 -24.53 -51.28 30.48
CA GLU F 140 -24.13 -51.24 31.92
C GLU F 140 -25.02 -50.25 32.67
N THR F 141 -25.63 -49.27 31.98
CA THR F 141 -26.47 -48.20 32.56
C THR F 141 -27.62 -47.88 31.61
N PRO F 142 -28.75 -47.32 32.08
CA PRO F 142 -29.90 -47.03 31.21
C PRO F 142 -29.52 -46.05 30.07
N GLU F 143 -28.63 -45.09 30.35
CA GLU F 143 -28.06 -44.11 29.37
C GLU F 143 -27.22 -44.82 28.31
N LEU F 144 -26.86 -46.08 28.54
CA LEU F 144 -26.05 -46.94 27.64
C LEU F 144 -24.61 -46.41 27.61
N MET F 145 -24.10 -46.07 28.80
CA MET F 145 -22.70 -45.63 29.03
C MET F 145 -22.03 -46.62 29.98
N PRO F 146 -20.69 -46.75 29.93
CA PRO F 146 -19.94 -47.50 30.94
C PRO F 146 -20.29 -47.01 32.34
N LEU F 147 -20.28 -47.90 33.32
CA LEU F 147 -20.73 -47.58 34.70
C LEU F 147 -19.79 -46.55 35.34
N PRO F 148 -18.44 -46.66 35.22
CA PRO F 148 -17.55 -45.72 35.88
C PRO F 148 -17.77 -44.25 35.46
N ILE F 149 -17.68 -43.95 34.16
CA ILE F 149 -17.86 -42.56 33.65
C ILE F 149 -19.28 -42.09 34.01
N ALA F 150 -20.29 -42.92 33.83
CA ALA F 150 -21.71 -42.54 34.08
C ALA F 150 -21.88 -42.10 35.53
N LEU F 151 -21.32 -42.84 36.49
CA LEU F 151 -21.53 -42.58 37.93
C LEU F 151 -20.78 -41.31 38.33
N SER F 152 -19.52 -41.21 37.89
CA SER F 152 -18.69 -39.99 38.02
C SER F 152 -19.50 -38.76 37.56
N HIS F 153 -20.02 -38.76 36.33
CA HIS F 153 -20.86 -37.67 35.79
C HIS F 153 -22.05 -37.40 36.74
N ARG F 154 -22.74 -38.44 37.21
CA ARG F 154 -23.96 -38.26 38.04
C ARG F 154 -23.60 -37.59 39.38
N LEU F 155 -22.40 -37.86 39.91
CA LEU F 155 -21.92 -37.28 41.18
C LEU F 155 -21.64 -35.78 41.03
N MET F 156 -20.95 -35.40 39.94
CA MET F 156 -20.61 -33.98 39.65
C MET F 156 -21.91 -33.21 39.36
N ARG F 157 -22.86 -33.80 38.65
CA ARG F 157 -24.14 -33.15 38.32
C ARG F 157 -24.99 -32.97 39.59
N LYS F 158 -24.89 -33.88 40.57
CA LYS F 158 -25.70 -33.82 41.82
C LYS F 158 -25.12 -32.73 42.72
N ILE F 159 -23.81 -32.78 43.00
CA ILE F 159 -23.04 -31.73 43.77
C ILE F 159 -23.40 -30.35 43.21
N ALA F 160 -23.46 -30.19 41.89
CA ALA F 160 -23.70 -28.90 41.21
C ALA F 160 -25.15 -28.47 41.49
N ALA F 161 -26.11 -29.35 41.19
CA ALA F 161 -27.55 -29.10 41.45
C ALA F 161 -27.76 -28.67 42.91
N LEU F 162 -27.05 -29.30 43.86
CA LEU F 162 -27.26 -29.07 45.32
C LEU F 162 -26.74 -27.67 45.69
N ARG F 163 -25.63 -27.24 45.08
CA ARG F 163 -25.08 -25.86 45.21
C ARG F 163 -26.14 -24.88 44.67
N LYS F 164 -26.51 -25.04 43.41
CA LYS F 164 -27.28 -24.06 42.60
C LYS F 164 -28.71 -23.89 43.12
N ASP F 165 -29.38 -24.97 43.59
CA ASP F 165 -30.77 -24.83 44.11
C ASP F 165 -30.71 -24.37 45.58
N GLY F 166 -29.50 -24.26 46.16
CA GLY F 166 -29.29 -23.66 47.49
C GLY F 166 -29.51 -24.64 48.64
N THR F 167 -29.61 -25.94 48.34
CA THR F 167 -29.78 -27.04 49.33
C THR F 167 -28.58 -27.07 50.31
N ILE F 168 -27.38 -26.82 49.81
CA ILE F 168 -26.11 -26.76 50.59
C ILE F 168 -25.38 -25.45 50.20
N LYS F 169 -25.47 -24.43 51.06
CA LYS F 169 -25.06 -23.02 50.78
C LYS F 169 -23.53 -22.85 50.86
N TRP F 170 -22.81 -23.81 51.46
CA TRP F 170 -21.35 -23.73 51.68
C TRP F 170 -20.58 -24.40 50.53
N LEU F 171 -21.26 -24.93 49.53
CA LEU F 171 -20.58 -25.59 48.37
C LEU F 171 -20.04 -24.50 47.44
N ARG F 172 -18.85 -24.70 46.88
CA ARG F 172 -18.28 -23.80 45.85
C ARG F 172 -18.13 -24.57 44.54
N PRO F 173 -17.93 -23.87 43.40
CA PRO F 173 -18.05 -24.49 42.08
C PRO F 173 -17.16 -25.71 41.80
N ASP F 174 -15.86 -25.63 42.12
CA ASP F 174 -14.83 -26.61 41.68
C ASP F 174 -15.03 -27.91 42.47
N ALA F 175 -15.15 -29.02 41.75
CA ALA F 175 -15.33 -30.37 42.31
C ALA F 175 -14.87 -31.42 41.30
N LYS F 176 -14.52 -32.60 41.82
CA LYS F 176 -13.94 -33.72 41.05
C LYS F 176 -14.41 -35.03 41.67
N ALA F 177 -14.75 -36.01 40.83
CA ALA F 177 -15.15 -37.37 41.29
C ALA F 177 -14.39 -38.42 40.49
N GLN F 178 -13.89 -39.43 41.20
CA GLN F 178 -13.26 -40.62 40.58
C GLN F 178 -13.96 -41.85 41.17
N VAL F 179 -14.59 -42.65 40.30
CA VAL F 179 -15.34 -43.87 40.71
C VAL F 179 -14.58 -45.09 40.18
N THR F 180 -14.07 -45.91 41.10
CA THR F 180 -13.40 -47.19 40.80
C THR F 180 -14.43 -48.31 40.92
N VAL F 181 -14.76 -48.96 39.81
CA VAL F 181 -15.71 -50.12 39.89
C VAL F 181 -14.91 -51.41 39.70
N GLU F 182 -15.25 -52.44 40.47
CA GLU F 182 -14.69 -53.81 40.39
C GLU F 182 -15.49 -54.64 39.39
N TYR F 183 -14.79 -55.29 38.43
CA TYR F 183 -15.38 -56.13 37.37
C TYR F 183 -15.08 -57.61 37.63
N ASP F 184 -16.08 -58.49 37.40
CA ASP F 184 -15.95 -59.96 37.62
C ASP F 184 -15.19 -60.64 36.45
N GLU F 185 -15.08 -61.97 36.51
CA GLU F 185 -14.46 -62.83 35.48
C GLU F 185 -15.04 -62.53 34.08
N ASP F 186 -16.37 -62.32 33.92
CA ASP F 186 -16.96 -62.07 32.57
C ASP F 186 -16.99 -60.56 32.25
N ASN F 187 -16.26 -59.76 33.02
CA ASN F 187 -16.18 -58.28 32.88
C ASN F 187 -17.59 -57.66 32.99
N GLN F 188 -18.37 -58.12 33.97
CA GLN F 188 -19.65 -57.50 34.40
C GLN F 188 -19.35 -56.67 35.66
N PRO F 189 -20.03 -55.52 35.86
CA PRO F 189 -19.82 -54.71 37.06
C PRO F 189 -20.25 -55.49 38.32
N LYS F 190 -19.29 -55.90 39.16
CA LYS F 190 -19.51 -56.74 40.38
C LYS F 190 -19.90 -55.82 41.55
N ARG F 191 -19.12 -54.77 41.79
CA ARG F 191 -19.31 -53.84 42.95
C ARG F 191 -18.60 -52.51 42.72
N ILE F 192 -18.86 -51.51 43.56
CA ILE F 192 -18.13 -50.20 43.57
C ILE F 192 -17.09 -50.25 44.68
N ASP F 193 -15.81 -50.18 44.31
CA ASP F 193 -14.67 -50.37 45.27
C ASP F 193 -14.39 -49.07 46.02
N THR F 194 -14.15 -47.98 45.30
CA THR F 194 -13.79 -46.65 45.85
C THR F 194 -14.54 -45.54 45.12
N VAL F 195 -15.10 -44.60 45.87
CA VAL F 195 -15.50 -43.26 45.37
C VAL F 195 -14.63 -42.22 46.03
N VAL F 196 -13.88 -41.48 45.20
CA VAL F 196 -13.12 -40.28 45.63
C VAL F 196 -13.88 -39.07 45.11
N LEU F 197 -14.25 -38.15 46.00
CA LEU F 197 -14.93 -36.90 45.64
C LEU F 197 -14.32 -35.75 46.46
N SER F 198 -13.82 -34.75 45.75
CA SER F 198 -13.19 -33.52 46.32
C SER F 198 -14.04 -32.32 45.87
N THR F 199 -14.50 -31.50 46.82
CA THR F 199 -15.33 -30.30 46.54
C THR F 199 -14.71 -29.07 47.21
N GLN F 200 -14.77 -27.93 46.50
CA GLN F 200 -14.50 -26.57 47.03
C GLN F 200 -15.64 -26.20 47.98
N HIS F 201 -15.34 -25.51 49.09
CA HIS F 201 -16.33 -25.10 50.13
C HIS F 201 -15.96 -23.77 50.78
N ASP F 202 -16.95 -23.04 51.30
CA ASP F 202 -16.76 -21.86 52.20
C ASP F 202 -15.81 -22.31 53.32
N PRO F 203 -14.94 -21.42 53.84
CA PRO F 203 -13.95 -21.83 54.85
C PRO F 203 -14.51 -22.03 56.26
N ASP F 204 -15.79 -21.67 56.47
CA ASP F 204 -16.47 -21.66 57.79
C ASP F 204 -17.15 -23.00 58.07
N VAL F 205 -16.80 -24.05 57.33
CA VAL F 205 -17.36 -25.43 57.52
C VAL F 205 -16.21 -26.41 57.72
N ASP F 206 -16.31 -27.24 58.77
CA ASP F 206 -15.25 -28.21 59.15
C ASP F 206 -15.36 -29.44 58.23
N LEU F 207 -14.26 -30.19 58.11
CA LEU F 207 -14.11 -31.32 57.17
C LEU F 207 -15.13 -32.42 57.47
N ASP F 208 -15.37 -32.73 58.75
CA ASP F 208 -16.25 -33.86 59.14
C ASP F 208 -17.66 -33.56 58.62
N THR F 209 -18.11 -32.30 58.66
CA THR F 209 -19.43 -31.90 58.12
C THR F 209 -19.43 -32.05 56.59
N ILE F 210 -18.39 -31.57 55.92
CA ILE F 210 -18.25 -31.68 54.43
C ILE F 210 -18.36 -33.16 54.05
N ARG F 211 -17.62 -34.02 54.76
CA ARG F 211 -17.53 -35.47 54.44
C ARG F 211 -18.90 -36.13 54.63
N GLN F 212 -19.48 -36.05 55.83
CA GLN F 212 -20.80 -36.64 56.17
C GLN F 212 -21.86 -36.14 55.18
N THR F 213 -21.82 -34.85 54.79
CA THR F 213 -22.86 -34.21 53.92
C THR F 213 -22.75 -34.78 52.50
N VAL F 214 -21.53 -34.85 51.95
CA VAL F 214 -21.27 -35.37 50.57
C VAL F 214 -21.64 -36.86 50.51
N ILE F 215 -21.18 -37.66 51.48
CA ILE F 215 -21.47 -39.13 51.55
C ILE F 215 -22.99 -39.30 51.52
N ASP F 216 -23.72 -38.54 52.35
CA ASP F 216 -25.17 -38.74 52.58
C ASP F 216 -25.97 -38.16 51.41
N GLN F 217 -25.73 -36.91 51.01
CA GLN F 217 -26.66 -36.15 50.13
C GLN F 217 -26.21 -36.18 48.66
N VAL F 218 -24.98 -36.61 48.39
CA VAL F 218 -24.42 -36.69 47.00
C VAL F 218 -24.17 -38.16 46.64
N ILE F 219 -23.24 -38.82 47.33
CA ILE F 219 -22.78 -40.20 46.98
C ILE F 219 -23.93 -41.18 47.18
N LYS F 220 -24.46 -41.30 48.40
CA LYS F 220 -25.50 -42.32 48.70
C LYS F 220 -26.80 -41.96 47.97
N ALA F 221 -26.93 -40.73 47.45
CA ALA F 221 -28.11 -40.26 46.69
C ALA F 221 -28.04 -40.71 45.24
N VAL F 222 -26.90 -41.21 44.78
CA VAL F 222 -26.62 -41.39 43.33
C VAL F 222 -26.10 -42.81 43.05
N LEU F 223 -25.26 -43.38 43.91
CA LEU F 223 -24.74 -44.75 43.71
C LEU F 223 -25.85 -45.76 43.98
N PRO F 224 -26.11 -46.68 43.03
CA PRO F 224 -27.09 -47.75 43.22
C PRO F 224 -26.71 -48.61 44.43
N ALA F 225 -27.66 -48.83 45.34
CA ALA F 225 -27.45 -49.52 46.63
C ALA F 225 -26.93 -50.95 46.41
N ASP F 226 -27.39 -51.62 45.34
CA ASP F 226 -27.10 -53.05 45.04
C ASP F 226 -25.62 -53.27 44.66
N LEU F 227 -24.85 -52.19 44.44
CA LEU F 227 -23.41 -52.26 44.02
C LEU F 227 -22.50 -51.81 45.20
N LEU F 228 -23.09 -51.35 46.30
CA LEU F 228 -22.38 -50.90 47.52
C LEU F 228 -22.33 -52.05 48.52
N ASP F 229 -21.23 -52.19 49.25
CA ASP F 229 -21.13 -53.08 50.44
C ASP F 229 -20.25 -52.37 51.48
N ASP F 230 -20.09 -53.01 52.64
CA ASP F 230 -19.35 -52.47 53.81
C ASP F 230 -17.85 -52.33 53.49
N GLN F 231 -17.39 -52.80 52.33
CA GLN F 231 -15.97 -52.67 51.88
C GLN F 231 -15.80 -51.46 50.94
N THR F 232 -16.90 -50.89 50.42
CA THR F 232 -16.88 -49.69 49.54
C THR F 232 -16.19 -48.54 50.29
N LYS F 233 -15.08 -48.03 49.74
CA LYS F 233 -14.31 -46.89 50.30
C LYS F 233 -14.89 -45.59 49.76
N TYR F 234 -15.28 -44.68 50.66
CA TYR F 234 -15.76 -43.31 50.33
C TYR F 234 -14.73 -42.30 50.84
N LEU F 235 -13.95 -41.70 49.94
CA LEU F 235 -12.92 -40.68 50.33
C LEU F 235 -13.38 -39.31 49.83
N VAL F 236 -13.77 -38.44 50.75
CA VAL F 236 -14.23 -37.06 50.43
C VAL F 236 -13.14 -36.07 50.87
N ASN F 237 -12.69 -35.21 49.94
CA ASN F 237 -11.65 -34.19 50.19
C ASN F 237 -10.47 -34.84 50.92
N PRO F 238 -9.83 -35.87 50.33
CA PRO F 238 -8.67 -36.51 50.98
C PRO F 238 -7.45 -35.57 51.05
N THR F 239 -7.33 -34.65 50.08
CA THR F 239 -6.42 -33.47 50.10
C THR F 239 -6.57 -32.70 51.43
N GLY F 240 -7.78 -32.63 51.97
CA GLY F 240 -8.12 -31.85 53.17
C GLY F 240 -8.95 -30.64 52.77
N ARG F 241 -8.87 -29.54 53.53
CA ARG F 241 -9.65 -28.31 53.21
C ARG F 241 -9.34 -27.92 51.76
N PHE F 242 -10.29 -27.25 51.12
CA PHE F 242 -10.28 -26.88 49.68
C PHE F 242 -11.24 -25.71 49.50
N VAL F 243 -10.72 -24.50 49.78
CA VAL F 243 -11.49 -23.22 49.88
C VAL F 243 -11.30 -22.41 48.61
N ILE F 244 -10.04 -22.18 48.22
CA ILE F 244 -9.72 -21.47 46.95
C ILE F 244 -9.54 -22.55 45.87
N GLY F 245 -10.21 -22.38 44.73
CA GLY F 245 -10.13 -23.30 43.58
C GLY F 245 -10.52 -22.60 42.31
N GLY F 246 -11.08 -23.35 41.36
CA GLY F 246 -11.20 -22.92 39.96
C GLY F 246 -9.81 -22.73 39.38
N PRO F 247 -9.58 -21.68 38.56
CA PRO F 247 -8.27 -21.46 37.96
C PRO F 247 -7.21 -20.89 38.90
N GLN F 248 -7.53 -20.69 40.18
CA GLN F 248 -6.69 -19.87 41.09
C GLN F 248 -5.31 -20.52 41.25
N GLY F 249 -5.19 -21.65 41.97
CA GLY F 249 -3.89 -22.35 42.08
C GLY F 249 -3.49 -23.01 40.77
N ASP F 250 -4.48 -23.35 39.91
CA ASP F 250 -4.33 -24.33 38.80
C ASP F 250 -4.15 -23.60 37.47
N ALA F 251 -4.34 -24.35 36.38
CA ALA F 251 -4.51 -23.88 34.99
C ALA F 251 -5.62 -24.73 34.36
N GLY F 252 -6.29 -24.20 33.35
CA GLY F 252 -7.33 -24.90 32.56
C GLY F 252 -7.22 -24.55 31.09
N LEU F 253 -7.40 -25.51 30.20
CA LEU F 253 -7.39 -25.28 28.73
C LEU F 253 -8.56 -26.00 28.09
N THR F 254 -9.05 -25.44 26.98
CA THR F 254 -10.02 -26.10 26.09
C THR F 254 -9.44 -27.45 25.66
N GLY F 255 -10.23 -28.52 25.78
CA GLY F 255 -9.93 -29.87 25.24
C GLY F 255 -8.85 -30.61 26.02
N ARG F 256 -8.88 -30.56 27.35
CA ARG F 256 -7.95 -31.34 28.21
C ARG F 256 -8.75 -32.23 29.16
N LYS F 257 -10.01 -32.50 28.80
CA LYS F 257 -10.92 -33.41 29.55
C LYS F 257 -11.67 -34.25 28.53
N VAL F 258 -10.94 -34.70 27.51
CA VAL F 258 -11.48 -35.46 26.35
C VAL F 258 -12.07 -36.78 26.84
N ILE F 259 -11.36 -37.49 27.74
CA ILE F 259 -11.81 -38.79 28.32
C ILE F 259 -13.07 -38.53 29.14
N VAL F 260 -13.05 -37.51 29.99
CA VAL F 260 -14.26 -37.07 30.77
C VAL F 260 -15.41 -36.77 29.79
N ASP F 261 -15.09 -36.11 28.67
CA ASP F 261 -16.08 -35.57 27.71
C ASP F 261 -16.77 -36.75 26.99
N THR F 262 -16.07 -37.88 26.86
CA THR F 262 -16.49 -39.05 26.04
C THR F 262 -16.94 -40.19 26.96
N TYR F 263 -16.11 -41.22 27.14
CA TYR F 263 -16.51 -42.55 27.67
C TYR F 263 -15.58 -43.03 28.80
N GLY F 264 -14.83 -42.13 29.43
CA GLY F 264 -14.02 -42.45 30.63
C GLY F 264 -12.96 -43.48 30.36
N GLY F 265 -12.56 -43.66 29.10
CA GLY F 265 -11.43 -44.51 28.67
C GLY F 265 -11.84 -45.92 28.25
N PHE F 266 -13.13 -46.14 27.99
CA PHE F 266 -13.67 -47.43 27.49
C PHE F 266 -13.47 -47.51 25.97
N ALA F 267 -13.34 -46.37 25.31
CA ALA F 267 -13.31 -46.25 23.84
C ALA F 267 -11.97 -45.70 23.35
N HIS F 268 -11.78 -45.81 22.03
CA HIS F 268 -10.60 -45.31 21.27
C HIS F 268 -10.87 -43.87 20.82
N HIS F 269 -9.83 -43.20 20.34
CA HIS F 269 -9.83 -41.74 20.04
C HIS F 269 -8.99 -41.45 18.79
N GLY F 270 -9.54 -40.67 17.85
CA GLY F 270 -8.85 -40.08 16.69
C GLY F 270 -8.07 -38.83 17.10
N GLY F 271 -8.58 -38.09 18.09
CA GLY F 271 -7.76 -37.17 18.90
C GLY F 271 -8.05 -35.71 18.66
N GLY F 272 -9.18 -35.38 18.03
CA GLY F 272 -9.81 -34.05 18.16
C GLY F 272 -10.22 -33.77 19.61
N ALA F 273 -10.73 -32.58 19.89
CA ALA F 273 -11.55 -32.25 21.08
C ALA F 273 -12.76 -31.47 20.59
N PHE F 274 -13.85 -31.40 21.35
CA PHE F 274 -15.16 -30.93 20.86
C PHE F 274 -15.32 -29.41 21.03
N SER F 275 -15.23 -28.91 22.28
CA SER F 275 -15.63 -27.53 22.65
C SER F 275 -14.83 -26.50 21.83
N GLY F 276 -15.52 -25.45 21.37
CA GLY F 276 -14.94 -24.34 20.60
C GLY F 276 -15.09 -24.55 19.09
N LYS F 277 -15.67 -25.69 18.69
CA LYS F 277 -15.75 -26.09 17.26
C LYS F 277 -17.21 -26.24 16.84
N ASP F 278 -17.57 -25.57 15.75
CA ASP F 278 -18.88 -25.71 15.07
C ASP F 278 -18.92 -27.07 14.37
N ALA F 279 -20.11 -27.51 13.96
CA ALA F 279 -20.39 -28.88 13.48
C ALA F 279 -19.77 -29.12 12.09
N THR F 280 -19.35 -28.04 11.41
CA THR F 280 -18.45 -28.07 10.20
C THR F 280 -17.25 -28.99 10.50
N LYS F 281 -16.82 -29.06 11.76
CA LYS F 281 -15.65 -29.86 12.20
C LYS F 281 -16.11 -31.32 12.39
N VAL F 282 -15.77 -32.19 11.44
CA VAL F 282 -16.21 -33.62 11.44
C VAL F 282 -15.68 -34.30 12.70
N ASP F 283 -14.50 -33.92 13.18
CA ASP F 283 -13.97 -34.27 14.53
C ASP F 283 -15.15 -34.32 15.52
N ARG F 284 -15.98 -33.27 15.54
CA ARG F 284 -17.07 -33.12 16.55
C ARG F 284 -18.32 -33.85 16.06
N SER F 285 -18.75 -33.55 14.83
CA SER F 285 -20.06 -33.98 14.28
C SER F 285 -20.09 -35.50 14.10
N ALA F 286 -19.04 -36.11 13.54
CA ALA F 286 -18.94 -37.57 13.31
C ALA F 286 -18.85 -38.32 14.65
N SER F 287 -18.20 -37.72 15.66
CA SER F 287 -18.10 -38.33 17.00
C SER F 287 -19.49 -38.40 17.64
N TYR F 288 -20.29 -37.35 17.44
CA TYR F 288 -21.70 -37.29 17.87
C TYR F 288 -22.50 -38.35 17.11
N ALA F 289 -22.27 -38.43 15.80
CA ALA F 289 -22.94 -39.39 14.89
C ALA F 289 -22.59 -40.82 15.31
N ALA F 290 -21.29 -41.09 15.55
CA ALA F 290 -20.79 -42.40 16.01
C ALA F 290 -21.50 -42.81 17.30
N ARG F 291 -21.71 -41.89 18.23
CA ARG F 291 -22.45 -42.21 19.50
C ARG F 291 -23.89 -42.57 19.15
N TYR F 292 -24.53 -41.75 18.31
CA TYR F 292 -25.94 -41.91 17.84
C TYR F 292 -26.13 -43.34 17.33
N ILE F 293 -25.18 -43.82 16.52
CA ILE F 293 -25.18 -45.19 15.94
C ILE F 293 -25.07 -46.19 17.10
N ALA F 294 -23.91 -46.28 17.73
CA ALA F 294 -23.62 -47.17 18.88
C ALA F 294 -24.85 -47.27 19.79
N LYS F 295 -25.44 -46.14 20.17
CA LYS F 295 -26.52 -46.10 21.18
C LYS F 295 -27.77 -46.79 20.61
N ASN F 296 -28.10 -46.50 19.36
CA ASN F 296 -29.31 -47.05 18.69
C ASN F 296 -29.12 -48.56 18.50
N VAL F 297 -27.94 -49.01 18.05
CA VAL F 297 -27.58 -50.45 17.89
C VAL F 297 -27.87 -51.17 19.21
N VAL F 298 -27.32 -50.68 20.30
CA VAL F 298 -27.41 -51.35 21.63
C VAL F 298 -28.84 -51.21 22.16
N ALA F 299 -29.47 -50.05 21.99
CA ALA F 299 -30.87 -49.79 22.41
C ALA F 299 -31.80 -50.77 21.68
N ALA F 300 -31.50 -51.09 20.41
CA ALA F 300 -32.29 -52.03 19.59
C ALA F 300 -32.04 -53.48 20.03
N GLY F 301 -31.02 -53.72 20.87
CA GLY F 301 -30.66 -55.05 21.40
C GLY F 301 -29.84 -55.85 20.41
N LEU F 302 -29.26 -55.21 19.40
CA LEU F 302 -28.43 -55.86 18.35
C LEU F 302 -27.04 -56.18 18.92
N ALA F 303 -26.68 -55.64 20.08
CA ALA F 303 -25.46 -56.01 20.85
C ALA F 303 -25.63 -55.53 22.29
N ASP F 304 -24.82 -56.04 23.22
CA ASP F 304 -24.77 -55.59 24.63
C ASP F 304 -23.88 -54.35 24.70
N GLN F 305 -22.84 -54.34 23.87
CA GLN F 305 -21.90 -53.20 23.69
C GLN F 305 -21.45 -53.16 22.24
N VAL F 306 -21.10 -51.98 21.73
CA VAL F 306 -20.48 -51.81 20.39
C VAL F 306 -19.60 -50.55 20.42
N GLU F 307 -18.40 -50.66 19.87
CA GLU F 307 -17.57 -49.51 19.43
C GLU F 307 -17.77 -49.35 17.92
N VAL F 308 -18.23 -48.19 17.48
CA VAL F 308 -18.34 -47.83 16.04
C VAL F 308 -17.09 -47.04 15.65
N GLN F 309 -16.48 -47.40 14.51
CA GLN F 309 -15.26 -46.76 13.99
C GLN F 309 -15.56 -46.20 12.59
N LEU F 310 -15.47 -44.88 12.43
CA LEU F 310 -15.69 -44.18 11.14
C LEU F 310 -14.35 -43.65 10.64
N ALA F 311 -14.02 -43.94 9.37
CA ALA F 311 -12.82 -43.46 8.65
C ALA F 311 -13.30 -42.55 7.51
N TYR F 312 -12.88 -41.28 7.51
CA TYR F 312 -13.16 -40.31 6.44
C TYR F 312 -11.89 -40.07 5.64
N ALA F 313 -12.05 -39.88 4.32
CA ALA F 313 -10.99 -39.43 3.40
C ALA F 313 -11.21 -37.95 3.06
N ILE F 314 -10.11 -37.22 2.88
CA ILE F 314 -10.12 -35.76 2.55
C ILE F 314 -10.90 -35.60 1.24
N GLY F 315 -11.91 -34.72 1.26
CA GLY F 315 -12.81 -34.43 0.14
C GLY F 315 -13.59 -35.65 -0.34
N VAL F 316 -14.06 -36.49 0.59
CA VAL F 316 -15.07 -37.55 0.29
C VAL F 316 -16.11 -37.53 1.43
N ALA F 317 -17.33 -37.13 1.08
CA ALA F 317 -18.45 -36.87 1.99
C ALA F 317 -18.73 -38.15 2.78
N GLU F 318 -18.98 -39.24 2.07
CA GLU F 318 -19.27 -40.57 2.67
C GLU F 318 -18.03 -41.03 3.44
N PRO F 319 -18.21 -41.67 4.62
CA PRO F 319 -17.09 -42.35 5.27
C PRO F 319 -16.57 -43.42 4.30
N VAL F 320 -15.25 -43.48 4.13
CA VAL F 320 -14.56 -44.45 3.23
C VAL F 320 -14.64 -45.86 3.84
N SER F 321 -14.85 -45.99 5.15
CA SER F 321 -14.81 -47.30 5.86
C SER F 321 -15.55 -47.21 7.20
N ILE F 322 -16.32 -48.24 7.52
CA ILE F 322 -16.98 -48.40 8.86
C ILE F 322 -16.62 -49.78 9.42
N ALA F 323 -15.93 -49.79 10.56
CA ALA F 323 -15.66 -51.00 11.37
C ALA F 323 -16.58 -50.96 12.59
N VAL F 324 -16.68 -52.07 13.29
CA VAL F 324 -17.66 -52.27 14.38
C VAL F 324 -17.10 -53.38 15.26
N ASP F 325 -17.02 -53.17 16.57
CA ASP F 325 -16.54 -54.18 17.54
C ASP F 325 -17.63 -54.37 18.59
N THR F 326 -18.27 -55.54 18.60
CA THR F 326 -19.36 -55.90 19.55
C THR F 326 -18.77 -56.61 20.76
N ALA F 327 -17.48 -56.94 20.74
CA ALA F 327 -16.82 -57.80 21.76
C ALA F 327 -17.54 -59.16 21.82
N GLY F 328 -17.99 -59.68 20.68
CA GLY F 328 -18.74 -60.95 20.58
C GLY F 328 -20.04 -60.95 21.36
N THR F 329 -20.62 -59.77 21.63
CA THR F 329 -21.97 -59.61 22.21
C THR F 329 -22.99 -59.38 21.08
N GLY F 330 -22.50 -59.28 19.83
CA GLY F 330 -23.34 -59.12 18.64
C GLY F 330 -24.38 -60.21 18.55
N LYS F 331 -25.67 -59.83 18.46
CA LYS F 331 -26.81 -60.74 18.16
C LYS F 331 -26.98 -60.84 16.64
N VAL F 332 -26.10 -60.18 15.87
CA VAL F 332 -26.13 -60.14 14.38
C VAL F 332 -24.68 -60.13 13.88
N SER F 333 -24.45 -60.52 12.63
CA SER F 333 -23.15 -60.45 11.92
C SER F 333 -22.58 -59.03 11.99
N ASP F 334 -21.25 -58.88 11.99
CA ASP F 334 -20.57 -57.57 11.93
C ASP F 334 -20.86 -56.93 10.57
N GLU F 335 -20.71 -57.68 9.47
CA GLU F 335 -20.91 -57.20 8.08
C GLU F 335 -22.38 -56.77 7.89
N ALA F 336 -23.34 -57.47 8.52
CA ALA F 336 -24.80 -57.20 8.44
C ALA F 336 -25.14 -55.94 9.23
N LEU F 337 -24.50 -55.75 10.39
CA LEU F 337 -24.67 -54.55 11.26
C LEU F 337 -24.14 -53.30 10.54
N ILE F 338 -22.92 -53.36 10.00
CA ILE F 338 -22.31 -52.25 9.20
C ILE F 338 -23.28 -51.90 8.07
N ASN F 339 -23.93 -52.90 7.48
CA ASN F 339 -24.88 -52.71 6.36
C ASN F 339 -26.10 -51.90 6.83
N ALA F 340 -26.64 -52.25 8.00
CA ALA F 340 -27.81 -51.57 8.59
C ALA F 340 -27.45 -50.10 8.85
N ILE F 341 -26.21 -49.85 9.26
CA ILE F 341 -25.72 -48.48 9.61
C ILE F 341 -25.62 -47.65 8.34
N ARG F 342 -25.03 -48.19 7.27
CA ARG F 342 -24.91 -47.48 5.98
C ARG F 342 -26.30 -47.14 5.45
N GLU F 343 -27.31 -47.96 5.75
CA GLU F 343 -28.67 -47.79 5.16
C GLU F 343 -29.52 -46.80 5.98
N ASN F 344 -29.22 -46.59 7.27
CA ASN F 344 -30.15 -45.85 8.18
C ASN F 344 -29.53 -44.57 8.75
N PHE F 345 -28.26 -44.28 8.45
CA PHE F 345 -27.57 -43.06 8.93
C PHE F 345 -26.94 -42.33 7.74
N ASP F 346 -27.23 -41.03 7.65
CA ASP F 346 -26.48 -40.09 6.77
C ASP F 346 -25.22 -39.70 7.53
N LEU F 347 -24.05 -40.08 7.01
CA LEU F 347 -22.75 -39.94 7.70
C LEU F 347 -21.83 -38.98 6.94
N ARG F 348 -22.38 -38.24 5.97
CA ARG F 348 -21.68 -37.11 5.32
C ARG F 348 -21.70 -35.91 6.27
N PRO F 349 -20.62 -35.10 6.32
CA PRO F 349 -20.54 -33.98 7.26
C PRO F 349 -21.82 -33.14 7.24
N ALA F 350 -22.23 -32.72 6.02
CA ALA F 350 -23.47 -31.97 5.74
C ALA F 350 -24.68 -32.79 6.20
N GLY F 351 -24.68 -34.09 5.86
CA GLY F 351 -25.75 -35.04 6.23
C GLY F 351 -25.96 -35.09 7.72
N ILE F 352 -24.88 -35.22 8.50
CA ILE F 352 -24.92 -35.34 9.98
C ILE F 352 -25.54 -34.09 10.57
N ILE F 353 -25.16 -32.92 10.03
CA ILE F 353 -25.64 -31.59 10.48
C ILE F 353 -27.17 -31.53 10.33
N LYS F 354 -27.69 -31.86 9.14
CA LYS F 354 -29.16 -31.94 8.87
C LYS F 354 -29.79 -33.00 9.77
N MET F 355 -29.20 -34.20 9.81
CA MET F 355 -29.73 -35.39 10.54
C MET F 355 -29.92 -35.05 12.01
N LEU F 356 -28.93 -34.46 12.67
CA LEU F 356 -28.96 -34.19 14.13
C LEU F 356 -29.34 -32.74 14.42
N ASP F 357 -29.58 -31.92 13.38
CA ASP F 357 -29.96 -30.49 13.52
C ASP F 357 -28.92 -29.77 14.41
N LEU F 358 -27.70 -29.60 13.90
CA LEU F 358 -26.51 -29.20 14.71
C LEU F 358 -26.19 -27.71 14.57
N GLN F 359 -26.84 -27.00 13.66
CA GLN F 359 -26.58 -25.53 13.47
C GLN F 359 -27.56 -24.75 14.35
N ARG F 360 -27.59 -25.10 15.64
CA ARG F 360 -28.39 -24.47 16.71
C ARG F 360 -27.49 -24.31 17.93
N PRO F 361 -27.76 -23.35 18.83
CA PRO F 361 -26.90 -23.14 19.99
C PRO F 361 -27.12 -24.18 21.11
N ILE F 362 -26.58 -25.39 20.97
CA ILE F 362 -26.90 -26.56 21.85
C ILE F 362 -25.65 -27.05 22.59
N TYR F 363 -24.54 -26.31 22.54
CA TYR F 363 -23.17 -26.85 22.84
C TYR F 363 -22.65 -26.41 24.20
N ARG F 364 -23.00 -25.23 24.71
CA ARG F 364 -22.50 -24.80 26.03
C ARG F 364 -22.82 -25.93 27.05
N GLN F 365 -24.05 -26.47 26.98
CA GLN F 365 -24.54 -27.50 27.94
C GLN F 365 -23.73 -28.80 27.87
N THR F 366 -22.99 -29.09 26.79
CA THR F 366 -22.20 -30.34 26.61
C THR F 366 -20.82 -30.22 27.28
N ALA F 367 -20.39 -28.99 27.56
CA ALA F 367 -18.98 -28.68 27.88
C ALA F 367 -18.69 -29.03 29.34
N ALA F 368 -19.69 -29.51 30.10
CA ALA F 368 -19.47 -30.13 31.43
C ALA F 368 -20.44 -31.31 31.64
N TYR F 369 -20.00 -32.33 32.39
CA TYR F 369 -20.82 -33.52 32.78
C TYR F 369 -21.03 -34.49 31.60
N GLY F 370 -20.19 -34.39 30.56
CA GLY F 370 -20.12 -35.35 29.44
C GLY F 370 -20.95 -34.95 28.24
N HIS F 371 -20.46 -35.22 27.03
CA HIS F 371 -21.20 -35.06 25.75
C HIS F 371 -22.16 -36.24 25.57
N PHE F 372 -21.87 -37.37 26.21
CA PHE F 372 -22.58 -38.65 25.99
C PHE F 372 -23.21 -39.15 27.29
N GLY F 373 -24.39 -39.74 27.16
CA GLY F 373 -25.10 -40.42 28.25
C GLY F 373 -25.94 -39.51 29.07
N ARG F 374 -26.35 -38.39 28.50
CA ARG F 374 -26.95 -37.27 29.28
C ARG F 374 -28.45 -37.50 29.44
N THR F 375 -28.88 -37.62 30.70
CA THR F 375 -30.29 -37.83 31.11
C THR F 375 -30.95 -36.49 31.49
N ASP F 376 -30.15 -35.51 31.90
CA ASP F 376 -30.61 -34.21 32.48
C ASP F 376 -30.91 -33.19 31.37
N ILE F 377 -30.38 -33.39 30.16
CA ILE F 377 -30.63 -32.49 28.98
C ILE F 377 -30.93 -33.37 27.77
N ASP F 378 -31.44 -32.76 26.72
CA ASP F 378 -31.87 -33.42 25.47
C ASP F 378 -30.85 -33.09 24.37
N LEU F 379 -29.98 -34.04 24.03
CA LEU F 379 -29.01 -33.93 22.90
C LEU F 379 -29.48 -34.80 21.74
N PRO F 380 -29.45 -34.31 20.48
CA PRO F 380 -29.96 -35.08 19.34
C PRO F 380 -29.33 -36.48 19.21
N TRP F 381 -28.01 -36.58 19.41
CA TRP F 381 -27.22 -37.83 19.23
C TRP F 381 -27.50 -38.84 20.37
N GLU F 382 -28.35 -38.48 21.35
CA GLU F 382 -28.78 -39.38 22.46
C GLU F 382 -30.19 -39.92 22.21
N HIS F 383 -30.94 -39.34 21.25
CA HIS F 383 -32.25 -39.87 20.79
C HIS F 383 -32.04 -41.30 20.32
N THR F 384 -32.98 -42.20 20.68
CA THR F 384 -33.00 -43.63 20.23
C THR F 384 -34.12 -43.81 19.20
N ASP F 385 -34.18 -42.87 18.24
CA ASP F 385 -35.12 -42.62 17.12
C ASP F 385 -34.98 -43.62 15.97
N LYS F 386 -33.84 -44.34 15.94
CA LYS F 386 -33.46 -45.20 14.78
C LYS F 386 -33.56 -46.68 15.17
N VAL F 387 -34.13 -47.00 16.34
CA VAL F 387 -34.31 -48.38 16.86
C VAL F 387 -35.16 -49.18 15.86
N ASP F 388 -36.38 -48.71 15.58
CA ASP F 388 -37.33 -49.42 14.69
C ASP F 388 -36.70 -49.58 13.30
N ALA F 389 -36.01 -48.56 12.79
CA ALA F 389 -35.30 -48.60 11.50
C ALA F 389 -34.32 -49.78 11.49
N LEU F 390 -33.55 -49.96 12.57
CA LEU F 390 -32.50 -51.02 12.69
C LEU F 390 -33.14 -52.38 12.96
N LYS F 391 -34.07 -52.48 13.92
CA LYS F 391 -34.90 -53.71 14.14
C LYS F 391 -35.42 -54.19 12.77
N ALA F 392 -36.09 -53.30 12.03
CA ALA F 392 -36.73 -53.58 10.73
C ALA F 392 -35.72 -54.09 9.69
N ALA F 393 -34.46 -53.65 9.75
CA ALA F 393 -33.41 -54.04 8.77
C ALA F 393 -33.08 -55.54 8.86
N PHE F 394 -33.68 -56.29 9.81
CA PHE F 394 -33.47 -57.75 10.01
C PHE F 394 -34.82 -58.48 10.12
N ARG G 4 25.28 30.38 27.84
CA ARG G 4 24.70 29.97 26.53
C ARG G 4 23.23 29.54 26.70
N HIS G 5 22.27 30.32 26.21
CA HIS G 5 20.82 30.03 26.45
C HIS G 5 20.33 29.05 25.37
N LEU G 6 20.43 27.74 25.65
CA LEU G 6 20.07 26.63 24.70
C LEU G 6 18.75 26.00 25.15
N PHE G 7 17.88 25.63 24.20
CA PHE G 7 16.60 24.93 24.50
C PHE G 7 16.31 23.85 23.45
N THR G 8 16.07 22.62 23.94
CA THR G 8 15.85 21.41 23.10
C THR G 8 14.40 20.91 23.22
N SER G 9 13.80 20.56 22.08
CA SER G 9 12.49 19.85 22.01
C SER G 9 12.65 18.60 21.14
N GLU G 10 11.90 17.53 21.41
CA GLU G 10 11.92 16.31 20.55
C GLU G 10 10.54 16.09 19.92
N SER G 11 10.51 15.51 18.73
CA SER G 11 9.31 14.86 18.11
C SER G 11 9.70 13.45 17.67
N VAL G 12 8.70 12.59 17.44
CA VAL G 12 8.91 11.17 17.03
C VAL G 12 7.94 10.85 15.88
N SER G 13 8.32 9.90 15.03
CA SER G 13 7.55 9.43 13.85
C SER G 13 6.34 8.62 14.30
N GLU G 14 5.40 8.38 13.37
CA GLU G 14 4.30 7.38 13.49
C GLU G 14 4.86 6.03 13.98
N GLY G 15 6.10 5.70 13.58
CA GLY G 15 6.75 4.41 13.82
C GLY G 15 7.23 4.22 15.26
N HIS G 16 7.41 5.30 16.01
CA HIS G 16 7.91 5.22 17.41
C HIS G 16 6.89 4.47 18.23
N PRO G 17 7.30 3.55 19.13
CA PRO G 17 6.36 2.68 19.84
C PRO G 17 5.29 3.44 20.67
N ASP G 18 5.69 4.53 21.33
CA ASP G 18 4.78 5.38 22.14
C ASP G 18 3.74 6.01 21.21
N LYS G 19 4.13 6.38 20.00
CA LYS G 19 3.22 6.99 19.00
C LYS G 19 2.34 5.91 18.37
N ILE G 20 2.85 4.67 18.21
CA ILE G 20 2.03 3.50 17.74
C ILE G 20 0.86 3.35 18.72
N ALA G 21 1.15 3.32 20.03
CA ALA G 21 0.14 3.22 21.11
C ALA G 21 -0.89 4.36 20.97
N ASP G 22 -0.42 5.60 20.77
CA ASP G 22 -1.29 6.81 20.75
C ASP G 22 -2.19 6.71 19.51
N GLN G 23 -1.64 6.32 18.35
CA GLN G 23 -2.40 6.24 17.08
C GLN G 23 -3.44 5.12 17.13
N ILE G 24 -3.11 3.99 17.75
CA ILE G 24 -4.06 2.85 17.90
C ILE G 24 -5.23 3.33 18.78
N SER G 25 -4.94 3.83 19.98
CA SER G 25 -5.98 4.37 20.91
C SER G 25 -6.91 5.33 20.15
N ASP G 26 -6.36 6.25 19.34
CA ASP G 26 -7.15 7.28 18.62
C ASP G 26 -7.80 6.71 17.35
N ALA G 27 -7.22 5.67 16.73
CA ALA G 27 -7.81 4.97 15.57
C ALA G 27 -9.12 4.30 16.00
N ILE G 28 -9.10 3.68 17.18
CA ILE G 28 -10.29 3.01 17.78
C ILE G 28 -11.35 4.08 18.07
N LEU G 29 -10.93 5.25 18.54
CA LEU G 29 -11.84 6.41 18.84
C LEU G 29 -12.52 6.83 17.54
N ASP G 30 -11.74 7.06 16.49
CA ASP G 30 -12.25 7.47 15.16
C ASP G 30 -13.27 6.44 14.67
N ALA G 31 -12.89 5.17 14.70
CA ALA G 31 -13.72 4.03 14.22
C ALA G 31 -15.11 4.13 14.83
N MET G 32 -15.20 4.48 16.12
CA MET G 32 -16.48 4.52 16.87
C MET G 32 -17.24 5.81 16.60
N LEU G 33 -16.56 6.96 16.56
CA LEU G 33 -17.17 8.28 16.24
C LEU G 33 -17.76 8.23 14.83
N ALA G 34 -17.06 7.52 13.93
CA ALA G 34 -17.45 7.32 12.51
C ALA G 34 -18.88 6.74 12.42
N GLN G 35 -19.31 5.96 13.42
CA GLN G 35 -20.67 5.35 13.45
C GLN G 35 -21.53 5.99 14.54
N ASP G 36 -20.93 6.48 15.63
CA ASP G 36 -21.65 6.98 16.84
C ASP G 36 -20.96 8.25 17.34
N PRO G 37 -21.41 9.45 16.88
CA PRO G 37 -20.83 10.71 17.35
C PRO G 37 -20.86 10.87 18.88
N GLN G 38 -21.86 10.25 19.53
CA GLN G 38 -22.06 10.29 21.01
C GLN G 38 -21.16 9.31 21.75
N ALA G 39 -20.36 8.53 21.02
CA ALA G 39 -19.48 7.48 21.62
C ALA G 39 -18.63 8.07 22.76
N ARG G 40 -18.77 7.51 23.97
CA ARG G 40 -17.83 7.72 25.10
C ARG G 40 -16.70 6.69 25.00
N VAL G 41 -15.44 7.11 25.12
CA VAL G 41 -14.25 6.28 24.84
C VAL G 41 -13.12 6.63 25.82
N ALA G 42 -12.45 5.61 26.36
CA ALA G 42 -11.29 5.71 27.28
C ALA G 42 -10.37 4.51 27.04
N VAL G 43 -9.54 4.56 26.01
CA VAL G 43 -8.85 3.37 25.44
C VAL G 43 -7.33 3.56 25.54
N GLU G 44 -6.69 2.79 26.41
CA GLU G 44 -5.23 2.72 26.53
C GLU G 44 -4.72 1.63 25.59
N THR G 45 -3.50 1.81 25.05
CA THR G 45 -2.77 0.81 24.25
C THR G 45 -1.37 0.68 24.82
N SER G 46 -0.88 -0.55 24.89
CA SER G 46 0.51 -0.90 25.29
C SER G 46 1.09 -1.75 24.17
N VAL G 47 2.35 -1.51 23.83
CA VAL G 47 3.01 -2.18 22.69
C VAL G 47 4.42 -2.55 23.15
N THR G 48 4.78 -3.82 23.01
CA THR G 48 6.15 -4.33 23.26
C THR G 48 6.45 -5.40 22.21
N THR G 49 7.52 -6.18 22.39
CA THR G 49 8.01 -7.13 21.36
C THR G 49 6.83 -7.95 20.85
N GLY G 50 6.41 -7.68 19.61
CA GLY G 50 5.45 -8.44 18.82
C GLY G 50 4.05 -8.42 19.41
N LEU G 51 3.75 -7.47 20.29
CA LEU G 51 2.51 -7.47 21.09
C LEU G 51 1.82 -6.10 21.06
N VAL G 52 0.50 -6.11 20.95
CA VAL G 52 -0.38 -4.91 21.13
C VAL G 52 -1.50 -5.30 22.09
N LEU G 53 -1.44 -4.84 23.34
CA LEU G 53 -2.56 -4.99 24.29
C LEU G 53 -3.41 -3.71 24.23
N VAL G 54 -4.70 -3.84 23.88
CA VAL G 54 -5.70 -2.74 23.93
C VAL G 54 -6.61 -2.98 25.14
N PHE G 55 -6.81 -1.98 26.00
CA PHE G 55 -7.63 -2.10 27.22
C PHE G 55 -8.25 -0.73 27.55
N GLY G 56 -9.42 -0.74 28.20
CA GLY G 56 -10.12 0.48 28.61
C GLY G 56 -11.62 0.27 28.72
N GLU G 57 -12.35 1.33 29.06
CA GLU G 57 -13.83 1.39 29.04
C GLU G 57 -14.25 1.98 27.69
N VAL G 58 -15.43 1.62 27.21
CA VAL G 58 -16.09 2.24 26.03
C VAL G 58 -17.60 2.13 26.27
N SER G 59 -18.36 2.99 25.61
CA SER G 59 -19.84 3.03 25.67
C SER G 59 -20.36 3.59 24.35
N THR G 60 -20.84 2.75 23.44
CA THR G 60 -21.17 3.19 22.07
C THR G 60 -22.21 2.28 21.41
N LYS G 61 -22.92 2.82 20.42
CA LYS G 61 -23.86 2.07 19.56
C LYS G 61 -23.09 1.47 18.38
N ALA G 62 -21.80 1.85 18.20
CA ALA G 62 -20.95 1.41 17.07
C ALA G 62 -20.59 -0.07 17.24
N TYR G 63 -20.51 -0.79 16.11
CA TYR G 63 -19.89 -2.14 16.01
C TYR G 63 -18.55 -1.97 15.30
N VAL G 64 -17.45 -2.22 16.02
CA VAL G 64 -16.06 -2.04 15.49
C VAL G 64 -15.29 -3.34 15.70
N ASP G 65 -14.66 -3.85 14.62
CA ASP G 65 -13.69 -4.96 14.71
C ASP G 65 -12.36 -4.37 15.18
N ILE G 66 -12.13 -4.36 16.50
CA ILE G 66 -10.93 -3.74 17.15
C ILE G 66 -9.66 -4.32 16.49
N GLN G 67 -9.58 -5.65 16.36
CA GLN G 67 -8.44 -6.36 15.70
C GLN G 67 -8.15 -5.71 14.35
N LYS G 68 -9.18 -5.51 13.53
CA LYS G 68 -9.00 -4.95 12.17
C LYS G 68 -8.48 -3.51 12.29
N VAL G 69 -9.04 -2.71 13.20
CA VAL G 69 -8.61 -1.30 13.42
C VAL G 69 -7.13 -1.30 13.84
N VAL G 70 -6.76 -2.07 14.86
CA VAL G 70 -5.35 -2.13 15.36
C VAL G 70 -4.41 -2.50 14.21
N ARG G 71 -4.72 -3.57 13.48
CA ARG G 71 -3.80 -4.16 12.46
C ARG G 71 -3.68 -3.21 11.26
N ASP G 72 -4.80 -2.58 10.89
CA ASP G 72 -4.83 -1.56 9.79
C ASP G 72 -4.02 -0.33 10.19
N THR G 73 -4.15 0.15 11.43
CA THR G 73 -3.36 1.32 11.92
C THR G 73 -1.88 1.00 11.74
N ILE G 74 -1.47 -0.17 12.24
CA ILE G 74 -0.04 -0.63 12.26
C ILE G 74 0.47 -0.73 10.83
N LYS G 75 -0.39 -1.05 9.88
CA LYS G 75 0.01 -1.23 8.45
C LYS G 75 0.24 0.15 7.81
N SER G 76 -0.66 1.12 8.04
CA SER G 76 -0.50 2.51 7.51
C SER G 76 0.83 3.07 7.97
N ILE G 77 1.13 2.90 9.27
CA ILE G 77 2.41 3.34 9.90
C ILE G 77 3.58 2.81 9.07
N GLY G 78 3.45 1.61 8.50
CA GLY G 78 4.40 1.05 7.51
C GLY G 78 4.92 -0.32 7.87
N TYR G 79 4.48 -0.90 9.00
CA TYR G 79 4.84 -2.26 9.46
C TYR G 79 4.01 -3.32 8.70
N VAL G 80 4.48 -3.72 7.51
CA VAL G 80 3.72 -4.44 6.45
C VAL G 80 4.49 -5.64 5.88
N ASP G 81 5.63 -6.03 6.47
CA ASP G 81 6.38 -7.23 6.05
C ASP G 81 7.28 -7.66 7.22
N GLY G 82 7.48 -8.98 7.41
CA GLY G 82 8.11 -9.54 8.63
C GLY G 82 9.59 -9.21 8.79
N GLN G 83 10.21 -8.60 7.77
CA GLN G 83 11.65 -8.21 7.84
C GLN G 83 11.84 -7.06 8.85
N TYR G 84 10.77 -6.38 9.27
CA TYR G 84 10.83 -5.26 10.26
C TYR G 84 10.82 -5.78 11.69
N GLY G 85 10.43 -7.06 11.83
CA GLY G 85 10.26 -7.74 13.13
C GLY G 85 8.87 -7.50 13.69
N PHE G 86 8.24 -6.40 13.28
CA PHE G 86 6.88 -6.00 13.69
C PHE G 86 6.06 -5.83 12.42
N ASP G 87 4.86 -6.42 12.43
CA ASP G 87 4.02 -6.60 11.22
C ASP G 87 2.55 -6.53 11.66
N GLY G 88 1.72 -5.82 10.90
CA GLY G 88 0.30 -5.63 11.22
C GLY G 88 -0.46 -6.94 11.07
N ASP G 89 0.01 -7.86 10.22
CA ASP G 89 -0.66 -9.15 9.94
C ASP G 89 -0.23 -10.25 10.93
N ASN G 90 0.96 -10.15 11.51
CA ASN G 90 1.66 -11.28 12.18
C ASN G 90 1.83 -11.03 13.68
N CYS G 91 1.70 -9.80 14.15
CA CYS G 91 1.90 -9.45 15.58
C CYS G 91 0.68 -9.94 16.37
N ALA G 92 0.90 -10.24 17.65
CA ALA G 92 -0.16 -10.50 18.65
C ALA G 92 -0.95 -9.21 18.89
N VAL G 93 -2.27 -9.34 18.97
CA VAL G 93 -3.22 -8.29 19.40
C VAL G 93 -4.15 -8.89 20.46
N LEU G 94 -4.06 -8.43 21.70
CA LEU G 94 -4.96 -8.84 22.80
C LEU G 94 -5.84 -7.64 23.17
N VAL G 95 -7.12 -7.87 23.46
CA VAL G 95 -8.10 -6.78 23.67
C VAL G 95 -8.86 -7.06 24.96
N SER G 96 -8.85 -6.09 25.89
CA SER G 96 -9.64 -6.13 27.14
C SER G 96 -10.50 -4.85 27.25
N LEU G 97 -11.62 -4.79 26.53
CA LEU G 97 -12.56 -3.64 26.51
C LEU G 97 -13.82 -3.95 27.32
N ASP G 98 -14.16 -3.10 28.29
CA ASP G 98 -15.45 -3.13 29.05
C ASP G 98 -16.48 -2.30 28.26
N GLU G 99 -17.78 -2.51 28.52
CA GLU G 99 -18.92 -1.93 27.72
C GLU G 99 -19.97 -1.36 28.65
N GLN G 100 -20.99 -0.72 28.07
CA GLN G 100 -22.20 -0.25 28.79
C GLN G 100 -23.41 -0.31 27.85
N GLY G 126 -23.17 21.36 34.82
CA GLY G 126 -21.84 21.86 34.38
C GLY G 126 -20.79 20.76 34.35
N ALA G 127 -19.52 21.16 34.41
CA ALA G 127 -18.26 20.36 34.31
C ALA G 127 -18.12 19.38 35.48
N GLY G 128 -17.41 18.26 35.25
CA GLY G 128 -17.28 17.14 36.21
C GLY G 128 -15.92 17.09 36.86
N ASP G 129 -14.89 17.54 36.15
CA ASP G 129 -13.47 17.49 36.59
C ASP G 129 -13.03 18.90 37.05
N GLN G 130 -12.51 18.98 38.27
CA GLN G 130 -11.92 20.23 38.84
C GLN G 130 -10.50 20.39 38.28
N GLY G 131 -10.37 20.83 37.02
CA GLY G 131 -9.10 20.77 36.27
C GLY G 131 -8.47 22.12 35.98
N MET G 132 -7.17 22.10 35.66
CA MET G 132 -6.42 23.18 34.97
C MET G 132 -6.12 22.71 33.55
N MET G 133 -6.33 23.55 32.55
CA MET G 133 -5.83 23.30 31.17
C MET G 133 -5.08 24.54 30.70
N PHE G 134 -4.04 24.36 29.89
CA PHE G 134 -3.16 25.45 29.40
C PHE G 134 -3.14 25.46 27.87
N GLY G 135 -3.13 26.66 27.29
CA GLY G 135 -2.90 26.91 25.85
C GLY G 135 -1.68 27.79 25.68
N TYR G 136 -1.03 27.71 24.51
CA TYR G 136 0.19 28.50 24.22
C TYR G 136 0.26 28.77 22.71
N ALA G 137 0.82 29.92 22.38
CA ALA G 137 1.13 30.35 21.00
C ALA G 137 2.26 31.39 21.07
N ILE G 138 3.04 31.50 20.00
CA ILE G 138 4.22 32.40 19.91
C ILE G 138 4.57 32.58 18.44
N ASN G 139 4.91 33.80 18.04
CA ASN G 139 5.11 34.15 16.60
C ASN G 139 6.53 33.78 16.18
N GLU G 140 7.14 32.74 16.78
CA GLU G 140 8.48 32.22 16.40
C GLU G 140 8.38 31.51 15.03
N THR G 141 7.17 31.02 14.68
CA THR G 141 6.91 30.22 13.44
C THR G 141 5.53 30.60 12.88
N PRO G 142 5.27 30.42 11.57
CA PRO G 142 3.99 30.81 10.97
C PRO G 142 2.80 30.10 11.63
N GLU G 143 2.98 28.83 12.03
CA GLU G 143 1.95 28.01 12.74
C GLU G 143 1.73 28.52 14.17
N LEU G 144 2.57 29.47 14.64
CA LEU G 144 2.47 30.13 15.96
C LEU G 144 2.81 29.12 17.06
N MET G 145 3.85 28.34 16.83
CA MET G 145 4.42 27.36 17.80
C MET G 145 5.87 27.76 18.11
N PRO G 146 6.40 27.36 19.29
CA PRO G 146 7.82 27.52 19.58
C PRO G 146 8.66 26.88 18.48
N LEU G 147 9.83 27.45 18.20
CA LEU G 147 10.68 27.01 17.06
C LEU G 147 11.18 25.59 17.28
N PRO G 148 11.66 25.19 18.49
CA PRO G 148 12.18 23.84 18.69
C PRO G 148 11.16 22.73 18.39
N ILE G 149 10.00 22.74 19.05
CA ILE G 149 8.95 21.70 18.84
C ILE G 149 8.50 21.73 17.38
N ALA G 150 8.28 22.90 16.79
CA ALA G 150 7.78 23.06 15.41
C ALA G 150 8.75 22.38 14.43
N LEU G 151 10.05 22.60 14.60
CA LEU G 151 11.08 22.11 13.63
C LEU G 151 11.20 20.58 13.77
N SER G 152 11.29 20.11 15.02
CA SER G 152 11.23 18.67 15.38
C SER G 152 10.06 18.00 14.65
N HIS G 153 8.83 18.49 14.83
CA HIS G 153 7.62 17.95 14.13
C HIS G 153 7.84 17.96 12.62
N ARG G 154 8.36 19.04 12.05
CA ARG G 154 8.50 19.18 10.56
C ARG G 154 9.48 18.12 10.05
N LEU G 155 10.50 17.78 10.84
CA LEU G 155 11.54 16.77 10.48
C LEU G 155 10.93 15.38 10.44
N MET G 156 10.15 15.01 11.47
CA MET G 156 9.48 13.69 11.56
C MET G 156 8.43 13.58 10.45
N ARG G 157 7.70 14.65 10.15
CA ARG G 157 6.65 14.65 9.08
C ARG G 157 7.33 14.50 7.71
N LYS G 158 8.54 15.05 7.51
CA LYS G 158 9.25 15.01 6.20
C LYS G 158 9.81 13.60 6.01
N ILE G 159 10.59 13.08 6.97
CA ILE G 159 11.13 11.68 6.99
C ILE G 159 10.00 10.69 6.66
N ALA G 160 8.81 10.88 7.22
CA ALA G 160 7.66 9.98 7.04
C ALA G 160 7.16 10.08 5.61
N ALA G 161 6.87 11.29 5.14
CA ALA G 161 6.44 11.57 3.76
C ALA G 161 7.41 10.94 2.77
N LEU G 162 8.72 11.02 3.03
CA LEU G 162 9.80 10.56 2.09
C LEU G 162 9.78 9.03 2.01
N ARG G 163 9.55 8.35 3.15
CA ARG G 163 9.34 6.89 3.20
C ARG G 163 8.11 6.53 2.35
N LYS G 164 6.96 7.11 2.70
CA LYS G 164 5.62 6.70 2.22
C LYS G 164 5.44 6.98 0.73
N ASP G 165 5.98 8.08 0.19
CA ASP G 165 5.84 8.38 -1.26
C ASP G 165 6.92 7.61 -2.03
N GLY G 166 7.83 6.93 -1.33
CA GLY G 166 8.83 6.01 -1.94
C GLY G 166 10.08 6.72 -2.44
N THR G 167 10.27 8.00 -2.09
CA THR G 167 11.45 8.83 -2.45
C THR G 167 12.74 8.21 -1.92
N ILE G 168 12.71 7.65 -0.71
CA ILE G 168 13.85 6.94 -0.06
C ILE G 168 13.33 5.58 0.43
N LYS G 169 13.65 4.50 -0.32
CA LYS G 169 13.01 3.16 -0.20
C LYS G 169 13.57 2.38 1.01
N TRP G 170 14.73 2.81 1.54
CA TRP G 170 15.46 2.13 2.64
C TRP G 170 15.04 2.69 4.00
N LEU G 171 14.12 3.66 4.07
CA LEU G 171 13.65 4.23 5.36
C LEU G 171 12.66 3.25 5.97
N ARG G 172 12.71 3.07 7.30
CA ARG G 172 11.71 2.26 8.06
C ARG G 172 10.97 3.18 9.01
N PRO G 173 9.82 2.73 9.58
CA PRO G 173 8.90 3.64 10.27
C PRO G 173 9.47 4.46 11.44
N ASP G 174 10.19 3.81 12.35
CA ASP G 174 10.61 4.40 13.67
C ASP G 174 11.69 5.45 13.39
N ALA G 175 11.47 6.66 13.93
CA ALA G 175 12.40 7.81 13.83
C ALA G 175 12.14 8.79 14.97
N LYS G 176 13.15 9.60 15.27
CA LYS G 176 13.16 10.57 16.39
C LYS G 176 13.99 11.78 15.97
N ALA G 177 13.56 12.99 16.31
CA ALA G 177 14.33 14.24 16.10
C ALA G 177 14.37 15.05 17.40
N GLN G 178 15.54 15.61 17.69
CA GLN G 178 15.74 16.60 18.78
C GLN G 178 16.41 17.82 18.16
N VAL G 179 15.77 18.99 18.24
CA VAL G 179 16.35 20.27 17.76
C VAL G 179 16.66 21.15 18.96
N THR G 180 17.94 21.47 19.13
CA THR G 180 18.46 22.44 20.12
C THR G 180 18.56 23.81 19.42
N VAL G 181 17.75 24.78 19.85
CA VAL G 181 17.82 26.18 19.34
C VAL G 181 18.58 27.01 20.36
N GLU G 182 19.50 27.87 19.90
CA GLU G 182 20.21 28.86 20.76
C GLU G 182 19.42 30.18 20.76
N TYR G 183 19.15 30.71 21.95
CA TYR G 183 18.35 31.95 22.18
C TYR G 183 19.30 33.08 22.64
N ASP G 184 19.07 34.30 22.18
CA ASP G 184 19.84 35.50 22.60
C ASP G 184 19.38 35.98 23.99
N GLU G 185 20.02 37.04 24.49
CA GLU G 185 19.49 37.84 25.63
C GLU G 185 18.21 38.44 25.03
N ASP G 186 17.12 38.48 25.77
CA ASP G 186 15.77 38.86 25.24
C ASP G 186 15.09 37.65 24.56
N ASN G 187 15.73 36.47 24.55
CA ASN G 187 15.07 35.15 24.30
C ASN G 187 14.43 35.16 22.90
N GLN G 188 15.16 35.65 21.91
CA GLN G 188 14.81 35.51 20.47
C GLN G 188 15.65 34.38 19.89
N PRO G 189 15.08 33.56 18.96
CA PRO G 189 15.85 32.48 18.34
C PRO G 189 17.03 33.04 17.53
N LYS G 190 18.27 32.83 18.01
CA LYS G 190 19.51 33.39 17.41
C LYS G 190 19.98 32.45 16.28
N ARG G 191 20.08 31.15 16.56
CA ARG G 191 20.59 30.12 15.60
C ARG G 191 20.14 28.72 16.02
N ILE G 192 20.34 27.74 15.15
CA ILE G 192 20.12 26.29 15.46
C ILE G 192 21.47 25.65 15.80
N ASP G 193 21.62 25.19 17.05
CA ASP G 193 22.92 24.71 17.60
C ASP G 193 23.15 23.26 17.17
N THR G 194 22.21 22.37 17.46
CA THR G 194 22.30 20.91 17.21
C THR G 194 20.97 20.37 16.67
N VAL G 195 21.05 19.56 15.62
CA VAL G 195 19.94 18.64 15.21
C VAL G 195 20.42 17.20 15.40
N VAL G 196 19.73 16.47 16.27
CA VAL G 196 19.87 15.00 16.41
C VAL G 196 18.69 14.34 15.73
N LEU G 197 18.94 13.46 14.78
CA LEU G 197 17.88 12.70 14.06
C LEU G 197 18.34 11.24 13.91
N SER G 198 17.55 10.31 14.47
CA SER G 198 17.77 8.84 14.42
C SER G 198 16.62 8.21 13.63
N THR G 199 16.93 7.45 12.59
CA THR G 199 15.92 6.77 11.73
C THR G 199 16.25 5.27 11.64
N GLN G 200 15.19 4.45 11.66
CA GLN G 200 15.22 3.00 11.30
C GLN G 200 15.44 2.90 9.78
N HIS G 201 16.24 1.93 9.34
CA HIS G 201 16.58 1.72 7.91
C HIS G 201 16.78 0.24 7.57
N ASP G 202 16.56 -0.14 6.30
CA ASP G 202 16.94 -1.46 5.74
C ASP G 202 18.42 -1.68 6.09
N PRO G 203 18.87 -2.93 6.35
CA PRO G 203 20.25 -3.16 6.80
C PRO G 203 21.30 -3.08 5.68
N ASP G 204 20.86 -2.97 4.42
CA ASP G 204 21.72 -3.03 3.19
C ASP G 204 22.22 -1.63 2.81
N VAL G 205 22.12 -0.64 3.72
CA VAL G 205 22.53 0.76 3.46
C VAL G 205 23.52 1.18 4.57
N ASP G 206 24.66 1.73 4.16
CA ASP G 206 25.77 2.09 5.09
C ASP G 206 25.44 3.43 5.74
N LEU G 207 26.06 3.71 6.89
CA LEU G 207 25.76 4.88 7.75
C LEU G 207 26.07 6.19 7.01
N ASP G 208 27.16 6.23 6.24
CA ASP G 208 27.57 7.47 5.54
C ASP G 208 26.43 7.91 4.61
N THR G 209 25.81 6.97 3.91
CA THR G 209 24.68 7.25 3.00
C THR G 209 23.47 7.72 3.81
N ILE G 210 23.13 7.03 4.90
CA ILE G 210 22.00 7.40 5.80
C ILE G 210 22.20 8.86 6.24
N ARG G 211 23.42 9.19 6.69
CA ARG G 211 23.75 10.51 7.28
C ARG G 211 23.60 11.60 6.20
N GLN G 212 24.35 11.47 5.11
CA GLN G 212 24.34 12.46 3.99
C GLN G 212 22.90 12.63 3.47
N THR G 213 22.11 11.55 3.38
CA THR G 213 20.74 11.56 2.81
C THR G 213 19.79 12.34 3.73
N VAL G 214 19.84 12.06 5.03
CA VAL G 214 18.98 12.71 6.05
C VAL G 214 19.32 14.21 6.12
N ILE G 215 20.62 14.53 6.24
CA ILE G 215 21.14 15.94 6.30
C ILE G 215 20.57 16.69 5.08
N ASP G 216 20.72 16.11 3.89
CA ASP G 216 20.41 16.80 2.61
C ASP G 216 18.90 16.83 2.34
N GLN G 217 18.20 15.70 2.45
CA GLN G 217 16.81 15.56 1.91
C GLN G 217 15.76 15.76 3.02
N VAL G 218 16.16 15.73 4.30
CA VAL G 218 15.24 15.89 5.46
C VAL G 218 15.56 17.19 6.19
N ILE G 219 16.76 17.28 6.78
CA ILE G 219 17.16 18.41 7.67
C ILE G 219 17.25 19.70 6.84
N LYS G 220 18.11 19.72 5.82
CA LYS G 220 18.35 20.96 5.03
C LYS G 220 17.12 21.28 4.19
N ALA G 221 16.17 20.36 4.06
CA ALA G 221 14.89 20.56 3.32
C ALA G 221 13.87 21.29 4.19
N VAL G 222 14.12 21.41 5.50
CA VAL G 222 13.07 21.79 6.48
C VAL G 222 13.57 22.91 7.40
N LEU G 223 14.83 22.89 7.81
CA LEU G 223 15.40 23.96 8.66
C LEU G 223 15.61 25.20 7.80
N PRO G 224 15.08 26.37 8.24
CA PRO G 224 15.30 27.64 7.56
C PRO G 224 16.80 27.94 7.48
N ALA G 225 17.29 28.25 6.28
CA ALA G 225 18.73 28.44 5.98
C ALA G 225 19.31 29.58 6.83
N ASP G 226 18.51 30.62 7.10
CA ASP G 226 18.88 31.86 7.83
C ASP G 226 19.23 31.58 9.30
N LEU G 227 18.97 30.38 9.84
CA LEU G 227 19.25 30.01 11.26
C LEU G 227 20.40 29.01 11.35
N LEU G 228 20.90 28.53 10.20
CA LEU G 228 21.99 27.54 10.08
C LEU G 228 23.31 28.28 9.85
N ASP G 229 24.40 27.79 10.45
CA ASP G 229 25.78 28.25 10.13
C ASP G 229 26.71 27.04 10.21
N ASP G 230 27.98 27.24 9.89
CA ASP G 230 29.02 26.19 9.81
C ASP G 230 29.30 25.60 11.21
N GLN G 231 28.72 26.17 12.28
CA GLN G 231 28.83 25.63 13.66
C GLN G 231 27.63 24.74 14.04
N THR G 232 26.56 24.77 13.26
CA THR G 232 25.37 23.90 13.47
C THR G 232 25.81 22.43 13.43
N LYS G 233 25.60 21.70 14.53
CA LYS G 233 25.95 20.26 14.67
C LYS G 233 24.77 19.42 14.17
N TYR G 234 25.02 18.54 13.19
CA TYR G 234 24.05 17.55 12.67
C TYR G 234 24.49 16.14 13.10
N LEU G 235 23.78 15.53 14.05
CA LEU G 235 24.05 14.12 14.45
C LEU G 235 22.92 13.22 13.96
N VAL G 236 23.20 12.40 12.96
CA VAL G 236 22.22 11.43 12.39
C VAL G 236 22.62 10.02 12.86
N ASN G 237 21.68 9.30 13.47
CA ASN G 237 21.88 7.90 13.98
C ASN G 237 23.18 7.84 14.77
N PRO G 238 23.33 8.64 15.84
CA PRO G 238 24.52 8.60 16.69
C PRO G 238 24.71 7.26 17.41
N THR G 239 23.61 6.54 17.73
CA THR G 239 23.64 5.10 18.16
C THR G 239 24.43 4.25 17.16
N GLY G 240 24.38 4.59 15.88
CA GLY G 240 24.90 3.76 14.78
C GLY G 240 23.76 3.11 14.02
N ARG G 241 23.97 1.89 13.50
CA ARG G 241 22.93 1.13 12.78
C ARG G 241 21.67 1.09 13.67
N PHE G 242 20.51 1.03 13.01
CA PHE G 242 19.17 1.03 13.64
C PHE G 242 18.20 0.41 12.62
N VAL G 243 18.16 -0.92 12.62
CA VAL G 243 17.48 -1.80 11.61
C VAL G 243 16.17 -2.30 12.20
N ILE G 244 16.24 -2.90 13.39
CA ILE G 244 15.04 -3.35 14.14
C ILE G 244 14.61 -2.19 15.05
N GLY G 245 13.34 -1.84 15.01
CA GLY G 245 12.75 -0.81 15.86
C GLY G 245 11.24 -0.99 15.97
N GLY G 246 10.53 0.10 16.14
CA GLY G 246 9.14 0.08 16.64
C GLY G 246 9.12 -0.49 18.04
N PRO G 247 8.11 -1.33 18.37
CA PRO G 247 8.02 -1.90 19.70
C PRO G 247 9.01 -3.05 19.98
N GLN G 248 9.88 -3.40 19.02
CA GLN G 248 10.64 -4.68 19.07
C GLN G 248 11.57 -4.69 20.29
N GLY G 249 12.65 -3.91 20.29
CA GLY G 249 13.52 -3.82 21.49
C GLY G 249 12.84 -3.06 22.63
N ASP G 250 11.89 -2.18 22.31
CA ASP G 250 11.41 -1.10 23.23
C ASP G 250 10.08 -1.50 23.88
N ALA G 251 9.41 -0.50 24.47
CA ALA G 251 8.01 -0.52 24.93
C ALA G 251 7.39 0.83 24.54
N GLY G 252 6.07 0.85 24.36
CA GLY G 252 5.29 2.07 24.04
C GLY G 252 3.98 2.04 24.80
N LEU G 253 3.52 3.19 25.31
CA LEU G 253 2.21 3.32 26.00
C LEU G 253 1.49 4.56 25.51
N THR G 254 0.17 4.50 25.51
CA THR G 254 -0.70 5.68 25.29
C THR G 254 -0.32 6.75 26.31
N GLY G 255 -0.12 7.98 25.83
CA GLY G 255 0.04 9.21 26.65
C GLY G 255 1.40 9.28 27.33
N ARG G 256 2.49 8.95 26.64
CA ARG G 256 3.88 9.07 27.20
C ARG G 256 4.71 9.99 26.30
N LYS G 257 4.04 10.79 25.50
CA LYS G 257 4.64 11.77 24.57
C LYS G 257 3.82 13.06 24.66
N VAL G 258 3.41 13.40 25.87
CA VAL G 258 2.53 14.58 26.17
C VAL G 258 3.25 15.87 25.74
N ILE G 259 4.54 16.01 26.07
CA ILE G 259 5.36 17.20 25.72
C ILE G 259 5.48 17.27 24.19
N VAL G 260 5.79 16.15 23.54
CA VAL G 260 5.81 16.04 22.06
C VAL G 260 4.44 16.44 21.50
N ASP G 261 3.37 16.00 22.16
CA ASP G 261 1.96 16.13 21.67
C ASP G 261 1.56 17.62 21.73
N THR G 262 2.16 18.39 22.64
CA THR G 262 1.77 19.78 22.96
C THR G 262 2.82 20.76 22.40
N TYR G 263 3.70 21.31 23.25
CA TYR G 263 4.51 22.52 22.95
C TYR G 263 6.00 22.32 23.27
N GLY G 264 6.47 21.07 23.37
CA GLY G 264 7.91 20.74 23.51
C GLY G 264 8.51 21.32 24.78
N GLY G 265 7.68 21.63 25.79
CA GLY G 265 8.09 22.04 27.15
C GLY G 265 8.14 23.55 27.34
N PHE G 266 7.52 24.33 26.45
CA PHE G 266 7.38 25.80 26.54
C PHE G 266 6.24 26.14 27.51
N ALA G 267 5.29 25.21 27.69
CA ALA G 267 4.02 25.44 28.40
C ALA G 267 3.91 24.56 29.66
N HIS G 268 2.94 24.91 30.50
CA HIS G 268 2.55 24.19 31.74
C HIS G 268 1.47 23.15 31.40
N HIS G 269 1.21 22.25 32.35
CA HIS G 269 0.37 21.04 32.16
C HIS G 269 -0.45 20.78 33.42
N GLY G 270 -1.77 20.57 33.24
CA GLY G 270 -2.72 20.04 34.24
C GLY G 270 -2.59 18.53 34.36
N GLY G 271 -2.27 17.84 33.27
CA GLY G 271 -1.59 16.52 33.33
C GLY G 271 -2.46 15.36 32.88
N GLY G 272 -3.53 15.64 32.13
CA GLY G 272 -4.16 14.63 31.26
C GLY G 272 -3.21 14.19 30.16
N ALA G 273 -3.62 13.23 29.33
CA ALA G 273 -3.06 12.96 27.98
C ALA G 273 -4.23 12.84 27.02
N PHE G 274 -4.03 13.04 25.72
CA PHE G 274 -5.15 13.24 24.76
C PHE G 274 -5.65 11.90 24.18
N SER G 275 -4.78 11.13 23.52
CA SER G 275 -5.17 9.96 22.67
C SER G 275 -5.93 8.91 23.50
N GLY G 276 -6.99 8.36 22.92
CA GLY G 276 -7.84 7.31 23.54
C GLY G 276 -9.06 7.89 24.22
N LYS G 277 -9.19 9.23 24.22
CA LYS G 277 -10.24 9.96 24.99
C LYS G 277 -11.09 10.77 24.01
N ASP G 278 -12.41 10.57 24.08
CA ASP G 278 -13.43 11.38 23.36
C ASP G 278 -13.49 12.77 23.99
N ALA G 279 -14.13 13.73 23.30
CA ALA G 279 -14.11 15.17 23.64
C ALA G 279 -14.92 15.46 24.90
N THR G 280 -15.74 14.50 25.36
CA THR G 280 -16.37 14.46 26.71
C THR G 280 -15.30 14.72 27.78
N LYS G 281 -14.05 14.35 27.52
CA LYS G 281 -12.91 14.52 28.46
C LYS G 281 -12.38 15.96 28.33
N VAL G 282 -12.72 16.82 29.29
CA VAL G 282 -12.38 18.28 29.25
C VAL G 282 -10.85 18.43 29.22
N ASP G 283 -10.12 17.53 29.88
CA ASP G 283 -8.65 17.36 29.72
C ASP G 283 -8.27 17.59 28.25
N ARG G 284 -8.98 16.97 27.30
CA ARG G 284 -8.63 17.03 25.85
C ARG G 284 -9.27 18.27 25.21
N SER G 285 -10.58 18.45 25.41
CA SER G 285 -11.39 19.46 24.69
C SER G 285 -10.98 20.89 25.10
N ALA G 286 -10.79 21.16 26.40
CA ALA G 286 -10.41 22.49 26.92
C ALA G 286 -8.95 22.79 26.52
N SER G 287 -8.09 21.78 26.42
CA SER G 287 -6.68 21.96 25.98
C SER G 287 -6.67 22.40 24.51
N TYR G 288 -7.55 21.82 23.70
CA TYR G 288 -7.75 22.21 22.28
C TYR G 288 -8.27 23.65 22.25
N ALA G 289 -9.25 23.96 23.11
CA ALA G 289 -9.88 25.29 23.22
C ALA G 289 -8.83 26.33 23.66
N ALA G 290 -8.04 26.01 24.67
CA ALA G 290 -6.92 26.86 25.18
C ALA G 290 -5.96 27.20 24.04
N ARG G 291 -5.64 26.24 23.18
CA ARG G 291 -4.74 26.50 22.01
C ARG G 291 -5.45 27.47 21.06
N TYR G 292 -6.73 27.21 20.76
CA TYR G 292 -7.60 28.01 19.85
C TYR G 292 -7.53 29.48 20.28
N ILE G 293 -7.65 29.74 21.59
CA ILE G 293 -7.58 31.10 22.18
C ILE G 293 -6.18 31.66 21.92
N ALA G 294 -5.17 31.13 22.60
CA ALA G 294 -3.74 31.52 22.46
C ALA G 294 -3.43 31.88 21.00
N LYS G 295 -3.79 31.00 20.07
CA LYS G 295 -3.39 31.15 18.65
C LYS G 295 -4.08 32.38 18.05
N ASN G 296 -5.37 32.56 18.34
CA ASN G 296 -6.18 33.69 17.80
C ASN G 296 -5.67 35.01 18.39
N VAL G 297 -5.41 35.05 19.70
CA VAL G 297 -4.83 36.23 20.40
C VAL G 297 -3.56 36.66 19.65
N VAL G 298 -2.62 35.74 19.45
CA VAL G 298 -1.30 36.05 18.85
C VAL G 298 -1.48 36.36 17.35
N ALA G 299 -2.33 35.60 16.65
CA ALA G 299 -2.66 35.83 15.21
C ALA G 299 -3.24 37.23 15.04
N ALA G 300 -4.02 37.71 16.01
CA ALA G 300 -4.66 39.05 15.99
C ALA G 300 -3.61 40.13 16.29
N GLY G 301 -2.41 39.75 16.76
CA GLY G 301 -1.32 40.67 17.09
C GLY G 301 -1.50 41.33 18.46
N LEU G 302 -2.37 40.76 19.31
CA LEU G 302 -2.62 41.27 20.68
C LEU G 302 -1.47 40.92 21.63
N ALA G 303 -0.59 40.01 21.21
CA ALA G 303 0.67 39.67 21.91
C ALA G 303 1.59 38.93 20.93
N ASP G 304 2.88 38.86 21.25
CA ASP G 304 3.89 38.09 20.47
C ASP G 304 3.81 36.62 20.91
N GLN G 305 3.53 36.41 22.20
CA GLN G 305 3.30 35.09 22.81
C GLN G 305 2.27 35.24 23.91
N VAL G 306 1.51 34.17 24.20
CA VAL G 306 0.61 34.10 25.39
C VAL G 306 0.50 32.63 25.82
N GLU G 307 0.57 32.39 27.12
CA GLU G 307 0.08 31.15 27.78
C GLU G 307 -1.30 31.45 28.33
N VAL G 308 -2.32 30.70 27.91
CA VAL G 308 -3.70 30.80 28.46
C VAL G 308 -3.85 29.72 29.53
N GLN G 309 -4.40 30.07 30.69
CA GLN G 309 -4.66 29.16 31.82
C GLN G 309 -6.15 29.16 32.14
N LEU G 310 -6.80 28.00 31.99
CA LEU G 310 -8.24 27.80 32.27
C LEU G 310 -8.38 26.93 33.51
N ALA G 311 -9.19 27.38 34.49
CA ALA G 311 -9.53 26.65 35.73
C ALA G 311 -11.02 26.36 35.69
N TYR G 312 -11.39 25.08 35.75
CA TYR G 312 -12.80 24.63 35.81
C TYR G 312 -13.09 24.10 37.21
N ALA G 313 -14.27 24.39 37.73
CA ALA G 313 -14.78 23.83 39.02
C ALA G 313 -15.86 22.80 38.70
N ILE G 314 -16.02 21.80 39.58
CA ILE G 314 -17.11 20.80 39.58
C ILE G 314 -18.44 21.56 39.56
N GLY G 315 -19.27 21.22 38.57
CA GLY G 315 -20.62 21.80 38.38
C GLY G 315 -20.58 23.29 38.10
N VAL G 316 -19.59 23.78 37.35
CA VAL G 316 -19.63 25.11 36.68
C VAL G 316 -19.17 24.92 35.24
N ALA G 317 -20.08 25.11 34.29
CA ALA G 317 -19.83 24.95 32.83
C ALA G 317 -18.74 25.92 32.42
N GLU G 318 -18.95 27.20 32.73
CA GLU G 318 -18.00 28.32 32.47
C GLU G 318 -16.74 28.05 33.28
N PRO G 319 -15.54 28.34 32.73
CA PRO G 319 -14.31 28.32 33.53
C PRO G 319 -14.46 29.30 34.69
N VAL G 320 -14.12 28.87 35.91
CA VAL G 320 -14.24 29.67 37.16
C VAL G 320 -13.18 30.76 37.18
N SER G 321 -12.10 30.63 36.41
CA SER G 321 -10.95 31.57 36.42
C SER G 321 -10.15 31.46 35.12
N ILE G 322 -9.74 32.59 34.56
CA ILE G 322 -8.86 32.64 33.36
C ILE G 322 -7.67 33.55 33.68
N ALA G 323 -6.47 32.99 33.67
CA ALA G 323 -5.20 33.74 33.74
C ALA G 323 -4.59 33.76 32.34
N VAL G 324 -3.60 34.60 32.15
CA VAL G 324 -3.00 34.89 30.82
C VAL G 324 -1.61 35.45 31.11
N ASP G 325 -0.59 34.90 30.47
CA ASP G 325 0.81 35.40 30.59
C ASP G 325 1.32 35.74 29.20
N THR G 326 1.53 37.04 28.94
CA THR G 326 2.02 37.56 27.64
C THR G 326 3.54 37.68 27.66
N ALA G 327 4.17 37.47 28.84
CA ALA G 327 5.61 37.74 29.06
C ALA G 327 5.93 39.20 28.70
N GLY G 328 5.02 40.13 29.01
CA GLY G 328 5.17 41.58 28.71
C GLY G 328 5.29 41.87 27.23
N THR G 329 4.80 40.97 26.36
CA THR G 329 4.66 41.19 24.89
C THR G 329 3.24 41.67 24.58
N GLY G 330 2.37 41.72 25.61
CA GLY G 330 0.98 42.19 25.47
C GLY G 330 0.95 43.60 24.86
N LYS G 331 0.20 43.77 23.77
CA LYS G 331 -0.14 45.09 23.16
C LYS G 331 -1.35 45.69 23.89
N VAL G 332 -1.91 44.94 24.87
CA VAL G 332 -3.15 45.29 25.60
C VAL G 332 -2.99 44.84 27.05
N SER G 333 -3.79 45.38 27.97
CA SER G 333 -3.89 44.98 29.40
C SER G 333 -4.16 43.48 29.50
N ASP G 334 -3.69 42.82 30.58
CA ASP G 334 -4.01 41.41 30.89
C ASP G 334 -5.51 41.29 31.18
N GLU G 335 -6.07 42.16 32.03
CA GLU G 335 -7.50 42.16 32.44
C GLU G 335 -8.38 42.37 31.20
N ALA G 336 -7.96 43.21 30.25
CA ALA G 336 -8.69 43.56 29.01
C ALA G 336 -8.65 42.38 28.02
N LEU G 337 -7.53 41.68 27.95
CA LEU G 337 -7.34 40.47 27.10
C LEU G 337 -8.23 39.33 27.62
N ILE G 338 -8.18 39.04 28.92
CA ILE G 338 -9.06 38.02 29.58
C ILE G 338 -10.51 38.34 29.24
N ASN G 339 -10.86 39.63 29.20
CA ASN G 339 -12.23 40.12 28.92
C ASN G 339 -12.62 39.76 27.49
N ALA G 340 -11.72 40.00 26.54
CA ALA G 340 -11.94 39.72 25.09
C ALA G 340 -12.17 38.21 24.92
N ILE G 341 -11.47 37.39 25.69
CA ILE G 341 -11.54 35.91 25.60
C ILE G 341 -12.90 35.44 26.12
N ARG G 342 -13.33 35.96 27.27
CA ARG G 342 -14.67 35.60 27.84
C ARG G 342 -15.77 36.01 26.86
N GLU G 343 -15.57 37.06 26.06
CA GLU G 343 -16.63 37.62 25.17
C GLU G 343 -16.66 36.90 23.83
N ASN G 344 -15.58 36.26 23.39
CA ASN G 344 -15.48 35.74 21.98
C ASN G 344 -15.33 34.22 21.91
N PHE G 345 -15.22 33.53 23.05
CA PHE G 345 -15.09 32.06 23.10
C PHE G 345 -16.15 31.49 24.05
N ASP G 346 -16.88 30.49 23.57
CA ASP G 346 -17.66 29.53 24.39
C ASP G 346 -16.65 28.53 24.98
N LEU G 347 -16.50 28.53 26.29
CA LEU G 347 -15.47 27.73 27.01
C LEU G 347 -16.13 26.70 27.93
N ARG G 348 -17.42 26.47 27.76
CA ARG G 348 -18.14 25.37 28.46
C ARG G 348 -17.83 24.08 27.72
N PRO G 349 -17.63 22.95 28.47
CA PRO G 349 -17.19 21.70 27.85
C PRO G 349 -18.06 21.34 26.64
N ALA G 350 -19.38 21.36 26.85
CA ALA G 350 -20.43 21.14 25.83
C ALA G 350 -20.28 22.18 24.72
N GLY G 351 -20.09 23.45 25.09
CA GLY G 351 -19.91 24.59 24.17
C GLY G 351 -18.77 24.32 23.21
N ILE G 352 -17.61 23.92 23.75
CA ILE G 352 -16.35 23.70 22.99
C ILE G 352 -16.59 22.59 21.96
N ILE G 353 -17.29 21.51 22.35
CA ILE G 353 -17.58 20.32 21.49
C ILE G 353 -18.37 20.79 20.27
N LYS G 354 -19.49 21.51 20.50
CA LYS G 354 -20.33 22.07 19.41
C LYS G 354 -19.50 23.06 18.59
N MET G 355 -18.82 24.00 19.27
CA MET G 355 -18.14 25.12 18.58
C MET G 355 -17.02 24.59 17.69
N LEU G 356 -16.23 23.60 18.11
CA LEU G 356 -15.09 23.07 17.28
C LEU G 356 -15.49 21.79 16.55
N ASP G 357 -16.73 21.31 16.74
CA ASP G 357 -17.32 20.14 16.03
C ASP G 357 -16.40 18.95 16.27
N LEU G 358 -16.37 18.46 17.52
CA LEU G 358 -15.35 17.49 18.00
C LEU G 358 -15.91 16.07 18.03
N GLN G 359 -17.21 15.89 17.80
CA GLN G 359 -17.85 14.55 17.73
C GLN G 359 -17.81 14.07 16.28
N ARG G 360 -16.62 14.11 15.67
CA ARG G 360 -16.32 13.58 14.32
C ARG G 360 -15.01 12.81 14.40
N PRO G 361 -14.73 11.85 13.49
CA PRO G 361 -13.50 11.07 13.57
C PRO G 361 -12.26 11.83 13.07
N ILE G 362 -11.69 12.73 13.89
CA ILE G 362 -10.64 13.69 13.46
C ILE G 362 -9.34 13.47 14.25
N TYR G 363 -9.23 12.39 15.03
CA TYR G 363 -8.24 12.25 16.14
C TYR G 363 -7.06 11.35 15.79
N ARG G 364 -7.23 10.32 14.96
CA ARG G 364 -6.10 9.43 14.62
C ARG G 364 -4.96 10.31 14.10
N GLN G 365 -5.28 11.28 13.25
CA GLN G 365 -4.29 12.18 12.59
C GLN G 365 -3.52 13.04 13.61
N THR G 366 -4.01 13.26 14.83
CA THR G 366 -3.35 14.10 15.88
C THR G 366 -2.32 13.31 16.67
N ALA G 367 -2.40 11.98 16.61
CA ALA G 367 -1.70 11.07 17.53
C ALA G 367 -0.24 10.91 17.12
N ALA G 368 0.19 11.55 16.03
CA ALA G 368 1.63 11.72 15.70
C ALA G 368 1.88 13.10 15.07
N TYR G 369 3.07 13.67 15.29
CA TYR G 369 3.53 14.95 14.70
C TYR G 369 2.84 16.17 15.33
N GLY G 370 2.25 15.99 16.53
CA GLY G 370 1.74 17.08 17.39
C GLY G 370 0.26 17.37 17.18
N HIS G 371 -0.44 17.70 18.28
CA HIS G 371 -1.86 18.14 18.28
C HIS G 371 -1.92 19.61 17.84
N PHE G 372 -0.83 20.35 18.02
CA PHE G 372 -0.79 21.82 17.83
C PHE G 372 0.23 22.20 16.78
N GLY G 373 -0.11 23.21 15.98
CA GLY G 373 0.77 23.84 14.98
C GLY G 373 0.71 23.11 13.67
N ARG G 374 -0.38 22.43 13.37
CA ARG G 374 -0.45 21.50 12.22
C ARG G 374 -0.86 22.26 10.97
N THR G 375 0.04 22.27 9.98
CA THR G 375 -0.10 22.91 8.65
C THR G 375 -0.53 21.87 7.60
N ASP G 376 -0.23 20.59 7.85
CA ASP G 376 -0.41 19.48 6.87
C ASP G 376 -1.82 18.91 6.93
N ILE G 377 -2.57 19.14 8.02
CA ILE G 377 -3.97 18.70 8.20
C ILE G 377 -4.77 19.87 8.77
N ASP G 378 -6.10 19.75 8.74
CA ASP G 378 -7.04 20.83 9.13
C ASP G 378 -7.70 20.44 10.45
N LEU G 379 -7.26 21.04 11.57
CA LEU G 379 -7.82 20.84 12.92
C LEU G 379 -8.61 22.09 13.31
N PRO G 380 -9.83 21.97 13.85
CA PRO G 380 -10.67 23.13 14.17
C PRO G 380 -9.98 24.14 15.10
N TRP G 381 -9.25 23.66 16.12
CA TRP G 381 -8.58 24.52 17.15
C TRP G 381 -7.35 25.25 16.58
N GLU G 382 -7.00 25.02 15.30
CA GLU G 382 -5.89 25.72 14.59
C GLU G 382 -6.44 26.81 13.67
N HIS G 383 -7.76 26.81 13.38
CA HIS G 383 -8.43 27.91 12.63
C HIS G 383 -8.18 29.23 13.34
N THR G 384 -7.87 30.29 12.58
CA THR G 384 -7.58 31.68 13.03
C THR G 384 -8.80 32.56 12.72
N ASP G 385 -10.02 32.05 12.93
CA ASP G 385 -11.28 32.68 12.46
C ASP G 385 -11.89 33.59 13.54
N LYS G 386 -11.20 33.82 14.66
CA LYS G 386 -11.67 34.73 15.74
C LYS G 386 -10.81 36.01 15.77
N VAL G 387 -9.94 36.19 14.76
CA VAL G 387 -9.00 37.35 14.65
C VAL G 387 -9.82 38.63 14.58
N ASP G 388 -10.74 38.73 13.60
CA ASP G 388 -11.54 39.96 13.35
C ASP G 388 -12.36 40.26 14.62
N ALA G 389 -12.93 39.24 15.26
CA ALA G 389 -13.71 39.39 16.51
C ALA G 389 -12.84 40.07 17.57
N LEU G 390 -11.58 39.64 17.73
CA LEU G 390 -10.63 40.14 18.77
C LEU G 390 -10.09 41.53 18.36
N LYS G 391 -9.60 41.68 17.13
CA LYS G 391 -9.21 43.01 16.55
C LYS G 391 -10.31 44.01 16.88
N ALA G 392 -11.55 43.70 16.50
CA ALA G 392 -12.75 44.57 16.63
C ALA G 392 -13.00 44.94 18.10
N ALA G 393 -12.67 44.07 19.07
CA ALA G 393 -12.95 44.30 20.50
C ALA G 393 -12.11 45.48 21.04
N PHE G 394 -11.21 46.08 20.23
CA PHE G 394 -10.31 47.20 20.64
C PHE G 394 -10.34 48.33 19.60
N GLU H 3 -11.64 39.48 37.73
CA GLU H 3 -11.31 38.01 37.58
C GLU H 3 -10.53 37.49 38.80
N ARG H 4 -11.00 36.37 39.36
CA ARG H 4 -10.43 35.67 40.55
C ARG H 4 -9.33 34.72 40.09
N HIS H 5 -8.12 34.86 40.62
CA HIS H 5 -6.92 34.06 40.25
C HIS H 5 -6.95 32.74 41.04
N LEU H 6 -7.60 31.70 40.49
CA LEU H 6 -7.74 30.35 41.13
C LEU H 6 -6.81 29.35 40.43
N PHE H 7 -6.16 28.46 41.20
CA PHE H 7 -5.27 27.40 40.65
C PHE H 7 -5.46 26.07 41.40
N THR H 8 -5.70 25.00 40.65
CA THR H 8 -5.99 23.63 41.15
C THR H 8 -4.85 22.67 40.81
N SER H 9 -4.45 21.84 41.78
CA SER H 9 -3.53 20.70 41.61
C SER H 9 -4.20 19.44 42.17
N GLU H 10 -3.90 18.25 41.62
CA GLU H 10 -4.43 16.96 42.17
C GLU H 10 -3.25 16.12 42.66
N SER H 11 -3.51 15.29 43.68
CA SER H 11 -2.68 14.12 44.06
C SER H 11 -3.60 12.89 44.15
N VAL H 12 -3.02 11.69 44.11
CA VAL H 12 -3.75 10.41 44.18
C VAL H 12 -3.03 9.48 45.15
N SER H 13 -3.78 8.56 45.77
CA SER H 13 -3.29 7.56 46.75
C SER H 13 -2.46 6.48 46.05
N GLU H 14 -1.74 5.69 46.85
CA GLU H 14 -1.11 4.39 46.45
C GLU H 14 -2.11 3.53 45.67
N GLY H 15 -3.39 3.62 46.03
CA GLY H 15 -4.48 2.76 45.51
C GLY H 15 -4.93 3.13 44.11
N HIS H 16 -4.65 4.35 43.65
CA HIS H 16 -5.07 4.81 42.30
C HIS H 16 -4.36 3.94 41.26
N PRO H 17 -5.06 3.48 40.19
CA PRO H 17 -4.48 2.51 39.24
C PRO H 17 -3.17 2.98 38.59
N ASP H 18 -3.08 4.26 38.21
CA ASP H 18 -1.87 4.86 37.60
C ASP H 18 -0.72 4.80 38.60
N LYS H 19 -1.01 4.99 39.88
CA LYS H 19 0.02 4.95 40.95
C LYS H 19 0.38 3.49 41.27
N ILE H 20 -0.57 2.55 41.14
CA ILE H 20 -0.29 1.08 41.29
C ILE H 20 0.78 0.73 40.25
N ALA H 21 0.58 1.12 38.99
CA ALA H 21 1.54 0.89 37.89
C ALA H 21 2.91 1.48 38.24
N ASP H 22 2.93 2.72 38.76
CA ASP H 22 4.19 3.46 39.05
C ASP H 22 4.92 2.72 40.18
N GLN H 23 4.20 2.31 41.22
CA GLN H 23 4.79 1.65 42.41
C GLN H 23 5.30 0.25 42.06
N ILE H 24 4.62 -0.48 41.19
CA ILE H 24 5.06 -1.82 40.73
C ILE H 24 6.38 -1.63 39.97
N SER H 25 6.38 -0.79 38.93
CA SER H 25 7.60 -0.48 38.13
C SER H 25 8.77 -0.17 39.08
N ASP H 26 8.56 0.67 40.11
CA ASP H 26 9.64 1.12 41.04
C ASP H 26 9.93 0.06 42.11
N ALA H 27 8.97 -0.79 42.47
CA ALA H 27 9.17 -1.92 43.42
C ALA H 27 10.13 -2.92 42.79
N ILE H 28 9.97 -3.20 41.49
CA ILE H 28 10.86 -4.11 40.71
C ILE H 28 12.25 -3.48 40.68
N LEU H 29 12.35 -2.16 40.50
CA LEU H 29 13.64 -1.41 40.46
C LEU H 29 14.35 -1.60 41.81
N ASP H 30 13.65 -1.34 42.90
CA ASP H 30 14.19 -1.46 44.29
C ASP H 30 14.69 -2.89 44.49
N ALA H 31 13.86 -3.89 44.17
CA ALA H 31 14.16 -5.33 44.33
C ALA H 31 15.52 -5.64 43.74
N MET H 32 15.83 -5.06 42.58
CA MET H 32 17.07 -5.31 41.82
C MET H 32 18.25 -4.51 42.40
N LEU H 33 18.05 -3.24 42.73
CA LEU H 33 19.07 -2.36 43.36
C LEU H 33 19.48 -2.95 44.70
N ALA H 34 18.52 -3.55 45.41
CA ALA H 34 18.69 -4.22 46.72
C ALA H 34 19.79 -5.29 46.65
N GLN H 35 19.98 -5.92 45.48
CA GLN H 35 21.03 -6.94 45.26
C GLN H 35 22.15 -6.42 44.37
N ASP H 36 21.85 -5.51 43.44
CA ASP H 36 22.78 -5.04 42.38
C ASP H 36 22.64 -3.52 42.21
N PRO H 37 23.45 -2.70 42.92
CA PRO H 37 23.42 -1.25 42.76
C PRO H 37 23.61 -0.78 41.31
N GLN H 38 24.34 -1.55 40.51
CA GLN H 38 24.67 -1.26 39.08
C GLN H 38 23.49 -1.64 38.17
N ALA H 39 22.41 -2.21 38.70
CA ALA H 39 21.26 -2.68 37.90
C ALA H 39 20.76 -1.58 36.94
N ARG H 40 20.78 -1.85 35.64
CA ARG H 40 20.05 -1.09 34.60
C ARG H 40 18.60 -1.60 34.50
N VAL H 41 17.62 -0.71 34.48
CA VAL H 41 16.17 -1.07 34.57
C VAL H 41 15.35 -0.10 33.72
N ALA H 42 14.39 -0.62 32.97
CA ALA H 42 13.42 0.13 32.14
C ALA H 42 12.11 -0.67 32.09
N VAL H 43 11.28 -0.51 33.12
CA VAL H 43 10.14 -1.43 33.39
C VAL H 43 8.82 -0.64 33.38
N GLU H 44 8.00 -0.88 32.36
CA GLU H 44 6.62 -0.33 32.28
C GLU H 44 5.67 -1.32 32.94
N THR H 45 4.59 -0.83 33.54
CA THR H 45 3.49 -1.64 34.12
C THR H 45 2.18 -1.07 33.58
N SER H 46 1.24 -1.95 33.25
CA SER H 46 -0.15 -1.63 32.84
C SER H 46 -1.08 -2.44 33.74
N VAL H 47 -2.18 -1.83 34.17
CA VAL H 47 -3.12 -2.46 35.14
C VAL H 47 -4.52 -2.11 34.66
N THR H 48 -5.38 -3.13 34.49
CA THR H 48 -6.83 -2.96 34.22
C THR H 48 -7.57 -4.05 34.99
N THR H 49 -8.85 -4.28 34.68
CA THR H 49 -9.73 -5.20 35.46
C THR H 49 -8.98 -6.53 35.66
N GLY H 50 -8.56 -6.76 36.90
CA GLY H 50 -8.00 -8.04 37.39
C GLY H 50 -6.67 -8.40 36.77
N LEU H 51 -5.98 -7.44 36.14
CA LEU H 51 -4.79 -7.71 35.32
C LEU H 51 -3.63 -6.77 35.67
N VAL H 52 -2.41 -7.30 35.70
CA VAL H 52 -1.14 -6.54 35.79
C VAL H 52 -0.19 -7.08 34.71
N LEU H 53 0.00 -6.35 33.63
CA LEU H 53 1.06 -6.66 32.63
C LEU H 53 2.34 -5.89 33.00
N VAL H 54 3.44 -6.59 33.24
CA VAL H 54 4.80 -6.00 33.43
C VAL H 54 5.63 -6.28 32.18
N PHE H 55 6.26 -5.27 31.60
CA PHE H 55 7.08 -5.40 30.37
C PHE H 55 8.20 -4.37 30.38
N GLY H 56 9.34 -4.74 29.80
CA GLY H 56 10.49 -3.84 29.67
C GLY H 56 11.78 -4.62 29.49
N GLU H 57 12.89 -3.89 29.38
CA GLU H 57 14.28 -4.42 29.33
C GLU H 57 14.81 -4.30 30.76
N VAL H 58 15.71 -5.19 31.15
CA VAL H 58 16.43 -5.11 32.46
C VAL H 58 17.77 -5.81 32.25
N SER H 59 18.76 -5.45 33.06
CA SER H 59 20.16 -5.95 32.95
C SER H 59 20.78 -5.93 34.35
N THR H 60 20.87 -7.08 35.01
CA THR H 60 21.24 -7.11 36.45
C THR H 60 21.83 -8.46 36.85
N LYS H 61 22.63 -8.46 37.92
CA LYS H 61 23.17 -9.67 38.56
C LYS H 61 22.15 -10.17 39.61
N ALA H 62 21.09 -9.40 39.89
CA ALA H 62 20.01 -9.75 40.85
C ALA H 62 19.19 -10.94 40.34
N TYR H 63 18.77 -11.80 41.27
CA TYR H 63 17.68 -12.81 41.09
C TYR H 63 16.43 -12.31 41.80
N VAL H 64 15.39 -11.96 41.03
CA VAL H 64 14.12 -11.38 41.57
C VAL H 64 12.95 -12.18 41.01
N ASP H 65 12.08 -12.67 41.88
CA ASP H 65 10.76 -13.27 41.52
C ASP H 65 9.79 -12.11 41.27
N ILE H 66 9.70 -11.66 40.00
CA ILE H 66 8.84 -10.52 39.56
C ILE H 66 7.42 -10.70 40.10
N GLN H 67 6.81 -11.88 39.89
CA GLN H 67 5.46 -12.23 40.37
C GLN H 67 5.34 -11.88 41.87
N LYS H 68 6.31 -12.31 42.67
CA LYS H 68 6.26 -12.09 44.14
C LYS H 68 6.35 -10.58 44.41
N VAL H 69 7.23 -9.86 43.72
CA VAL H 69 7.39 -8.38 43.89
C VAL H 69 6.07 -7.70 43.54
N VAL H 70 5.50 -7.99 42.37
CA VAL H 70 4.21 -7.36 41.92
C VAL H 70 3.13 -7.62 42.98
N ARG H 71 2.96 -8.86 43.41
CA ARG H 71 1.82 -9.28 44.28
C ARG H 71 2.01 -8.68 45.67
N ASP H 72 3.24 -8.65 46.16
CA ASP H 72 3.60 -8.05 47.47
C ASP H 72 3.37 -6.53 47.43
N THR H 73 3.75 -5.85 46.34
CA THR H 73 3.52 -4.39 46.19
C THR H 73 2.02 -4.13 46.33
N ILE H 74 1.22 -4.88 45.58
CA ILE H 74 -0.26 -4.72 45.51
C ILE H 74 -0.87 -4.95 46.90
N LYS H 75 -0.25 -5.81 47.70
CA LYS H 75 -0.76 -6.13 49.07
C LYS H 75 -0.46 -4.98 50.02
N SER H 76 0.76 -4.41 50.01
CA SER H 76 1.15 -3.24 50.84
C SER H 76 0.15 -2.10 50.58
N ILE H 77 -0.12 -1.83 49.31
CA ILE H 77 -1.09 -0.79 48.85
C ILE H 77 -2.42 -1.01 49.59
N GLY H 78 -2.79 -2.27 49.85
CA GLY H 78 -3.93 -2.63 50.73
C GLY H 78 -4.94 -3.57 50.06
N TYR H 79 -4.69 -3.99 48.81
CA TYR H 79 -5.55 -4.94 48.05
C TYR H 79 -5.24 -6.39 48.48
N VAL H 80 -5.87 -6.86 49.58
CA VAL H 80 -5.42 -8.05 50.36
C VAL H 80 -6.58 -9.02 50.68
N ASP H 81 -7.76 -8.85 50.11
CA ASP H 81 -8.84 -9.82 50.45
C ASP H 81 -9.90 -10.06 49.39
N GLY H 82 -9.79 -9.49 48.18
CA GLY H 82 -10.62 -9.93 47.04
C GLY H 82 -12.05 -9.38 47.09
N GLN H 83 -12.58 -8.99 48.24
CA GLN H 83 -13.87 -8.25 48.35
C GLN H 83 -13.71 -6.83 47.81
N TYR H 84 -12.49 -6.37 47.51
CA TYR H 84 -12.15 -5.06 46.88
C TYR H 84 -12.30 -5.12 45.35
N GLY H 85 -12.45 -6.34 44.82
CA GLY H 85 -12.50 -6.64 43.38
C GLY H 85 -11.10 -6.95 42.90
N PHE H 86 -10.10 -6.31 43.51
CA PHE H 86 -8.67 -6.43 43.14
C PHE H 86 -7.91 -6.91 44.37
N ASP H 87 -7.06 -7.91 44.16
CA ASP H 87 -6.38 -8.68 45.22
C ASP H 87 -4.99 -9.07 44.72
N GLY H 88 -3.99 -8.94 45.59
CA GLY H 88 -2.59 -9.25 45.26
C GLY H 88 -2.39 -10.74 45.01
N ASP H 89 -3.21 -11.59 45.64
CA ASP H 89 -3.09 -13.06 45.57
C ASP H 89 -3.86 -13.64 44.38
N ASN H 90 -4.90 -12.95 43.90
CA ASN H 90 -5.93 -13.53 43.00
C ASN H 90 -5.91 -12.89 41.62
N CYS H 91 -5.28 -11.73 41.45
CA CYS H 91 -5.25 -11.00 40.16
C CYS H 91 -4.28 -11.74 39.22
N ALA H 92 -4.53 -11.61 37.92
CA ALA H 92 -3.60 -12.02 36.84
C ALA H 92 -2.37 -11.13 36.87
N VAL H 93 -1.20 -11.74 36.71
CA VAL H 93 0.12 -11.05 36.51
C VAL H 93 0.80 -11.69 35.30
N LEU H 94 0.94 -10.94 34.21
CA LEU H 94 1.67 -11.36 32.99
C LEU H 94 2.97 -10.56 32.91
N VAL H 95 4.06 -11.21 32.52
CA VAL H 95 5.42 -10.60 32.55
C VAL H 95 6.09 -10.82 31.21
N SER H 96 6.52 -9.74 30.56
CA SER H 96 7.34 -9.77 29.33
C SER H 96 8.63 -8.97 29.55
N LEU H 97 9.61 -9.56 30.23
CA LEU H 97 10.94 -8.98 30.53
C LEU H 97 12.02 -9.58 29.62
N ASP H 98 12.80 -8.71 28.97
CA ASP H 98 14.13 -9.07 28.42
C ASP H 98 15.17 -9.02 29.55
N GLU H 99 16.18 -9.88 29.52
CA GLU H 99 17.19 -10.04 30.62
C GLU H 99 18.57 -10.03 29.95
N GLN H 100 19.58 -9.44 30.59
CA GLN H 100 20.84 -9.06 29.90
C GLN H 100 21.97 -8.95 30.93
N GLY H 128 24.01 11.20 27.65
CA GLY H 128 24.05 11.29 26.17
C GLY H 128 22.66 11.27 25.53
N ASP H 129 21.65 11.75 26.26
CA ASP H 129 20.22 11.78 25.84
C ASP H 129 19.80 13.23 25.69
N GLN H 130 20.06 13.91 24.56
CA GLN H 130 19.96 15.37 24.31
C GLN H 130 18.65 15.96 24.90
N GLY H 131 18.62 16.17 26.21
CA GLY H 131 17.37 16.43 26.95
C GLY H 131 17.30 17.81 27.58
N MET H 132 16.09 18.22 27.95
CA MET H 132 15.78 19.31 28.91
C MET H 132 15.25 18.67 30.19
N MET H 133 15.71 19.13 31.35
CA MET H 133 15.10 18.79 32.66
C MET H 133 14.85 20.08 33.43
N PHE H 134 13.80 20.13 34.25
CA PHE H 134 13.39 21.32 35.01
C PHE H 134 13.30 21.00 36.49
N GLY H 135 13.72 21.95 37.32
CA GLY H 135 13.51 21.94 38.78
C GLY H 135 12.73 23.17 39.20
N TYR H 136 12.06 23.11 40.35
CA TYR H 136 11.23 24.21 40.86
C TYR H 136 11.19 24.16 42.39
N ALA H 137 11.10 25.34 43.00
CA ALA H 137 10.92 25.54 44.45
C ALA H 137 10.28 26.91 44.65
N ILE H 138 9.55 27.06 45.75
CA ILE H 138 8.80 28.31 46.06
C ILE H 138 8.48 28.27 47.56
N ASN H 139 8.59 29.42 48.22
CA ASN H 139 8.50 29.50 49.70
C ASN H 139 7.02 29.57 50.11
N GLU H 140 6.11 28.98 49.32
CA GLU H 140 4.66 28.92 49.64
C GLU H 140 4.40 27.93 50.79
N THR H 141 5.31 26.97 51.01
CA THR H 141 5.18 25.89 52.03
C THR H 141 6.56 25.59 52.61
N PRO H 142 6.67 25.03 53.84
CA PRO H 142 7.97 24.76 54.45
C PRO H 142 8.86 23.83 53.59
N GLU H 143 8.23 22.84 52.92
CA GLU H 143 8.90 21.88 52.00
C GLU H 143 9.34 22.59 50.71
N LEU H 144 8.95 23.85 50.52
CA LEU H 144 9.36 24.71 49.36
C LEU H 144 8.71 24.19 48.08
N MET H 145 7.44 23.82 48.17
CA MET H 145 6.59 23.37 47.05
C MET H 145 5.43 24.35 46.90
N PRO H 146 4.84 24.46 45.68
CA PRO H 146 3.59 25.19 45.50
C PRO H 146 2.52 24.67 46.46
N LEU H 147 1.65 25.55 46.93
CA LEU H 147 0.66 25.22 47.98
C LEU H 147 -0.34 24.19 47.47
N PRO H 148 -0.87 24.29 46.23
CA PRO H 148 -1.87 23.35 45.75
C PRO H 148 -1.37 21.89 45.73
N ILE H 149 -0.27 21.61 45.03
CA ILE H 149 0.28 20.22 44.93
C ILE H 149 0.65 19.74 46.34
N ALA H 150 1.29 20.57 47.15
CA ALA H 150 1.75 20.19 48.52
C ALA H 150 0.57 19.73 49.35
N LEU H 151 -0.56 20.46 49.32
CA LEU H 151 -1.72 20.18 50.20
C LEU H 151 -2.42 18.90 49.71
N SER H 152 -2.63 18.81 48.40
CA SER H 152 -3.14 17.59 47.72
C SER H 152 -2.32 16.37 48.21
N HIS H 153 -1.00 16.39 48.07
CA HIS H 153 -0.11 15.29 48.56
C HIS H 153 -0.37 15.02 50.04
N ARG H 154 -0.45 16.04 50.88
CA ARG H 154 -0.60 15.85 52.35
C ARG H 154 -1.92 15.16 52.66
N LEU H 155 -2.97 15.43 51.87
CA LEU H 155 -4.32 14.84 52.04
C LEU H 155 -4.29 13.34 51.71
N MET H 156 -3.68 12.98 50.58
CA MET H 156 -3.56 11.56 50.13
C MET H 156 -2.69 10.79 51.12
N ARG H 157 -1.61 11.40 51.62
CA ARG H 157 -0.69 10.75 52.59
C ARG H 157 -1.40 10.55 53.93
N LYS H 158 -2.31 11.44 54.32
CA LYS H 158 -3.02 11.37 55.63
C LYS H 158 -4.09 10.28 55.55
N ILE H 159 -4.96 10.33 54.53
CA ILE H 159 -5.99 9.29 54.21
C ILE H 159 -5.32 7.89 54.25
N ALA H 160 -4.13 7.77 53.67
CA ALA H 160 -3.40 6.47 53.54
C ALA H 160 -2.93 6.04 54.93
N ALA H 161 -2.23 6.91 55.65
CA ALA H 161 -1.76 6.67 57.03
C ALA H 161 -2.95 6.21 57.89
N LEU H 162 -4.12 6.82 57.75
CA LEU H 162 -5.31 6.55 58.61
C LEU H 162 -5.86 5.15 58.32
N ARG H 163 -5.85 4.74 57.05
CA ARG H 163 -6.19 3.36 56.62
C ARG H 163 -5.20 2.38 57.29
N LYS H 164 -3.92 2.56 57.01
CA LYS H 164 -2.82 1.61 57.31
C LYS H 164 -2.57 1.45 58.81
N ASP H 165 -2.70 2.49 59.62
CA ASP H 165 -2.49 2.38 61.09
C ASP H 165 -3.79 1.84 61.72
N GLY H 166 -4.88 1.71 60.95
CA GLY H 166 -6.14 1.09 61.37
C GLY H 166 -7.06 2.04 62.11
N THR H 167 -6.77 3.35 62.08
CA THR H 167 -7.57 4.43 62.71
C THR H 167 -8.98 4.46 62.12
N ILE H 168 -9.11 4.23 60.81
CA ILE H 168 -10.40 4.17 60.07
C ILE H 168 -10.40 2.89 59.21
N LYS H 169 -11.09 1.83 59.68
CA LYS H 169 -11.01 0.44 59.13
C LYS H 169 -11.84 0.28 57.85
N TRP H 170 -12.74 1.23 57.56
CA TRP H 170 -13.65 1.19 56.38
C TRP H 170 -13.05 1.88 55.16
N LEU H 171 -11.83 2.42 55.27
CA LEU H 171 -11.16 3.10 54.12
C LEU H 171 -10.63 2.01 53.20
N ARG H 172 -10.70 2.22 51.89
CA ARG H 172 -10.06 1.33 50.89
C ARG H 172 -8.99 2.12 50.14
N PRO H 173 -8.07 1.43 49.43
CA PRO H 173 -6.86 2.07 48.92
C PRO H 173 -7.05 3.29 48.01
N ASP H 174 -7.94 3.21 47.01
CA ASP H 174 -8.04 4.20 45.90
C ASP H 174 -8.65 5.50 46.47
N ALA H 175 -7.97 6.62 46.24
CA ALA H 175 -8.39 7.96 46.70
C ALA H 175 -7.73 9.02 45.82
N LYS H 176 -8.34 10.21 45.78
CA LYS H 176 -7.95 11.34 44.93
C LYS H 176 -8.28 12.64 45.67
N ALA H 177 -7.39 13.63 45.58
CA ALA H 177 -7.62 14.99 46.13
C ALA H 177 -7.31 16.04 45.06
N GLN H 178 -8.17 17.05 44.97
CA GLN H 178 -7.94 18.26 44.14
C GLN H 178 -8.12 19.48 45.05
N VAL H 179 -7.08 20.29 45.18
CA VAL H 179 -7.07 21.51 46.05
C VAL H 179 -6.96 22.73 45.15
N THR H 180 -8.00 23.55 45.16
CA THR H 180 -8.06 24.86 44.46
C THR H 180 -7.66 25.95 45.46
N VAL H 181 -6.52 26.61 45.21
CA VAL H 181 -6.06 27.76 46.04
C VAL H 181 -6.39 29.06 45.29
N GLU H 182 -6.92 30.06 46.00
CA GLU H 182 -7.13 31.44 45.46
C GLU H 182 -5.88 32.28 45.73
N TYR H 183 -5.37 32.96 44.68
CA TYR H 183 -4.15 33.82 44.71
C TYR H 183 -4.55 35.29 44.61
N ASP H 184 -3.85 36.16 45.36
CA ASP H 184 -4.08 37.63 45.33
C ASP H 184 -3.40 38.23 44.09
N GLU H 185 -3.53 39.57 43.95
CA GLU H 185 -2.64 40.36 43.05
C GLU H 185 -1.27 40.18 43.67
N ASP H 186 -0.23 39.99 42.86
CA ASP H 186 1.14 39.60 43.32
C ASP H 186 1.24 38.09 43.52
N ASN H 187 0.15 37.33 43.29
CA ASN H 187 0.19 35.84 43.15
C ASN H 187 0.73 35.23 44.45
N GLN H 188 0.26 35.71 45.60
CA GLN H 188 0.49 35.07 46.93
C GLN H 188 -0.76 34.28 47.29
N PRO H 189 -0.63 33.12 47.98
CA PRO H 189 -1.80 32.34 48.38
C PRO H 189 -2.67 33.13 49.37
N LYS H 190 -3.87 33.55 48.93
CA LYS H 190 -4.83 34.37 49.72
C LYS H 190 -5.66 33.44 50.62
N ARG H 191 -6.25 32.38 50.06
CA ARG H 191 -7.16 31.44 50.76
C ARG H 191 -7.27 30.11 50.01
N ILE H 192 -7.89 29.12 50.63
CA ILE H 192 -8.25 27.81 49.99
C ILE H 192 -9.73 27.86 49.59
N ASP H 193 -10.00 27.80 48.28
CA ASP H 193 -11.36 27.98 47.72
C ASP H 193 -12.16 26.68 47.82
N THR H 194 -11.62 25.59 47.26
CA THR H 194 -12.30 24.27 47.18
C THR H 194 -11.31 23.14 47.48
N VAL H 195 -11.72 22.20 48.33
CA VAL H 195 -11.05 20.87 48.45
C VAL H 195 -12.04 19.81 47.98
N VAL H 196 -11.67 19.09 46.93
CA VAL H 196 -12.40 17.88 46.44
C VAL H 196 -11.57 16.68 46.87
N LEU H 197 -12.18 15.75 47.60
CA LEU H 197 -11.52 14.49 48.02
C LEU H 197 -12.52 13.33 47.84
N SER H 198 -12.14 12.33 47.04
CA SER H 198 -12.93 11.11 46.77
C SER H 198 -12.13 9.91 47.28
N THR H 199 -12.73 9.08 48.13
CA THR H 199 -12.08 7.86 48.70
C THR H 199 -12.96 6.63 48.46
N GLN H 200 -12.30 5.50 48.16
CA GLN H 200 -12.89 4.14 48.15
C GLN H 200 -13.18 3.75 49.61
N HIS H 201 -14.29 3.06 49.86
CA HIS H 201 -14.72 2.63 51.23
C HIS H 201 -15.47 1.30 51.20
N ASP H 202 -15.45 0.55 52.32
CA ASP H 202 -16.32 -0.63 52.55
C ASP H 202 -17.76 -0.19 52.25
N PRO H 203 -18.64 -1.07 51.72
CA PRO H 203 -19.99 -0.65 51.33
C PRO H 203 -20.97 -0.47 52.49
N ASP H 204 -20.56 -0.84 53.72
CA ASP H 204 -21.40 -0.88 54.94
C ASP H 204 -21.34 0.47 55.68
N VAL H 205 -20.85 1.53 55.04
CA VAL H 205 -20.69 2.87 55.65
C VAL H 205 -21.40 3.89 54.76
N ASP H 206 -22.26 4.71 55.36
CA ASP H 206 -23.11 5.70 54.64
C ASP H 206 -22.26 6.94 54.32
N LEU H 207 -22.69 7.72 53.34
CA LEU H 207 -21.92 8.87 52.79
C LEU H 207 -21.72 9.94 53.86
N ASP H 208 -22.72 10.20 54.69
CA ASP H 208 -22.68 11.26 55.72
C ASP H 208 -21.51 10.98 56.66
N THR H 209 -21.30 9.71 57.04
CA THR H 209 -20.18 9.30 57.92
C THR H 209 -18.85 9.49 57.18
N ILE H 210 -18.77 9.03 55.93
CA ILE H 210 -17.55 9.16 55.08
C ILE H 210 -17.16 10.64 55.03
N ARG H 211 -18.15 11.51 54.76
CA ARG H 211 -17.92 12.96 54.52
C ARG H 211 -17.42 13.60 55.82
N GLN H 212 -18.20 13.50 56.90
CA GLN H 212 -17.84 14.09 58.23
C GLN H 212 -16.47 13.58 58.69
N THR H 213 -16.15 12.31 58.44
CA THR H 213 -14.89 11.67 58.91
C THR H 213 -13.69 12.24 58.14
N VAL H 214 -13.81 12.34 56.82
CA VAL H 214 -12.74 12.88 55.93
C VAL H 214 -12.52 14.36 56.26
N ILE H 215 -13.59 15.16 56.32
CA ILE H 215 -13.53 16.62 56.64
C ILE H 215 -12.77 16.77 57.96
N ASP H 216 -13.15 16.00 58.98
CA ASP H 216 -12.65 16.17 60.37
C ASP H 216 -11.25 15.60 60.52
N GLN H 217 -10.99 14.36 60.09
CA GLN H 217 -9.76 13.61 60.47
C GLN H 217 -8.70 13.69 59.37
N VAL H 218 -9.05 14.13 58.17
CA VAL H 218 -8.11 14.23 57.01
C VAL H 218 -7.92 15.70 56.63
N ILE H 219 -8.99 16.36 56.18
CA ILE H 219 -8.93 17.75 55.62
C ILE H 219 -8.56 18.72 56.75
N LYS H 220 -9.36 18.81 57.81
CA LYS H 220 -9.13 19.81 58.89
C LYS H 220 -7.86 19.45 59.67
N ALA H 221 -7.34 18.24 59.51
CA ALA H 221 -6.09 17.76 60.16
C ALA H 221 -4.86 18.27 59.42
N VAL H 222 -5.02 18.77 58.20
CA VAL H 222 -3.89 18.97 57.24
C VAL H 222 -3.92 20.39 56.67
N LEU H 223 -5.09 20.95 56.37
CA LEU H 223 -5.20 22.32 55.82
C LEU H 223 -4.90 23.33 56.94
N PRO H 224 -3.94 24.26 56.69
CA PRO H 224 -3.66 25.34 57.63
C PRO H 224 -4.91 26.19 57.87
N ALA H 225 -5.25 26.41 59.14
CA ALA H 225 -6.50 27.08 59.58
C ALA H 225 -6.56 28.51 59.05
N ASP H 226 -5.40 29.19 58.95
CA ASP H 226 -5.29 30.63 58.56
C ASP H 226 -5.67 30.86 57.08
N LEU H 227 -5.84 29.80 56.29
CA LEU H 227 -6.19 29.88 54.83
C LEU H 227 -7.63 29.41 54.59
N LEU H 228 -8.31 28.93 55.63
CA LEU H 228 -9.71 28.46 55.59
C LEU H 228 -10.63 29.60 56.03
N ASP H 229 -11.81 29.73 55.41
CA ASP H 229 -12.91 30.60 55.88
C ASP H 229 -14.24 29.90 55.58
N ASP H 230 -15.35 30.52 55.99
CA ASP H 230 -16.73 29.96 55.88
C ASP H 230 -17.14 29.84 54.41
N GLN H 231 -16.34 30.34 53.47
CA GLN H 231 -16.60 30.22 52.00
C GLN H 231 -15.84 29.03 51.39
N THR H 232 -14.86 28.46 52.10
CA THR H 232 -14.10 27.27 51.66
C THR H 232 -15.07 26.12 51.41
N LYS H 233 -15.11 25.63 50.16
CA LYS H 233 -15.98 24.49 49.74
C LYS H 233 -15.24 23.18 49.98
N TYR H 234 -15.84 22.26 50.73
CA TYR H 234 -15.34 20.89 50.97
C TYR H 234 -16.26 19.88 50.28
N LEU H 235 -15.83 19.27 49.18
CA LEU H 235 -16.62 18.23 48.47
C LEU H 235 -15.95 16.86 48.65
N VAL H 236 -16.56 16.00 49.45
CA VAL H 236 -16.05 14.61 49.70
C VAL H 236 -16.96 13.63 48.95
N ASN H 237 -16.37 12.78 48.10
CA ASN H 237 -17.09 11.76 47.29
C ASN H 237 -18.28 12.43 46.61
N PRO H 238 -18.06 13.47 45.79
CA PRO H 238 -19.16 14.13 45.06
C PRO H 238 -19.79 13.21 44.00
N THR H 239 -18.99 12.30 43.42
CA THR H 239 -19.36 11.09 42.64
C THR H 239 -20.48 10.33 43.35
N GLY H 240 -20.47 10.27 44.68
CA GLY H 240 -21.34 9.42 45.50
C GLY H 240 -20.55 8.23 46.04
N ARG H 241 -21.23 7.13 46.37
CA ARG H 241 -20.59 5.87 46.82
C ARG H 241 -19.45 5.52 45.86
N PHE H 242 -18.45 4.83 46.39
CA PHE H 242 -17.20 4.46 45.69
C PHE H 242 -16.57 3.27 46.44
N VAL H 243 -17.05 2.07 46.10
CA VAL H 243 -16.79 0.79 46.82
C VAL H 243 -15.76 -0.02 46.04
N ILE H 244 -16.02 -0.25 44.75
CA ILE H 244 -15.05 -0.94 43.85
C ILE H 244 -14.19 0.14 43.19
N GLY H 245 -12.88 -0.02 43.25
CA GLY H 245 -11.91 0.90 42.64
C GLY H 245 -10.60 0.18 42.38
N GLY H 246 -9.50 0.94 42.42
CA GLY H 246 -8.22 0.51 41.87
C GLY H 246 -8.36 0.32 40.36
N PRO H 247 -7.74 -0.73 39.79
CA PRO H 247 -7.82 -0.95 38.35
C PRO H 247 -9.16 -1.52 37.84
N GLN H 248 -10.13 -1.72 38.73
CA GLN H 248 -11.33 -2.53 38.41
C GLN H 248 -12.12 -1.90 37.27
N GLY H 249 -12.82 -0.80 37.49
CA GLY H 249 -13.52 -0.10 36.39
C GLY H 249 -12.54 0.61 35.46
N ASP H 250 -11.33 0.95 35.93
CA ASP H 250 -10.42 1.92 35.29
C ASP H 250 -9.32 1.21 34.50
N ALA H 251 -8.28 1.96 34.15
CA ALA H 251 -6.97 1.49 33.64
C ALA H 251 -5.89 2.36 34.30
N GLY H 252 -4.67 1.84 34.42
CA GLY H 252 -3.50 2.55 34.97
C GLY H 252 -2.26 2.20 34.20
N LEU H 253 -1.37 3.17 33.95
CA LEU H 253 -0.08 2.94 33.26
C LEU H 253 1.03 3.66 34.01
N THR H 254 2.24 3.11 33.93
CA THR H 254 3.48 3.76 34.39
C THR H 254 3.59 5.12 33.68
N GLY H 255 3.85 6.18 34.45
CA GLY H 255 4.19 7.54 33.96
C GLY H 255 3.00 8.29 33.38
N ARG H 256 1.83 8.24 34.01
CA ARG H 256 0.62 9.01 33.56
C ARG H 256 0.14 9.91 34.70
N LYS H 257 1.02 10.19 35.65
CA LYS H 257 0.79 11.08 36.80
C LYS H 257 2.05 11.93 37.00
N VAL H 258 2.62 12.38 35.88
CA VAL H 258 3.89 13.15 35.84
C VAL H 258 3.70 14.48 36.59
N ILE H 259 2.57 15.18 36.36
CA ILE H 259 2.24 16.47 37.02
C ILE H 259 2.08 16.22 38.52
N VAL H 260 1.33 15.19 38.90
CA VAL H 260 1.19 14.75 40.33
C VAL H 260 2.58 14.45 40.90
N ASP H 261 3.44 13.80 40.10
CA ASP H 261 4.77 13.27 40.56
C ASP H 261 5.70 14.45 40.84
N THR H 262 5.49 15.59 40.17
CA THR H 262 6.39 16.77 40.17
C THR H 262 5.75 17.89 41.00
N TYR H 263 5.20 18.93 40.34
CA TYR H 263 4.89 20.25 40.94
C TYR H 263 3.46 20.72 40.62
N GLY H 264 2.57 19.82 40.24
CA GLY H 264 1.13 20.10 40.09
C GLY H 264 0.85 21.15 39.03
N GLY H 265 1.79 21.35 38.09
CA GLY H 265 1.63 22.20 36.89
C GLY H 265 2.18 23.61 37.06
N PHE H 266 3.00 23.84 38.08
CA PHE H 266 3.72 25.12 38.33
C PHE H 266 4.96 25.19 37.43
N ALA H 267 5.47 24.04 37.00
CA ALA H 267 6.76 23.90 36.28
C ALA H 267 6.57 23.35 34.87
N HIS H 268 7.64 23.46 34.07
CA HIS H 268 7.76 22.98 32.67
C HIS H 268 8.33 21.55 32.70
N HIS H 269 8.30 20.87 31.54
CA HIS H 269 8.57 19.42 31.40
C HIS H 269 9.31 19.14 30.09
N GLY H 270 10.40 18.34 30.17
CA GLY H 270 11.11 17.73 29.03
C GLY H 270 10.36 16.50 28.52
N GLY H 271 9.72 15.75 29.43
CA GLY H 271 8.61 14.86 29.07
C GLY H 271 8.93 13.38 29.18
N GLY H 272 10.05 13.01 29.80
CA GLY H 272 10.22 11.67 30.40
C GLY H 272 9.24 11.45 31.54
N ALA H 273 9.26 10.27 32.16
CA ALA H 273 8.59 9.94 33.44
C ALA H 273 9.59 9.20 34.31
N PHE H 274 9.39 9.15 35.63
CA PHE H 274 10.43 8.68 36.59
C PHE H 274 10.35 7.15 36.79
N SER H 275 9.21 6.64 37.28
CA SER H 275 9.08 5.24 37.81
C SER H 275 9.42 4.21 36.72
N GLY H 276 10.16 3.17 37.11
CA GLY H 276 10.57 2.06 36.23
C GLY H 276 11.96 2.28 35.63
N LYS H 277 12.58 3.43 35.94
CA LYS H 277 13.89 3.83 35.39
C LYS H 277 14.91 3.98 36.52
N ASP H 278 16.06 3.33 36.37
CA ASP H 278 17.26 3.49 37.24
C ASP H 278 17.89 4.87 36.94
N ALA H 279 18.79 5.32 37.81
CA ALA H 279 19.35 6.69 37.83
C ALA H 279 20.29 6.93 36.63
N THR H 280 20.69 5.86 35.93
CA THR H 280 21.33 5.89 34.58
C THR H 280 20.51 6.80 33.65
N LYS H 281 19.19 6.87 33.87
CA LYS H 281 18.25 7.66 33.03
C LYS H 281 18.29 9.12 33.50
N VAL H 282 18.97 10.00 32.75
CA VAL H 282 19.20 11.42 33.11
C VAL H 282 17.83 12.11 33.25
N ASP H 283 16.84 11.71 32.43
CA ASP H 283 15.41 12.09 32.62
C ASP H 283 15.10 12.13 34.12
N ARG H 284 15.47 11.09 34.87
CA ARG H 284 15.09 10.94 36.29
C ARG H 284 16.11 11.67 37.17
N SER H 285 17.40 11.39 36.97
CA SER H 285 18.49 11.82 37.87
C SER H 285 18.66 13.36 37.82
N ALA H 286 18.66 13.96 36.62
CA ALA H 286 18.81 15.43 36.42
C ALA H 286 17.57 16.17 36.96
N SER H 287 16.39 15.55 36.85
CA SER H 287 15.13 16.13 37.39
C SER H 287 15.22 16.22 38.92
N TYR H 288 15.77 15.18 39.55
CA TYR H 288 16.04 15.14 41.00
C TYR H 288 17.07 16.21 41.34
N ALA H 289 18.13 16.31 40.53
CA ALA H 289 19.23 17.29 40.70
C ALA H 289 18.67 18.72 40.56
N ALA H 290 17.86 18.97 39.52
CA ALA H 290 17.21 20.26 39.27
C ALA H 290 16.38 20.68 40.49
N ARG H 291 15.67 19.76 41.14
CA ARG H 291 14.89 20.08 42.36
C ARG H 291 15.86 20.47 43.48
N TYR H 292 16.91 19.67 43.67
CA TYR H 292 17.97 19.86 44.69
C TYR H 292 18.49 21.30 44.61
N ILE H 293 18.76 21.77 43.38
CA ILE H 293 19.25 23.15 43.09
C ILE H 293 18.17 24.14 43.53
N ALA H 294 17.06 24.19 42.80
CA ALA H 294 15.90 25.08 43.07
C ALA H 294 15.68 25.19 44.58
N LYS H 295 15.64 24.06 45.29
CA LYS H 295 15.25 24.04 46.72
C LYS H 295 16.32 24.76 47.55
N ASN H 296 17.60 24.49 47.25
CA ASN H 296 18.74 25.08 47.99
C ASN H 296 18.80 26.60 47.72
N VAL H 297 18.63 27.01 46.46
CA VAL H 297 18.58 28.45 46.05
C VAL H 297 17.55 29.16 46.93
N VAL H 298 16.32 28.64 46.96
CA VAL H 298 15.18 29.30 47.67
C VAL H 298 15.40 29.19 49.19
N ALA H 299 15.87 28.04 49.68
CA ALA H 299 16.18 27.81 51.11
C ALA H 299 17.23 28.83 51.56
N ALA H 300 18.19 29.16 50.68
CA ALA H 300 19.27 30.14 50.96
C ALA H 300 18.73 31.57 50.95
N GLY H 301 17.50 31.78 50.45
CA GLY H 301 16.84 33.10 50.36
C GLY H 301 17.34 33.90 49.16
N LEU H 302 17.97 33.24 48.18
CA LEU H 302 18.48 33.90 46.94
C LEU H 302 17.32 34.22 46.00
N ALA H 303 16.14 33.65 46.24
CA ALA H 303 14.87 33.98 45.53
C ALA H 303 13.70 33.46 46.36
N ASP H 304 12.49 33.94 46.08
CA ASP H 304 11.22 33.45 46.70
C ASP H 304 10.79 32.19 45.95
N GLN H 305 11.03 32.18 44.65
CA GLN H 305 10.76 31.02 43.75
C GLN H 305 11.84 31.00 42.67
N VAL H 306 12.14 29.82 42.14
CA VAL H 306 13.03 29.66 40.96
C VAL H 306 12.60 28.39 40.21
N GLU H 307 12.51 28.49 38.89
CA GLU H 307 12.54 27.33 37.98
C GLU H 307 13.97 27.19 37.44
N VAL H 308 14.58 26.03 37.66
CA VAL H 308 15.92 25.70 37.10
C VAL H 308 15.71 24.89 35.82
N GLN H 309 16.43 25.26 34.75
CA GLN H 309 16.34 24.61 33.43
C GLN H 309 17.73 24.08 33.04
N LEU H 310 17.87 22.76 32.91
CA LEU H 310 19.14 22.08 32.53
C LEU H 310 18.99 21.52 31.12
N ALA H 311 19.95 21.83 30.25
CA ALA H 311 20.04 21.35 28.85
C ALA H 311 21.30 20.49 28.74
N TYR H 312 21.14 19.21 28.38
CA TYR H 312 22.26 18.28 28.15
C TYR H 312 22.42 18.03 26.66
N ALA H 313 23.66 17.99 26.17
CA ALA H 313 23.97 17.59 24.78
C ALA H 313 24.59 16.19 24.79
N ILE H 314 24.34 15.43 23.72
CA ILE H 314 24.89 14.07 23.49
C ILE H 314 26.42 14.17 23.58
N GLY H 315 26.99 13.32 24.44
CA GLY H 315 28.45 13.21 24.67
C GLY H 315 29.03 14.48 25.26
N VAL H 316 28.29 15.16 26.16
CA VAL H 316 28.89 16.16 27.10
C VAL H 316 28.29 15.92 28.48
N ALA H 317 29.13 15.49 29.43
CA ALA H 317 28.75 15.15 30.82
C ALA H 317 28.12 16.39 31.47
N GLU H 318 28.85 17.51 31.44
CA GLU H 318 28.39 18.81 32.01
C GLU H 318 27.16 19.25 31.20
N PRO H 319 26.12 19.83 31.85
CA PRO H 319 25.02 20.47 31.13
C PRO H 319 25.60 21.55 30.21
N VAL H 320 25.16 21.57 28.94
CA VAL H 320 25.65 22.54 27.91
C VAL H 320 25.07 23.93 28.19
N SER H 321 23.99 24.03 28.96
CA SER H 321 23.28 25.30 29.23
C SER H 321 22.45 25.20 30.52
N ILE H 322 22.49 26.25 31.34
CA ILE H 322 21.63 26.39 32.55
C ILE H 322 20.93 27.75 32.49
N ALA H 323 19.60 27.72 32.41
CA ALA H 323 18.73 28.90 32.54
C ALA H 323 18.09 28.86 33.93
N VAL H 324 17.50 29.98 34.32
CA VAL H 324 16.98 30.19 35.70
C VAL H 324 15.91 31.27 35.58
N ASP H 325 14.73 31.02 36.13
CA ASP H 325 13.61 32.01 36.14
C ASP H 325 13.20 32.21 37.60
N THR H 326 13.48 33.40 38.14
CA THR H 326 13.16 33.78 39.54
C THR H 326 11.79 34.47 39.58
N ALA H 327 11.19 34.77 38.43
CA ALA H 327 9.98 35.61 38.30
C ALA H 327 10.22 36.98 38.98
N GLY H 328 11.43 37.53 38.84
CA GLY H 328 11.85 38.81 39.42
C GLY H 328 11.78 38.82 40.94
N THR H 329 11.83 37.66 41.58
CA THR H 329 11.94 37.50 43.07
C THR H 329 13.42 37.30 43.42
N GLY H 330 14.29 37.22 42.42
CA GLY H 330 15.76 37.10 42.59
C GLY H 330 16.29 38.22 43.45
N LYS H 331 16.98 37.88 44.55
CA LYS H 331 17.76 38.81 45.41
C LYS H 331 19.16 38.99 44.81
N VAL H 332 19.45 38.32 43.69
CA VAL H 332 20.77 38.28 43.01
C VAL H 332 20.53 38.26 41.49
N SER H 333 21.53 38.64 40.70
CA SER H 333 21.55 38.55 39.21
C SER H 333 21.24 37.11 38.78
N ASP H 334 20.63 36.93 37.60
CA ASP H 334 20.38 35.60 36.98
C ASP H 334 21.74 34.97 36.62
N GLU H 335 22.63 35.73 35.96
CA GLU H 335 23.97 35.26 35.52
C GLU H 335 24.82 34.84 36.75
N ALA H 336 24.68 35.56 37.87
CA ALA H 336 25.44 35.33 39.13
C ALA H 336 24.90 34.08 39.83
N LEU H 337 23.59 33.86 39.79
CA LEU H 337 22.92 32.67 40.37
C LEU H 337 23.32 31.41 39.59
N ILE H 338 23.24 31.45 38.25
CA ILE H 338 23.68 30.33 37.35
C ILE H 338 25.14 29.99 37.71
N ASN H 339 25.95 31.01 38.01
CA ASN H 339 27.38 30.86 38.34
C ASN H 339 27.54 30.09 39.64
N ALA H 340 26.75 30.42 40.66
CA ALA H 340 26.78 29.77 41.98
C ALA H 340 26.41 28.30 41.82
N ILE H 341 25.48 28.00 40.90
CA ILE H 341 24.97 26.61 40.64
C ILE H 341 26.08 25.79 40.00
N ARG H 342 26.75 26.35 38.98
CA ARG H 342 27.87 25.65 38.29
C ARG H 342 28.99 25.36 39.30
N GLU H 343 29.16 26.20 40.31
CA GLU H 343 30.30 26.09 41.27
C GLU H 343 29.97 25.11 42.41
N ASN H 344 28.71 24.85 42.73
CA ASN H 344 28.33 24.11 43.98
C ASN H 344 27.59 22.79 43.70
N PHE H 345 27.30 22.48 42.44
CA PHE H 345 26.61 21.22 42.05
C PHE H 345 27.41 20.52 40.96
N ASP H 346 27.68 19.23 41.17
CA ASP H 346 28.11 18.28 40.12
C ASP H 346 26.85 17.87 39.36
N LEU H 347 26.75 18.24 38.08
CA LEU H 347 25.53 18.06 37.26
C LEU H 347 25.80 17.11 36.09
N ARG H 348 26.92 16.38 36.14
CA ARG H 348 27.18 15.26 35.21
C ARG H 348 26.36 14.07 35.67
N PRO H 349 25.80 13.26 34.73
CA PRO H 349 24.91 12.15 35.11
C PRO H 349 25.55 11.29 36.20
N ALA H 350 26.81 10.88 35.98
CA ALA H 350 27.67 10.15 36.93
C ALA H 350 27.79 10.94 38.25
N GLY H 351 28.08 12.23 38.14
CA GLY H 351 28.25 13.18 39.26
C GLY H 351 27.02 13.19 40.13
N ILE H 352 25.84 13.32 39.53
CA ILE H 352 24.54 13.43 40.25
C ILE H 352 24.30 12.13 41.04
N ILE H 353 24.62 10.98 40.44
CA ILE H 353 24.43 9.63 41.06
C ILE H 353 25.27 9.57 42.34
N LYS H 354 26.56 9.91 42.26
CA LYS H 354 27.47 9.98 43.44
C LYS H 354 26.95 11.02 44.43
N MET H 355 26.64 12.22 43.95
CA MET H 355 26.23 13.40 44.77
C MET H 355 25.01 13.04 45.61
N LEU H 356 23.97 12.45 45.01
CA LEU H 356 22.69 12.16 45.70
C LEU H 356 22.62 10.70 46.15
N ASP H 357 23.65 9.90 45.88
CA ASP H 357 23.75 8.47 46.30
C ASP H 357 22.51 7.74 45.80
N LEU H 358 22.39 7.55 44.48
CA LEU H 358 21.14 7.13 43.81
C LEU H 358 21.12 5.64 43.49
N GLN H 359 22.25 4.94 43.65
CA GLN H 359 22.33 3.48 43.38
C GLN H 359 22.03 2.73 44.68
N ARG H 360 20.90 3.08 45.30
CA ARG H 360 20.31 2.40 46.48
C ARG H 360 18.83 2.17 46.21
N PRO H 361 18.14 1.21 46.85
CA PRO H 361 16.71 0.98 46.60
C PRO H 361 15.80 2.00 47.31
N ILE H 362 15.67 3.20 46.76
CA ILE H 362 15.01 4.36 47.46
C ILE H 362 13.78 4.84 46.66
N TYR H 363 13.33 4.08 45.65
CA TYR H 363 12.42 4.59 44.58
C TYR H 363 10.97 4.14 44.74
N ARG H 364 10.70 2.96 45.30
CA ARG H 364 9.30 2.52 45.48
C ARG H 364 8.55 3.63 46.23
N GLN H 365 9.17 4.17 47.28
CA GLN H 365 8.56 5.21 48.17
C GLN H 365 8.24 6.51 47.41
N THR H 366 8.85 6.79 46.25
CA THR H 366 8.61 8.05 45.47
C THR H 366 7.40 7.92 44.56
N ALA H 367 6.97 6.68 44.30
CA ALA H 367 6.03 6.37 43.21
C ALA H 367 4.60 6.68 43.62
N ALA H 368 4.39 7.17 44.86
CA ALA H 368 3.10 7.79 45.27
C ALA H 368 3.37 8.97 46.22
N TYR H 369 2.48 9.98 46.20
CA TYR H 369 2.50 11.18 47.10
C TYR H 369 3.64 12.15 46.74
N GLY H 370 4.18 12.06 45.52
CA GLY H 370 5.12 13.03 44.93
C GLY H 370 6.57 12.66 45.14
N HIS H 371 7.40 12.95 44.12
CA HIS H 371 8.88 12.81 44.19
C HIS H 371 9.46 13.99 44.96
N PHE H 372 8.75 15.12 45.01
CA PHE H 372 9.27 16.40 45.53
C PHE H 372 8.40 16.89 46.69
N GLY H 373 9.07 17.49 47.67
CA GLY H 373 8.43 18.16 48.82
C GLY H 373 8.11 17.19 49.93
N ARG H 374 8.85 16.08 50.02
CA ARG H 374 8.48 14.96 50.91
C ARG H 374 9.05 15.19 52.30
N THR H 375 8.15 15.30 53.28
CA THR H 375 8.47 15.52 54.72
C THR H 375 8.41 14.18 55.48
N ASP H 376 7.66 13.21 54.95
CA ASP H 376 7.36 11.91 55.62
C ASP H 376 8.46 10.87 55.38
N ILE H 377 9.30 11.07 54.36
CA ILE H 377 10.46 10.19 54.03
C ILE H 377 11.66 11.09 53.74
N ASP H 378 12.87 10.52 53.71
CA ASP H 378 14.13 11.27 53.54
C ASP H 378 14.69 10.96 52.15
N LEU H 379 14.54 11.91 51.21
CA LEU H 379 15.07 11.83 49.82
C LEU H 379 16.28 12.75 49.69
N PRO H 380 17.39 12.27 49.08
CA PRO H 380 18.63 13.06 49.01
C PRO H 380 18.43 14.44 48.36
N TRP H 381 17.64 14.51 47.29
CA TRP H 381 17.41 15.76 46.49
C TRP H 381 16.52 16.76 47.26
N GLU H 382 16.06 16.42 48.47
CA GLU H 382 15.27 17.31 49.38
C GLU H 382 16.16 17.88 50.49
N HIS H 383 17.36 17.33 50.71
CA HIS H 383 18.37 17.88 51.66
C HIS H 383 18.68 19.34 51.28
N THR H 384 18.77 20.25 52.26
CA THR H 384 19.09 21.68 52.05
C THR H 384 20.51 21.94 52.57
N ASP H 385 21.44 21.06 52.24
CA ASP H 385 22.84 21.06 52.76
C ASP H 385 23.78 21.89 51.87
N LYS H 386 23.28 22.56 50.84
CA LYS H 386 24.09 23.45 49.95
C LYS H 386 23.72 24.92 50.20
N VAL H 387 22.92 25.21 51.24
CA VAL H 387 22.43 26.58 51.56
C VAL H 387 23.64 27.44 51.90
N ASP H 388 24.46 27.04 52.88
CA ASP H 388 25.62 27.83 53.34
C ASP H 388 26.57 28.07 52.17
N ALA H 389 26.80 27.07 51.32
CA ALA H 389 27.65 27.17 50.11
C ALA H 389 27.12 28.30 49.22
N LEU H 390 25.80 28.38 49.01
CA LEU H 390 25.14 29.37 48.12
C LEU H 390 25.07 30.75 48.81
N LYS H 391 24.60 30.82 50.07
CA LYS H 391 24.66 32.05 50.90
C LYS H 391 26.06 32.67 50.76
N ALA H 392 27.11 31.87 51.02
CA ALA H 392 28.53 32.29 51.03
C ALA H 392 28.95 32.83 49.66
N ALA H 393 28.39 32.33 48.56
CA ALA H 393 28.78 32.72 47.18
C ALA H 393 28.40 34.19 46.91
#